data_7YVG
#
_entry.id   7YVG
#
_cell.length_a   1.00
_cell.length_b   1.00
_cell.length_c   1.00
_cell.angle_alpha   90.00
_cell.angle_beta   90.00
_cell.angle_gamma   90.00
#
_symmetry.space_group_name_H-M   'P 1'
#
loop_
_entity.id
_entity.type
_entity.pdbx_description
1 polymer 'Spike glycoprotein'
2 polymer 'TH132 Fab light chain'
3 polymer 'TH132 Fab heavy chain'
4 non-polymer 2-acetamido-2-deoxy-beta-D-glucopyranose
#
loop_
_entity_poly.entity_id
_entity_poly.type
_entity_poly.pdbx_seq_one_letter_code
_entity_poly.pdbx_strand_id
1 'polypeptide(L)'
;MFVFLVLLPLVSSQCVNLITRTQLPPAYTNSFTRGVYYPDKVFRSSVLHSTQDLFLPFFSNVTWFHAIHVSGTNGTKRFD
NPVLPFNDGVYFASTEKSNIIRGWIFGTTLDSKTQSLLIVNNATNVVIKVCEFQFCNDPFLDVYYHKNNKSWMESEFRVY
SSANNCTFEYVSQPFLMDLEGKQGNFKNLREFVFKNIDGYFKIYSKHTPINLGRDLPQGFSALEPLVDLPIGINITRFQT
LLALHRSYLTPGDSSSGWTAGAAAYYVGYLQPRTFLLKYNENGTITDAVDCALDPLSETKCTLKSFTVEKGIYQTSNFRV
QPTESIVRFPNITNLCPFDEVFNATRFASVYAWNRKRISNCVADYSVLYNFAPFFAFKCYGVSPTKLNDLCFTNVYADSF
VIRGNEVSQIAPGQTGNIADYNYKLPDDFTGCVIAWNSNKLDSKVGGNYNYRYRLFRKSNLKPFERDISTEIYQAGNKPC
NGVAGVNCYFPLQSYGFRPTYGVGHQPYRVVVLSFELLHAPATVCGPKKSTNLVKNKCVNFNFNGLTGTGVLTESNKKFL
PFQQFGRDIADTTDAVRDPQTLEILDITPCSFGGVSVITPGTNTSNQVAVLYQGVNCTEVPVAIHADQLTPTWRVYSTGS
NVFQTRAGCLIGAEYVNSSYECDIPIGAGICASYQTQTKSHGSASSVASQSIIAYTMSLGAENSVAYSNNSIAIPTNFTI
SVTTEILPVSMTKTSVDCTMYICGDSTECSNLLLQYGSFCTQLKRALTGIAVEQDKNTQEVFAQVKQIYKTPPIKYFGGF
NFSQILPDPSKPSKRSPIEDLLFNKVTLADAGFIKQYGDCLGDIAARDLICAQKFNGLTVLPPLLTDEMIAQYTSALLAG
TITSGWTFGAGPALQIPFPMQMAYRFNGIGVTQNVLYENQKLIANQFNSAIGKIQDSLSSTPSALGKLQDVVNHNAQALN
TLVKQLSSKFGAISSVLNDILSRLDPPEAEVQIDRLITGRLQSLQTYVTQQLIRAAEIRASANLAATKMSECVLGQSKRV
DFCGKGYHLMSFPQSAPHGVVFLHVTYVPAQEKNFTTAPAICHDGKAHFPREGVFVSNGTHWFVTQRNFYEPQIITTDNT
FVSGNCDVVIGIVNNTVYDPLQPELDSFKEELDKYFKNHTSPDVDLGDISGINASVVNIQKEIDRLNEVAKNLNESLIDL
QELGKYEQGSGYIPEAPRDGQAYVRKDGEWVFLSTFLSGLEVLFQGPGGWSHPQFEKGGGSGGGSGGSAWSHPQFEKGGS
HHHHHHHH
;
A,B,C
2 'polypeptide(L)'
;ERVMTQSPATLSVSPGERATLSCRASESVSSDLAWYQQKPGQAPRLLIYGASTRATGIPARFSGSGSGTEFTLTISSLQS
EDSAVYYCQQYNNWPPGYTFGQGTKLEIK
;
H,J,L
3 'polypeptide(L)'
;EVQLVESGGGLVQPGGSLRLSCAASGITVSRNYMSWVRQAPGKGLEWVSVMFAGGSTFYADSVKGRFTISRDNSKNTLYL
QMNSLRAEDTAVYYCARDLGVVGATDYWGQGTLVTVSS
;
I,K,M
#
loop_
_chem_comp.id
_chem_comp.type
_chem_comp.name
_chem_comp.formula
NAG D-saccharide, beta linking 2-acetamido-2-deoxy-beta-D-glucopyranose 'C8 H15 N O6'
#
# COMPACT_ATOMS: atom_id res chain seq x y z
N ALA A 27 49.43 26.54 -16.51
CA ALA A 27 49.41 26.01 -17.86
C ALA A 27 48.28 25.01 -18.01
N TYR A 28 48.27 24.27 -19.13
CA TYR A 28 47.24 23.27 -19.39
C TYR A 28 47.77 22.17 -20.29
N THR A 29 47.19 20.97 -20.18
CA THR A 29 47.60 19.91 -21.11
C THR A 29 46.56 18.81 -21.10
N ASN A 30 46.12 18.38 -22.28
CA ASN A 30 45.10 17.32 -22.31
C ASN A 30 45.65 15.99 -21.85
N SER A 31 44.89 15.31 -20.99
CA SER A 31 45.21 13.97 -20.52
C SER A 31 44.57 12.97 -21.46
N PHE A 32 45.37 12.08 -22.00
CA PHE A 32 44.86 11.09 -22.93
C PHE A 32 44.15 10.01 -22.15
N THR A 33 44.05 8.81 -22.72
CA THR A 33 43.32 7.71 -22.12
C THR A 33 44.10 7.11 -20.95
N ARG A 34 44.04 7.80 -19.82
CA ARG A 34 44.75 7.47 -18.59
C ARG A 34 43.81 7.63 -17.42
N GLY A 35 44.27 7.21 -16.24
CA GLY A 35 43.51 7.40 -15.03
C GLY A 35 42.51 6.33 -14.66
N VAL A 36 42.28 5.32 -15.51
CA VAL A 36 41.33 4.26 -15.15
C VAL A 36 41.94 3.38 -14.08
N TYR A 37 41.10 2.90 -13.17
CA TYR A 37 41.58 2.09 -12.07
C TYR A 37 40.58 0.99 -11.75
N TYR A 38 41.04 -0.05 -11.08
CA TYR A 38 40.13 -1.11 -10.69
C TYR A 38 39.16 -0.68 -9.61
N PRO A 39 37.88 -0.61 -9.88
CA PRO A 39 36.96 -0.04 -8.92
C PRO A 39 36.39 -0.97 -7.87
N ASP A 40 36.33 -2.28 -8.10
CA ASP A 40 35.59 -3.14 -7.19
C ASP A 40 36.29 -4.38 -6.67
N LYS A 41 37.57 -4.58 -6.98
CA LYS A 41 38.35 -5.74 -6.52
C LYS A 41 37.63 -7.09 -6.67
N VAL A 42 36.88 -7.24 -7.74
CA VAL A 42 36.19 -8.48 -8.07
C VAL A 42 36.76 -9.00 -9.38
N PHE A 43 37.11 -10.27 -9.43
CA PHE A 43 37.76 -10.83 -10.61
C PHE A 43 36.72 -11.05 -11.71
N ARG A 44 37.06 -10.71 -12.94
CA ARG A 44 36.20 -10.99 -14.09
C ARG A 44 37.07 -11.31 -15.30
N SER A 45 36.61 -12.24 -16.12
CA SER A 45 37.45 -12.74 -17.22
C SER A 45 36.74 -12.61 -18.54
N SER A 46 37.43 -12.02 -19.52
CA SER A 46 36.98 -11.91 -20.91
C SER A 46 35.52 -11.47 -21.00
N VAL A 47 35.25 -10.30 -20.41
CA VAL A 47 33.90 -9.76 -20.38
C VAL A 47 34.00 -8.25 -20.28
N LEU A 48 32.94 -7.57 -20.70
CA LEU A 48 32.84 -6.13 -20.64
C LEU A 48 31.91 -5.77 -19.49
N HIS A 49 32.24 -4.74 -18.75
CA HIS A 49 31.46 -4.38 -17.58
C HIS A 49 31.29 -2.88 -17.54
N SER A 50 30.10 -2.41 -17.21
CA SER A 50 29.81 -0.99 -17.12
C SER A 50 29.66 -0.55 -15.68
N THR A 51 30.39 0.50 -15.29
CA THR A 51 30.38 0.96 -13.91
C THR A 51 30.25 2.47 -13.87
N GLN A 52 29.45 2.96 -12.92
CA GLN A 52 29.29 4.40 -12.69
C GLN A 52 30.08 4.80 -11.46
N ASP A 53 31.15 5.56 -11.65
CA ASP A 53 31.97 5.95 -10.50
C ASP A 53 32.70 7.23 -10.84
N LEU A 54 33.47 7.74 -9.88
CA LEU A 54 34.20 8.99 -10.09
C LEU A 54 35.48 8.66 -10.83
N PHE A 55 35.51 8.96 -12.11
CA PHE A 55 36.68 8.72 -12.94
C PHE A 55 37.19 10.04 -13.49
N LEU A 56 38.35 9.97 -14.14
CA LEU A 56 38.91 11.13 -14.81
C LEU A 56 38.47 11.10 -16.27
N PRO A 57 37.59 12.00 -16.69
CA PRO A 57 37.10 11.98 -18.07
C PRO A 57 38.24 12.03 -19.08
N PHE A 58 38.10 11.26 -20.15
CA PHE A 58 39.16 11.24 -21.15
C PHE A 58 39.28 12.58 -21.83
N PHE A 59 40.49 12.87 -22.30
CA PHE A 59 40.78 14.08 -23.05
C PHE A 59 40.49 15.36 -22.30
N SER A 60 40.55 15.33 -20.97
CA SER A 60 40.36 16.56 -20.24
C SER A 60 41.72 17.18 -19.98
N ASN A 61 41.75 18.51 -19.97
CA ASN A 61 43.03 19.17 -19.75
C ASN A 61 43.30 19.12 -18.26
N VAL A 62 44.56 19.05 -17.90
CA VAL A 62 44.96 18.94 -16.52
C VAL A 62 46.02 19.99 -16.26
N THR A 63 45.93 20.56 -15.06
CA THR A 63 46.85 21.60 -14.63
C THR A 63 48.25 21.05 -14.47
N TRP A 64 49.22 21.87 -14.82
CA TRP A 64 50.62 21.48 -14.82
C TRP A 64 51.42 22.41 -13.95
N PHE A 65 52.25 21.85 -13.07
CA PHE A 65 53.06 22.69 -12.21
C PHE A 65 54.48 22.16 -12.27
N HIS A 66 55.43 23.03 -11.94
CA HIS A 66 56.83 22.66 -11.98
C HIS A 66 57.43 22.64 -10.59
N ALA A 67 58.44 21.79 -10.43
CA ALA A 67 59.08 21.55 -9.15
C ALA A 67 60.44 22.22 -9.14
N ILE A 68 60.48 23.55 -9.28
CA ILE A 68 61.74 24.26 -9.15
C ILE A 68 61.79 25.01 -7.84
N HIS A 69 60.96 26.04 -7.70
CA HIS A 69 60.82 26.80 -6.47
C HIS A 69 59.49 27.54 -6.52
N VAL A 70 58.89 27.73 -5.35
CA VAL A 70 57.67 28.50 -5.14
C VAL A 70 56.84 28.79 -6.40
N ASP A 80 54.87 28.14 -0.32
CA ASP A 80 55.73 27.97 -1.48
C ASP A 80 54.94 27.45 -2.66
N ASN A 81 54.04 26.52 -2.38
CA ASN A 81 53.25 25.87 -3.41
C ASN A 81 51.80 26.20 -3.07
N PRO A 82 50.99 26.58 -4.03
CA PRO A 82 49.62 26.98 -3.72
C PRO A 82 48.71 25.84 -3.35
N VAL A 83 47.68 26.20 -2.62
CA VAL A 83 46.72 25.22 -2.16
C VAL A 83 45.77 24.96 -3.32
N LEU A 84 45.38 23.71 -3.49
CA LEU A 84 44.51 23.29 -4.54
C LEU A 84 43.31 22.64 -3.88
N PRO A 85 42.10 22.95 -4.30
CA PRO A 85 40.95 22.37 -3.60
C PRO A 85 40.82 20.89 -3.91
N PHE A 86 40.20 20.18 -2.96
CA PHE A 86 39.90 18.76 -3.08
C PHE A 86 38.41 18.55 -3.35
N ASN A 87 38.01 18.76 -4.60
CA ASN A 87 36.58 18.76 -4.91
C ASN A 87 35.99 17.40 -4.60
N ASP A 88 36.45 16.37 -5.31
CA ASP A 88 35.93 15.02 -5.14
C ASP A 88 36.99 13.94 -5.23
N GLY A 89 38.19 14.26 -5.67
CA GLY A 89 39.19 13.23 -5.89
C GLY A 89 40.19 13.75 -6.87
N VAL A 90 41.45 13.44 -6.66
CA VAL A 90 42.53 14.03 -7.45
C VAL A 90 43.37 12.97 -8.13
N TYR A 91 43.74 13.22 -9.36
CA TYR A 91 44.62 12.33 -10.08
C TYR A 91 45.93 13.09 -10.17
N PHE A 92 46.91 12.64 -9.40
CA PHE A 92 48.20 13.29 -9.23
C PHE A 92 49.22 12.46 -9.99
N ALA A 93 49.73 12.98 -11.09
CA ALA A 93 50.79 12.28 -11.82
C ALA A 93 52.10 13.03 -11.72
N SER A 94 53.21 12.29 -11.63
CA SER A 94 54.50 12.93 -11.48
C SER A 94 55.60 12.17 -12.20
N THR A 95 56.37 12.88 -13.00
CA THR A 95 57.55 12.35 -13.69
C THR A 95 58.80 12.99 -13.10
N GLU A 96 59.57 12.23 -12.33
CA GLU A 96 60.75 12.77 -11.68
C GLU A 96 61.76 11.65 -11.51
N LYS A 97 63.03 12.04 -11.29
CA LYS A 97 64.09 11.05 -11.13
C LYS A 97 65.06 11.41 -10.00
N SER A 98 64.65 12.21 -9.03
CA SER A 98 65.55 12.60 -7.95
C SER A 98 64.90 12.58 -6.58
N ASN A 99 63.70 12.02 -6.44
CA ASN A 99 62.98 11.98 -5.16
C ASN A 99 62.77 13.40 -4.62
N ILE A 100 62.36 14.29 -5.51
CA ILE A 100 62.17 15.67 -5.11
C ILE A 100 60.83 15.83 -4.41
N ILE A 101 59.84 15.03 -4.82
CA ILE A 101 58.52 15.00 -4.22
C ILE A 101 58.36 13.79 -3.29
N ARG A 102 57.96 14.06 -2.05
CA ARG A 102 57.98 13.05 -1.00
C ARG A 102 56.69 12.92 -0.22
N GLY A 103 55.66 13.73 -0.47
CA GLY A 103 54.47 13.55 0.32
C GLY A 103 53.38 14.53 -0.03
N TRP A 104 52.31 14.44 0.75
CA TRP A 104 51.11 15.25 0.58
C TRP A 104 50.54 15.63 1.93
N ILE A 105 49.64 16.59 1.89
CA ILE A 105 48.89 17.03 3.06
C ILE A 105 47.48 17.37 2.65
N PHE A 106 46.51 16.87 3.39
CA PHE A 106 45.11 17.11 3.10
C PHE A 106 44.50 17.63 4.38
N GLY A 107 43.30 18.15 4.31
CA GLY A 107 42.64 18.60 5.51
C GLY A 107 41.75 19.79 5.21
N THR A 108 41.03 20.22 6.23
CA THR A 108 40.19 21.39 6.09
C THR A 108 40.91 22.71 6.38
N THR A 109 42.07 22.67 7.03
CA THR A 109 42.79 23.90 7.32
C THR A 109 44.19 23.58 7.80
N LEU A 110 45.10 24.53 7.62
CA LEU A 110 46.48 24.37 8.06
C LEU A 110 46.66 24.66 9.54
N ASP A 111 45.65 25.22 10.21
CA ASP A 111 45.76 25.53 11.63
C ASP A 111 45.48 24.28 12.45
N SER A 112 45.78 24.35 13.74
CA SER A 112 45.55 23.19 14.59
C SER A 112 44.11 23.07 15.04
N LYS A 113 43.21 23.92 14.54
CA LYS A 113 41.80 23.86 14.96
C LYS A 113 41.09 22.60 14.47
N THR A 114 41.68 21.82 13.57
CA THR A 114 41.05 20.61 13.06
C THR A 114 42.10 19.57 12.71
N GLN A 115 41.67 18.31 12.73
CA GLN A 115 42.54 17.15 12.54
C GLN A 115 42.96 16.97 11.08
N SER A 116 43.95 17.74 10.65
CA SER A 116 44.47 17.60 9.30
C SER A 116 45.12 16.24 9.09
N LEU A 117 45.55 15.94 7.85
CA LEU A 117 46.04 14.62 7.49
C LEU A 117 47.46 14.78 6.98
N LEU A 118 48.28 13.76 7.15
CA LEU A 118 49.64 13.82 6.65
C LEU A 118 50.02 12.51 5.98
N ILE A 119 50.65 12.59 4.82
CA ILE A 119 51.20 11.40 4.19
C ILE A 119 52.61 11.71 3.73
N VAL A 120 53.59 10.99 4.26
CA VAL A 120 54.99 11.30 3.98
C VAL A 120 55.71 10.03 3.59
N ASN A 121 56.25 10.01 2.39
CA ASN A 121 57.04 8.87 1.99
C ASN A 121 58.48 9.14 2.40
N ASN A 122 59.32 8.13 2.27
CA ASN A 122 60.71 8.26 2.64
C ASN A 122 61.47 7.08 2.05
N ALA A 123 62.79 7.14 2.16
CA ALA A 123 63.60 6.04 1.67
C ALA A 123 63.39 4.79 2.51
N THR A 124 62.90 4.95 3.73
CA THR A 124 62.75 3.82 4.63
C THR A 124 61.31 3.32 4.76
N ASN A 125 60.32 4.20 4.83
CA ASN A 125 58.95 3.80 5.11
C ASN A 125 58.00 4.96 4.85
N VAL A 126 56.71 4.65 4.86
CA VAL A 126 55.66 5.66 4.76
C VAL A 126 55.19 5.96 6.17
N VAL A 127 54.88 7.22 6.42
CA VAL A 127 54.29 7.64 7.67
C VAL A 127 52.99 8.34 7.37
N ILE A 128 51.89 7.76 7.80
CA ILE A 128 50.58 8.36 7.61
C ILE A 128 50.12 8.75 8.99
N LYS A 129 49.64 9.97 9.15
CA LYS A 129 49.35 10.43 10.49
C LYS A 129 48.13 11.34 10.47
N VAL A 130 47.34 11.34 11.55
CA VAL A 130 46.25 12.29 11.69
C VAL A 130 46.27 12.95 13.07
N CYS A 131 46.90 14.14 13.18
CA CYS A 131 47.12 14.75 14.48
C CYS A 131 46.84 16.24 14.59
N GLU A 132 46.19 16.88 13.62
CA GLU A 132 45.82 18.30 13.75
C GLU A 132 47.03 19.20 13.99
N PHE A 133 48.16 18.87 13.39
CA PHE A 133 49.36 19.70 13.56
C PHE A 133 49.21 20.99 12.78
N GLN A 134 49.34 22.11 13.47
CA GLN A 134 49.24 23.41 12.83
C GLN A 134 50.47 23.63 11.96
N PHE A 135 50.25 24.13 10.75
CA PHE A 135 51.34 24.33 9.81
C PHE A 135 51.75 25.78 9.76
N CYS A 136 52.91 26.01 9.14
CA CYS A 136 53.47 27.33 8.94
C CYS A 136 52.82 28.00 7.74
N ASN A 137 53.28 29.22 7.41
CA ASN A 137 52.75 29.91 6.24
C ASN A 137 52.95 29.11 4.97
N ASP A 138 53.98 28.27 4.93
CA ASP A 138 54.21 27.42 3.77
C ASP A 138 54.53 26.02 4.28
N PRO A 139 54.17 24.99 3.53
CA PRO A 139 54.54 23.64 3.95
C PRO A 139 56.05 23.49 3.96
N PHE A 140 56.56 22.92 5.04
CA PHE A 140 58.00 22.74 5.18
C PHE A 140 58.55 21.82 4.10
N LEU A 141 59.75 22.13 3.64
CA LEU A 141 60.45 21.32 2.65
C LEU A 141 61.52 20.55 3.42
N ASP A 142 61.34 19.25 3.56
CA ASP A 142 62.32 18.46 4.30
C ASP A 142 63.69 18.49 3.64
N PHE A 157 65.86 19.66 10.21
CA PHE A 157 64.87 20.08 9.23
C PHE A 157 63.94 18.92 8.86
N ARG A 158 63.50 18.17 9.86
CA ARG A 158 62.64 17.03 9.62
C ARG A 158 61.16 17.32 9.84
N VAL A 159 60.81 18.33 10.63
CA VAL A 159 59.40 18.60 10.88
C VAL A 159 59.23 20.09 11.16
N TYR A 160 58.05 20.59 10.84
CA TYR A 160 57.72 21.99 11.13
C TYR A 160 56.20 22.04 11.30
N SER A 161 55.76 22.04 12.55
CA SER A 161 54.36 22.05 12.90
C SER A 161 54.25 22.29 14.39
N SER A 162 53.04 22.65 14.83
CA SER A 162 52.80 22.89 16.24
C SER A 162 52.52 21.54 16.90
N ALA A 163 52.09 21.55 18.16
CA ALA A 163 51.80 20.29 18.84
C ALA A 163 50.70 19.52 18.12
N ASN A 164 50.58 18.25 18.47
CA ASN A 164 49.65 17.35 17.80
C ASN A 164 48.85 16.54 18.80
N ASN A 165 47.67 16.06 18.39
CA ASN A 165 46.90 15.18 19.28
C ASN A 165 46.37 13.94 18.55
N CYS A 166 47.24 13.28 17.77
CA CYS A 166 46.81 12.23 16.84
C CYS A 166 45.90 11.16 17.42
N THR A 167 45.00 10.71 16.55
CA THR A 167 44.10 9.60 16.78
C THR A 167 44.39 8.40 15.91
N PHE A 168 45.15 8.53 14.82
CA PHE A 168 45.48 7.39 13.99
C PHE A 168 46.86 7.60 13.40
N GLU A 169 47.62 6.51 13.30
CA GLU A 169 48.97 6.53 12.75
C GLU A 169 49.25 5.20 12.09
N TYR A 170 50.08 5.23 11.04
CA TYR A 170 50.24 4.00 10.27
C TYR A 170 51.58 4.05 9.55
N VAL A 171 52.15 2.87 9.31
CA VAL A 171 53.46 2.76 8.67
C VAL A 171 53.54 1.47 7.87
N SER A 172 54.27 1.52 6.75
CA SER A 172 54.48 0.38 5.88
C SER A 172 55.57 0.73 4.89
N GLN A 173 55.89 -0.21 4.00
CA GLN A 173 56.93 -0.01 3.02
C GLN A 173 56.61 1.22 2.17
N PRO A 174 57.59 1.84 1.52
CA PRO A 174 57.32 3.09 0.81
C PRO A 174 56.52 2.88 -0.46
N PHE A 175 55.85 3.94 -0.90
CA PHE A 175 55.10 3.86 -2.15
C PHE A 175 55.94 4.13 -3.39
N LEU A 176 57.06 3.44 -3.55
CA LEU A 176 57.96 3.70 -4.68
C LEU A 176 58.44 2.41 -5.31
N LYS A 187 62.13 9.57 -16.16
CA LYS A 187 61.49 8.64 -17.09
C LYS A 187 60.45 7.76 -16.40
N ASN A 188 60.48 7.67 -15.08
CA ASN A 188 59.51 6.84 -14.38
C ASN A 188 58.28 7.70 -14.11
N LEU A 189 57.13 7.28 -14.64
CA LEU A 189 55.88 7.98 -14.47
C LEU A 189 55.11 7.39 -13.30
N ARG A 190 55.08 8.10 -12.17
CA ARG A 190 54.34 7.68 -10.98
C ARG A 190 52.94 8.27 -11.00
N GLU A 191 51.92 7.43 -10.80
CA GLU A 191 50.54 7.89 -10.80
C GLU A 191 49.84 7.52 -9.51
N PHE A 192 48.97 8.42 -9.06
CA PHE A 192 48.21 8.25 -7.84
C PHE A 192 46.83 8.81 -8.02
N VAL A 193 45.85 8.17 -7.39
CA VAL A 193 44.49 8.63 -7.40
C VAL A 193 44.07 8.67 -5.95
N PHE A 194 43.59 9.82 -5.51
CA PHE A 194 43.18 10.02 -4.14
C PHE A 194 41.68 10.20 -4.15
N LYS A 195 41.01 9.40 -3.34
CA LYS A 195 39.55 9.40 -3.32
C LYS A 195 39.12 9.32 -1.87
N ASN A 196 38.05 10.03 -1.53
CA ASN A 196 37.58 10.04 -0.15
C ASN A 196 36.06 10.19 -0.16
N ILE A 197 35.34 9.08 -0.05
CA ILE A 197 33.89 9.11 -0.15
C ILE A 197 33.20 8.51 1.06
N ASP A 198 33.54 7.27 1.42
CA ASP A 198 32.75 6.54 2.40
C ASP A 198 33.33 6.58 3.80
N GLY A 199 33.91 7.69 4.24
CA GLY A 199 34.48 7.60 5.55
C GLY A 199 35.84 6.96 5.51
N TYR A 200 36.29 6.55 4.34
CA TYR A 200 37.59 5.95 4.15
C TYR A 200 38.32 6.83 3.16
N PHE A 201 39.62 6.88 3.27
CA PHE A 201 40.42 7.63 2.33
C PHE A 201 41.20 6.58 1.56
N LYS A 202 41.07 6.55 0.24
CA LYS A 202 41.57 5.46 -0.55
C LYS A 202 42.61 5.96 -1.52
N ILE A 203 43.64 5.16 -1.73
CA ILE A 203 44.74 5.49 -2.62
C ILE A 203 44.91 4.38 -3.63
N TYR A 204 45.07 4.75 -4.90
CA TYR A 204 45.43 3.84 -5.97
C TYR A 204 46.71 4.34 -6.60
N SER A 205 47.50 3.45 -7.18
CA SER A 205 48.77 3.91 -7.70
C SER A 205 49.33 2.97 -8.72
N LYS A 206 50.30 3.48 -9.50
CA LYS A 206 51.00 2.67 -10.49
C LYS A 206 52.23 3.40 -10.98
N HIS A 207 53.32 2.65 -11.18
CA HIS A 207 54.60 3.21 -11.59
C HIS A 207 55.06 2.60 -12.92
N THR A 208 55.19 3.41 -13.95
CA THR A 208 55.56 2.75 -15.20
C THR A 208 56.71 3.47 -15.89
N PRO A 209 57.59 2.71 -16.55
CA PRO A 209 58.62 3.29 -17.40
C PRO A 209 57.99 4.01 -18.60
N ILE A 210 58.81 4.77 -19.31
CA ILE A 210 58.33 5.44 -20.52
C ILE A 210 59.47 5.43 -21.53
N ASP A 215 56.21 14.38 -20.56
CA ASP A 215 54.81 14.59 -20.90
C ASP A 215 54.04 13.30 -20.67
N LEU A 216 52.70 13.36 -20.62
CA LEU A 216 51.94 12.13 -20.44
C LEU A 216 51.90 11.30 -21.71
N PRO A 217 52.22 10.02 -21.63
CA PRO A 217 52.23 9.16 -22.81
C PRO A 217 50.83 8.78 -23.25
N GLN A 218 50.72 8.37 -24.51
CA GLN A 218 49.45 7.91 -25.03
C GLN A 218 49.14 6.47 -24.64
N GLY A 219 50.07 5.78 -23.98
CA GLY A 219 49.87 4.39 -23.62
C GLY A 219 48.85 4.16 -22.52
N PHE A 220 48.12 3.06 -22.64
CA PHE A 220 47.11 2.65 -21.67
C PHE A 220 47.65 1.79 -20.52
N SER A 221 47.19 2.09 -19.30
CA SER A 221 47.56 1.32 -18.11
C SER A 221 46.66 1.63 -16.92
N ALA A 222 46.09 0.61 -16.27
CA ALA A 222 45.17 0.83 -15.18
C ALA A 222 45.86 0.80 -13.82
N LEU A 223 45.35 1.60 -12.88
CA LEU A 223 45.83 1.68 -11.51
C LEU A 223 45.19 0.65 -10.60
N GLU A 224 45.96 0.11 -9.63
CA GLU A 224 45.58 -0.91 -8.65
C GLU A 224 45.36 -0.33 -7.26
N PRO A 225 44.41 -0.85 -6.51
CA PRO A 225 44.16 -0.33 -5.16
C PRO A 225 45.35 -0.52 -4.25
N LEU A 226 45.87 0.60 -3.75
CA LEU A 226 47.04 0.50 -2.89
C LEU A 226 46.65 0.42 -1.43
N VAL A 227 45.89 1.38 -0.92
CA VAL A 227 45.50 1.35 0.49
C VAL A 227 44.08 1.86 0.67
N ASP A 228 43.35 1.29 1.61
CA ASP A 228 42.01 1.74 1.95
C ASP A 228 41.95 2.07 3.44
N LEU A 229 42.12 3.43 3.85
CA LEU A 229 42.23 3.77 5.26
C LEU A 229 40.87 4.10 5.87
N PRO A 230 40.66 3.77 7.14
CA PRO A 230 39.38 4.01 7.83
C PRO A 230 39.18 5.36 8.48
N ILE A 231 40.18 6.24 8.49
CA ILE A 231 40.08 7.54 9.15
C ILE A 231 38.94 8.36 8.56
N GLY A 232 38.12 8.95 9.42
CA GLY A 232 37.00 9.69 8.89
C GLY A 232 37.04 11.21 8.86
N ILE A 233 38.24 11.79 8.76
CA ILE A 233 38.37 13.23 8.73
C ILE A 233 37.74 13.81 7.46
N ASN A 234 37.09 14.96 7.60
CA ASN A 234 36.48 15.67 6.48
C ASN A 234 37.53 16.46 5.73
N ILE A 235 38.06 15.89 4.65
CA ILE A 235 39.10 16.53 3.82
C ILE A 235 38.48 17.41 2.76
N THR A 236 38.91 18.67 2.70
CA THR A 236 38.43 19.59 1.66
C THR A 236 39.52 20.31 0.86
N ARG A 237 40.73 20.49 1.37
CA ARG A 237 41.81 21.14 0.63
C ARG A 237 43.08 20.31 0.68
N PHE A 238 43.99 20.51 -0.26
CA PHE A 238 45.18 19.66 -0.21
C PHE A 238 46.36 20.44 -0.77
N GLN A 239 47.55 20.03 -0.34
CA GLN A 239 48.82 20.64 -0.70
C GLN A 239 49.85 19.55 -0.90
N THR A 240 51.03 19.92 -1.38
CA THR A 240 52.09 18.95 -1.63
C THR A 240 53.25 19.24 -0.69
N LEU A 241 54.16 18.28 -0.56
CA LEU A 241 55.35 18.43 0.26
C LEU A 241 56.55 18.19 -0.62
N LEU A 242 57.51 19.11 -0.57
CA LEU A 242 58.69 18.99 -1.40
C LEU A 242 59.91 18.76 -0.52
N ALA A 243 61.03 18.46 -1.15
CA ALA A 243 62.25 18.22 -0.38
C ALA A 243 63.45 18.68 -1.17
N LEU A 244 64.58 18.75 -0.48
CA LEU A 244 65.85 19.15 -1.07
C LEU A 244 66.97 18.88 -0.07
N HIS A 245 68.15 18.58 -0.60
CA HIS A 245 69.32 18.29 0.22
C HIS A 245 70.01 19.56 0.72
N ARG A 246 70.27 19.59 2.03
CA ARG A 246 70.99 20.69 2.68
C ARG A 246 70.35 22.03 2.39
N SER A 247 69.05 22.08 2.58
CA SER A 247 68.26 23.28 2.37
C SER A 247 67.85 23.81 3.73
N TYR A 248 67.86 25.13 3.88
CA TYR A 248 67.42 25.70 5.15
C TYR A 248 65.91 25.60 5.27
N LEU A 249 65.42 25.68 6.51
CA LEU A 249 64.00 25.56 6.80
C LEU A 249 63.64 26.64 7.81
N THR A 250 62.61 27.42 7.48
CA THR A 250 62.12 28.49 8.35
C THR A 250 60.61 28.56 8.24
N PRO A 251 59.92 29.02 9.30
CA PRO A 251 58.45 29.17 9.19
C PRO A 251 57.99 30.09 8.09
N GLY A 252 58.71 31.16 7.79
CA GLY A 252 58.29 32.02 6.70
C GLY A 252 59.49 32.38 5.86
N ASP A 253 59.33 32.32 4.54
CA ASP A 253 60.41 32.61 3.61
C ASP A 253 59.79 33.28 2.41
N SER A 254 60.60 33.99 1.65
CA SER A 254 60.12 34.68 0.46
C SER A 254 60.07 33.69 -0.71
N SER A 255 59.87 34.22 -1.91
CA SER A 255 59.79 33.42 -3.12
C SER A 255 61.15 33.04 -3.67
N SER A 256 62.22 33.30 -2.92
CA SER A 256 63.55 32.94 -3.39
C SER A 256 63.72 31.42 -3.36
N GLY A 257 63.30 30.78 -2.27
CA GLY A 257 63.44 29.33 -2.23
C GLY A 257 64.87 28.81 -2.25
N TRP A 258 64.97 27.53 -2.59
CA TRP A 258 66.24 26.83 -2.69
C TRP A 258 66.24 25.98 -3.96
N THR A 259 67.46 25.71 -4.44
CA THR A 259 67.62 24.95 -5.66
C THR A 259 67.10 23.52 -5.51
N ALA A 260 66.67 22.96 -6.63
CA ALA A 260 66.20 21.59 -6.67
C ALA A 260 66.29 21.12 -8.12
N GLY A 261 66.19 19.80 -8.30
CA GLY A 261 66.25 19.26 -9.63
C GLY A 261 65.04 19.62 -10.47
N ALA A 262 65.22 19.53 -11.77
CA ALA A 262 64.13 19.81 -12.70
C ALA A 262 63.06 18.74 -12.54
N ALA A 263 61.82 19.16 -12.26
CA ALA A 263 60.74 18.21 -12.06
C ALA A 263 59.41 18.94 -12.20
N ALA A 264 58.34 18.15 -12.31
CA ALA A 264 57.00 18.67 -12.50
C ALA A 264 55.96 17.66 -12.05
N TYR A 265 54.77 18.15 -11.76
CA TYR A 265 53.67 17.32 -11.34
C TYR A 265 52.36 17.84 -11.91
N TYR A 266 51.50 16.92 -12.38
CA TYR A 266 50.23 17.25 -13.00
C TYR A 266 49.08 16.93 -12.06
N VAL A 267 47.97 17.64 -12.24
CA VAL A 267 46.77 17.47 -11.44
C VAL A 267 45.53 17.39 -12.31
N GLY A 268 44.65 16.44 -12.01
CA GLY A 268 43.38 16.30 -12.70
C GLY A 268 42.28 16.06 -11.69
N TYR A 269 41.07 16.43 -12.05
CA TYR A 269 39.91 16.33 -11.16
C TYR A 269 38.92 15.25 -11.59
N LEU A 270 38.54 14.40 -10.65
CA LEU A 270 37.58 13.35 -10.95
C LEU A 270 36.16 13.90 -10.99
N GLN A 271 35.31 13.23 -11.76
CA GLN A 271 33.92 13.58 -11.96
C GLN A 271 33.13 12.29 -12.03
N PRO A 272 31.84 12.33 -11.67
CA PRO A 272 31.00 11.13 -11.79
C PRO A 272 30.77 10.81 -13.26
N ARG A 273 31.25 9.66 -13.71
CA ARG A 273 31.12 9.27 -15.10
C ARG A 273 30.78 7.79 -15.19
N THR A 274 30.30 7.39 -16.35
CA THR A 274 30.01 6.00 -16.66
C THR A 274 31.04 5.45 -17.63
N PHE A 275 31.76 4.43 -17.23
CA PHE A 275 32.84 3.87 -18.03
C PHE A 275 32.52 2.42 -18.38
N LEU A 276 32.80 2.04 -19.62
CA LEU A 276 32.67 0.66 -20.05
C LEU A 276 34.06 0.03 -20.06
N LEU A 277 34.35 -0.85 -19.10
CA LEU A 277 35.67 -1.42 -18.92
C LEU A 277 35.76 -2.78 -19.56
N LYS A 278 36.88 -3.09 -20.18
CA LYS A 278 37.07 -4.38 -20.81
C LYS A 278 38.07 -5.20 -20.04
N TYR A 279 37.66 -6.36 -19.53
CA TYR A 279 38.56 -7.24 -18.84
C TYR A 279 39.00 -8.35 -19.79
N ASN A 280 40.27 -8.72 -19.74
CA ASN A 280 40.76 -9.81 -20.56
C ASN A 280 40.64 -11.13 -19.81
N GLU A 281 41.14 -12.20 -20.42
CA GLU A 281 41.05 -13.53 -19.82
C GLU A 281 41.84 -13.69 -18.53
N ASN A 282 42.75 -12.80 -18.21
CA ASN A 282 43.53 -12.92 -16.99
C ASN A 282 43.05 -11.98 -15.91
N GLY A 283 41.95 -11.29 -16.13
CA GLY A 283 41.37 -10.45 -15.12
C GLY A 283 41.96 -9.07 -15.05
N THR A 284 42.63 -8.60 -16.10
CA THR A 284 43.23 -7.29 -16.13
C THR A 284 42.54 -6.41 -17.14
N ILE A 285 42.38 -5.12 -16.81
CA ILE A 285 41.74 -4.19 -17.72
C ILE A 285 42.71 -3.80 -18.81
N THR A 286 42.30 -3.98 -20.05
CA THR A 286 43.13 -3.62 -21.19
C THR A 286 42.58 -2.44 -21.97
N ASP A 287 41.28 -2.22 -21.95
CA ASP A 287 40.73 -1.10 -22.69
C ASP A 287 39.52 -0.58 -21.93
N ALA A 288 39.12 0.63 -22.29
CA ALA A 288 37.98 1.26 -21.66
C ALA A 288 37.35 2.23 -22.64
N VAL A 289 36.07 2.47 -22.47
CA VAL A 289 35.32 3.36 -23.34
C VAL A 289 34.60 4.38 -22.48
N ASP A 290 34.81 5.64 -22.79
CA ASP A 290 34.13 6.73 -22.11
C ASP A 290 32.72 6.86 -22.63
N CYS A 291 31.74 6.56 -21.80
CA CYS A 291 30.36 6.51 -22.25
C CYS A 291 29.81 7.86 -22.67
N ALA A 292 30.40 8.97 -22.28
CA ALA A 292 29.82 10.27 -22.59
C ALA A 292 30.77 11.18 -23.34
N LEU A 293 31.70 10.62 -24.09
CA LEU A 293 32.65 11.48 -24.81
C LEU A 293 32.06 11.99 -26.10
N ASP A 294 31.69 11.11 -27.00
CA ASP A 294 31.18 11.50 -28.30
C ASP A 294 30.07 10.53 -28.69
N PRO A 295 29.32 10.77 -29.76
CA PRO A 295 28.22 9.86 -30.08
C PRO A 295 28.65 8.44 -30.35
N LEU A 296 29.78 8.24 -31.00
CA LEU A 296 30.18 6.87 -31.27
C LEU A 296 30.48 6.11 -29.98
N SER A 297 31.14 6.77 -29.04
CA SER A 297 31.40 6.12 -27.76
C SER A 297 30.10 5.85 -27.03
N GLU A 298 29.15 6.76 -27.12
CA GLU A 298 27.90 6.49 -26.43
C GLU A 298 27.15 5.31 -27.05
N THR A 299 27.22 5.15 -28.37
CA THR A 299 26.60 3.98 -28.99
C THR A 299 27.28 2.69 -28.61
N LYS A 300 28.61 2.68 -28.58
CA LYS A 300 29.30 1.48 -28.11
C LYS A 300 28.85 1.17 -26.71
N CYS A 301 28.77 2.17 -25.86
CA CYS A 301 28.40 1.91 -24.50
C CYS A 301 26.97 1.39 -24.39
N THR A 302 26.08 1.79 -25.29
CA THR A 302 24.72 1.26 -25.20
C THR A 302 24.59 -0.16 -25.74
N LEU A 303 25.35 -0.52 -26.76
CA LEU A 303 25.40 -1.91 -27.18
C LEU A 303 26.31 -2.79 -26.35
N LYS A 304 27.10 -2.22 -25.45
CA LYS A 304 28.04 -3.00 -24.65
C LYS A 304 28.95 -3.81 -25.54
N SER A 305 29.51 -3.15 -26.54
CA SER A 305 30.39 -3.85 -27.47
C SER A 305 31.34 -2.87 -28.12
N PHE A 306 32.61 -3.23 -28.17
CA PHE A 306 33.62 -2.35 -28.73
C PHE A 306 33.52 -2.22 -30.24
N THR A 307 32.93 -3.16 -30.93
CA THR A 307 32.76 -3.06 -32.38
C THR A 307 31.28 -2.94 -32.70
N VAL A 308 30.87 -1.81 -33.28
CA VAL A 308 29.49 -1.59 -33.68
C VAL A 308 29.38 -1.69 -35.20
N GLU A 309 28.37 -2.44 -35.68
CA GLU A 309 28.16 -2.69 -37.10
C GLU A 309 27.40 -1.54 -37.76
N LYS A 310 27.36 -1.58 -39.10
CA LYS A 310 26.65 -0.58 -39.87
C LYS A 310 25.17 -0.57 -39.53
N GLY A 311 24.62 0.60 -39.28
CA GLY A 311 23.20 0.65 -39.00
C GLY A 311 22.85 1.92 -38.26
N ILE A 312 21.60 1.98 -37.82
CA ILE A 312 21.10 3.12 -37.07
C ILE A 312 20.72 2.61 -35.69
N TYR A 313 21.17 3.31 -34.64
CA TYR A 313 20.98 2.93 -33.25
C TYR A 313 20.44 4.10 -32.46
N GLN A 314 19.45 3.85 -31.63
CA GLN A 314 18.87 4.87 -30.75
C GLN A 314 19.58 4.97 -29.42
N THR A 315 20.47 5.96 -29.28
CA THR A 315 21.29 6.03 -28.08
C THR A 315 20.56 6.70 -26.93
N SER A 316 19.94 7.85 -27.14
CA SER A 316 19.32 8.58 -26.04
C SER A 316 18.28 9.52 -26.60
N ASN A 317 17.74 10.40 -25.75
CA ASN A 317 16.78 11.42 -26.13
C ASN A 317 17.16 12.77 -25.55
N PHE A 318 16.75 13.86 -26.19
CA PHE A 318 17.10 15.15 -25.61
C PHE A 318 15.80 15.92 -25.40
N ARG A 319 15.86 16.89 -24.48
CA ARG A 319 14.69 17.72 -24.19
C ARG A 319 15.16 19.06 -23.67
N VAL A 320 14.80 20.13 -24.38
CA VAL A 320 15.26 21.47 -24.03
C VAL A 320 14.73 21.91 -22.68
N GLN A 321 15.63 22.42 -21.84
CA GLN A 321 15.23 22.85 -20.51
C GLN A 321 14.72 24.28 -20.58
N PRO A 322 13.87 24.70 -19.64
CA PRO A 322 13.40 26.08 -19.65
C PRO A 322 14.52 27.05 -19.32
N THR A 323 14.58 28.15 -20.05
CA THR A 323 15.64 29.13 -19.86
C THR A 323 15.33 30.25 -18.89
N GLU A 324 14.06 30.45 -18.50
CA GLU A 324 13.68 31.50 -17.57
C GLU A 324 12.34 31.16 -16.93
N SER A 325 12.01 31.86 -15.86
CA SER A 325 10.75 31.62 -15.18
C SER A 325 9.98 32.91 -14.98
N ILE A 326 8.67 32.85 -15.25
CA ILE A 326 7.78 33.99 -15.14
C ILE A 326 6.58 33.59 -14.29
N VAL A 327 6.15 34.53 -13.47
CA VAL A 327 4.99 34.40 -12.63
C VAL A 327 4.07 35.59 -12.83
N ARG A 328 2.77 35.38 -12.85
CA ARG A 328 1.91 36.54 -12.92
C ARG A 328 0.81 36.10 -11.97
N PHE A 329 0.51 36.97 -11.02
CA PHE A 329 -0.39 36.58 -9.96
C PHE A 329 -1.41 37.61 -9.49
N PRO A 330 -2.31 37.23 -8.52
CA PRO A 330 -3.28 38.17 -7.92
C PRO A 330 -3.00 39.66 -8.06
N ASN A 331 -3.77 40.42 -8.84
CA ASN A 331 -3.51 41.85 -8.93
C ASN A 331 -4.77 42.63 -8.61
N ILE A 332 -4.65 43.56 -7.66
CA ILE A 332 -5.79 44.37 -7.29
C ILE A 332 -5.51 45.85 -7.49
N THR A 333 -6.59 46.58 -7.74
CA THR A 333 -6.56 48.02 -7.95
C THR A 333 -6.57 48.81 -6.64
N ASN A 334 -7.61 48.58 -5.83
CA ASN A 334 -7.83 49.29 -4.57
C ASN A 334 -7.17 48.62 -3.38
N LEU A 335 -6.48 49.43 -2.59
CA LEU A 335 -5.80 48.92 -1.41
C LEU A 335 -6.78 49.04 -0.24
N CYS A 336 -6.27 48.96 1.01
CA CYS A 336 -7.09 49.07 2.22
C CYS A 336 -7.15 50.51 2.70
N PRO A 337 -8.11 50.84 3.57
CA PRO A 337 -8.25 52.22 4.04
C PRO A 337 -7.43 52.62 5.26
N PHE A 338 -6.37 51.87 5.58
CA PHE A 338 -5.52 52.21 6.72
C PHE A 338 -5.14 53.68 6.71
N ASP A 339 -4.82 54.19 5.52
CA ASP A 339 -4.45 55.58 5.29
C ASP A 339 -5.38 56.55 6.00
N GLU A 340 -6.66 56.58 5.60
CA GLU A 340 -7.63 57.44 6.26
C GLU A 340 -7.58 57.24 7.76
N VAL A 341 -7.79 56.00 8.20
CA VAL A 341 -7.84 55.62 9.61
C VAL A 341 -6.77 56.35 10.41
N PHE A 342 -5.53 56.30 9.90
CA PHE A 342 -4.41 56.88 10.63
C PHE A 342 -4.22 58.37 10.39
N ASN A 343 -4.67 58.90 9.26
CA ASN A 343 -4.42 60.30 8.96
C ASN A 343 -5.68 61.15 9.12
N ALA A 344 -6.76 60.54 9.61
CA ALA A 344 -8.04 61.21 9.80
C ALA A 344 -8.00 62.32 10.86
N THR A 345 -7.01 62.33 11.75
CA THR A 345 -6.81 63.38 12.77
C THR A 345 -8.14 63.72 13.47
N ARG A 346 -8.77 62.67 13.98
CA ARG A 346 -9.98 62.79 14.79
C ARG A 346 -10.00 61.96 16.06
N PHE A 347 -8.87 61.35 16.46
CA PHE A 347 -8.91 60.37 17.54
C PHE A 347 -9.82 60.84 18.66
N ALA A 348 -10.71 59.96 19.12
CA ALA A 348 -11.81 60.41 19.96
C ALA A 348 -11.37 60.44 21.41
N SER A 349 -11.12 59.27 21.97
CA SER A 349 -10.86 59.06 23.38
C SER A 349 -10.53 57.59 23.56
N VAL A 350 -9.90 57.27 24.69
CA VAL A 350 -9.76 55.87 25.07
C VAL A 350 -11.07 55.35 25.63
N TYR A 351 -11.87 56.25 26.20
CA TYR A 351 -13.24 55.97 26.59
C TYR A 351 -14.09 55.75 25.34
N ALA A 352 -14.54 54.52 25.14
CA ALA A 352 -15.32 54.10 23.96
C ALA A 352 -14.56 54.35 22.65
N TRP A 353 -13.50 53.56 22.49
CA TRP A 353 -12.54 53.75 21.40
C TRP A 353 -13.24 53.58 20.06
N ASN A 354 -12.52 53.88 18.99
CA ASN A 354 -13.09 53.77 17.64
C ASN A 354 -12.54 52.52 16.96
N ARG A 355 -13.38 51.87 16.15
CA ARG A 355 -12.98 50.61 15.55
C ARG A 355 -13.33 50.58 14.07
N LYS A 356 -12.67 49.68 13.33
CA LYS A 356 -13.02 49.41 11.94
C LYS A 356 -12.61 48.00 11.56
N ARG A 357 -13.45 47.31 10.78
CA ARG A 357 -13.22 45.93 10.36
C ARG A 357 -12.83 45.93 8.88
N ILE A 358 -11.54 45.86 8.62
CA ILE A 358 -11.07 45.86 7.24
C ILE A 358 -11.27 44.46 6.69
N SER A 359 -11.73 44.37 5.44
CA SER A 359 -11.86 43.07 4.79
C SER A 359 -11.93 43.27 3.30
N ASN A 360 -11.57 42.21 2.56
CA ASN A 360 -11.62 42.19 1.11
C ASN A 360 -10.74 43.33 0.57
N CYS A 361 -9.45 43.16 0.82
CA CYS A 361 -8.45 44.07 0.33
C CYS A 361 -7.09 43.41 0.39
N VAL A 362 -6.08 44.13 -0.08
CA VAL A 362 -4.69 43.73 -0.05
C VAL A 362 -4.01 44.57 1.01
N ALA A 363 -3.68 43.98 2.15
CA ALA A 363 -3.11 44.80 3.22
C ALA A 363 -1.70 45.13 2.80
N ASP A 364 -1.52 46.36 2.31
CA ASP A 364 -0.24 46.82 1.81
C ASP A 364 0.83 46.86 2.92
N TYR A 365 0.62 47.73 3.90
CA TYR A 365 1.48 48.01 5.04
C TYR A 365 2.62 48.95 4.66
N SER A 366 2.81 49.23 3.36
CA SER A 366 3.90 50.10 2.91
C SER A 366 4.05 51.39 3.69
N VAL A 367 2.97 51.92 4.26
CA VAL A 367 3.16 53.15 5.01
C VAL A 367 3.22 52.76 6.48
N LEU A 368 2.42 51.75 6.86
CA LEU A 368 2.40 51.30 8.23
C LEU A 368 3.80 50.86 8.65
N TYR A 369 4.27 51.39 9.76
CA TYR A 369 5.60 51.13 10.30
C TYR A 369 6.69 51.48 9.31
N ASN A 370 6.34 52.20 8.24
CA ASN A 370 7.32 52.68 7.28
C ASN A 370 7.22 54.17 7.06
N PHE A 371 6.15 54.82 7.52
CA PHE A 371 6.08 56.27 7.56
C PHE A 371 7.17 56.79 8.52
N ALA A 372 7.49 58.07 8.41
CA ALA A 372 8.64 58.55 9.16
C ALA A 372 8.39 58.87 10.64
N PRO A 373 7.32 59.60 10.99
CA PRO A 373 7.18 60.10 12.37
C PRO A 373 6.60 59.11 13.36
N PHE A 374 6.47 57.83 13.03
CA PHE A 374 6.01 56.87 14.03
C PHE A 374 7.01 56.73 15.18
N PHE A 375 6.50 56.73 16.41
CA PHE A 375 7.35 56.70 17.60
C PHE A 375 7.54 55.29 18.15
N ALA A 376 6.47 54.56 18.42
CA ALA A 376 6.57 53.23 18.99
C ALA A 376 5.58 52.30 18.31
N PHE A 377 6.07 51.17 17.83
CA PHE A 377 5.26 50.08 17.30
C PHE A 377 5.89 48.75 17.69
N LYS A 378 5.07 47.80 18.10
CA LYS A 378 5.63 46.54 18.58
C LYS A 378 4.52 45.51 18.50
N CYS A 379 4.81 44.42 17.80
CA CYS A 379 3.90 43.29 17.73
C CYS A 379 4.48 41.98 18.21
N TYR A 380 3.57 41.18 18.75
CA TYR A 380 3.90 39.89 19.30
C TYR A 380 3.26 38.85 18.39
N GLY A 381 4.06 37.89 17.96
CA GLY A 381 3.63 36.85 17.06
C GLY A 381 4.02 37.12 15.62
N VAL A 382 4.11 38.38 15.20
CA VAL A 382 4.41 38.71 13.81
C VAL A 382 5.54 39.72 13.73
N SER A 383 6.49 39.46 12.84
CA SER A 383 7.58 40.33 12.41
C SER A 383 7.07 41.31 11.36
N PRO A 384 7.66 42.50 11.29
CA PRO A 384 7.16 43.48 10.30
C PRO A 384 7.13 42.88 8.92
N THR A 385 8.21 42.21 8.51
CA THR A 385 8.29 41.63 7.17
C THR A 385 7.31 40.47 7.03
N LYS A 386 7.30 39.56 8.01
CA LYS A 386 6.26 38.54 8.06
C LYS A 386 4.87 39.14 7.88
N LEU A 387 4.57 40.20 8.64
CA LEU A 387 3.33 40.95 8.44
C LEU A 387 3.14 41.36 6.99
N ASN A 388 4.19 41.92 6.39
CA ASN A 388 4.10 42.32 5.00
C ASN A 388 3.83 41.13 4.09
N ASP A 389 4.12 39.91 4.54
CA ASP A 389 3.73 38.76 3.75
C ASP A 389 2.64 37.92 4.37
N LEU A 390 2.22 38.22 5.60
CA LEU A 390 1.13 37.41 6.14
C LEU A 390 -0.18 37.86 5.53
N CYS A 391 -1.19 37.00 5.65
CA CYS A 391 -2.45 37.27 4.98
C CYS A 391 -3.53 36.72 5.90
N PHE A 392 -4.70 37.36 5.90
CA PHE A 392 -5.71 37.06 6.92
C PHE A 392 -7.11 37.21 6.38
N THR A 393 -8.08 36.80 7.20
CA THR A 393 -9.48 36.89 6.81
C THR A 393 -10.05 38.28 7.08
N ASN A 394 -9.78 38.86 8.26
CA ASN A 394 -10.25 40.21 8.54
C ASN A 394 -9.27 40.95 9.43
N VAL A 395 -9.50 42.24 9.57
CA VAL A 395 -8.69 43.11 10.40
C VAL A 395 -9.60 43.91 11.32
N TYR A 396 -9.11 44.18 12.53
CA TYR A 396 -9.79 45.06 13.48
C TYR A 396 -8.81 46.15 13.89
N ALA A 397 -9.18 47.40 13.60
CA ALA A 397 -8.41 48.57 14.01
C ALA A 397 -9.13 49.24 15.18
N ASP A 398 -8.35 49.59 16.21
CA ASP A 398 -8.88 50.20 17.43
C ASP A 398 -8.05 51.41 17.79
N SER A 399 -8.53 52.59 17.37
CA SER A 399 -7.86 53.84 17.67
C SER A 399 -8.43 54.47 18.93
N PHE A 400 -7.57 55.16 19.67
CA PHE A 400 -7.96 55.91 20.85
C PHE A 400 -6.83 56.86 21.26
N VAL A 401 -7.07 57.66 22.30
CA VAL A 401 -6.11 58.65 22.79
C VAL A 401 -5.88 58.41 24.28
N ILE A 402 -4.61 58.33 24.70
CA ILE A 402 -4.28 58.14 26.11
C ILE A 402 -3.18 59.12 26.51
N ARG A 403 -2.94 59.19 27.82
CA ARG A 403 -1.87 60.02 28.35
C ARG A 403 -0.53 59.31 28.18
N GLY A 404 0.50 60.08 27.83
CA GLY A 404 1.77 59.49 27.48
C GLY A 404 2.30 58.55 28.55
N ASN A 405 2.15 58.94 29.81
CA ASN A 405 2.68 58.10 30.88
C ASN A 405 1.92 56.81 31.05
N GLU A 406 0.88 56.59 30.27
CA GLU A 406 0.08 55.39 30.37
C GLU A 406 0.23 54.52 29.12
N VAL A 407 1.13 54.90 28.22
CA VAL A 407 1.31 54.10 27.00
C VAL A 407 1.86 52.73 27.35
N SER A 408 2.65 52.65 28.41
CA SER A 408 3.20 51.38 28.86
C SER A 408 2.14 50.38 29.29
N GLN A 409 0.88 50.79 29.46
CA GLN A 409 -0.10 49.82 29.91
C GLN A 409 -0.80 49.05 28.79
N ILE A 410 -0.74 49.50 27.55
CA ILE A 410 -1.29 48.75 26.42
C ILE A 410 -0.27 47.70 25.99
N ALA A 411 -0.42 46.48 26.49
CA ALA A 411 0.51 45.39 26.22
C ALA A 411 -0.17 44.08 26.65
N PRO A 412 0.33 42.94 26.18
CA PRO A 412 -0.32 41.68 26.55
C PRO A 412 -0.28 41.48 28.05
N GLY A 413 -1.47 41.49 28.64
CA GLY A 413 -1.64 41.30 30.06
C GLY A 413 -1.04 42.39 30.92
N GLN A 414 -0.46 43.43 30.30
CA GLN A 414 0.05 44.57 31.05
C GLN A 414 -1.01 45.11 31.99
N THR A 415 -0.58 45.56 33.15
CA THR A 415 -1.47 46.01 34.21
C THR A 415 -1.27 47.49 34.48
N GLY A 416 -2.37 48.20 34.71
CA GLY A 416 -2.31 49.61 35.05
C GLY A 416 -3.67 50.21 35.33
N ASN A 417 -3.93 51.41 34.82
CA ASN A 417 -5.26 51.99 34.88
C ASN A 417 -5.99 51.82 33.56
N ILE A 418 -5.39 52.34 32.49
CA ILE A 418 -6.04 52.29 31.20
C ILE A 418 -6.24 50.84 30.80
N ALA A 419 -5.41 49.95 31.31
CA ALA A 419 -5.46 48.54 30.94
C ALA A 419 -6.15 47.69 31.99
N ASP A 420 -6.81 48.30 32.98
CA ASP A 420 -7.44 47.50 34.03
C ASP A 420 -8.87 47.98 34.21
N TYR A 421 -9.09 49.28 34.01
CA TYR A 421 -10.40 49.87 34.19
C TYR A 421 -10.91 50.59 32.96
N ASN A 422 -10.05 50.89 31.98
CA ASN A 422 -10.49 51.64 30.82
C ASN A 422 -10.68 50.75 29.59
N TYR A 423 -9.58 50.17 29.11
CA TYR A 423 -9.60 49.35 27.90
C TYR A 423 -8.57 48.24 28.06
N LYS A 424 -9.02 47.00 28.02
CA LYS A 424 -8.15 45.85 28.31
C LYS A 424 -8.16 44.88 27.14
N LEU A 425 -7.01 44.63 26.62
CA LEU A 425 -6.58 43.73 25.56
C LEU A 425 -6.23 42.38 26.16
N PRO A 426 -6.48 41.27 25.45
CA PRO A 426 -6.28 39.96 26.07
C PRO A 426 -4.83 39.69 26.44
N ASP A 427 -4.59 38.55 27.08
CA ASP A 427 -3.25 38.24 27.54
C ASP A 427 -2.40 37.60 26.44
N ASP A 428 -3.02 36.79 25.58
CA ASP A 428 -2.36 36.10 24.49
C ASP A 428 -2.60 36.78 23.14
N PHE A 429 -2.79 38.09 23.16
CA PHE A 429 -3.08 38.84 21.94
C PHE A 429 -1.86 38.89 21.04
N THR A 430 -1.97 38.30 19.85
CA THR A 430 -0.91 38.39 18.85
C THR A 430 -1.30 39.49 17.87
N GLY A 431 -0.36 40.40 17.62
CA GLY A 431 -0.60 41.56 16.78
C GLY A 431 0.14 42.76 17.34
N CYS A 432 0.04 43.91 16.68
CA CYS A 432 0.73 45.12 17.12
C CYS A 432 -0.12 46.38 17.20
N VAL A 433 0.42 47.24 18.06
CA VAL A 433 -0.08 48.54 18.44
C VAL A 433 0.94 49.57 17.93
N ILE A 434 0.46 50.78 17.71
CA ILE A 434 1.29 51.89 17.28
C ILE A 434 0.83 53.12 18.03
N ALA A 435 1.80 53.97 18.42
CA ALA A 435 1.47 55.11 19.25
C ALA A 435 2.25 56.32 18.79
N TRP A 436 1.55 57.44 18.70
CA TRP A 436 2.10 58.68 18.21
C TRP A 436 1.99 59.74 19.30
N ASN A 437 3.04 60.52 19.46
CA ASN A 437 3.01 61.62 20.42
C ASN A 437 2.28 62.78 19.77
N SER A 438 0.97 62.82 19.96
CA SER A 438 0.16 63.89 19.39
C SER A 438 0.23 65.12 20.30
N ASN A 439 1.45 65.62 20.46
CA ASN A 439 1.72 66.77 21.30
C ASN A 439 1.50 68.08 20.57
N LYS A 440 0.91 68.05 19.38
CA LYS A 440 0.67 69.26 18.61
C LYS A 440 -0.74 69.16 18.05
N LEU A 441 -1.11 67.95 17.61
CA LEU A 441 -2.35 67.77 16.87
C LEU A 441 -3.54 67.93 17.79
N ASP A 442 -3.41 67.45 19.03
CA ASP A 442 -4.47 67.51 20.03
C ASP A 442 -3.87 68.07 21.31
N SER A 443 -3.80 69.39 21.41
CA SER A 443 -3.31 70.04 22.62
C SER A 443 -3.61 71.53 22.53
N LYS A 444 -3.93 72.12 23.67
CA LYS A 444 -4.22 73.54 23.75
C LYS A 444 -3.76 74.06 25.09
N VAL A 445 -3.24 75.28 25.12
CA VAL A 445 -2.83 75.87 26.39
C VAL A 445 -4.02 75.92 27.35
N GLY A 446 -5.23 76.00 26.80
CA GLY A 446 -6.45 75.99 27.59
C GLY A 446 -6.86 74.62 28.06
N GLY A 447 -6.20 73.59 27.56
CA GLY A 447 -6.48 72.22 27.94
C GLY A 447 -7.28 71.43 26.93
N ASN A 448 -6.58 70.60 26.17
CA ASN A 448 -7.23 69.72 25.21
C ASN A 448 -7.80 68.51 25.93
N TYR A 449 -8.64 68.75 26.95
CA TYR A 449 -9.17 67.70 27.80
C TYR A 449 -10.59 67.29 27.42
N ASN A 450 -11.02 67.60 26.20
CA ASN A 450 -12.35 67.17 25.78
C ASN A 450 -12.60 65.72 26.15
N TYR A 451 -11.59 64.86 26.00
CA TYR A 451 -11.75 63.46 26.33
C TYR A 451 -11.56 63.28 27.83
N ARG A 452 -12.40 62.43 28.42
CA ARG A 452 -12.31 62.14 29.85
C ARG A 452 -12.08 60.64 30.01
N TYR A 453 -10.87 60.25 30.41
CA TYR A 453 -10.63 58.83 30.56
C TYR A 453 -11.27 58.30 31.85
N ARG A 454 -11.25 56.97 31.95
CA ARG A 454 -11.91 56.23 33.02
C ARG A 454 -10.91 55.88 34.12
N LEU A 455 -11.19 56.30 35.36
CA LEU A 455 -10.32 55.98 36.47
C LEU A 455 -11.08 55.33 37.65
N PHE A 456 -12.35 54.98 37.47
CA PHE A 456 -13.08 54.30 38.54
C PHE A 456 -13.99 53.25 37.94
N ARG A 457 -13.68 52.00 38.25
CA ARG A 457 -14.37 50.81 37.81
C ARG A 457 -14.55 49.86 39.00
N LYS A 458 -15.63 49.08 38.98
CA LYS A 458 -15.95 48.20 40.10
C LYS A 458 -15.16 46.90 40.08
N SER A 459 -14.76 46.41 38.91
CA SER A 459 -14.11 45.11 38.83
C SER A 459 -13.32 45.03 37.53
N ASN A 460 -12.25 44.24 37.55
CA ASN A 460 -11.34 44.19 36.41
C ASN A 460 -12.08 43.86 35.11
N LEU A 461 -11.42 44.19 34.00
CA LEU A 461 -12.01 44.09 32.68
C LEU A 461 -11.77 42.74 32.03
N LYS A 462 -12.76 42.29 31.27
CA LYS A 462 -12.62 41.20 30.31
C LYS A 462 -12.06 41.74 28.99
N PRO A 463 -11.26 40.93 28.28
CA PRO A 463 -10.63 41.42 27.05
C PRO A 463 -11.65 42.00 26.10
N PHE A 464 -11.39 43.23 25.64
CA PHE A 464 -12.28 43.94 24.72
C PHE A 464 -13.69 44.04 25.33
N GLU A 465 -13.77 44.66 26.50
CA GLU A 465 -15.07 44.85 27.14
C GLU A 465 -15.33 46.35 27.23
N ARG A 466 -16.07 46.85 26.24
CA ARG A 466 -16.50 48.23 26.22
C ARG A 466 -17.40 48.51 27.41
N ASP A 467 -16.99 49.44 28.26
CA ASP A 467 -17.72 49.73 29.49
C ASP A 467 -18.10 51.19 29.53
N ILE A 468 -18.44 51.73 28.36
CA ILE A 468 -18.92 53.10 28.29
C ILE A 468 -20.20 53.19 29.11
N SER A 469 -20.18 54.06 30.12
CA SER A 469 -21.30 54.21 31.03
C SER A 469 -21.30 55.60 31.60
N THR A 470 -22.48 56.04 32.04
CA THR A 470 -22.67 57.35 32.68
C THR A 470 -23.36 57.06 34.01
N GLU A 471 -22.56 56.81 35.04
CA GLU A 471 -23.00 56.46 36.38
C GLU A 471 -22.18 57.28 37.37
N ILE A 472 -22.41 57.04 38.65
CA ILE A 472 -21.71 57.72 39.74
C ILE A 472 -21.04 56.64 40.57
N TYR A 473 -19.73 56.46 40.38
CA TYR A 473 -18.95 55.62 41.29
C TYR A 473 -19.15 56.18 42.70
N GLN A 474 -19.45 55.32 43.66
CA GLN A 474 -19.80 55.84 44.97
C GLN A 474 -19.39 54.89 46.09
N ALA A 475 -19.55 55.39 47.32
CA ALA A 475 -19.25 54.66 48.54
C ALA A 475 -20.49 54.28 49.34
N GLY A 476 -21.36 55.24 49.61
CA GLY A 476 -22.55 55.02 50.43
C GLY A 476 -23.81 54.67 49.67
N ASN A 477 -24.95 55.06 50.25
CA ASN A 477 -26.24 54.69 49.69
C ASN A 477 -26.46 55.35 48.33
N LYS A 478 -26.52 56.67 48.30
CA LYS A 478 -27.02 57.40 47.14
C LYS A 478 -25.86 57.89 46.29
N PRO A 479 -26.09 58.15 45.01
CA PRO A 479 -25.11 58.86 44.18
C PRO A 479 -25.26 60.37 44.29
N CYS A 480 -24.30 61.07 43.67
CA CYS A 480 -24.10 62.51 43.83
C CYS A 480 -25.32 63.34 43.46
N ASN A 481 -26.37 62.74 42.86
CA ASN A 481 -27.57 63.52 42.57
C ASN A 481 -28.18 64.07 43.84
N GLY A 482 -27.99 63.38 44.97
CA GLY A 482 -28.53 63.84 46.23
C GLY A 482 -27.48 63.97 47.32
N VAL A 483 -26.24 63.58 47.05
CA VAL A 483 -25.18 63.69 48.05
C VAL A 483 -24.05 64.52 47.44
N ALA A 484 -23.18 65.04 48.31
CA ALA A 484 -22.04 65.83 47.88
C ALA A 484 -20.86 65.58 48.81
N GLY A 485 -19.67 65.61 48.24
CA GLY A 485 -18.44 65.37 48.97
C GLY A 485 -18.12 63.91 49.20
N VAL A 486 -18.84 63.25 50.13
CA VAL A 486 -18.63 61.84 50.38
C VAL A 486 -19.51 61.00 49.44
N ASN A 487 -18.91 59.95 48.88
CA ASN A 487 -19.59 58.96 48.04
C ASN A 487 -20.25 59.57 46.81
N CYS A 488 -19.79 60.72 46.32
CA CYS A 488 -20.35 61.25 45.08
C CYS A 488 -19.19 61.41 44.10
N TYR A 489 -18.77 60.31 43.50
CA TYR A 489 -17.61 60.32 42.62
C TYR A 489 -18.01 59.94 41.19
N PHE A 490 -17.32 60.54 40.22
CA PHE A 490 -17.66 60.33 38.81
C PHE A 490 -16.41 59.87 38.06
N PRO A 491 -16.44 58.67 37.50
CA PRO A 491 -15.21 58.03 37.00
C PRO A 491 -14.56 58.74 35.82
N LEU A 492 -15.31 59.53 35.06
CA LEU A 492 -14.81 60.17 33.84
C LEU A 492 -14.04 61.42 34.24
N GLN A 493 -12.72 61.35 34.24
CA GLN A 493 -11.89 62.53 34.49
C GLN A 493 -11.17 63.01 33.23
N SER A 494 -11.16 64.33 33.07
CA SER A 494 -10.51 64.98 31.94
C SER A 494 -8.99 64.81 32.07
N TYR A 495 -8.28 65.10 31.00
CA TYR A 495 -6.83 65.03 31.04
C TYR A 495 -6.18 66.36 31.35
N GLY A 496 -6.65 67.43 30.75
CA GLY A 496 -6.05 68.75 30.94
C GLY A 496 -4.78 68.87 30.15
N PHE A 497 -4.79 68.36 28.92
CA PHE A 497 -3.63 68.39 28.05
C PHE A 497 -3.34 69.83 27.61
N ARG A 498 -2.18 70.34 27.99
CA ARG A 498 -1.74 71.69 27.66
C ARG A 498 -0.24 71.64 27.48
N PRO A 499 0.36 72.62 26.81
CA PRO A 499 1.70 72.39 26.25
C PRO A 499 2.76 72.36 27.33
N THR A 500 2.53 73.03 28.47
CA THR A 500 3.53 73.01 29.54
C THR A 500 3.75 71.59 30.04
N TYR A 501 2.74 70.73 29.90
CA TYR A 501 2.87 69.32 30.26
C TYR A 501 4.09 68.73 29.58
N GLY A 502 4.82 67.89 30.32
CA GLY A 502 5.95 67.20 29.76
C GLY A 502 5.52 66.10 28.79
N VAL A 503 6.52 65.43 28.22
CA VAL A 503 6.25 64.38 27.24
C VAL A 503 5.32 63.32 27.82
N GLY A 504 5.63 62.83 29.02
CA GLY A 504 4.83 61.81 29.68
C GLY A 504 3.35 62.13 29.77
N HIS A 505 2.99 63.39 29.56
CA HIS A 505 1.60 63.83 29.67
C HIS A 505 1.10 64.48 28.40
N GLN A 506 1.72 64.17 27.29
CA GLN A 506 1.31 64.62 25.96
C GLN A 506 0.43 63.54 25.35
N PRO A 507 -0.73 63.90 24.80
CA PRO A 507 -1.67 62.87 24.32
C PRO A 507 -1.12 62.00 23.22
N TYR A 508 -0.89 60.72 23.54
CA TYR A 508 -0.49 59.76 22.53
C TYR A 508 -1.71 59.11 21.90
N ARG A 509 -1.79 59.18 20.58
CA ARG A 509 -2.83 58.49 19.84
C ARG A 509 -2.33 57.10 19.51
N VAL A 510 -3.12 56.09 19.81
CA VAL A 510 -2.69 54.71 19.69
C VAL A 510 -3.72 53.94 18.87
N VAL A 511 -3.24 53.01 18.05
CA VAL A 511 -4.05 52.20 17.16
C VAL A 511 -3.57 50.76 17.27
N VAL A 512 -4.52 49.86 17.52
CA VAL A 512 -4.20 48.45 17.76
C VAL A 512 -4.84 47.62 16.66
N LEU A 513 -4.07 46.71 16.06
CA LEU A 513 -4.54 45.86 14.99
C LEU A 513 -4.68 44.45 15.49
N SER A 514 -5.86 43.85 15.26
CA SER A 514 -6.15 42.49 15.69
C SER A 514 -6.65 41.70 14.49
N PHE A 515 -5.85 40.72 14.03
CA PHE A 515 -6.25 39.87 12.91
C PHE A 515 -6.92 38.62 13.47
N GLU A 516 -8.21 38.43 13.15
CA GLU A 516 -8.90 37.21 13.51
C GLU A 516 -8.74 36.21 12.37
N LEU A 517 -8.50 34.95 12.71
CA LEU A 517 -8.31 33.92 11.69
C LEU A 517 -9.24 32.72 11.73
N LEU A 518 -10.20 32.67 12.65
CA LEU A 518 -11.14 31.54 12.62
C LEU A 518 -11.81 31.50 11.26
N HIS A 519 -12.32 30.31 10.90
CA HIS A 519 -12.97 30.01 9.61
C HIS A 519 -12.62 31.10 8.62
N ALA A 520 -11.45 30.97 7.99
CA ALA A 520 -10.85 32.04 7.21
C ALA A 520 -10.81 31.88 5.69
N PRO A 521 -11.87 32.26 4.99
CA PRO A 521 -11.76 32.42 3.52
C PRO A 521 -11.01 33.74 3.33
N ALA A 522 -9.72 33.71 3.67
CA ALA A 522 -8.89 34.89 3.84
C ALA A 522 -8.98 35.85 2.68
N THR A 523 -9.37 37.09 3.01
CA THR A 523 -9.66 38.15 2.04
C THR A 523 -8.63 39.27 2.02
N VAL A 524 -7.52 39.14 2.75
CA VAL A 524 -6.55 40.22 2.87
C VAL A 524 -5.15 39.64 2.73
N CYS A 525 -4.65 39.65 1.50
CA CYS A 525 -3.33 39.12 1.19
C CYS A 525 -2.88 39.81 -0.09
N GLY A 526 -1.65 39.55 -0.51
CA GLY A 526 -1.16 40.12 -1.76
C GLY A 526 0.18 40.84 -1.76
N PRO A 527 1.24 40.18 -1.30
CA PRO A 527 2.56 40.81 -1.32
C PRO A 527 3.33 40.71 -2.63
N LYS A 528 2.95 39.83 -3.56
CA LYS A 528 3.70 39.59 -4.80
C LYS A 528 2.82 39.55 -6.03
N LYS A 529 3.00 40.52 -6.92
CA LYS A 529 2.22 40.66 -8.14
C LYS A 529 3.05 41.32 -9.25
N SER A 530 3.98 40.58 -9.89
CA SER A 530 4.75 41.27 -10.94
C SER A 530 5.33 40.28 -11.96
N THR A 531 6.34 40.77 -12.71
CA THR A 531 7.16 40.20 -13.80
C THR A 531 6.44 39.91 -15.10
N ASN A 532 6.62 40.80 -16.09
CA ASN A 532 6.03 40.67 -17.41
C ASN A 532 6.44 39.36 -18.06
N LEU A 533 5.50 38.73 -18.77
CA LEU A 533 5.78 37.45 -19.40
C LEU A 533 6.56 37.44 -20.70
N VAL A 534 7.62 36.60 -20.72
CA VAL A 534 8.40 36.23 -21.89
C VAL A 534 7.61 35.37 -22.88
N LYS A 535 7.79 35.60 -24.17
CA LYS A 535 7.05 34.82 -25.16
C LYS A 535 8.05 34.10 -26.08
N ASN A 536 7.59 32.98 -26.67
CA ASN A 536 8.36 32.19 -27.64
C ASN A 536 9.57 31.48 -27.06
N LYS A 537 9.64 31.23 -25.76
CA LYS A 537 10.78 30.52 -25.21
C LYS A 537 10.32 29.49 -24.21
N CYS A 538 11.01 28.35 -24.15
CA CYS A 538 10.65 27.35 -23.14
C CYS A 538 10.82 28.01 -21.77
N VAL A 539 9.72 28.23 -21.07
CA VAL A 539 9.69 29.02 -19.84
C VAL A 539 8.83 28.34 -18.80
N ASN A 540 9.23 28.46 -17.54
CA ASN A 540 8.36 28.01 -16.45
C ASN A 540 7.36 29.12 -16.14
N PHE A 541 6.06 28.81 -16.15
CA PHE A 541 5.06 29.84 -15.90
C PHE A 541 4.22 29.53 -14.68
N ASN A 542 3.73 30.61 -14.03
CA ASN A 542 2.82 30.50 -12.88
C ASN A 542 1.67 31.51 -12.99
N PHE A 543 0.57 31.12 -13.63
CA PHE A 543 -0.59 31.99 -13.89
C PHE A 543 -1.66 31.80 -12.81
N ASN A 544 -1.70 32.68 -11.81
CA ASN A 544 -2.76 32.63 -10.78
C ASN A 544 -2.90 31.27 -10.10
N GLY A 545 -1.83 30.52 -10.00
CA GLY A 545 -1.88 29.21 -9.39
C GLY A 545 -1.65 28.11 -10.38
N LEU A 546 -1.92 28.36 -11.66
CA LEU A 546 -1.74 27.38 -12.71
C LEU A 546 -0.26 27.32 -13.01
N THR A 547 0.35 26.19 -12.72
CA THR A 547 1.79 26.02 -12.89
C THR A 547 2.09 25.12 -14.08
N GLY A 548 3.08 25.51 -14.87
CA GLY A 548 3.42 24.66 -15.99
C GLY A 548 4.71 25.10 -16.64
N THR A 549 5.01 24.43 -17.75
CA THR A 549 6.21 24.67 -18.53
C THR A 549 5.80 24.73 -19.99
N GLY A 550 6.48 25.54 -20.78
CA GLY A 550 6.13 25.55 -22.18
C GLY A 550 6.49 26.85 -22.85
N VAL A 551 6.26 26.88 -24.14
CA VAL A 551 6.46 28.07 -24.95
C VAL A 551 5.11 28.73 -25.10
N LEU A 552 5.06 30.03 -24.91
CA LEU A 552 3.84 30.82 -24.98
C LEU A 552 3.76 31.52 -26.33
N THR A 553 2.61 31.45 -26.96
CA THR A 553 2.45 32.02 -28.28
C THR A 553 1.17 32.83 -28.33
N GLU A 554 1.14 33.87 -29.16
CA GLU A 554 -0.08 34.64 -29.29
C GLU A 554 -1.23 33.76 -29.76
N SER A 555 -2.34 33.84 -29.04
CA SER A 555 -3.53 33.04 -29.21
C SER A 555 -4.41 33.52 -30.36
N ASN A 556 -5.21 32.59 -30.87
CA ASN A 556 -6.17 32.87 -31.93
C ASN A 556 -7.59 32.43 -31.56
N LYS A 557 -7.85 32.09 -30.29
CA LYS A 557 -9.15 31.62 -29.85
C LYS A 557 -10.03 32.65 -29.16
N LYS A 558 -11.34 32.59 -29.44
CA LYS A 558 -12.30 33.55 -28.90
C LYS A 558 -12.78 33.00 -27.56
N PHE A 559 -12.14 33.40 -26.47
CA PHE A 559 -12.63 33.08 -25.13
C PHE A 559 -13.86 33.87 -24.74
N LEU A 560 -14.86 33.21 -24.17
CA LEU A 560 -15.99 33.98 -23.66
C LEU A 560 -15.56 34.67 -22.37
N PRO A 561 -16.15 35.82 -22.05
CA PRO A 561 -15.67 36.65 -20.94
C PRO A 561 -15.60 36.01 -19.57
N PHE A 562 -16.27 34.91 -19.31
CA PHE A 562 -16.19 34.30 -18.00
C PHE A 562 -15.18 33.17 -17.90
N GLN A 563 -14.47 32.85 -18.98
CA GLN A 563 -13.54 31.73 -19.03
C GLN A 563 -12.10 32.14 -18.77
N GLN A 564 -11.38 31.25 -18.10
CA GLN A 564 -10.00 31.45 -17.67
C GLN A 564 -9.00 30.40 -18.16
N PHE A 565 -9.45 29.26 -18.63
CA PHE A 565 -8.59 28.17 -19.07
C PHE A 565 -9.09 27.60 -20.36
N GLY A 566 -8.22 26.96 -21.07
CA GLY A 566 -8.61 26.24 -22.27
C GLY A 566 -7.92 24.90 -22.21
N ARG A 567 -8.62 23.88 -22.64
CA ARG A 567 -8.08 22.54 -22.57
C ARG A 567 -8.46 21.81 -23.83
N ASP A 568 -7.55 20.99 -24.35
CA ASP A 568 -7.93 20.10 -25.42
C ASP A 568 -8.42 18.79 -24.82
N ILE A 569 -8.58 17.75 -25.64
CA ILE A 569 -9.02 16.48 -25.10
C ILE A 569 -7.98 15.99 -24.10
N ALA A 570 -8.45 15.29 -23.07
CA ALA A 570 -7.60 14.70 -22.05
C ALA A 570 -6.93 15.74 -21.18
N ASP A 571 -7.65 16.81 -20.86
CA ASP A 571 -7.22 17.83 -19.90
C ASP A 571 -5.87 18.47 -20.21
N THR A 572 -5.40 18.49 -21.45
CA THR A 572 -4.14 19.14 -21.73
C THR A 572 -4.39 20.65 -21.75
N THR A 573 -3.79 21.41 -20.84
CA THR A 573 -4.05 22.84 -20.79
C THR A 573 -3.53 23.54 -22.03
N ASP A 574 -4.42 24.00 -22.90
CA ASP A 574 -4.05 24.64 -24.14
C ASP A 574 -3.97 26.18 -24.12
N ALA A 575 -4.66 26.87 -23.21
CA ALA A 575 -4.66 28.32 -23.28
C ALA A 575 -4.82 28.92 -21.90
N VAL A 576 -4.50 30.21 -21.77
CA VAL A 576 -4.56 30.87 -20.46
C VAL A 576 -4.80 32.36 -20.65
N ARG A 577 -5.48 32.98 -19.69
CA ARG A 577 -5.80 34.41 -19.65
C ARG A 577 -4.82 35.07 -18.69
N ASP A 578 -4.30 36.25 -19.05
CA ASP A 578 -3.37 36.94 -18.15
C ASP A 578 -4.06 37.48 -16.89
N PRO A 579 -3.47 37.28 -15.71
CA PRO A 579 -4.07 37.91 -14.54
C PRO A 579 -3.87 39.42 -14.48
N GLN A 580 -3.11 40.00 -15.42
CA GLN A 580 -2.86 41.43 -15.47
C GLN A 580 -3.62 42.12 -16.60
N THR A 581 -3.42 41.64 -17.81
CA THR A 581 -4.05 42.15 -19.02
C THR A 581 -5.16 41.27 -19.54
N LEU A 582 -5.37 40.11 -18.93
CA LEU A 582 -6.51 39.23 -19.20
C LEU A 582 -6.50 38.73 -20.64
N GLU A 583 -5.35 38.87 -21.30
CA GLU A 583 -5.14 38.39 -22.64
C GLU A 583 -4.84 36.91 -22.65
N ILE A 584 -5.38 36.21 -23.65
CA ILE A 584 -5.18 34.78 -23.82
C ILE A 584 -3.88 34.44 -24.56
N LEU A 585 -3.18 33.42 -24.04
CA LEU A 585 -1.90 32.95 -24.53
C LEU A 585 -2.00 31.44 -24.74
N ASP A 586 -1.36 30.95 -25.78
CA ASP A 586 -1.28 29.55 -26.14
C ASP A 586 -0.07 28.88 -25.52
N ILE A 587 -0.24 27.63 -25.09
CA ILE A 587 0.81 26.84 -24.46
C ILE A 587 1.18 25.68 -25.35
N THR A 588 2.47 25.54 -25.65
CA THR A 588 2.97 24.39 -26.39
C THR A 588 4.15 23.79 -25.63
N PRO A 589 4.20 22.48 -25.43
CA PRO A 589 5.32 21.89 -24.67
C PRO A 589 6.62 22.09 -25.41
N CYS A 590 7.65 22.54 -24.71
CA CYS A 590 8.91 22.74 -25.41
C CYS A 590 9.43 21.42 -25.98
N SER A 591 10.22 21.57 -27.04
CA SER A 591 10.70 20.48 -27.88
C SER A 591 11.42 19.37 -27.14
N PHE A 592 11.13 18.14 -27.54
CA PHE A 592 11.80 16.98 -27.01
C PHE A 592 11.72 15.91 -28.07
N GLY A 593 12.57 14.89 -27.95
CA GLY A 593 12.56 13.83 -28.93
C GLY A 593 13.73 12.91 -28.74
N GLY A 594 13.75 11.86 -29.54
CA GLY A 594 14.84 10.90 -29.51
C GLY A 594 15.96 11.24 -30.47
N VAL A 595 17.15 10.76 -30.17
CA VAL A 595 18.32 11.01 -30.99
C VAL A 595 18.89 9.66 -31.39
N SER A 596 19.26 9.51 -32.65
CA SER A 596 19.79 8.26 -33.18
C SER A 596 21.14 8.48 -33.82
N VAL A 597 21.97 7.46 -33.83
CA VAL A 597 23.31 7.53 -34.40
C VAL A 597 23.36 6.69 -35.66
N ILE A 598 23.84 7.26 -36.76
CA ILE A 598 24.03 6.57 -38.03
C ILE A 598 25.51 6.26 -38.18
N THR A 599 25.87 5.00 -38.37
CA THR A 599 27.27 4.62 -38.45
C THR A 599 27.56 3.67 -39.59
N PRO A 600 28.62 3.89 -40.37
CA PRO A 600 28.97 2.96 -41.44
C PRO A 600 29.71 1.71 -41.04
N GLY A 601 29.84 1.42 -39.76
CA GLY A 601 30.54 0.22 -39.34
C GLY A 601 31.84 0.61 -38.68
N THR A 602 32.13 0.00 -37.53
CA THR A 602 33.38 0.29 -36.86
C THR A 602 34.56 -0.04 -37.74
N ASN A 603 34.42 -1.07 -38.54
CA ASN A 603 35.54 -1.55 -39.33
C ASN A 603 35.74 -0.73 -40.59
N THR A 604 34.79 0.09 -40.99
CA THR A 604 35.10 0.98 -42.11
C THR A 604 35.74 2.28 -41.67
N SER A 605 35.14 2.98 -40.72
CA SER A 605 35.65 4.26 -40.25
C SER A 605 34.86 4.71 -39.05
N ASN A 606 35.44 5.61 -38.29
CA ASN A 606 34.79 6.14 -37.10
C ASN A 606 33.86 7.31 -37.37
N GLN A 607 33.76 7.83 -38.59
CA GLN A 607 32.83 8.92 -38.80
C GLN A 607 31.43 8.48 -38.45
N VAL A 608 30.59 9.43 -38.07
CA VAL A 608 29.25 9.13 -37.59
C VAL A 608 28.35 10.31 -37.92
N ALA A 609 27.08 10.04 -38.19
CA ALA A 609 26.08 11.10 -38.38
C ALA A 609 24.97 10.97 -37.37
N VAL A 610 24.37 12.07 -36.93
CA VAL A 610 23.39 12.05 -35.84
C VAL A 610 22.05 12.54 -36.36
N LEU A 611 20.98 11.84 -36.01
CA LEU A 611 19.61 12.19 -36.42
C LEU A 611 18.75 12.52 -35.21
N TYR A 612 18.35 13.78 -35.08
CA TYR A 612 17.40 14.17 -34.06
C TYR A 612 16.01 13.98 -34.61
N GLN A 613 15.26 13.04 -34.05
CA GLN A 613 14.06 12.62 -34.76
C GLN A 613 12.89 13.60 -34.77
N GLY A 614 12.29 13.84 -33.65
CA GLY A 614 11.11 14.68 -33.70
C GLY A 614 11.41 16.13 -33.42
N VAL A 615 12.24 16.84 -34.19
CA VAL A 615 12.57 18.21 -33.83
C VAL A 615 12.95 18.94 -35.08
N ASN A 616 12.88 20.24 -35.01
CA ASN A 616 13.38 21.12 -36.04
C ASN A 616 14.66 21.83 -35.64
N CYS A 617 15.59 21.87 -36.58
CA CYS A 617 16.93 22.46 -36.40
C CYS A 617 16.90 23.91 -36.01
N THR A 618 15.76 24.58 -36.14
CA THR A 618 15.79 25.96 -35.71
C THR A 618 16.02 26.01 -34.20
N GLU A 619 15.85 24.88 -33.51
CA GLU A 619 16.05 24.80 -32.07
C GLU A 619 16.87 23.59 -31.67
N VAL A 620 17.82 23.16 -32.47
CA VAL A 620 18.61 22.00 -32.12
C VAL A 620 19.48 22.21 -30.86
N ASN A 641 27.73 19.31 -41.63
CA ASN A 641 26.72 19.94 -42.45
C ASN A 641 25.38 19.71 -41.77
N VAL A 642 24.34 20.44 -42.12
CA VAL A 642 23.03 20.31 -41.47
C VAL A 642 21.94 20.10 -42.50
N PHE A 643 20.98 19.22 -42.21
CA PHE A 643 19.91 18.96 -43.16
C PHE A 643 18.59 18.69 -42.46
N GLN A 644 17.51 19.13 -43.08
CA GLN A 644 16.16 18.97 -42.57
C GLN A 644 15.47 17.90 -43.38
N THR A 645 14.74 17.01 -42.72
CA THR A 645 13.99 15.96 -43.40
C THR A 645 12.64 15.86 -42.73
N ARG A 646 11.71 15.18 -43.38
CA ARG A 646 10.43 14.99 -42.73
C ARG A 646 10.56 14.17 -41.48
N ALA A 647 11.64 13.43 -41.33
CA ALA A 647 11.85 12.68 -40.12
C ALA A 647 12.57 13.45 -39.02
N GLY A 648 13.19 14.59 -39.32
CA GLY A 648 13.87 15.45 -38.37
C GLY A 648 15.14 15.97 -38.98
N CYS A 649 15.97 16.66 -38.19
CA CYS A 649 17.25 17.12 -38.71
C CYS A 649 18.44 16.23 -38.41
N LEU A 650 19.14 15.95 -39.49
CA LEU A 650 20.28 15.06 -39.61
C LEU A 650 21.52 15.91 -39.73
N ILE A 651 22.51 15.62 -38.90
CA ILE A 651 23.75 16.38 -38.83
C ILE A 651 24.91 15.48 -39.18
N GLY A 652 25.80 15.98 -40.00
CA GLY A 652 26.94 15.22 -40.40
C GLY A 652 26.86 14.55 -41.75
N ALA A 653 25.77 14.72 -42.48
CA ALA A 653 25.69 14.09 -43.77
C ALA A 653 25.08 15.08 -44.76
N GLU A 654 25.60 15.11 -45.97
CA GLU A 654 25.15 16.03 -46.99
C GLU A 654 24.22 15.38 -47.98
N TYR A 655 23.18 16.09 -48.37
CA TYR A 655 22.19 15.59 -49.30
C TYR A 655 22.65 15.67 -50.75
N VAL A 656 22.60 14.53 -51.44
CA VAL A 656 22.97 14.39 -52.84
C VAL A 656 21.76 13.99 -53.66
N ASN A 657 21.71 14.45 -54.91
CA ASN A 657 20.58 14.20 -55.80
C ASN A 657 20.53 12.80 -56.39
N SER A 658 21.59 12.03 -56.32
CA SER A 658 21.57 10.70 -56.91
C SER A 658 20.73 9.75 -56.08
N SER A 659 20.03 8.85 -56.74
CA SER A 659 19.21 7.87 -56.06
C SER A 659 19.90 6.51 -56.15
N TYR A 660 19.94 5.80 -55.03
CA TYR A 660 20.63 4.53 -54.96
C TYR A 660 19.74 3.53 -54.25
N GLU A 661 20.15 2.27 -54.34
CA GLU A 661 19.54 1.17 -53.60
C GLU A 661 19.83 1.34 -52.13
N CYS A 662 18.79 1.39 -51.30
CA CYS A 662 18.98 1.84 -49.94
C CYS A 662 19.51 0.79 -48.99
N ASP A 663 20.39 1.24 -48.09
CA ASP A 663 21.01 0.39 -47.08
C ASP A 663 20.87 0.85 -45.64
N ILE A 664 20.87 2.13 -45.37
CA ILE A 664 20.62 2.58 -44.00
C ILE A 664 19.32 3.34 -44.06
N PRO A 665 18.19 2.77 -43.64
CA PRO A 665 16.93 3.49 -43.77
C PRO A 665 16.82 4.54 -42.68
N ILE A 666 16.64 5.78 -43.08
CA ILE A 666 16.42 6.85 -42.13
C ILE A 666 14.94 7.09 -41.94
N GLY A 667 14.16 7.18 -43.01
CA GLY A 667 12.72 7.34 -42.86
C GLY A 667 12.14 8.31 -43.85
N ALA A 668 10.87 8.13 -44.13
CA ALA A 668 10.17 9.02 -45.05
C ALA A 668 10.86 9.06 -46.40
N GLY A 669 11.30 7.91 -46.87
CA GLY A 669 11.95 7.82 -48.14
C GLY A 669 13.40 8.25 -48.18
N ILE A 670 14.01 8.63 -47.07
CA ILE A 670 15.40 9.07 -47.06
C ILE A 670 16.26 7.94 -46.55
N CYS A 671 17.48 7.81 -47.10
CA CYS A 671 18.41 6.77 -46.68
C CYS A 671 19.79 7.39 -46.54
N ALA A 672 20.78 6.60 -46.16
CA ALA A 672 22.15 7.11 -46.04
C ALA A 672 23.16 6.02 -46.33
N SER A 673 24.36 6.41 -46.76
CA SER A 673 25.41 5.42 -47.03
C SER A 673 26.77 6.09 -47.08
N TYR A 674 27.82 5.27 -47.04
CA TYR A 674 29.20 5.75 -47.13
C TYR A 674 29.59 6.03 -48.56
N GLN A 675 29.96 7.27 -48.85
CA GLN A 675 30.27 7.68 -50.22
C GLN A 675 31.46 6.94 -50.81
N THR A 676 32.64 7.12 -50.23
CA THR A 676 33.88 6.50 -50.70
C THR A 676 34.18 6.95 -52.12
N GLN A 690 34.58 8.61 -48.53
CA GLN A 690 35.22 9.57 -47.66
C GLN A 690 34.19 10.43 -46.92
N SER A 691 32.92 10.13 -47.12
CA SER A 691 31.87 10.91 -46.47
C SER A 691 30.61 10.08 -46.38
N ILE A 692 29.72 10.48 -45.49
CA ILE A 692 28.41 9.84 -45.36
C ILE A 692 27.40 10.72 -46.05
N ILE A 693 26.70 10.19 -47.04
CA ILE A 693 25.74 10.93 -47.85
C ILE A 693 24.35 10.43 -47.57
N ALA A 694 23.41 11.35 -47.44
CA ALA A 694 21.99 11.04 -47.34
C ALA A 694 21.34 11.32 -48.67
N TYR A 695 20.40 10.47 -49.09
CA TYR A 695 19.82 10.60 -50.43
C TYR A 695 18.45 9.96 -50.42
N THR A 696 17.65 10.26 -51.44
CA THR A 696 16.33 9.64 -51.58
C THR A 696 16.39 8.28 -52.25
N MET A 697 15.55 7.35 -51.81
CA MET A 697 15.57 5.99 -52.31
C MET A 697 15.17 5.88 -53.77
N SER A 698 15.75 4.89 -54.44
CA SER A 698 15.39 4.48 -55.79
C SER A 698 14.71 3.14 -55.77
N LEU A 699 13.53 3.05 -56.38
CA LEU A 699 12.75 1.83 -56.41
C LEU A 699 13.10 0.89 -57.55
N GLY A 700 14.30 0.97 -58.10
CA GLY A 700 14.72 0.11 -59.19
C GLY A 700 14.73 0.83 -60.54
N ALA A 701 15.23 0.12 -61.53
CA ALA A 701 15.33 0.64 -62.89
C ALA A 701 14.01 0.64 -63.63
N GLU A 702 13.87 1.54 -64.59
CA GLU A 702 12.66 1.61 -65.40
C GLU A 702 12.80 0.80 -66.67
N ASN A 703 11.85 -0.09 -66.89
CA ASN A 703 11.83 -0.99 -68.04
C ASN A 703 10.54 -0.76 -68.81
N SER A 704 10.62 -0.09 -69.95
CA SER A 704 9.44 0.19 -70.78
C SER A 704 9.25 -0.93 -71.79
N VAL A 705 8.59 -2.01 -71.36
CA VAL A 705 8.35 -3.14 -72.25
C VAL A 705 7.57 -2.67 -73.48
N ALA A 706 8.03 -3.09 -74.64
CA ALA A 706 7.42 -2.66 -75.91
C ALA A 706 6.12 -3.39 -76.16
N TYR A 707 5.01 -2.81 -75.77
CA TYR A 707 3.74 -3.43 -76.07
C TYR A 707 3.35 -3.12 -77.51
N SER A 708 2.61 -4.03 -78.13
CA SER A 708 2.13 -3.81 -79.49
C SER A 708 1.02 -4.80 -79.71
N ASN A 709 0.06 -4.45 -80.54
CA ASN A 709 -1.05 -5.37 -80.69
C ASN A 709 -0.75 -6.62 -81.50
N ASN A 710 0.41 -6.78 -82.09
CA ASN A 710 0.60 -8.01 -82.84
C ASN A 710 1.97 -8.61 -82.63
N SER A 711 2.73 -8.20 -81.62
CA SER A 711 4.08 -8.66 -81.38
C SER A 711 4.14 -9.54 -80.14
N ILE A 712 4.98 -10.56 -80.17
CA ILE A 712 5.20 -11.56 -79.12
C ILE A 712 6.68 -11.80 -78.92
N ALA A 713 7.10 -11.93 -77.69
CA ALA A 713 8.46 -12.30 -77.36
C ALA A 713 8.50 -13.70 -76.79
N ILE A 714 9.28 -14.59 -77.40
CA ILE A 714 9.35 -15.98 -76.93
C ILE A 714 10.78 -16.36 -76.57
N PRO A 715 11.00 -17.12 -75.49
CA PRO A 715 12.35 -17.49 -75.10
C PRO A 715 12.89 -18.63 -75.92
N THR A 716 14.16 -18.55 -76.26
CA THR A 716 14.82 -19.64 -76.95
C THR A 716 15.76 -20.46 -76.09
N ASN A 717 16.02 -20.10 -74.85
CA ASN A 717 16.92 -20.92 -74.06
C ASN A 717 16.47 -20.84 -72.62
N PHE A 718 17.11 -21.60 -71.75
CA PHE A 718 16.68 -21.62 -70.36
C PHE A 718 17.87 -21.75 -69.44
N THR A 719 17.61 -21.65 -68.15
CA THR A 719 18.63 -21.82 -67.14
C THR A 719 17.92 -22.26 -65.88
N ILE A 720 18.38 -23.33 -65.27
CA ILE A 720 17.73 -23.82 -64.06
C ILE A 720 18.57 -23.39 -62.89
N SER A 721 17.93 -22.77 -61.89
CA SER A 721 18.65 -22.25 -60.76
C SER A 721 18.18 -22.90 -59.47
N VAL A 722 18.94 -22.68 -58.40
CA VAL A 722 18.65 -23.22 -57.08
C VAL A 722 18.62 -22.10 -56.07
N THR A 723 17.55 -22.00 -55.31
CA THR A 723 17.37 -20.98 -54.31
C THR A 723 17.23 -21.60 -52.94
N THR A 724 17.89 -21.04 -51.96
CA THR A 724 17.88 -21.56 -50.60
C THR A 724 16.95 -20.74 -49.71
N GLU A 725 16.01 -21.40 -49.06
CA GLU A 725 15.08 -20.75 -48.14
C GLU A 725 15.19 -21.35 -46.75
N ILE A 726 15.33 -20.50 -45.72
CA ILE A 726 15.54 -20.94 -44.34
C ILE A 726 14.31 -20.64 -43.50
N LEU A 727 13.97 -21.57 -42.60
CA LEU A 727 12.80 -21.42 -41.75
C LEU A 727 13.00 -22.01 -40.37
N PRO A 728 12.73 -21.27 -39.30
CA PRO A 728 12.80 -21.84 -37.96
C PRO A 728 11.61 -22.72 -37.65
N VAL A 729 11.86 -23.79 -36.90
CA VAL A 729 10.86 -24.81 -36.58
C VAL A 729 10.54 -24.94 -35.10
N SER A 730 11.49 -24.66 -34.21
CA SER A 730 11.21 -24.90 -32.81
C SER A 730 12.13 -24.06 -31.97
N MET A 731 11.89 -24.03 -30.66
CA MET A 731 12.72 -23.27 -29.76
C MET A 731 13.08 -24.09 -28.54
N THR A 732 13.94 -23.52 -27.70
CA THR A 732 14.43 -24.23 -26.54
C THR A 732 13.31 -24.42 -25.51
N LYS A 733 13.17 -25.65 -25.03
CA LYS A 733 12.20 -25.95 -23.99
C LYS A 733 12.75 -25.55 -22.63
N THR A 734 11.98 -24.79 -21.88
CA THR A 734 12.42 -24.29 -20.59
C THR A 734 11.44 -24.71 -19.52
N SER A 735 11.95 -25.09 -18.36
CA SER A 735 11.12 -25.36 -17.19
C SER A 735 11.67 -24.55 -16.04
N VAL A 736 10.78 -24.08 -15.16
CA VAL A 736 11.17 -23.20 -14.08
C VAL A 736 10.64 -23.74 -12.76
N ASP A 737 11.45 -23.62 -11.72
CA ASP A 737 11.07 -23.95 -10.35
C ASP A 737 10.67 -22.70 -9.58
N CYS A 738 9.41 -22.63 -9.19
CA CYS A 738 8.86 -21.40 -8.63
C CYS A 738 9.59 -20.96 -7.37
N THR A 739 9.52 -21.77 -6.32
CA THR A 739 10.07 -21.35 -5.03
C THR A 739 11.56 -21.07 -5.11
N MET A 740 12.32 -21.90 -5.82
CA MET A 740 13.74 -21.63 -5.92
C MET A 740 13.97 -20.28 -6.55
N TYR A 741 13.33 -20.02 -7.68
CA TYR A 741 13.50 -18.71 -8.27
C TYR A 741 13.08 -17.61 -7.32
N ILE A 742 12.04 -17.83 -6.53
CA ILE A 742 11.56 -16.71 -5.71
C ILE A 742 12.57 -16.39 -4.62
N CYS A 743 12.80 -17.32 -3.70
CA CYS A 743 13.74 -17.01 -2.62
C CYS A 743 14.57 -18.19 -2.11
N GLY A 744 15.15 -18.97 -3.00
CA GLY A 744 16.20 -19.92 -2.67
C GLY A 744 16.19 -20.71 -1.39
N ASP A 745 15.10 -21.45 -1.14
CA ASP A 745 15.00 -22.38 -0.02
C ASP A 745 15.19 -21.68 1.33
N SER A 746 14.23 -20.81 1.62
CA SER A 746 14.10 -20.11 2.89
C SER A 746 12.76 -20.54 3.47
N THR A 747 12.76 -21.00 4.72
CA THR A 747 11.52 -21.51 5.30
C THR A 747 10.45 -20.44 5.41
N GLU A 748 10.82 -19.24 5.86
CA GLU A 748 9.83 -18.18 5.98
C GLU A 748 9.18 -17.88 4.63
N CYS A 749 9.91 -18.08 3.54
CA CYS A 749 9.32 -17.82 2.23
C CYS A 749 8.30 -18.86 1.83
N SER A 750 8.53 -20.12 2.15
CA SER A 750 7.53 -21.10 1.80
C SER A 750 6.30 -20.88 2.66
N ASN A 751 6.54 -20.58 3.94
CA ASN A 751 5.46 -20.29 4.86
C ASN A 751 4.64 -19.11 4.39
N LEU A 752 5.25 -18.16 3.70
CA LEU A 752 4.49 -17.02 3.25
C LEU A 752 3.86 -17.22 1.88
N LEU A 753 4.46 -18.01 1.01
CA LEU A 753 3.84 -18.20 -0.29
C LEU A 753 2.68 -19.17 -0.28
N LEU A 754 2.68 -20.15 0.63
CA LEU A 754 1.57 -21.09 0.61
C LEU A 754 0.22 -20.43 0.79
N GLN A 755 0.16 -19.22 1.32
CA GLN A 755 -1.10 -18.52 1.48
C GLN A 755 -1.42 -17.68 0.26
N TYR A 756 -0.54 -17.63 -0.71
CA TYR A 756 -0.64 -16.69 -1.82
C TYR A 756 -1.50 -17.19 -2.95
N GLY A 757 -1.75 -18.49 -3.02
CA GLY A 757 -2.68 -19.05 -3.96
C GLY A 757 -2.01 -20.00 -4.94
N SER A 758 -2.54 -20.03 -6.15
CA SER A 758 -2.12 -20.99 -7.15
C SER A 758 -1.40 -20.37 -8.33
N PHE A 759 -0.70 -19.26 -8.14
CA PHE A 759 0.05 -18.69 -9.25
C PHE A 759 1.08 -19.65 -9.79
N CYS A 760 1.81 -20.32 -8.90
CA CYS A 760 2.85 -21.20 -9.39
C CYS A 760 2.32 -22.38 -10.18
N THR A 761 1.19 -22.96 -9.78
CA THR A 761 0.64 -24.04 -10.58
C THR A 761 0.36 -23.58 -12.00
N GLN A 762 -0.28 -22.43 -12.14
CA GLN A 762 -0.56 -21.94 -13.49
C GLN A 762 0.71 -21.69 -14.28
N LEU A 763 1.73 -21.12 -13.66
CA LEU A 763 2.95 -20.86 -14.43
C LEU A 763 3.55 -22.16 -14.92
N LYS A 764 3.61 -23.15 -14.05
CA LYS A 764 4.17 -24.43 -14.43
C LYS A 764 3.37 -25.08 -15.54
N ARG A 765 2.05 -24.99 -15.46
CA ARG A 765 1.21 -25.55 -16.51
C ARG A 765 1.47 -24.90 -17.85
N ALA A 766 1.60 -23.56 -17.88
CA ALA A 766 1.85 -22.90 -19.15
C ALA A 766 3.17 -23.33 -19.78
N LEU A 767 4.21 -23.43 -18.97
CA LEU A 767 5.50 -23.80 -19.56
C LEU A 767 5.50 -25.23 -20.06
N THR A 768 4.86 -26.14 -19.33
CA THR A 768 4.76 -27.50 -19.84
C THR A 768 4.02 -27.56 -21.15
N GLY A 769 2.98 -26.76 -21.32
CA GLY A 769 2.31 -26.72 -22.60
C GLY A 769 3.21 -26.29 -23.72
N ILE A 770 4.04 -25.27 -23.48
CA ILE A 770 4.96 -24.84 -24.53
C ILE A 770 5.93 -25.95 -24.90
N ALA A 771 6.47 -26.65 -23.92
CA ALA A 771 7.43 -27.71 -24.24
C ALA A 771 6.83 -28.82 -25.09
N VAL A 772 5.68 -29.33 -24.69
CA VAL A 772 5.09 -30.39 -25.51
C VAL A 772 4.78 -29.88 -26.90
N GLU A 773 4.46 -28.61 -27.02
CA GLU A 773 4.19 -28.06 -28.33
C GLU A 773 5.42 -28.07 -29.21
N GLN A 774 6.58 -27.74 -28.65
CA GLN A 774 7.82 -27.75 -29.43
C GLN A 774 8.10 -29.13 -29.98
N ASP A 775 7.91 -30.13 -29.15
CA ASP A 775 8.13 -31.49 -29.61
C ASP A 775 7.20 -31.82 -30.77
N LYS A 776 5.94 -31.43 -30.66
CA LYS A 776 5.01 -31.68 -31.74
C LYS A 776 5.37 -30.97 -33.02
N ASN A 777 5.94 -29.77 -32.94
CA ASN A 777 6.33 -29.08 -34.17
C ASN A 777 7.37 -29.86 -34.94
N THR A 778 8.42 -30.28 -34.26
CA THR A 778 9.40 -31.09 -34.98
C THR A 778 8.81 -32.36 -35.57
N GLN A 779 7.96 -33.06 -34.81
CA GLN A 779 7.37 -34.29 -35.33
C GLN A 779 6.59 -34.02 -36.60
N GLU A 780 5.70 -33.05 -36.52
CA GLU A 780 4.84 -32.69 -37.63
C GLU A 780 5.60 -32.30 -38.87
N VAL A 781 6.75 -31.64 -38.74
CA VAL A 781 7.47 -31.22 -39.93
C VAL A 781 8.19 -32.38 -40.58
N PHE A 782 8.98 -33.12 -39.81
CA PHE A 782 9.92 -34.06 -40.40
C PHE A 782 9.37 -35.47 -40.55
N ALA A 783 8.61 -35.96 -39.58
CA ALA A 783 8.14 -37.34 -39.57
C ALA A 783 6.93 -37.53 -40.47
N GLN A 784 7.09 -37.16 -41.71
CA GLN A 784 6.02 -37.32 -42.68
C GLN A 784 6.07 -38.66 -43.40
N VAL A 785 7.26 -39.11 -43.69
CA VAL A 785 7.47 -40.38 -44.36
C VAL A 785 7.37 -41.52 -43.37
N LYS A 786 6.84 -42.64 -43.82
CA LYS A 786 6.66 -43.75 -42.89
C LYS A 786 7.83 -44.72 -42.85
N GLN A 787 8.46 -45.01 -43.98
CA GLN A 787 9.56 -45.96 -44.06
C GLN A 787 10.84 -45.26 -44.44
N ILE A 788 11.95 -45.66 -43.83
CA ILE A 788 13.25 -45.05 -44.09
C ILE A 788 13.80 -45.64 -45.38
N TYR A 789 13.70 -44.91 -46.49
CA TYR A 789 14.20 -45.38 -47.78
C TYR A 789 15.71 -45.22 -47.95
N LYS A 790 16.39 -46.28 -48.37
CA LYS A 790 17.83 -46.24 -48.56
C LYS A 790 18.17 -45.95 -50.02
N THR A 791 19.26 -45.27 -50.22
CA THR A 791 19.79 -44.94 -51.55
C THR A 791 20.55 -46.14 -52.11
N PRO A 792 20.39 -46.46 -53.40
CA PRO A 792 21.12 -47.60 -53.96
C PRO A 792 22.61 -47.32 -53.93
N PRO A 793 23.44 -48.37 -53.98
CA PRO A 793 24.89 -48.13 -53.89
C PRO A 793 25.50 -47.54 -55.15
N ILE A 794 25.13 -48.00 -56.34
CA ILE A 794 25.67 -47.42 -57.57
C ILE A 794 24.94 -46.10 -57.78
N LYS A 795 25.60 -45.01 -57.41
CA LYS A 795 25.00 -43.67 -57.43
C LYS A 795 25.15 -42.93 -58.76
N TYR A 796 24.63 -43.53 -59.83
CA TYR A 796 24.60 -42.85 -61.12
C TYR A 796 23.15 -42.61 -61.50
N PHE A 797 22.79 -41.33 -61.65
CA PHE A 797 21.41 -40.92 -61.92
C PHE A 797 21.32 -40.10 -63.18
N GLY A 798 22.05 -40.50 -64.21
CA GLY A 798 21.99 -39.84 -65.49
C GLY A 798 22.67 -38.50 -65.57
N GLY A 799 23.86 -38.40 -65.03
CA GLY A 799 24.62 -37.18 -65.06
C GLY A 799 24.39 -36.24 -63.90
N PHE A 800 23.27 -36.32 -63.21
CA PHE A 800 23.06 -35.40 -62.11
C PHE A 800 23.98 -35.79 -60.96
N ASN A 801 24.54 -34.81 -60.30
CA ASN A 801 25.52 -35.03 -59.23
C ASN A 801 24.99 -34.52 -57.90
N PHE A 802 24.40 -35.43 -57.12
CA PHE A 802 23.86 -35.12 -55.80
C PHE A 802 24.86 -35.27 -54.67
N SER A 803 26.15 -35.32 -54.93
CA SER A 803 27.10 -35.55 -53.85
C SER A 803 27.03 -34.50 -52.76
N GLN A 804 26.68 -33.27 -53.09
CA GLN A 804 26.67 -32.24 -52.06
C GLN A 804 25.51 -32.35 -51.11
N ILE A 805 24.45 -33.09 -51.42
CA ILE A 805 23.32 -33.16 -50.52
C ILE A 805 23.09 -34.54 -49.94
N LEU A 806 23.55 -35.61 -50.57
CA LEU A 806 23.30 -36.88 -49.96
C LEU A 806 24.22 -37.03 -48.75
N PRO A 807 23.82 -37.82 -47.76
CA PRO A 807 24.66 -37.94 -46.56
C PRO A 807 26.00 -38.57 -46.88
N ASP A 808 27.01 -38.08 -46.18
CA ASP A 808 28.38 -38.55 -46.36
C ASP A 808 28.63 -39.68 -45.38
N PRO A 809 28.81 -40.92 -45.83
CA PRO A 809 29.07 -42.02 -44.90
C PRO A 809 30.41 -41.93 -44.19
N SER A 810 31.35 -41.12 -44.68
CA SER A 810 32.67 -41.04 -44.07
C SER A 810 32.59 -40.47 -42.66
N LYS A 811 32.05 -39.27 -42.52
CA LYS A 811 31.98 -38.66 -41.21
C LYS A 811 31.04 -39.47 -40.33
N PRO A 812 31.30 -39.53 -39.03
CA PRO A 812 30.44 -40.35 -38.16
C PRO A 812 29.05 -39.78 -38.01
N SER A 813 28.89 -38.46 -38.05
CA SER A 813 27.56 -37.89 -37.91
C SER A 813 26.67 -38.17 -39.11
N LYS A 814 27.24 -38.58 -40.24
CA LYS A 814 26.48 -38.95 -41.43
C LYS A 814 25.64 -37.82 -41.99
N ARG A 815 26.14 -36.59 -41.91
CA ARG A 815 25.46 -35.45 -42.49
C ARG A 815 26.12 -35.10 -43.80
N SER A 816 25.32 -34.63 -44.76
CA SER A 816 25.87 -34.19 -46.01
C SER A 816 26.78 -33.00 -45.78
N PRO A 817 27.61 -32.62 -46.75
CA PRO A 817 28.43 -31.43 -46.53
C PRO A 817 27.65 -30.15 -46.33
N ILE A 818 26.55 -29.92 -47.05
CA ILE A 818 25.79 -28.70 -46.80
C ILE A 818 25.25 -28.73 -45.38
N GLU A 819 24.81 -29.90 -44.93
CA GLU A 819 24.28 -30.03 -43.57
C GLU A 819 25.37 -29.73 -42.55
N ASP A 820 26.60 -30.16 -42.83
CA ASP A 820 27.71 -29.83 -41.94
C ASP A 820 27.98 -28.35 -41.88
N LEU A 821 27.97 -27.69 -43.02
CA LEU A 821 28.17 -26.25 -43.04
C LEU A 821 27.10 -25.55 -42.23
N LEU A 822 25.86 -25.99 -42.35
CA LEU A 822 24.78 -25.38 -41.59
C LEU A 822 25.01 -25.57 -40.11
N PHE A 823 25.45 -26.75 -39.70
CA PHE A 823 25.64 -26.93 -38.26
C PHE A 823 26.78 -26.08 -37.74
N ASN A 824 27.79 -25.80 -38.57
CA ASN A 824 28.90 -24.99 -38.08
C ASN A 824 28.62 -23.51 -38.13
N LYS A 825 27.76 -23.06 -39.03
CA LYS A 825 27.54 -21.62 -39.16
C LYS A 825 26.85 -21.02 -37.96
N VAL A 826 26.02 -21.76 -37.26
CA VAL A 826 25.32 -21.17 -36.13
C VAL A 826 25.77 -21.85 -34.84
N THR A 827 26.06 -21.03 -33.85
CA THR A 827 26.50 -21.46 -32.53
C THR A 827 25.82 -20.60 -31.47
N LEU A 828 26.00 -21.01 -30.21
CA LEU A 828 25.41 -20.28 -29.10
C LEU A 828 26.08 -18.91 -28.90
N PHE A 855 22.54 -22.95 -12.19
CA PHE A 855 21.39 -22.11 -12.48
C PHE A 855 20.66 -21.69 -11.21
N ASN A 856 19.48 -21.10 -11.37
CA ASN A 856 18.71 -20.64 -10.20
C ASN A 856 17.24 -21.00 -10.35
N GLY A 857 16.92 -22.28 -10.53
CA GLY A 857 15.52 -22.70 -10.75
C GLY A 857 15.20 -22.72 -12.22
N LEU A 858 16.23 -22.60 -13.04
CA LEU A 858 16.06 -22.64 -14.51
C LEU A 858 16.38 -24.04 -15.00
N THR A 859 16.13 -24.32 -16.26
CA THR A 859 16.31 -25.69 -16.76
C THR A 859 16.30 -25.62 -18.27
N VAL A 860 16.66 -26.70 -18.94
CA VAL A 860 16.56 -26.72 -20.42
C VAL A 860 16.34 -28.18 -20.77
N LEU A 861 15.13 -28.66 -20.56
CA LEU A 861 14.79 -30.06 -20.86
C LEU A 861 15.34 -30.40 -22.24
N PRO A 862 15.82 -31.62 -22.48
CA PRO A 862 16.44 -31.93 -23.76
C PRO A 862 15.38 -32.11 -24.84
N PRO A 863 15.72 -32.08 -26.15
CA PRO A 863 14.73 -32.31 -27.19
C PRO A 863 14.43 -33.81 -27.30
N LEU A 864 13.34 -34.21 -27.96
CA LEU A 864 13.00 -35.66 -28.01
C LEU A 864 13.70 -36.30 -29.19
N LEU A 865 13.62 -35.71 -30.37
CA LEU A 865 14.38 -36.23 -31.50
C LEU A 865 15.78 -35.64 -31.50
N THR A 866 16.78 -36.49 -31.38
CA THR A 866 18.12 -35.95 -31.40
C THR A 866 18.47 -35.50 -32.80
N ASP A 867 19.57 -34.80 -32.95
CA ASP A 867 19.96 -34.34 -34.28
C ASP A 867 20.15 -35.50 -35.23
N GLU A 868 20.70 -36.60 -34.76
CA GLU A 868 20.91 -37.75 -35.63
C GLU A 868 19.61 -38.29 -36.18
N MET A 869 18.58 -38.39 -35.36
CA MET A 869 17.35 -38.95 -35.90
C MET A 869 16.72 -38.01 -36.90
N ILE A 870 16.82 -36.71 -36.70
CA ILE A 870 16.33 -35.76 -37.69
C ILE A 870 17.12 -35.84 -38.99
N ALA A 871 18.44 -35.98 -38.91
CA ALA A 871 19.22 -36.12 -40.14
C ALA A 871 18.84 -37.40 -40.85
N GLN A 872 18.54 -38.45 -40.11
CA GLN A 872 18.09 -39.69 -40.72
C GLN A 872 16.76 -39.52 -41.44
N TYR A 873 15.84 -38.78 -40.85
CA TYR A 873 14.59 -38.50 -41.53
C TYR A 873 14.81 -37.72 -42.82
N THR A 874 15.67 -36.72 -42.78
CA THR A 874 15.94 -35.95 -43.98
C THR A 874 16.52 -36.81 -45.07
N SER A 875 17.44 -37.68 -44.73
CA SER A 875 17.99 -38.55 -45.75
C SER A 875 16.93 -39.47 -46.31
N ALA A 876 15.99 -39.90 -45.49
CA ALA A 876 14.90 -40.73 -46.02
C ALA A 876 14.10 -39.98 -47.08
N LEU A 877 13.75 -38.73 -46.81
CA LEU A 877 13.02 -37.96 -47.80
C LEU A 877 13.83 -37.79 -49.08
N LEU A 878 15.12 -37.53 -48.97
CA LEU A 878 15.92 -37.38 -50.19
C LEU A 878 15.97 -38.67 -51.00
N ALA A 879 16.22 -39.81 -50.37
CA ALA A 879 16.27 -41.04 -51.15
C ALA A 879 14.95 -41.34 -51.79
N GLY A 880 13.87 -41.13 -51.06
CA GLY A 880 12.56 -41.36 -51.66
C GLY A 880 12.31 -40.48 -52.87
N THR A 881 12.55 -39.19 -52.74
CA THR A 881 12.27 -38.30 -53.86
C THR A 881 13.22 -38.52 -55.01
N ILE A 882 14.42 -39.04 -54.77
CA ILE A 882 15.36 -39.23 -55.87
C ILE A 882 15.01 -40.48 -56.63
N THR A 883 14.47 -41.50 -55.98
CA THR A 883 14.25 -42.75 -56.67
C THR A 883 12.82 -42.95 -57.11
N SER A 884 11.84 -42.23 -56.54
CA SER A 884 10.44 -42.49 -56.81
C SER A 884 9.57 -41.28 -57.09
N GLY A 885 10.09 -40.06 -57.09
CA GLY A 885 9.26 -38.90 -57.41
C GLY A 885 8.11 -38.56 -56.47
N TRP A 886 6.93 -38.30 -57.04
CA TRP A 886 5.73 -37.96 -56.27
C TRP A 886 5.17 -39.15 -55.57
N THR A 887 5.47 -40.33 -56.06
CA THR A 887 4.72 -41.50 -55.69
C THR A 887 4.85 -41.84 -54.23
N PHE A 888 5.99 -41.60 -53.63
CA PHE A 888 6.14 -42.01 -52.25
C PHE A 888 5.26 -41.25 -51.30
N GLY A 889 4.61 -40.19 -51.75
CA GLY A 889 3.75 -39.42 -50.88
C GLY A 889 2.30 -39.84 -50.95
N ALA A 890 1.94 -40.60 -51.97
CA ALA A 890 0.57 -41.05 -52.16
C ALA A 890 0.36 -42.50 -51.80
N GLY A 891 1.42 -43.25 -51.52
CA GLY A 891 1.30 -44.64 -51.17
C GLY A 891 2.60 -45.38 -51.34
N PRO A 892 2.56 -46.55 -51.96
CA PRO A 892 3.78 -47.34 -52.15
C PRO A 892 4.73 -46.67 -53.12
N ALA A 893 6.00 -46.58 -52.74
CA ALA A 893 6.99 -45.94 -53.60
C ALA A 893 7.26 -46.80 -54.82
N LEU A 894 6.99 -46.26 -56.01
CA LEU A 894 7.21 -46.92 -57.29
C LEU A 894 8.43 -46.28 -57.96
N GLN A 895 9.47 -47.06 -58.23
CA GLN A 895 10.70 -46.55 -58.81
C GLN A 895 10.59 -46.12 -60.26
N ILE A 896 11.31 -45.05 -60.60
CA ILE A 896 11.33 -44.52 -61.97
C ILE A 896 12.72 -43.92 -62.25
N PRO A 897 13.32 -44.16 -63.41
CA PRO A 897 14.62 -43.58 -63.74
C PRO A 897 14.62 -42.07 -63.61
N PHE A 898 15.70 -41.51 -63.09
CA PHE A 898 15.67 -40.08 -62.85
C PHE A 898 15.51 -39.20 -64.08
N PRO A 899 16.12 -39.44 -65.22
CA PRO A 899 15.78 -38.59 -66.37
C PRO A 899 14.33 -38.67 -66.75
N MET A 900 13.67 -39.82 -66.69
CA MET A 900 12.24 -39.81 -67.01
C MET A 900 11.44 -39.06 -65.99
N GLN A 901 11.89 -39.06 -64.74
CA GLN A 901 11.20 -38.28 -63.74
C GLN A 901 11.32 -36.81 -64.04
N MET A 902 12.50 -36.36 -64.40
CA MET A 902 12.58 -34.96 -64.78
C MET A 902 11.80 -34.65 -66.04
N ALA A 903 11.64 -35.59 -66.95
CA ALA A 903 10.80 -35.28 -68.08
C ALA A 903 9.37 -35.10 -67.65
N TYR A 904 8.89 -35.95 -66.76
CA TYR A 904 7.59 -35.72 -66.14
C TYR A 904 7.46 -34.29 -65.61
N ARG A 905 8.44 -33.82 -64.85
CA ARG A 905 8.31 -32.48 -64.28
C ARG A 905 8.35 -31.37 -65.33
N PHE A 906 9.20 -31.52 -66.34
CA PHE A 906 9.21 -30.56 -67.44
C PHE A 906 7.85 -30.48 -68.07
N ASN A 907 7.28 -31.62 -68.39
CA ASN A 907 5.91 -31.65 -68.86
C ASN A 907 4.98 -30.94 -67.91
N GLY A 908 5.19 -31.08 -66.63
CA GLY A 908 4.34 -30.40 -65.68
C GLY A 908 4.32 -28.90 -65.79
N ILE A 909 5.41 -28.29 -66.20
CA ILE A 909 5.42 -26.83 -66.35
C ILE A 909 5.14 -26.39 -67.79
N GLY A 910 4.54 -27.24 -68.59
CA GLY A 910 4.14 -26.84 -69.92
C GLY A 910 5.18 -26.85 -71.01
N VAL A 911 6.31 -27.53 -70.83
CA VAL A 911 7.33 -27.69 -71.85
C VAL A 911 7.35 -29.15 -72.22
N THR A 912 7.28 -29.47 -73.51
CA THR A 912 7.23 -30.85 -73.93
C THR A 912 8.52 -31.55 -73.59
N GLN A 913 8.42 -32.83 -73.28
CA GLN A 913 9.54 -33.63 -72.80
C GLN A 913 10.66 -33.84 -73.79
N ASN A 914 10.45 -33.72 -75.08
CA ASN A 914 11.59 -33.85 -75.97
C ASN A 914 12.63 -32.80 -75.69
N VAL A 915 12.23 -31.66 -75.16
CA VAL A 915 13.15 -30.60 -74.76
C VAL A 915 14.13 -31.09 -73.73
N LEU A 916 13.74 -32.00 -72.86
CA LEU A 916 14.71 -32.51 -71.90
C LEU A 916 15.65 -33.54 -72.50
N TYR A 917 15.15 -34.45 -73.34
CA TYR A 917 16.02 -35.48 -73.84
C TYR A 917 17.08 -34.98 -74.78
N GLU A 918 16.89 -33.83 -75.36
CA GLU A 918 17.88 -33.31 -76.28
C GLU A 918 18.89 -32.43 -75.61
N ASN A 919 18.68 -32.09 -74.35
CA ASN A 919 19.57 -31.22 -73.61
C ASN A 919 19.86 -31.83 -72.26
N GLN A 920 19.78 -33.16 -72.16
CA GLN A 920 20.08 -33.81 -70.91
C GLN A 920 21.47 -33.44 -70.39
N LYS A 921 22.47 -33.47 -71.26
CA LYS A 921 23.83 -33.15 -70.82
C LYS A 921 23.90 -31.73 -70.29
N LEU A 922 23.39 -30.78 -71.07
CA LEU A 922 23.44 -29.39 -70.67
C LEU A 922 22.69 -29.13 -69.38
N ILE A 923 21.53 -29.74 -69.23
CA ILE A 923 20.75 -29.53 -68.03
C ILE A 923 21.48 -30.07 -66.83
N ALA A 924 22.10 -31.23 -66.98
CA ALA A 924 22.83 -31.80 -65.86
C ALA A 924 23.98 -30.90 -65.47
N ASN A 925 24.68 -30.32 -66.45
CA ASN A 925 25.76 -29.40 -66.10
C ASN A 925 25.25 -28.16 -65.36
N GLN A 926 24.14 -27.59 -65.80
CA GLN A 926 23.65 -26.42 -65.10
C GLN A 926 23.24 -26.76 -63.68
N PHE A 927 22.59 -27.89 -63.50
CA PHE A 927 22.20 -28.27 -62.16
C PHE A 927 23.41 -28.50 -61.29
N ASN A 928 24.43 -29.15 -61.83
CA ASN A 928 25.63 -29.39 -61.03
C ASN A 928 26.28 -28.09 -60.62
N SER A 929 26.39 -27.14 -61.55
CA SER A 929 26.99 -25.87 -61.20
C SER A 929 26.19 -25.11 -60.14
N ALA A 930 24.86 -25.13 -60.23
CA ALA A 930 24.07 -24.42 -59.22
C ALA A 930 24.23 -25.03 -57.85
N ILE A 931 24.19 -26.35 -57.76
CA ILE A 931 24.36 -26.99 -56.47
C ILE A 931 25.74 -26.71 -55.92
N GLY A 932 26.74 -26.61 -56.79
CA GLY A 932 28.06 -26.31 -56.29
C GLY A 932 28.17 -24.89 -55.76
N LYS A 933 27.53 -23.93 -56.41
CA LYS A 933 27.62 -22.57 -55.91
C LYS A 933 26.80 -22.31 -54.67
N ILE A 934 25.82 -23.15 -54.35
CA ILE A 934 25.03 -22.91 -53.13
C ILE A 934 25.89 -22.91 -51.88
N GLN A 935 26.78 -23.87 -51.75
CA GLN A 935 27.56 -23.93 -50.52
C GLN A 935 28.48 -22.72 -50.40
N ASP A 936 29.14 -22.33 -51.49
CA ASP A 936 30.00 -21.15 -51.44
C ASP A 936 29.21 -19.91 -51.08
N SER A 937 28.01 -19.77 -51.64
CA SER A 937 27.18 -18.61 -51.33
C SER A 937 26.78 -18.59 -49.86
N LEU A 938 26.38 -19.74 -49.32
CA LEU A 938 26.01 -19.76 -47.91
C LEU A 938 27.21 -19.41 -47.05
N SER A 939 28.40 -19.81 -47.46
CA SER A 939 29.54 -19.54 -46.60
C SER A 939 30.00 -18.08 -46.68
N SER A 940 29.94 -17.47 -47.86
CA SER A 940 30.42 -16.09 -47.97
C SER A 940 29.39 -15.09 -47.47
N THR A 941 28.11 -15.43 -47.52
CA THR A 941 27.09 -14.51 -47.04
C THR A 941 27.23 -14.36 -45.53
N PRO A 942 27.26 -13.14 -45.02
CA PRO A 942 27.45 -12.95 -43.57
C PRO A 942 26.21 -13.20 -42.72
N SER A 943 25.03 -12.99 -43.29
CA SER A 943 23.80 -13.10 -42.51
C SER A 943 22.77 -13.93 -43.25
N ALA A 944 23.20 -15.08 -43.75
CA ALA A 944 22.27 -15.97 -44.43
C ALA A 944 21.35 -16.68 -43.45
N LEU A 945 21.85 -17.02 -42.26
CA LEU A 945 21.10 -17.72 -41.23
C LEU A 945 20.56 -16.77 -40.18
N GLY A 946 20.16 -15.57 -40.57
CA GLY A 946 19.72 -14.61 -39.57
C GLY A 946 18.58 -15.10 -38.72
N LYS A 947 17.64 -15.85 -39.30
CA LYS A 947 16.46 -16.24 -38.52
C LYS A 947 16.77 -17.22 -37.39
N LEU A 948 17.49 -18.29 -37.67
CA LEU A 948 17.79 -19.24 -36.61
C LEU A 948 18.63 -18.60 -35.51
N GLN A 949 19.63 -17.83 -35.89
CA GLN A 949 20.46 -17.14 -34.91
C GLN A 949 19.63 -16.18 -34.08
N ASP A 950 18.65 -15.55 -34.70
CA ASP A 950 17.81 -14.59 -34.01
C ASP A 950 16.94 -15.27 -32.97
N VAL A 951 16.43 -16.45 -33.29
CA VAL A 951 15.65 -17.18 -32.31
C VAL A 951 16.49 -17.49 -31.09
N VAL A 952 17.70 -17.99 -31.34
CA VAL A 952 18.57 -18.35 -30.22
C VAL A 952 18.89 -17.14 -29.35
N ASN A 953 19.22 -16.01 -29.96
CA ASN A 953 19.57 -14.84 -29.16
C ASN A 953 18.38 -14.32 -28.38
N HIS A 954 17.17 -14.35 -28.94
CA HIS A 954 16.04 -13.90 -28.16
C HIS A 954 15.84 -14.75 -26.93
N ASN A 955 15.89 -16.06 -27.09
CA ASN A 955 15.70 -16.90 -25.91
C ASN A 955 16.77 -16.62 -24.86
N ALA A 956 18.03 -16.52 -25.29
CA ALA A 956 19.10 -16.27 -24.33
C ALA A 956 18.90 -14.95 -23.61
N GLN A 957 18.52 -13.92 -24.34
CA GLN A 957 18.33 -12.61 -23.74
C GLN A 957 17.19 -12.61 -22.74
N ALA A 958 16.12 -13.34 -23.05
CA ALA A 958 15.01 -13.44 -22.09
C ALA A 958 15.49 -14.06 -20.79
N LEU A 959 16.20 -15.19 -20.88
CA LEU A 959 16.70 -15.78 -19.63
C LEU A 959 17.64 -14.86 -18.90
N ASN A 960 18.50 -14.15 -19.61
CA ASN A 960 19.45 -13.30 -18.93
C ASN A 960 18.71 -12.23 -18.14
N THR A 961 17.73 -11.58 -18.74
CA THR A 961 17.03 -10.56 -17.97
C THR A 961 16.26 -11.16 -16.81
N LEU A 962 15.72 -12.36 -16.97
CA LEU A 962 15.02 -12.98 -15.85
C LEU A 962 15.96 -13.23 -14.69
N VAL A 963 17.19 -13.64 -14.98
CA VAL A 963 18.14 -13.87 -13.91
C VAL A 963 18.58 -12.56 -13.28
N LYS A 964 18.72 -11.53 -14.11
CA LYS A 964 19.22 -10.26 -13.60
C LYS A 964 18.22 -9.56 -12.70
N GLN A 965 16.93 -9.71 -12.97
CA GLN A 965 15.94 -9.02 -12.15
C GLN A 965 15.90 -9.51 -10.71
N LEU A 966 16.69 -10.51 -10.31
CA LEU A 966 16.70 -10.90 -8.91
C LEU A 966 17.36 -9.88 -8.01
N SER A 967 18.24 -9.06 -8.57
CA SER A 967 18.98 -8.07 -7.82
C SER A 967 18.18 -6.84 -7.45
N SER A 968 17.12 -6.51 -8.18
CA SER A 968 16.38 -5.29 -7.86
C SER A 968 15.76 -5.38 -6.48
N LYS A 969 15.67 -4.23 -5.83
CA LYS A 969 15.08 -4.18 -4.51
C LYS A 969 13.58 -4.02 -4.51
N PHE A 970 12.99 -3.49 -5.58
CA PHE A 970 11.56 -3.28 -5.66
C PHE A 970 11.06 -2.40 -4.53
N GLY A 971 11.92 -1.60 -3.94
CA GLY A 971 11.48 -0.79 -2.83
C GLY A 971 11.86 -1.36 -1.48
N ALA A 972 12.26 -2.62 -1.43
CA ALA A 972 12.66 -3.22 -0.17
C ALA A 972 14.02 -2.68 0.26
N ILE A 973 14.30 -2.81 1.56
CA ILE A 973 15.53 -2.27 2.11
C ILE A 973 16.78 -3.00 1.63
N SER A 974 16.66 -4.19 1.07
CA SER A 974 17.82 -4.88 0.54
C SER A 974 17.37 -6.00 -0.38
N SER A 975 18.28 -6.42 -1.25
CA SER A 975 17.94 -7.41 -2.25
C SER A 975 18.21 -8.82 -1.78
N VAL A 976 19.20 -9.03 -0.90
CA VAL A 976 19.53 -10.39 -0.47
C VAL A 976 18.60 -10.74 0.68
N LEU A 977 18.09 -11.97 0.67
CA LEU A 977 17.09 -12.36 1.66
C LEU A 977 17.67 -12.44 3.06
N ASN A 978 18.95 -12.81 3.19
CA ASN A 978 19.55 -13.01 4.50
C ASN A 978 19.59 -11.73 5.31
N ASP A 979 20.05 -10.64 4.69
CA ASP A 979 20.10 -9.38 5.41
C ASP A 979 18.71 -8.92 5.83
N ILE A 980 17.73 -9.02 4.93
CA ILE A 980 16.38 -8.59 5.29
C ILE A 980 15.90 -9.36 6.51
N LEU A 981 16.14 -10.66 6.54
CA LEU A 981 15.67 -11.44 7.68
C LEU A 981 16.57 -11.34 8.90
N SER A 982 17.76 -10.77 8.76
CA SER A 982 18.69 -10.65 9.87
C SER A 982 18.52 -9.36 10.67
N ARG A 983 18.55 -8.21 10.00
CA ARG A 983 18.59 -6.91 10.66
C ARG A 983 17.21 -6.31 10.84
N LEU A 984 16.19 -7.13 11.06
CA LEU A 984 14.87 -6.60 11.34
C LEU A 984 14.05 -7.67 12.04
N ASP A 985 13.13 -7.22 12.88
CA ASP A 985 12.27 -8.12 13.62
C ASP A 985 11.26 -8.79 12.70
N PRO A 986 10.72 -9.93 13.11
CA PRO A 986 9.79 -10.69 12.25
C PRO A 986 8.55 -9.90 11.86
N PRO A 987 7.93 -9.14 12.78
CA PRO A 987 6.71 -8.41 12.37
C PRO A 987 6.95 -7.48 11.20
N GLU A 988 8.07 -6.75 11.21
CA GLU A 988 8.40 -5.88 10.09
C GLU A 988 9.05 -6.63 8.94
N ALA A 989 9.77 -7.72 9.24
CA ALA A 989 10.35 -8.51 8.16
C ALA A 989 9.27 -9.09 7.27
N GLU A 990 8.07 -9.33 7.78
CA GLU A 990 7.00 -9.81 6.91
C GLU A 990 6.69 -8.83 5.78
N VAL A 991 6.42 -7.58 6.12
CA VAL A 991 6.09 -6.63 5.07
C VAL A 991 7.31 -6.22 4.27
N GLN A 992 8.51 -6.37 4.82
CA GLN A 992 9.69 -6.11 3.99
C GLN A 992 10.05 -7.24 3.05
N ILE A 993 9.55 -8.46 3.30
CA ILE A 993 9.78 -9.56 2.38
C ILE A 993 8.67 -9.66 1.36
N ASP A 994 7.48 -9.16 1.70
CA ASP A 994 6.38 -9.10 0.74
C ASP A 994 6.78 -8.41 -0.56
N ARG A 995 7.51 -7.30 -0.48
CA ARG A 995 7.85 -6.59 -1.71
C ARG A 995 8.67 -7.44 -2.63
N LEU A 996 9.72 -8.07 -2.11
CA LEU A 996 10.54 -8.91 -2.99
C LEU A 996 9.70 -10.04 -3.58
N ILE A 997 8.89 -10.69 -2.76
CA ILE A 997 8.08 -11.77 -3.30
C ILE A 997 7.20 -11.27 -4.43
N THR A 998 6.43 -10.21 -4.21
CA THR A 998 5.51 -9.77 -5.25
C THR A 998 6.25 -9.31 -6.49
N GLY A 999 7.38 -8.64 -6.32
CA GLY A 999 8.12 -8.16 -7.48
C GLY A 999 8.68 -9.30 -8.32
N ARG A 1000 9.27 -10.30 -7.65
CA ARG A 1000 9.82 -11.40 -8.41
C ARG A 1000 8.72 -12.23 -9.05
N LEU A 1001 7.58 -12.33 -8.41
CA LEU A 1001 6.46 -13.04 -9.03
C LEU A 1001 6.00 -12.30 -10.28
N GLN A 1002 5.96 -10.98 -10.24
CA GLN A 1002 5.59 -10.25 -11.44
C GLN A 1002 6.61 -10.45 -12.54
N SER A 1003 7.88 -10.51 -12.19
CA SER A 1003 8.88 -10.74 -13.23
C SER A 1003 8.67 -12.07 -13.92
N LEU A 1004 8.44 -13.10 -13.12
CA LEU A 1004 8.23 -14.42 -13.68
C LEU A 1004 6.98 -14.47 -14.54
N GLN A 1005 5.95 -13.75 -14.14
CA GLN A 1005 4.72 -13.72 -14.92
C GLN A 1005 4.95 -13.07 -16.26
N THR A 1006 5.69 -11.97 -16.28
CA THR A 1006 6.00 -11.35 -17.55
C THR A 1006 6.77 -12.29 -18.46
N TYR A 1007 7.74 -13.00 -17.90
CA TYR A 1007 8.50 -13.91 -18.73
C TYR A 1007 7.61 -14.96 -19.36
N VAL A 1008 6.70 -15.54 -18.59
CA VAL A 1008 5.86 -16.59 -19.17
C VAL A 1008 4.94 -16.04 -20.24
N THR A 1009 4.43 -14.82 -20.07
CA THR A 1009 3.59 -14.28 -21.12
C THR A 1009 4.37 -14.04 -22.40
N GLN A 1010 5.56 -13.48 -22.28
CA GLN A 1010 6.38 -13.29 -23.46
C GLN A 1010 6.66 -14.61 -24.16
N GLN A 1011 6.92 -15.67 -23.39
CA GLN A 1011 7.18 -16.95 -24.03
C GLN A 1011 5.95 -17.49 -24.73
N LEU A 1012 4.77 -17.24 -24.21
CA LEU A 1012 3.59 -17.71 -24.92
C LEU A 1012 3.48 -17.01 -26.26
N ILE A 1013 3.71 -15.71 -26.30
CA ILE A 1013 3.63 -15.00 -27.58
C ILE A 1013 4.69 -15.51 -28.57
N ARG A 1014 5.95 -15.65 -28.15
CA ARG A 1014 6.93 -16.16 -29.10
C ARG A 1014 6.62 -17.58 -29.55
N ALA A 1015 6.05 -18.40 -28.68
CA ALA A 1015 5.73 -19.76 -29.07
C ALA A 1015 4.64 -19.77 -30.12
N ALA A 1016 3.69 -18.87 -30.02
CA ALA A 1016 2.70 -18.78 -31.09
C ALA A 1016 3.34 -18.40 -32.40
N GLU A 1017 4.27 -17.45 -32.38
CA GLU A 1017 4.95 -17.10 -33.63
C GLU A 1017 5.68 -18.29 -34.24
N ILE A 1018 6.43 -19.04 -33.43
CA ILE A 1018 7.16 -20.17 -33.97
C ILE A 1018 6.22 -21.26 -34.45
N ARG A 1019 5.08 -21.43 -33.81
CA ARG A 1019 4.13 -22.41 -34.30
C ARG A 1019 3.61 -22.03 -35.67
N ALA A 1020 3.33 -20.75 -35.89
CA ALA A 1020 2.95 -20.34 -37.24
C ALA A 1020 4.02 -20.71 -38.24
N SER A 1021 5.28 -20.41 -37.92
CA SER A 1021 6.37 -20.77 -38.83
C SER A 1021 6.48 -22.27 -39.06
N ALA A 1022 6.27 -23.09 -38.02
CA ALA A 1022 6.40 -24.54 -38.18
C ALA A 1022 5.29 -25.09 -39.04
N ASN A 1023 4.09 -24.56 -38.92
CA ASN A 1023 3.02 -24.95 -39.84
C ASN A 1023 3.38 -24.62 -41.26
N LEU A 1024 3.94 -23.45 -41.50
CA LEU A 1024 4.36 -23.14 -42.86
C LEU A 1024 5.42 -24.12 -43.36
N ALA A 1025 6.36 -24.50 -42.52
CA ALA A 1025 7.37 -25.45 -42.97
C ALA A 1025 6.75 -26.78 -43.31
N ALA A 1026 5.79 -27.23 -42.52
CA ALA A 1026 5.17 -28.50 -42.83
C ALA A 1026 4.44 -28.44 -44.15
N THR A 1027 3.71 -27.35 -44.41
CA THR A 1027 3.07 -27.17 -45.71
C THR A 1027 4.08 -27.17 -46.85
N LYS A 1028 5.21 -26.50 -46.68
CA LYS A 1028 6.19 -26.50 -47.76
C LYS A 1028 6.74 -27.89 -48.00
N MET A 1029 7.08 -28.61 -46.94
CA MET A 1029 7.48 -30.00 -47.11
C MET A 1029 6.46 -30.79 -47.91
N SER A 1030 5.24 -30.86 -47.45
CA SER A 1030 4.26 -31.67 -48.15
C SER A 1030 4.13 -31.24 -49.60
N GLU A 1031 4.00 -29.96 -49.86
CA GLU A 1031 3.63 -29.51 -51.20
C GLU A 1031 4.81 -29.39 -52.15
N CYS A 1032 5.98 -28.95 -51.71
CA CYS A 1032 7.07 -28.79 -52.65
C CYS A 1032 7.93 -30.03 -52.76
N VAL A 1033 8.21 -30.72 -51.66
CA VAL A 1033 9.11 -31.88 -51.73
C VAL A 1033 8.37 -33.12 -52.20
N LEU A 1034 7.28 -33.46 -51.55
CA LEU A 1034 6.53 -34.66 -51.89
C LEU A 1034 5.66 -34.51 -53.10
N GLY A 1035 5.81 -33.45 -53.87
CA GLY A 1035 5.02 -33.27 -55.06
C GLY A 1035 5.54 -32.10 -55.84
N GLN A 1036 4.73 -31.54 -56.71
CA GLN A 1036 5.15 -30.39 -57.49
C GLN A 1036 4.04 -29.37 -57.39
N SER A 1037 4.36 -28.14 -57.07
CA SER A 1037 3.33 -27.16 -56.82
C SER A 1037 3.22 -26.19 -57.96
N LYS A 1038 1.99 -25.90 -58.36
CA LYS A 1038 1.73 -24.87 -59.33
C LYS A 1038 1.46 -23.53 -58.68
N ARG A 1039 1.48 -23.46 -57.37
CA ARG A 1039 1.25 -22.18 -56.72
C ARG A 1039 2.40 -21.28 -57.05
N VAL A 1040 2.10 -20.07 -57.47
CA VAL A 1040 3.13 -19.19 -57.98
C VAL A 1040 4.00 -18.63 -56.88
N ASP A 1041 5.30 -18.82 -57.02
CA ASP A 1041 6.26 -18.18 -56.14
C ASP A 1041 6.06 -18.57 -54.69
N PHE A 1042 5.74 -19.82 -54.48
CA PHE A 1042 5.66 -20.44 -53.18
C PHE A 1042 6.95 -21.20 -52.92
N CYS A 1043 7.26 -22.12 -53.81
CA CYS A 1043 8.49 -22.87 -53.75
C CYS A 1043 9.58 -22.24 -54.63
N GLY A 1044 9.95 -21.00 -54.35
CA GLY A 1044 11.01 -20.32 -55.09
C GLY A 1044 10.53 -19.51 -56.28
N LYS A 1045 11.38 -18.58 -56.73
CA LYS A 1045 11.05 -17.70 -57.85
C LYS A 1045 11.31 -18.38 -59.19
N GLY A 1046 10.27 -18.52 -59.99
CA GLY A 1046 10.35 -19.18 -61.26
C GLY A 1046 9.45 -20.40 -61.28
N TYR A 1047 9.39 -21.05 -62.42
CA TYR A 1047 8.61 -22.27 -62.58
C TYR A 1047 9.24 -23.40 -61.79
N HIS A 1048 8.54 -23.94 -60.81
CA HIS A 1048 9.11 -24.90 -59.88
C HIS A 1048 9.28 -26.27 -60.52
N LEU A 1049 10.46 -26.88 -60.35
CA LEU A 1049 10.72 -28.26 -60.75
C LEU A 1049 10.67 -29.24 -59.59
N MET A 1050 11.49 -29.05 -58.55
CA MET A 1050 11.51 -29.90 -57.36
C MET A 1050 12.21 -29.17 -56.23
N SER A 1051 12.28 -29.78 -55.04
CA SER A 1051 12.93 -29.11 -53.92
C SER A 1051 13.53 -30.14 -53.00
N PHE A 1052 14.65 -29.80 -52.37
CA PHE A 1052 15.34 -30.75 -51.47
C PHE A 1052 15.45 -30.23 -50.05
N PRO A 1053 15.12 -30.99 -49.03
CA PRO A 1053 15.24 -30.50 -47.66
C PRO A 1053 16.60 -30.74 -47.04
N GLN A 1054 17.02 -29.85 -46.15
CA GLN A 1054 18.26 -30.04 -45.43
C GLN A 1054 18.05 -29.64 -43.97
N SER A 1055 18.50 -30.44 -43.02
CA SER A 1055 18.31 -30.12 -41.63
C SER A 1055 19.20 -28.97 -41.19
N ALA A 1056 18.77 -28.23 -40.18
CA ALA A 1056 19.49 -27.13 -39.55
C ALA A 1056 19.26 -27.25 -38.06
N PRO A 1057 20.06 -26.59 -37.23
CA PRO A 1057 19.89 -26.75 -35.78
C PRO A 1057 18.49 -26.51 -35.25
N HIS A 1058 17.75 -25.57 -35.76
CA HIS A 1058 16.41 -25.36 -35.21
C HIS A 1058 15.42 -25.10 -36.31
N GLY A 1059 15.68 -25.57 -37.50
CA GLY A 1059 14.78 -25.34 -38.59
C GLY A 1059 15.18 -26.17 -39.77
N VAL A 1060 14.62 -25.82 -40.91
CA VAL A 1060 14.89 -26.51 -42.16
C VAL A 1060 15.40 -25.53 -43.18
N VAL A 1061 16.14 -26.04 -44.14
CA VAL A 1061 16.70 -25.27 -45.24
C VAL A 1061 16.29 -25.95 -46.54
N PHE A 1062 15.38 -25.36 -47.28
CA PHE A 1062 14.89 -25.92 -48.53
C PHE A 1062 15.70 -25.42 -49.71
N LEU A 1063 16.16 -26.33 -50.55
CA LEU A 1063 16.88 -26.02 -51.79
C LEU A 1063 15.95 -26.12 -53.00
N HIS A 1064 15.17 -25.09 -53.25
CA HIS A 1064 14.23 -25.10 -54.36
C HIS A 1064 14.92 -25.06 -55.71
N VAL A 1065 14.62 -26.00 -56.61
CA VAL A 1065 15.12 -26.00 -57.97
C VAL A 1065 14.06 -25.46 -58.93
N THR A 1066 14.34 -24.35 -59.58
CA THR A 1066 13.41 -23.63 -60.44
C THR A 1066 13.96 -23.50 -61.84
N TYR A 1067 13.07 -23.44 -62.82
CA TYR A 1067 13.37 -23.26 -64.23
C TYR A 1067 13.08 -21.84 -64.66
N VAL A 1068 14.06 -21.13 -65.24
CA VAL A 1068 13.91 -19.73 -65.60
C VAL A 1068 14.24 -19.54 -67.08
N PRO A 1069 13.35 -18.98 -67.89
CA PRO A 1069 13.64 -18.72 -69.29
C PRO A 1069 14.67 -17.64 -69.54
N ALA A 1070 15.19 -17.61 -70.77
CA ALA A 1070 16.17 -16.60 -71.14
C ALA A 1070 16.33 -16.58 -72.65
N GLN A 1071 17.04 -15.54 -73.13
CA GLN A 1071 17.32 -15.32 -74.56
C GLN A 1071 16.06 -15.21 -75.41
N GLU A 1072 15.21 -14.27 -75.07
CA GLU A 1072 13.96 -14.10 -75.78
C GLU A 1072 14.18 -13.44 -77.14
N LYS A 1073 13.13 -13.49 -77.97
CA LYS A 1073 13.20 -12.98 -79.32
C LYS A 1073 11.84 -12.43 -79.76
N ASN A 1074 11.86 -11.41 -80.63
CA ASN A 1074 10.64 -10.79 -81.15
C ASN A 1074 10.03 -11.63 -82.25
N PHE A 1075 8.71 -11.60 -82.32
CA PHE A 1075 7.98 -12.30 -83.36
C PHE A 1075 6.68 -11.56 -83.58
N THR A 1076 6.08 -11.75 -84.75
CA THR A 1076 4.76 -11.23 -85.05
C THR A 1076 3.79 -12.37 -85.03
N THR A 1077 2.60 -12.18 -84.45
CA THR A 1077 1.66 -13.28 -84.27
C THR A 1077 0.25 -12.88 -84.64
N ALA A 1078 -0.60 -13.88 -84.80
CA ALA A 1078 -1.99 -13.62 -85.11
C ALA A 1078 -2.89 -14.60 -84.38
N PRO A 1079 -4.11 -14.21 -84.04
CA PRO A 1079 -4.97 -15.09 -83.29
C PRO A 1079 -5.53 -16.25 -84.08
N ALA A 1080 -5.60 -16.20 -85.39
CA ALA A 1080 -6.20 -17.30 -86.12
C ALA A 1080 -5.73 -17.26 -87.56
N ILE A 1081 -5.87 -18.38 -88.25
CA ILE A 1081 -5.55 -18.49 -89.67
C ILE A 1081 -6.85 -18.73 -90.42
N CYS A 1082 -7.03 -18.06 -91.54
CA CYS A 1082 -8.24 -18.23 -92.32
C CYS A 1082 -7.86 -19.02 -93.56
N HIS A 1083 -8.43 -20.20 -93.70
CA HIS A 1083 -8.16 -21.03 -94.85
C HIS A 1083 -9.46 -21.66 -95.30
N ASP A 1084 -9.72 -21.63 -96.60
CA ASP A 1084 -10.95 -22.16 -97.15
C ASP A 1084 -12.14 -21.45 -96.55
N GLY A 1085 -11.93 -20.23 -96.09
CA GLY A 1085 -13.01 -19.45 -95.55
C GLY A 1085 -13.34 -19.74 -94.10
N LYS A 1086 -12.68 -20.71 -93.47
CA LYS A 1086 -12.94 -21.03 -92.08
C LYS A 1086 -11.70 -20.78 -91.24
N ALA A 1087 -11.92 -20.41 -89.99
CA ALA A 1087 -10.85 -20.03 -89.08
C ALA A 1087 -10.26 -21.22 -88.34
N HIS A 1088 -8.94 -21.21 -88.21
CA HIS A 1088 -8.17 -22.21 -87.49
C HIS A 1088 -7.52 -21.60 -86.27
N PHE A 1089 -7.54 -22.33 -85.16
CA PHE A 1089 -6.92 -21.94 -83.92
C PHE A 1089 -5.96 -23.03 -83.49
N PRO A 1090 -4.93 -22.74 -82.73
CA PRO A 1090 -3.96 -23.76 -82.37
C PRO A 1090 -4.42 -24.60 -81.20
N ARG A 1091 -4.21 -25.90 -81.28
CA ARG A 1091 -4.53 -26.77 -80.16
C ARG A 1091 -3.68 -26.42 -78.95
N GLU A 1092 -2.38 -26.28 -79.14
CA GLU A 1092 -1.53 -25.83 -78.05
C GLU A 1092 -0.45 -24.95 -78.64
N GLY A 1093 -0.25 -23.78 -78.08
CA GLY A 1093 0.78 -22.91 -78.56
C GLY A 1093 0.25 -21.67 -79.24
N VAL A 1094 1.13 -21.03 -80.00
CA VAL A 1094 0.84 -19.75 -80.63
C VAL A 1094 1.35 -19.75 -82.05
N PHE A 1095 0.64 -19.04 -82.91
CA PHE A 1095 1.06 -18.79 -84.27
C PHE A 1095 2.12 -17.70 -84.34
N VAL A 1096 3.34 -18.05 -84.74
CA VAL A 1096 4.47 -17.14 -84.77
C VAL A 1096 4.92 -17.02 -86.22
N SER A 1097 5.14 -15.80 -86.70
CA SER A 1097 5.65 -15.58 -88.04
C SER A 1097 7.05 -15.01 -87.98
N ASN A 1098 7.95 -15.51 -88.82
CA ASN A 1098 9.32 -15.04 -88.79
C ASN A 1098 9.64 -14.06 -89.91
N GLY A 1099 8.64 -13.33 -90.36
CA GLY A 1099 8.84 -12.32 -91.37
C GLY A 1099 8.13 -12.70 -92.65
N THR A 1100 8.19 -13.96 -93.02
CA THR A 1100 7.55 -14.40 -94.25
C THR A 1100 6.78 -15.68 -94.11
N HIS A 1101 7.05 -16.49 -93.10
CA HIS A 1101 6.36 -17.76 -92.96
C HIS A 1101 5.78 -17.88 -91.57
N TRP A 1102 4.68 -18.61 -91.49
CA TRP A 1102 3.96 -18.82 -90.27
C TRP A 1102 4.20 -20.21 -89.72
N PHE A 1103 4.27 -20.31 -88.40
CA PHE A 1103 4.53 -21.55 -87.71
C PHE A 1103 3.70 -21.60 -86.45
N VAL A 1104 3.64 -22.78 -85.86
CA VAL A 1104 3.05 -23.01 -84.55
C VAL A 1104 4.17 -23.33 -83.59
N THR A 1105 4.10 -22.80 -82.39
CA THR A 1105 5.17 -23.07 -81.46
C THR A 1105 4.63 -23.12 -80.06
N GLN A 1106 5.13 -24.03 -79.24
CA GLN A 1106 4.69 -24.08 -77.86
C GLN A 1106 5.06 -22.77 -77.21
N ARG A 1107 4.33 -22.40 -76.17
CA ARG A 1107 4.45 -21.05 -75.67
C ARG A 1107 5.79 -20.78 -75.00
N ASN A 1108 6.32 -21.71 -74.22
CA ASN A 1108 7.49 -21.43 -73.39
C ASN A 1108 8.84 -21.77 -74.02
N PHE A 1109 8.91 -22.11 -75.29
CA PHE A 1109 10.22 -22.40 -75.83
C PHE A 1109 10.13 -22.41 -77.35
N TYR A 1110 10.99 -21.70 -78.04
CA TYR A 1110 10.86 -21.62 -79.48
C TYR A 1110 11.16 -22.95 -80.15
N GLU A 1111 10.15 -23.56 -80.76
CA GLU A 1111 10.32 -24.81 -81.51
C GLU A 1111 9.28 -24.84 -82.62
N PRO A 1112 9.55 -24.17 -83.72
CA PRO A 1112 8.54 -24.00 -84.78
C PRO A 1112 8.21 -25.31 -85.46
N GLN A 1113 6.94 -25.45 -85.82
CA GLN A 1113 6.42 -26.61 -86.52
C GLN A 1113 5.60 -26.13 -87.70
N ILE A 1114 5.45 -26.98 -88.72
CA ILE A 1114 4.59 -26.66 -89.86
C ILE A 1114 3.13 -26.67 -89.44
N ILE A 1115 2.38 -25.69 -89.93
CA ILE A 1115 0.95 -25.63 -89.62
C ILE A 1115 0.22 -26.71 -90.38
N THR A 1116 -0.39 -27.65 -89.67
CA THR A 1116 -1.07 -28.76 -90.32
C THR A 1116 -2.42 -28.95 -89.67
N THR A 1117 -3.23 -29.80 -90.25
CA THR A 1117 -4.50 -30.10 -89.65
C THR A 1117 -4.36 -30.85 -88.34
N ASP A 1118 -3.18 -31.37 -88.00
CA ASP A 1118 -3.03 -32.13 -86.77
C ASP A 1118 -2.92 -31.24 -85.55
N ASN A 1119 -2.28 -30.08 -85.67
CA ASN A 1119 -2.05 -29.19 -84.55
C ASN A 1119 -2.96 -27.97 -84.55
N THR A 1120 -4.08 -27.98 -85.25
CA THR A 1120 -5.01 -26.86 -85.23
C THR A 1120 -6.42 -27.40 -85.30
N PHE A 1121 -7.39 -26.63 -84.82
CA PHE A 1121 -8.78 -27.04 -84.89
C PHE A 1121 -9.61 -25.89 -85.44
N VAL A 1122 -10.72 -26.23 -86.05
CA VAL A 1122 -11.53 -25.28 -86.80
C VAL A 1122 -12.75 -24.87 -86.00
N SER A 1123 -13.19 -23.63 -86.20
CA SER A 1123 -14.44 -23.18 -85.58
C SER A 1123 -15.02 -22.02 -86.39
N GLY A 1124 -16.05 -22.30 -87.18
CA GLY A 1124 -16.79 -21.27 -87.88
C GLY A 1124 -16.03 -20.49 -88.94
N ASN A 1125 -16.76 -19.62 -89.66
CA ASN A 1125 -16.20 -18.80 -90.71
C ASN A 1125 -15.30 -17.71 -90.17
N CYS A 1126 -14.52 -17.10 -91.06
CA CYS A 1126 -13.41 -16.24 -90.69
C CYS A 1126 -13.75 -14.77 -90.80
N ASP A 1127 -14.99 -14.38 -90.54
CA ASP A 1127 -15.31 -12.98 -90.50
C ASP A 1127 -15.64 -12.44 -89.12
N VAL A 1128 -15.77 -13.30 -88.12
CA VAL A 1128 -16.10 -12.81 -86.80
C VAL A 1128 -14.85 -12.45 -86.00
N VAL A 1129 -13.76 -13.15 -86.19
CA VAL A 1129 -12.54 -12.90 -85.43
C VAL A 1129 -11.85 -11.66 -85.95
N ILE A 1130 -11.32 -10.85 -85.04
CA ILE A 1130 -10.60 -9.63 -85.37
C ILE A 1130 -9.11 -9.94 -85.38
N GLY A 1131 -8.39 -9.40 -86.35
CA GLY A 1131 -6.97 -9.66 -86.50
C GLY A 1131 -6.59 -10.96 -87.15
N ILE A 1132 -7.52 -11.59 -87.86
CA ILE A 1132 -7.27 -12.85 -88.53
C ILE A 1132 -6.38 -12.63 -89.74
N VAL A 1133 -5.56 -13.62 -90.07
CA VAL A 1133 -4.66 -13.53 -91.21
C VAL A 1133 -4.92 -14.72 -92.10
N ASN A 1134 -4.26 -14.74 -93.25
CA ASN A 1134 -4.49 -15.77 -94.24
C ASN A 1134 -3.23 -16.60 -94.40
N ASN A 1135 -3.39 -17.91 -94.54
CA ASN A 1135 -2.22 -18.73 -94.83
C ASN A 1135 -2.67 -20.15 -95.13
N THR A 1136 -1.77 -20.90 -95.76
CA THR A 1136 -2.01 -22.28 -96.14
C THR A 1136 -1.86 -23.22 -94.95
N VAL A 1137 -2.84 -24.06 -94.72
CA VAL A 1137 -2.80 -25.08 -93.66
C VAL A 1137 -2.72 -26.44 -94.32
N TYR A 1138 -1.52 -27.00 -94.47
CA TYR A 1138 -1.40 -28.24 -95.21
C TYR A 1138 -2.11 -29.40 -94.55
N ASP A 1139 -2.66 -30.27 -95.38
CA ASP A 1139 -3.35 -31.48 -94.96
C ASP A 1139 -2.53 -32.70 -95.32
N PRO A 1140 -2.11 -33.48 -94.34
CA PRO A 1140 -1.24 -34.62 -94.62
C PRO A 1140 -1.85 -35.71 -95.48
N LEU A 1141 -3.18 -35.75 -95.66
CA LEU A 1141 -3.76 -36.80 -96.45
C LEU A 1141 -3.55 -36.64 -97.95
N GLN A 1142 -3.39 -35.42 -98.46
CA GLN A 1142 -3.22 -35.30 -99.91
C GLN A 1142 -1.90 -35.87 -100.42
N PRO A 1143 -0.73 -35.47 -99.92
CA PRO A 1143 0.51 -36.07 -100.44
C PRO A 1143 0.58 -37.58 -100.30
N GLU A 1144 -0.01 -38.16 -99.25
CA GLU A 1144 0.04 -39.61 -99.17
C GLU A 1144 -0.86 -40.23 -100.22
N LEU A 1145 -2.05 -39.65 -100.37
CA LEU A 1145 -3.04 -40.08 -101.35
C LEU A 1145 -3.36 -41.56 -101.22
N ASP A 1146 -3.72 -41.98 -100.02
CA ASP A 1146 -4.06 -43.39 -99.83
C ASP A 1146 -5.44 -43.67 -100.38
N ALA B 27 -49.90 24.00 -8.03
CA ALA B 27 -49.99 23.44 -9.37
C ALA B 27 -48.71 22.72 -9.75
N TYR B 28 -48.57 22.34 -11.01
CA TYR B 28 -47.37 21.64 -11.47
C TYR B 28 -47.12 21.91 -12.95
N THR B 29 -45.85 21.81 -13.36
CA THR B 29 -45.58 21.94 -14.78
C THR B 29 -44.19 21.38 -15.07
N ASN B 30 -44.09 20.52 -16.07
CA ASN B 30 -42.80 19.92 -16.39
C ASN B 30 -41.86 20.95 -16.97
N SER B 31 -40.63 20.93 -16.50
CA SER B 31 -39.59 21.79 -17.02
C SER B 31 -38.96 21.03 -18.15
N PHE B 32 -38.90 21.64 -19.31
CA PHE B 32 -38.34 20.97 -20.46
C PHE B 32 -36.83 20.99 -20.31
N THR B 33 -36.09 20.88 -21.38
CA THR B 33 -34.64 20.84 -21.27
C THR B 33 -34.09 22.22 -20.97
N ARG B 34 -34.17 22.61 -19.70
CA ARG B 34 -33.77 23.93 -19.23
C ARG B 34 -32.96 23.75 -17.98
N GLY B 35 -32.36 24.83 -17.50
CA GLY B 35 -31.63 24.79 -16.25
C GLY B 35 -30.17 24.40 -16.32
N VAL B 36 -29.66 23.98 -17.47
CA VAL B 36 -28.26 23.63 -17.57
C VAL B 36 -27.40 24.89 -17.53
N TYR B 37 -26.23 24.78 -16.92
CA TYR B 37 -25.35 25.93 -16.74
C TYR B 37 -23.90 25.51 -16.92
N TYR B 38 -23.05 26.47 -17.19
CA TYR B 38 -21.63 26.19 -17.35
C TYR B 38 -21.03 25.82 -16.02
N PRO B 39 -20.56 24.64 -15.84
CA PRO B 39 -20.17 24.22 -14.49
C PRO B 39 -18.75 24.59 -14.10
N ASP B 40 -17.81 24.81 -15.05
CA ASP B 40 -16.41 24.91 -14.65
C ASP B 40 -15.63 26.12 -15.19
N LYS B 41 -16.26 27.06 -15.87
CA LYS B 41 -15.58 28.25 -16.40
C LYS B 41 -14.27 27.90 -17.10
N VAL B 42 -14.25 26.74 -17.77
CA VAL B 42 -13.11 26.27 -18.55
C VAL B 42 -13.55 26.17 -19.99
N PHE B 43 -12.76 26.72 -20.88
CA PHE B 43 -13.11 26.75 -22.29
C PHE B 43 -12.86 25.40 -22.95
N ARG B 44 -13.79 24.97 -23.78
CA ARG B 44 -13.65 23.76 -24.57
C ARG B 44 -14.32 24.01 -25.91
N SER B 45 -13.75 23.50 -26.98
CA SER B 45 -14.23 23.80 -28.31
C SER B 45 -14.54 22.54 -29.08
N SER B 46 -15.73 22.47 -29.66
CA SER B 46 -16.16 21.39 -30.53
C SER B 46 -15.84 20.02 -29.94
N VAL B 47 -16.35 19.75 -28.74
CA VAL B 47 -16.13 18.50 -28.04
C VAL B 47 -17.30 18.23 -27.10
N LEU B 48 -17.48 16.97 -26.76
CA LEU B 48 -18.48 16.54 -25.81
C LEU B 48 -17.82 16.22 -24.50
N HIS B 49 -18.46 16.59 -23.41
CA HIS B 49 -17.89 16.38 -22.09
C HIS B 49 -18.94 15.85 -21.15
N SER B 50 -18.60 14.87 -20.33
CA SER B 50 -19.56 14.32 -19.36
C SER B 50 -19.16 14.76 -17.97
N THR B 51 -20.12 15.30 -17.22
CA THR B 51 -19.85 15.83 -15.89
C THR B 51 -20.92 15.37 -14.92
N GLN B 52 -20.50 15.01 -13.71
CA GLN B 52 -21.43 14.65 -12.65
C GLN B 52 -21.54 15.83 -11.70
N ASP B 53 -22.67 16.50 -11.70
CA ASP B 53 -22.85 17.67 -10.85
C ASP B 53 -24.33 17.85 -10.59
N LEU B 54 -24.68 18.86 -9.80
CA LEU B 54 -26.07 19.10 -9.44
C LEU B 54 -26.75 19.87 -10.54
N PHE B 55 -27.57 19.18 -11.32
CA PHE B 55 -28.33 19.73 -12.43
C PHE B 55 -29.82 19.58 -12.18
N LEU B 56 -30.61 20.20 -13.06
CA LEU B 56 -32.06 20.07 -13.02
C LEU B 56 -32.49 18.93 -13.91
N PRO B 57 -32.99 17.83 -13.37
CA PRO B 57 -33.37 16.69 -14.20
C PRO B 57 -34.36 17.07 -15.28
N PHE B 58 -34.16 16.54 -16.48
CA PHE B 58 -35.06 16.90 -17.56
C PHE B 58 -36.44 16.32 -17.35
N PHE B 59 -37.42 17.03 -17.89
CA PHE B 59 -38.81 16.61 -17.87
C PHE B 59 -39.36 16.37 -16.48
N SER B 60 -38.81 17.01 -15.47
CA SER B 60 -39.39 16.85 -14.15
C SER B 60 -40.35 18.00 -13.93
N ASN B 61 -41.41 17.76 -13.17
CA ASN B 61 -42.37 18.81 -12.91
C ASN B 61 -41.85 19.74 -11.82
N VAL B 62 -42.21 21.01 -11.92
CA VAL B 62 -41.77 22.04 -10.98
C VAL B 62 -42.97 22.83 -10.49
N THR B 63 -42.89 23.21 -9.21
CA THR B 63 -43.93 23.96 -8.52
C THR B 63 -44.09 25.35 -9.10
N TRP B 64 -45.32 25.81 -9.14
CA TRP B 64 -45.68 27.07 -9.76
C TRP B 64 -46.40 27.91 -8.72
N PHE B 65 -46.02 29.17 -8.57
CA PHE B 65 -46.70 30.04 -7.62
C PHE B 65 -46.99 31.34 -8.33
N HIS B 66 -47.99 32.08 -7.83
CA HIS B 66 -48.35 33.31 -8.51
C HIS B 66 -48.06 34.55 -7.68
N ALA B 67 -47.78 35.62 -8.41
CA ALA B 67 -47.38 36.89 -7.84
C ALA B 67 -48.47 37.93 -7.97
N ILE B 68 -49.62 37.69 -7.37
CA ILE B 68 -50.64 38.74 -7.36
C ILE B 68 -50.63 39.24 -5.92
N HIS B 69 -51.06 38.37 -5.01
CA HIS B 69 -51.03 38.58 -3.57
C HIS B 69 -51.19 37.22 -2.92
N VAL B 70 -50.57 37.09 -1.75
CA VAL B 70 -50.63 35.92 -0.86
C VAL B 70 -51.14 34.64 -1.51
N ASP B 80 -46.94 36.74 2.89
CA ASP B 80 -47.34 36.82 1.49
C ASP B 80 -46.77 35.64 0.69
N ASN B 81 -45.53 35.24 0.96
CA ASN B 81 -44.88 34.18 0.22
C ASN B 81 -44.52 33.07 1.18
N PRO B 82 -44.81 31.82 0.83
CA PRO B 82 -44.53 30.71 1.74
C PRO B 82 -43.06 30.33 1.78
N VAL B 83 -42.64 29.73 2.89
CA VAL B 83 -41.24 29.35 2.98
C VAL B 83 -41.11 28.00 2.25
N LEU B 84 -40.02 27.84 1.51
CA LEU B 84 -39.68 26.66 0.75
C LEU B 84 -38.32 26.14 1.18
N PRO B 85 -38.13 24.85 1.39
CA PRO B 85 -36.84 24.41 1.90
C PRO B 85 -35.78 24.54 0.81
N PHE B 86 -34.54 24.68 1.24
CA PHE B 86 -33.38 24.74 0.36
C PHE B 86 -32.64 23.42 0.42
N ASN B 87 -33.19 22.44 -0.29
CA ASN B 87 -32.65 21.09 -0.16
C ASN B 87 -31.20 21.07 -0.61
N ASP B 88 -30.96 21.36 -1.90
CA ASP B 88 -29.61 21.33 -2.45
C ASP B 88 -29.32 22.43 -3.45
N GLY B 89 -30.30 23.19 -3.90
CA GLY B 89 -30.05 24.14 -4.95
C GLY B 89 -31.36 24.41 -5.62
N VAL B 90 -31.62 25.65 -6.00
CA VAL B 90 -32.93 26.00 -6.50
C VAL B 90 -32.83 26.59 -7.89
N TYR B 91 -33.76 26.20 -8.74
CA TYR B 91 -33.83 26.76 -10.09
C TYR B 91 -35.08 27.63 -10.05
N PHE B 92 -34.88 28.93 -10.06
CA PHE B 92 -35.93 29.92 -9.89
C PHE B 92 -36.15 30.58 -11.23
N ALA B 93 -37.28 30.31 -11.90
CA ALA B 93 -37.55 31.03 -13.13
C ALA B 93 -38.74 31.94 -13.01
N SER B 94 -38.69 33.10 -13.66
CA SER B 94 -39.81 34.03 -13.58
C SER B 94 -39.97 34.84 -14.85
N THR B 95 -41.18 34.89 -15.38
CA THR B 95 -41.48 35.75 -16.52
C THR B 95 -42.40 36.88 -16.07
N GLU B 96 -41.86 38.10 -16.01
CA GLU B 96 -42.60 39.24 -15.50
C GLU B 96 -42.10 40.48 -16.22
N LYS B 97 -42.89 41.57 -16.15
CA LYS B 97 -42.52 42.80 -16.83
C LYS B 97 -42.77 44.05 -15.98
N SER B 98 -42.78 43.93 -14.66
CA SER B 98 -43.03 45.10 -13.83
C SER B 98 -42.11 45.22 -12.62
N ASN B 99 -41.04 44.42 -12.54
CA ASN B 99 -40.12 44.47 -11.40
C ASN B 99 -40.86 44.28 -10.07
N ILE B 100 -41.76 43.30 -10.06
CA ILE B 100 -42.54 43.03 -8.87
C ILE B 100 -41.76 42.19 -7.88
N ILE B 101 -40.90 41.32 -8.40
CA ILE B 101 -40.01 40.47 -7.62
C ILE B 101 -38.61 41.06 -7.60
N ARG B 102 -38.07 41.29 -6.40
CA ARG B 102 -36.86 42.07 -6.32
C ARG B 102 -35.73 41.45 -5.51
N GLY B 103 -35.93 40.30 -4.88
CA GLY B 103 -34.84 39.76 -4.10
C GLY B 103 -35.21 38.48 -3.41
N TRP B 104 -34.27 38.00 -2.61
CA TRP B 104 -34.45 36.76 -1.88
C TRP B 104 -33.82 36.90 -0.51
N ILE B 105 -34.14 35.95 0.35
CA ILE B 105 -33.54 35.86 1.69
C ILE B 105 -33.36 34.39 2.01
N PHE B 106 -32.19 34.05 2.50
CA PHE B 106 -31.93 32.64 2.81
C PHE B 106 -31.46 32.55 4.24
N GLY B 107 -31.40 31.34 4.74
CA GLY B 107 -30.91 31.10 6.08
C GLY B 107 -31.62 29.91 6.70
N THR B 108 -31.19 29.57 7.91
CA THR B 108 -31.79 28.51 8.68
C THR B 108 -32.98 28.97 9.52
N THR B 109 -33.19 30.29 9.66
CA THR B 109 -34.32 30.83 10.41
C THR B 109 -34.43 32.31 10.12
N LEU B 110 -35.64 32.83 10.26
CA LEU B 110 -35.94 34.24 10.02
C LEU B 110 -35.57 35.15 11.18
N ASP B 111 -35.24 34.59 12.35
CA ASP B 111 -34.91 35.43 13.49
C ASP B 111 -33.47 35.91 13.38
N SER B 112 -33.12 36.87 14.25
CA SER B 112 -31.79 37.44 14.25
C SER B 112 -30.80 36.56 14.97
N LYS B 113 -31.22 35.36 15.37
CA LYS B 113 -30.31 34.46 16.07
C LYS B 113 -29.20 33.95 15.16
N THR B 114 -29.27 34.18 13.86
CA THR B 114 -28.25 33.69 12.93
C THR B 114 -28.09 34.68 11.78
N GLN B 115 -26.91 34.65 11.17
CA GLN B 115 -26.55 35.58 10.11
C GLN B 115 -27.28 35.15 8.84
N SER B 116 -28.55 35.49 8.76
CA SER B 116 -29.30 35.20 7.55
C SER B 116 -28.76 36.02 6.38
N LEU B 117 -29.29 35.76 5.19
CA LEU B 117 -28.76 36.38 3.99
C LEU B 117 -29.85 37.14 3.29
N LEU B 118 -29.44 38.21 2.61
CA LEU B 118 -30.31 39.09 1.86
C LEU B 118 -29.72 39.44 0.52
N ILE B 119 -30.58 39.41 -0.51
CA ILE B 119 -30.21 39.84 -1.85
C ILE B 119 -31.33 40.74 -2.35
N VAL B 120 -31.01 42.00 -2.65
CA VAL B 120 -32.02 42.98 -3.02
C VAL B 120 -31.61 43.69 -4.29
N ASN B 121 -32.44 43.60 -5.31
CA ASN B 121 -32.20 44.30 -6.55
C ASN B 121 -32.84 45.68 -6.45
N ASN B 122 -32.56 46.52 -7.44
CA ASN B 122 -33.09 47.88 -7.46
C ASN B 122 -32.91 48.42 -8.87
N ALA B 123 -33.48 49.60 -9.10
CA ALA B 123 -33.35 50.22 -10.41
C ALA B 123 -31.92 50.65 -10.70
N THR B 124 -31.11 50.85 -9.66
CA THR B 124 -29.75 51.31 -9.83
C THR B 124 -28.71 50.21 -9.63
N ASN B 125 -28.89 49.32 -8.65
CA ASN B 125 -27.87 48.34 -8.34
C ASN B 125 -28.45 47.30 -7.40
N VAL B 126 -27.71 46.21 -7.23
CA VAL B 126 -28.04 45.18 -6.26
C VAL B 126 -27.21 45.41 -5.02
N VAL B 127 -27.82 45.13 -3.88
CA VAL B 127 -27.20 45.17 -2.56
C VAL B 127 -27.34 43.79 -1.92
N ILE B 128 -26.22 43.14 -1.69
CA ILE B 128 -26.18 41.82 -1.07
C ILE B 128 -25.58 41.97 0.31
N LYS B 129 -26.24 41.38 1.31
CA LYS B 129 -25.82 41.57 2.69
C LYS B 129 -26.05 40.29 3.49
N VAL B 130 -25.19 40.08 4.48
CA VAL B 130 -25.37 39.01 5.47
C VAL B 130 -25.17 39.65 6.85
N CYS B 131 -26.28 40.04 7.48
CA CYS B 131 -26.17 40.87 8.67
C CYS B 131 -27.09 40.42 9.81
N GLU B 132 -27.71 39.24 9.72
CA GLU B 132 -28.54 38.70 10.79
C GLU B 132 -29.68 39.62 11.17
N PHE B 133 -30.22 40.33 10.20
CA PHE B 133 -31.32 41.25 10.47
C PHE B 133 -32.58 40.43 10.72
N GLN B 134 -33.21 40.64 11.86
CA GLN B 134 -34.44 39.89 12.16
C GLN B 134 -35.55 40.41 11.27
N PHE B 135 -36.28 39.47 10.70
CA PHE B 135 -37.39 39.75 9.81
C PHE B 135 -38.70 39.57 10.54
N CYS B 136 -39.77 40.03 9.89
CA CYS B 136 -41.08 39.89 10.48
C CYS B 136 -41.59 38.48 10.25
N ASN B 137 -42.82 38.21 10.70
CA ASN B 137 -43.38 36.89 10.50
C ASN B 137 -43.43 36.54 9.02
N ASP B 138 -43.54 37.54 8.15
CA ASP B 138 -43.51 37.34 6.72
C ASP B 138 -42.58 38.39 6.14
N PRO B 139 -41.91 38.07 5.03
CA PRO B 139 -41.06 39.08 4.41
C PRO B 139 -41.93 40.24 3.95
N PHE B 140 -41.48 41.45 4.25
CA PHE B 140 -42.25 42.62 3.87
C PHE B 140 -42.38 42.71 2.36
N LEU B 141 -43.53 43.19 1.89
CA LEU B 141 -43.78 43.33 0.47
C LEU B 141 -43.61 44.81 0.16
N ASP B 142 -42.54 45.13 -0.57
CA ASP B 142 -42.23 46.51 -0.93
C ASP B 142 -43.28 47.20 -1.78
N PHE B 157 -42.21 52.01 1.87
CA PHE B 157 -42.22 50.56 1.91
C PHE B 157 -40.92 50.00 1.37
N ARG B 158 -39.79 50.61 1.76
CA ARG B 158 -38.50 50.17 1.26
C ARG B 158 -37.72 49.24 2.18
N VAL B 159 -37.96 49.24 3.49
CA VAL B 159 -37.21 48.35 4.39
C VAL B 159 -38.08 47.99 5.58
N TYR B 160 -37.86 46.77 6.09
CA TYR B 160 -38.55 46.32 7.31
C TYR B 160 -37.69 45.22 7.95
N SER B 161 -36.95 45.57 9.01
CA SER B 161 -36.11 44.58 9.66
C SER B 161 -35.59 45.15 10.99
N SER B 162 -35.11 44.24 11.82
CA SER B 162 -34.57 44.55 13.15
C SER B 162 -33.08 44.90 13.02
N ALA B 163 -32.41 45.04 14.17
CA ALA B 163 -31.00 45.36 14.23
C ALA B 163 -30.15 44.28 13.54
N ASN B 164 -28.88 44.62 13.29
CA ASN B 164 -27.98 43.76 12.56
C ASN B 164 -26.63 43.63 13.25
N ASN B 165 -25.93 42.53 12.93
CA ASN B 165 -24.57 42.22 13.38
C ASN B 165 -23.73 41.80 12.17
N CYS B 166 -23.82 42.62 11.13
CA CYS B 166 -23.36 42.29 9.78
C CYS B 166 -21.95 41.71 9.72
N THR B 167 -21.77 40.72 8.82
CA THR B 167 -20.43 40.22 8.52
C THR B 167 -19.97 40.42 7.08
N PHE B 168 -20.86 40.62 6.10
CA PHE B 168 -20.40 40.82 4.73
C PHE B 168 -21.42 41.68 3.99
N GLU B 169 -20.91 42.54 3.11
CA GLU B 169 -21.77 43.41 2.31
C GLU B 169 -21.13 43.65 0.95
N TYR B 170 -21.98 43.84 -0.04
CA TYR B 170 -21.53 43.89 -1.42
C TYR B 170 -22.56 44.64 -2.25
N VAL B 171 -22.11 45.24 -3.35
CA VAL B 171 -22.99 46.02 -4.20
C VAL B 171 -22.47 45.92 -5.61
N SER B 172 -23.37 45.91 -6.59
CA SER B 172 -22.95 45.84 -7.99
C SER B 172 -24.14 46.15 -8.88
N GLN B 173 -23.92 46.10 -10.19
CA GLN B 173 -24.95 46.44 -11.15
C GLN B 173 -26.16 45.54 -10.96
N PRO B 174 -27.34 45.96 -11.42
CA PRO B 174 -28.55 45.18 -11.16
C PRO B 174 -28.60 43.93 -12.02
N PHE B 175 -29.40 42.97 -11.56
CA PHE B 175 -29.61 41.74 -12.32
C PHE B 175 -30.69 41.86 -13.39
N LEU B 176 -30.60 42.87 -14.24
CA LEU B 176 -31.63 43.08 -15.26
C LEU B 176 -31.01 43.39 -16.62
N LYS B 187 -42.51 39.55 -20.74
CA LYS B 187 -42.00 38.76 -21.86
C LYS B 187 -40.55 38.36 -21.62
N ASN B 188 -39.87 39.04 -20.68
CA ASN B 188 -38.49 38.70 -20.40
C ASN B 188 -38.49 37.60 -19.34
N LEU B 189 -37.92 36.45 -19.67
CA LEU B 189 -37.83 35.31 -18.77
C LEU B 189 -36.48 35.30 -18.05
N ARG B 190 -36.49 35.67 -16.78
CA ARG B 190 -35.27 35.65 -15.98
C ARG B 190 -35.12 34.31 -15.27
N GLU B 191 -33.95 33.71 -15.40
CA GLU B 191 -33.68 32.42 -14.78
C GLU B 191 -32.49 32.53 -13.87
N PHE B 192 -32.56 31.82 -12.76
CA PHE B 192 -31.51 31.82 -11.78
C PHE B 192 -31.35 30.44 -11.19
N VAL B 193 -30.13 30.10 -10.87
CA VAL B 193 -29.81 28.86 -10.20
C VAL B 193 -28.97 29.24 -9.01
N PHE B 194 -29.39 28.83 -7.82
CA PHE B 194 -28.67 29.17 -6.61
C PHE B 194 -28.09 27.89 -6.06
N LYS B 195 -26.78 27.88 -5.82
CA LYS B 195 -26.09 26.68 -5.36
C LYS B 195 -25.11 27.08 -4.28
N ASN B 196 -24.99 26.27 -3.23
CA ASN B 196 -24.05 26.63 -2.15
C ASN B 196 -23.49 25.35 -1.54
N ILE B 197 -22.31 24.96 -1.97
CA ILE B 197 -21.73 23.68 -1.56
C ILE B 197 -20.36 23.82 -0.92
N ASP B 198 -19.42 24.50 -1.58
CA ASP B 198 -18.01 24.47 -1.21
C ASP B 198 -17.59 25.65 -0.36
N GLY B 199 -18.45 26.11 0.55
CA GLY B 199 -18.07 27.26 1.32
C GLY B 199 -18.32 28.54 0.60
N TYR B 200 -18.78 28.45 -0.64
CA TYR B 200 -19.12 29.60 -1.45
C TYR B 200 -20.58 29.45 -1.85
N PHE B 201 -21.23 30.58 -2.04
CA PHE B 201 -22.58 30.60 -2.51
C PHE B 201 -22.56 31.20 -3.92
N LYS B 202 -23.04 30.46 -4.92
CA LYS B 202 -22.87 30.86 -6.29
C LYS B 202 -24.23 31.05 -6.94
N ILE B 203 -24.27 32.03 -7.83
CA ILE B 203 -25.47 32.39 -8.55
C ILE B 203 -25.14 32.34 -10.02
N TYR B 204 -26.03 31.71 -10.78
CA TYR B 204 -25.97 31.72 -12.23
C TYR B 204 -27.27 32.30 -12.74
N SER B 205 -27.22 32.89 -13.93
CA SER B 205 -28.40 33.59 -14.41
C SER B 205 -28.42 33.71 -15.92
N LYS B 206 -29.61 34.03 -16.43
CA LYS B 206 -29.81 34.25 -17.85
C LYS B 206 -31.14 34.94 -18.08
N HIS B 207 -31.15 35.86 -19.03
CA HIS B 207 -32.32 36.66 -19.36
C HIS B 207 -32.69 36.43 -20.81
N THR B 208 -33.88 35.91 -21.05
CA THR B 208 -34.16 35.55 -22.43
C THR B 208 -35.50 36.10 -22.92
N PRO B 209 -35.57 36.45 -24.19
CA PRO B 209 -36.85 36.82 -24.81
C PRO B 209 -37.83 35.67 -24.78
N ILE B 210 -39.09 35.99 -25.10
CA ILE B 210 -40.13 34.99 -25.18
C ILE B 210 -41.07 35.36 -26.31
N ASP B 215 -45.50 30.50 -21.42
CA ASP B 215 -45.11 29.16 -21.03
C ASP B 215 -43.60 29.02 -21.14
N LEU B 216 -43.02 27.99 -20.52
CA LEU B 216 -41.59 27.81 -20.63
C LEU B 216 -41.28 27.30 -22.04
N PRO B 217 -40.36 27.90 -22.75
CA PRO B 217 -40.09 27.44 -24.12
C PRO B 217 -39.29 26.15 -24.12
N GLN B 218 -39.39 25.43 -25.23
CA GLN B 218 -38.60 24.22 -25.38
C GLN B 218 -37.17 24.51 -25.82
N GLY B 219 -36.85 25.77 -26.12
CA GLY B 219 -35.54 26.10 -26.63
C GLY B 219 -34.44 25.95 -25.58
N PHE B 220 -33.27 25.52 -26.04
CA PHE B 220 -32.13 25.34 -25.19
C PHE B 220 -31.29 26.60 -25.02
N SER B 221 -30.85 26.85 -23.77
CA SER B 221 -30.00 27.98 -23.43
C SER B 221 -29.40 27.75 -22.05
N ALA B 222 -28.09 27.90 -21.94
CA ALA B 222 -27.40 27.64 -20.69
C ALA B 222 -27.23 28.92 -19.88
N LEU B 223 -27.22 28.78 -18.57
CA LEU B 223 -27.00 29.91 -17.68
C LEU B 223 -25.51 30.12 -17.50
N GLU B 224 -25.09 31.37 -17.40
CA GLU B 224 -23.68 31.72 -17.28
C GLU B 224 -23.38 32.13 -15.85
N PRO B 225 -22.22 31.78 -15.31
CA PRO B 225 -21.92 32.17 -13.93
C PRO B 225 -21.87 33.67 -13.75
N LEU B 226 -22.76 34.16 -12.88
CA LEU B 226 -22.88 35.58 -12.61
C LEU B 226 -22.03 36.00 -11.41
N VAL B 227 -22.20 35.35 -10.25
CA VAL B 227 -21.41 35.74 -9.09
C VAL B 227 -21.03 34.53 -8.25
N ASP B 228 -19.82 34.59 -7.67
CA ASP B 228 -19.31 33.57 -6.76
C ASP B 228 -18.90 34.16 -5.40
N LEU B 229 -19.81 34.12 -4.36
CA LEU B 229 -19.51 34.77 -3.09
C LEU B 229 -18.86 33.81 -2.10
N PRO B 230 -17.97 34.32 -1.26
CA PRO B 230 -17.26 33.49 -0.27
C PRO B 230 -17.97 33.26 1.05
N ILE B 231 -19.14 33.87 1.26
CA ILE B 231 -19.85 33.77 2.53
C ILE B 231 -20.16 32.32 2.85
N GLY B 232 -19.88 31.90 4.07
CA GLY B 232 -20.11 30.52 4.48
C GLY B 232 -21.30 30.22 5.38
N ILE B 233 -22.36 31.02 5.31
CA ILE B 233 -23.53 30.78 6.16
C ILE B 233 -24.20 29.48 5.76
N ASN B 234 -24.65 28.73 6.77
CA ASN B 234 -25.36 27.47 6.57
C ASN B 234 -26.82 27.74 6.21
N ILE B 235 -27.14 27.73 4.92
CA ILE B 235 -28.48 27.99 4.41
C ILE B 235 -29.34 26.72 4.37
N THR B 236 -30.52 26.77 4.98
CA THR B 236 -31.46 25.65 4.95
C THR B 236 -32.88 26.02 4.48
N ARG B 237 -33.32 27.27 4.60
CA ARG B 237 -34.63 27.68 4.11
C ARG B 237 -34.53 28.96 3.31
N PHE B 238 -35.52 29.21 2.46
CA PHE B 238 -35.44 30.40 1.63
C PHE B 238 -36.83 30.95 1.32
N GLN B 239 -36.89 32.24 1.03
CA GLN B 239 -38.13 32.96 0.74
C GLN B 239 -37.87 33.95 -0.38
N THR B 240 -38.93 34.57 -0.89
CA THR B 240 -38.81 35.56 -1.96
C THR B 240 -39.28 36.93 -1.49
N LEU B 241 -38.94 37.99 -2.23
CA LEU B 241 -39.34 39.35 -1.90
C LEU B 241 -40.11 40.01 -3.04
N LEU B 242 -41.24 40.61 -2.69
CA LEU B 242 -42.10 41.27 -3.65
C LEU B 242 -42.11 42.77 -3.40
N ALA B 243 -42.74 43.51 -4.32
CA ALA B 243 -42.82 44.96 -4.19
C ALA B 243 -44.13 45.45 -4.80
N LEU B 244 -44.45 46.71 -4.51
CA LEU B 244 -45.67 47.32 -5.04
C LEU B 244 -45.67 48.82 -4.80
N HIS B 245 -46.28 49.53 -5.73
CA HIS B 245 -46.38 50.99 -5.72
C HIS B 245 -47.51 51.49 -4.82
N ARG B 246 -47.18 52.43 -3.94
CA ARG B 246 -48.14 53.09 -3.05
C ARG B 246 -48.96 52.08 -2.26
N SER B 247 -48.25 51.13 -1.67
CA SER B 247 -48.82 50.06 -0.86
C SER B 247 -48.47 50.33 0.59
N TYR B 248 -49.39 50.04 1.51
CA TYR B 248 -49.01 50.23 2.89
C TYR B 248 -48.06 49.13 3.32
N LEU B 249 -47.30 49.41 4.38
CA LEU B 249 -46.30 48.47 4.88
C LEU B 249 -46.40 48.40 6.39
N THR B 250 -46.50 47.18 6.90
CA THR B 250 -46.57 46.88 8.31
C THR B 250 -45.81 45.59 8.55
N PRO B 251 -45.29 45.39 9.75
CA PRO B 251 -44.60 44.11 10.03
C PRO B 251 -45.49 42.89 9.81
N GLY B 252 -46.79 42.98 10.08
CA GLY B 252 -47.66 41.84 9.84
C GLY B 252 -48.97 42.14 9.16
N ASP B 253 -49.37 41.32 8.18
CA ASP B 253 -50.61 41.54 7.44
C ASP B 253 -51.28 40.21 7.09
N SER B 254 -52.58 40.32 6.82
CA SER B 254 -53.44 39.20 6.46
C SER B 254 -53.31 38.90 4.96
N SER B 255 -54.21 38.06 4.45
CA SER B 255 -54.22 37.65 3.05
C SER B 255 -54.92 38.65 2.13
N SER B 256 -55.26 39.85 2.64
CA SER B 256 -55.90 40.85 1.80
C SER B 256 -54.93 41.40 0.76
N GLY B 257 -53.72 41.72 1.19
CA GLY B 257 -52.64 42.22 0.35
C GLY B 257 -52.94 43.60 -0.25
N TRP B 258 -52.17 43.93 -1.28
CA TRP B 258 -52.29 45.18 -2.00
C TRP B 258 -52.16 44.86 -3.48
N THR B 259 -52.71 45.74 -4.33
CA THR B 259 -52.68 45.45 -5.75
C THR B 259 -51.25 45.41 -6.27
N ALA B 260 -51.05 44.60 -7.31
CA ALA B 260 -49.76 44.45 -7.98
C ALA B 260 -50.03 43.88 -9.36
N GLY B 261 -49.01 43.94 -10.22
CA GLY B 261 -49.17 43.41 -11.55
C GLY B 261 -49.28 41.90 -11.59
N ALA B 262 -49.85 41.39 -12.67
CA ALA B 262 -49.98 39.96 -12.88
C ALA B 262 -48.60 39.34 -13.08
N ALA B 263 -48.25 38.35 -12.26
CA ALA B 263 -46.94 37.74 -12.37
C ALA B 263 -46.94 36.38 -11.68
N ALA B 264 -45.89 35.60 -11.96
CA ALA B 264 -45.77 34.26 -11.41
C ALA B 264 -44.30 33.85 -11.44
N TYR B 265 -43.97 32.88 -10.60
CA TYR B 265 -42.61 32.36 -10.50
C TYR B 265 -42.62 30.86 -10.26
N TYR B 266 -41.70 30.16 -10.93
CA TYR B 266 -41.58 28.72 -10.85
C TYR B 266 -40.38 28.33 -9.99
N VAL B 267 -40.47 27.15 -9.38
CA VAL B 267 -39.42 26.63 -8.52
C VAL B 267 -39.13 25.16 -8.84
N GLY B 268 -37.84 24.84 -8.95
CA GLY B 268 -37.38 23.47 -9.16
C GLY B 268 -36.18 23.18 -8.27
N TYR B 269 -35.97 21.92 -7.96
CA TYR B 269 -34.90 21.49 -7.06
C TYR B 269 -33.79 20.76 -7.81
N LEU B 270 -32.55 21.15 -7.58
CA LEU B 270 -31.44 20.49 -8.25
C LEU B 270 -31.12 19.14 -7.61
N GLN B 271 -30.56 18.24 -8.40
CA GLN B 271 -30.21 16.89 -7.99
C GLN B 271 -28.90 16.48 -8.63
N PRO B 272 -28.15 15.58 -8.00
CA PRO B 272 -26.91 15.07 -8.59
C PRO B 272 -27.17 14.18 -9.81
N ARG B 273 -26.70 14.63 -10.97
CA ARG B 273 -26.91 13.90 -12.21
C ARG B 273 -25.64 13.93 -13.04
N THR B 274 -25.59 13.03 -14.04
CA THR B 274 -24.50 12.97 -15.01
C THR B 274 -25.02 13.52 -16.31
N PHE B 275 -24.42 14.59 -16.79
CA PHE B 275 -24.87 15.25 -18.01
C PHE B 275 -23.80 15.20 -19.08
N LEU B 276 -24.20 14.94 -20.32
CA LEU B 276 -23.29 15.00 -21.46
C LEU B 276 -23.52 16.30 -22.22
N LEU B 277 -22.59 17.23 -22.11
CA LEU B 277 -22.69 18.57 -22.66
C LEU B 277 -21.95 18.69 -23.97
N LYS B 278 -22.53 19.39 -24.93
CA LYS B 278 -21.94 19.57 -26.24
C LYS B 278 -21.48 21.01 -26.42
N TYR B 279 -20.19 21.22 -26.62
CA TYR B 279 -19.65 22.54 -26.85
C TYR B 279 -19.46 22.73 -28.34
N ASN B 280 -19.77 23.91 -28.84
CA ASN B 280 -19.54 24.14 -30.26
C ASN B 280 -18.15 24.71 -30.45
N GLU B 281 -17.82 25.06 -31.69
CA GLU B 281 -16.47 25.54 -31.97
C GLU B 281 -16.16 26.87 -31.31
N ASN B 282 -17.15 27.59 -30.82
CA ASN B 282 -16.87 28.87 -30.19
C ASN B 282 -16.95 28.79 -28.69
N GLY B 283 -17.08 27.60 -28.14
CA GLY B 283 -17.04 27.43 -26.71
C GLY B 283 -18.33 27.63 -25.98
N THR B 284 -19.47 27.54 -26.66
CA THR B 284 -20.76 27.70 -26.02
C THR B 284 -21.52 26.39 -26.08
N ILE B 285 -22.25 26.07 -25.02
CA ILE B 285 -23.04 24.84 -24.95
C ILE B 285 -24.31 24.94 -25.76
N THR B 286 -24.54 23.98 -26.65
CA THR B 286 -25.76 23.99 -27.44
C THR B 286 -26.74 22.88 -27.10
N ASP B 287 -26.27 21.72 -26.62
CA ASP B 287 -27.15 20.62 -26.24
C ASP B 287 -26.55 19.87 -25.06
N ALA B 288 -27.40 19.08 -24.43
CA ALA B 288 -27.02 18.27 -23.29
C ALA B 288 -27.91 17.06 -23.26
N VAL B 289 -27.42 15.99 -22.67
CA VAL B 289 -28.14 14.74 -22.58
C VAL B 289 -28.16 14.30 -21.13
N ASP B 290 -29.35 14.04 -20.60
CA ASP B 290 -29.55 13.55 -19.24
C ASP B 290 -29.22 12.08 -19.26
N CYS B 291 -28.16 11.73 -18.59
CA CYS B 291 -27.64 10.39 -18.70
C CYS B 291 -28.56 9.31 -18.15
N ALA B 292 -29.55 9.65 -17.33
CA ALA B 292 -30.37 8.63 -16.70
C ALA B 292 -31.86 8.80 -16.98
N LEU B 293 -32.23 9.37 -18.12
CA LEU B 293 -33.64 9.55 -18.36
C LEU B 293 -34.30 8.30 -18.90
N ASP B 294 -33.87 7.80 -20.05
CA ASP B 294 -34.46 6.63 -20.67
C ASP B 294 -33.34 5.83 -21.32
N PRO B 295 -33.59 4.62 -21.81
CA PRO B 295 -32.48 3.84 -22.38
C PRO B 295 -31.73 4.47 -23.53
N LEU B 296 -32.40 5.18 -24.42
CA LEU B 296 -31.65 5.77 -25.52
C LEU B 296 -30.66 6.82 -25.02
N SER B 297 -31.05 7.64 -24.05
CA SER B 297 -30.12 8.60 -23.48
C SER B 297 -28.94 7.92 -22.79
N GLU B 298 -29.20 6.82 -22.13
CA GLU B 298 -28.11 6.11 -21.47
C GLU B 298 -27.16 5.53 -22.50
N THR B 299 -27.67 5.09 -23.64
CA THR B 299 -26.82 4.60 -24.72
C THR B 299 -25.97 5.71 -25.29
N LYS B 300 -26.56 6.88 -25.48
CA LYS B 300 -25.78 8.04 -25.92
C LYS B 300 -24.66 8.31 -24.94
N CYS B 301 -24.94 8.25 -23.65
CA CYS B 301 -23.87 8.56 -22.69
C CYS B 301 -22.77 7.53 -22.78
N THR B 302 -23.10 6.29 -23.10
CA THR B 302 -22.01 5.33 -23.17
C THR B 302 -21.19 5.48 -24.45
N LEU B 303 -21.82 5.46 -25.61
CA LEU B 303 -21.05 5.70 -26.83
C LEU B 303 -20.37 7.05 -26.85
N LYS B 304 -20.67 7.93 -25.92
CA LYS B 304 -20.11 9.27 -25.85
C LYS B 304 -20.35 9.96 -27.20
N SER B 305 -21.57 9.85 -27.69
CA SER B 305 -21.92 10.41 -28.99
C SER B 305 -23.42 10.61 -29.11
N PHE B 306 -23.82 11.76 -29.62
CA PHE B 306 -25.23 12.08 -29.79
C PHE B 306 -25.92 11.28 -30.88
N THR B 307 -25.18 10.72 -31.82
CA THR B 307 -25.74 9.92 -32.90
C THR B 307 -25.33 8.46 -32.76
N VAL B 308 -26.30 7.58 -32.54
CA VAL B 308 -26.04 6.15 -32.40
C VAL B 308 -26.49 5.42 -33.65
N GLU B 309 -25.64 4.53 -34.17
CA GLU B 309 -25.92 3.79 -35.37
C GLU B 309 -26.74 2.55 -35.05
N LYS B 310 -27.29 1.92 -36.08
CA LYS B 310 -28.06 0.71 -35.86
C LYS B 310 -27.22 -0.40 -35.27
N GLY B 311 -27.72 -1.04 -34.23
CA GLY B 311 -27.01 -2.14 -33.63
C GLY B 311 -27.51 -2.39 -32.23
N ILE B 312 -26.80 -3.26 -31.52
CA ILE B 312 -27.12 -3.61 -30.14
C ILE B 312 -25.96 -3.18 -29.25
N TYR B 313 -26.25 -2.51 -28.15
CA TYR B 313 -25.23 -1.96 -27.25
C TYR B 313 -25.51 -2.38 -25.82
N GLN B 314 -24.48 -2.80 -25.12
CA GLN B 314 -24.54 -3.17 -23.71
C GLN B 314 -24.33 -1.99 -22.77
N THR B 315 -25.41 -1.42 -22.25
CA THR B 315 -25.30 -0.19 -21.48
C THR B 315 -24.92 -0.45 -20.04
N SER B 316 -25.59 -1.37 -19.36
CA SER B 316 -25.30 -1.53 -17.93
C SER B 316 -25.72 -2.92 -17.49
N ASN B 317 -25.70 -3.15 -16.18
CA ASN B 317 -26.17 -4.40 -15.59
C ASN B 317 -27.08 -4.12 -14.41
N PHE B 318 -27.99 -5.04 -14.10
CA PHE B 318 -28.90 -4.83 -13.00
C PHE B 318 -28.76 -6.02 -12.06
N ARG B 319 -29.17 -5.83 -10.81
CA ARG B 319 -29.10 -6.92 -9.82
C ARG B 319 -30.16 -6.66 -8.78
N VAL B 320 -31.10 -7.61 -8.64
CA VAL B 320 -32.21 -7.46 -7.72
C VAL B 320 -31.74 -7.38 -6.28
N GLN B 321 -32.23 -6.39 -5.56
CA GLN B 321 -31.80 -6.18 -4.19
C GLN B 321 -32.60 -7.03 -3.20
N PRO B 322 -32.01 -7.33 -2.06
CA PRO B 322 -32.71 -8.11 -1.02
C PRO B 322 -33.84 -7.30 -0.40
N THR B 323 -34.98 -7.96 -0.20
CA THR B 323 -36.13 -7.27 0.34
C THR B 323 -36.27 -7.31 1.86
N GLU B 324 -35.57 -8.22 2.55
CA GLU B 324 -35.64 -8.30 4.00
C GLU B 324 -34.43 -9.05 4.52
N SER B 325 -34.17 -8.90 5.82
CA SER B 325 -33.04 -9.57 6.44
C SER B 325 -33.49 -10.34 7.67
N ILE B 326 -33.00 -11.56 7.81
CA ILE B 326 -33.36 -12.40 8.93
C ILE B 326 -32.09 -12.95 9.56
N VAL B 327 -32.11 -13.03 10.88
CA VAL B 327 -31.04 -13.58 11.69
C VAL B 327 -31.63 -14.61 12.64
N ARG B 328 -31.38 -15.89 12.41
CA ARG B 328 -32.18 -16.92 13.08
C ARG B 328 -31.21 -18.04 13.38
N PHE B 329 -30.94 -18.23 14.68
CA PHE B 329 -30.00 -19.21 15.21
C PHE B 329 -30.51 -19.95 16.46
N PRO B 330 -29.62 -20.70 17.24
CA PRO B 330 -30.07 -21.46 18.42
C PRO B 330 -31.33 -21.10 19.17
N ASN B 331 -32.16 -22.14 19.24
CA ASN B 331 -33.45 -22.25 19.90
C ASN B 331 -33.29 -22.56 21.39
N ILE B 332 -32.05 -22.80 21.83
CA ILE B 332 -31.82 -23.18 23.23
C ILE B 332 -32.32 -22.10 24.21
N THR B 333 -32.51 -22.53 25.47
CA THR B 333 -33.13 -21.70 26.50
C THR B 333 -32.52 -21.94 27.89
N ASN B 334 -31.19 -21.97 28.01
CA ASN B 334 -30.61 -22.15 29.34
C ASN B 334 -30.90 -20.98 30.29
N LEU B 335 -32.14 -20.81 30.75
CA LEU B 335 -32.51 -19.71 31.64
C LEU B 335 -31.95 -19.84 33.07
N CYS B 336 -31.51 -18.69 33.62
CA CYS B 336 -30.90 -18.57 34.93
C CYS B 336 -31.97 -18.62 36.03
N PRO B 337 -31.55 -18.85 37.31
CA PRO B 337 -32.53 -18.99 38.40
C PRO B 337 -33.00 -17.71 39.07
N PHE B 338 -32.83 -16.57 38.40
CA PHE B 338 -33.25 -15.28 38.95
C PHE B 338 -34.65 -15.29 39.53
N ASP B 339 -35.59 -15.94 38.84
CA ASP B 339 -36.98 -16.04 39.30
C ASP B 339 -37.08 -16.42 40.76
N GLU B 340 -36.64 -17.64 41.10
CA GLU B 340 -36.64 -18.09 42.49
C GLU B 340 -35.98 -17.06 43.40
N VAL B 341 -34.71 -16.74 43.11
CA VAL B 341 -33.89 -15.82 43.89
C VAL B 341 -34.72 -14.64 44.36
N PHE B 342 -35.43 -13.99 43.43
CA PHE B 342 -36.15 -12.79 43.82
C PHE B 342 -37.53 -13.09 44.41
N ASN B 343 -38.14 -14.21 44.06
CA ASN B 343 -39.49 -14.50 44.50
C ASN B 343 -39.54 -15.55 45.60
N ALA B 344 -38.39 -15.98 46.11
CA ALA B 344 -38.35 -16.99 47.16
C ALA B 344 -38.96 -16.53 48.49
N THR B 345 -39.11 -15.22 48.72
CA THR B 345 -39.75 -14.66 49.92
C THR B 345 -39.27 -15.36 51.20
N ARG B 346 -37.94 -15.38 51.37
CA ARG B 346 -37.31 -15.89 52.58
C ARG B 346 -36.23 -14.96 53.11
N PHE B 347 -36.12 -13.75 52.55
CA PHE B 347 -34.99 -12.84 52.79
C PHE B 347 -34.62 -12.82 54.26
N ALA B 348 -33.32 -12.95 54.54
CA ALA B 348 -32.88 -13.25 55.90
C ALA B 348 -32.75 -11.97 56.72
N SER B 349 -31.78 -11.12 56.38
CA SER B 349 -31.42 -9.97 57.18
C SER B 349 -30.36 -9.18 56.42
N VAL B 350 -30.20 -7.90 56.79
CA VAL B 350 -29.04 -7.14 56.31
C VAL B 350 -27.81 -7.56 57.09
N TYR B 351 -28.00 -8.01 58.33
CA TYR B 351 -26.97 -8.65 59.14
C TYR B 351 -26.64 -9.99 58.51
N ALA B 352 -25.42 -10.11 57.96
CA ALA B 352 -25.00 -11.33 57.25
C ALA B 352 -25.94 -11.61 56.07
N TRP B 353 -25.85 -10.72 55.09
CA TRP B 353 -26.77 -10.69 53.95
C TRP B 353 -26.66 -11.98 53.14
N ASN B 354 -27.56 -12.11 52.17
CA ASN B 354 -27.60 -13.30 51.34
C ASN B 354 -27.03 -13.00 49.97
N ARG B 355 -26.34 -13.98 49.41
CA ARG B 355 -25.63 -13.83 48.15
C ARG B 355 -25.92 -15.03 47.26
N LYS B 356 -25.69 -14.85 45.96
CA LYS B 356 -25.72 -15.93 44.99
C LYS B 356 -24.80 -15.51 43.86
N ARG B 357 -24.04 -16.48 43.37
CA ARG B 357 -23.04 -16.28 42.31
C ARG B 357 -23.55 -16.91 41.01
N ILE B 358 -24.17 -16.08 40.15
CA ILE B 358 -24.71 -16.56 38.89
C ILE B 358 -23.58 -16.71 37.87
N SER B 359 -23.60 -17.80 37.13
CA SER B 359 -22.66 -18.00 36.04
C SER B 359 -23.18 -19.07 35.09
N ASN B 360 -22.70 -19.03 33.84
CA ASN B 360 -23.00 -20.04 32.84
C ASN B 360 -24.51 -20.18 32.62
N CYS B 361 -25.09 -19.12 32.07
CA CYS B 361 -26.50 -19.16 31.70
C CYS B 361 -26.78 -18.01 30.74
N VAL B 362 -28.03 -17.94 30.29
CA VAL B 362 -28.49 -16.86 29.43
C VAL B 362 -29.41 -16.02 30.32
N ALA B 363 -28.91 -14.86 30.70
CA ALA B 363 -29.64 -14.00 31.65
C ALA B 363 -30.78 -13.36 30.88
N ASP B 364 -31.99 -13.88 31.12
CA ASP B 364 -33.18 -13.42 30.43
C ASP B 364 -33.45 -11.95 30.72
N TYR B 365 -33.75 -11.64 31.98
CA TYR B 365 -34.08 -10.32 32.50
C TYR B 365 -35.52 -9.91 32.22
N SER B 366 -36.28 -10.67 31.42
CA SER B 366 -37.67 -10.30 31.12
C SER B 366 -38.45 -9.92 32.36
N VAL B 367 -38.10 -10.49 33.51
CA VAL B 367 -38.76 -10.18 34.76
C VAL B 367 -37.92 -9.21 35.59
N LEU B 368 -36.60 -9.37 35.52
CA LEU B 368 -35.68 -8.51 36.25
C LEU B 368 -35.88 -7.07 35.81
N TYR B 369 -36.10 -6.18 36.78
CA TYR B 369 -36.35 -4.77 36.57
C TYR B 369 -37.54 -4.54 35.65
N ASN B 370 -38.33 -5.59 35.41
CA ASN B 370 -39.55 -5.51 34.64
C ASN B 370 -40.76 -6.09 35.35
N PHE B 371 -40.57 -6.80 36.47
CA PHE B 371 -41.69 -7.21 37.29
C PHE B 371 -42.40 -5.97 37.86
N ALA B 372 -43.64 -6.18 38.32
CA ALA B 372 -44.51 -5.08 38.70
C ALA B 372 -44.25 -4.49 40.09
N PRO B 373 -44.11 -5.31 41.15
CA PRO B 373 -44.08 -4.74 42.50
C PRO B 373 -42.74 -4.20 42.94
N PHE B 374 -41.78 -4.07 42.02
CA PHE B 374 -40.53 -3.42 42.38
C PHE B 374 -40.80 -1.96 42.68
N PHE B 375 -40.19 -1.46 43.76
CA PHE B 375 -40.46 -0.09 44.16
C PHE B 375 -39.43 0.86 43.57
N ALA B 376 -38.16 0.53 43.73
CA ALA B 376 -37.07 1.37 43.26
C ALA B 376 -36.06 0.46 42.58
N PHE B 377 -35.68 0.83 41.37
CA PHE B 377 -34.63 0.16 40.63
C PHE B 377 -33.84 1.21 39.89
N LYS B 378 -32.52 1.06 39.91
CA LYS B 378 -31.59 2.06 39.41
C LYS B 378 -30.32 1.28 39.11
N CYS B 379 -29.77 1.44 37.91
CA CYS B 379 -28.52 0.78 37.62
C CYS B 379 -27.44 1.81 37.27
N TYR B 380 -26.21 1.52 37.69
CA TYR B 380 -25.09 2.40 37.42
C TYR B 380 -24.10 1.70 36.52
N GLY B 381 -23.74 2.36 35.41
CA GLY B 381 -22.81 1.81 34.47
C GLY B 381 -23.45 1.11 33.30
N VAL B 382 -24.62 0.51 33.50
CA VAL B 382 -25.29 -0.28 32.48
C VAL B 382 -26.74 0.17 32.34
N SER B 383 -27.20 0.28 31.09
CA SER B 383 -28.59 0.54 30.78
C SER B 383 -29.43 -0.74 30.88
N PRO B 384 -30.69 -0.62 31.30
CA PRO B 384 -31.52 -1.84 31.46
C PRO B 384 -31.55 -2.63 30.16
N THR B 385 -31.80 -1.94 29.04
CA THR B 385 -31.88 -2.60 27.76
C THR B 385 -30.50 -3.10 27.35
N LYS B 386 -29.49 -2.23 27.48
CA LYS B 386 -28.11 -2.67 27.31
C LYS B 386 -27.85 -3.92 28.15
N LEU B 387 -28.28 -3.92 29.41
CA LEU B 387 -28.22 -5.15 30.19
C LEU B 387 -28.83 -6.31 29.43
N ASN B 388 -30.02 -6.10 28.86
CA ASN B 388 -30.64 -7.16 28.07
C ASN B 388 -29.78 -7.58 26.88
N ASP B 389 -28.83 -6.75 26.43
CA ASP B 389 -27.89 -7.15 25.40
C ASP B 389 -26.44 -7.31 25.89
N LEU B 390 -26.16 -6.98 27.14
CA LEU B 390 -24.83 -7.13 27.75
C LEU B 390 -24.53 -8.57 28.13
N CYS B 391 -23.24 -8.83 28.35
CA CYS B 391 -22.76 -10.17 28.63
C CYS B 391 -21.61 -10.03 29.62
N PHE B 392 -21.47 -11.01 30.52
CA PHE B 392 -20.54 -10.86 31.65
C PHE B 392 -19.95 -12.21 32.04
N THR B 393 -18.95 -12.16 32.93
CA THR B 393 -18.32 -13.39 33.39
C THR B 393 -19.10 -14.02 34.54
N ASN B 394 -19.51 -13.22 35.52
CA ASN B 394 -20.34 -13.73 36.60
C ASN B 394 -21.25 -12.61 37.06
N VAL B 395 -22.22 -12.96 37.88
CA VAL B 395 -23.17 -12.02 38.44
C VAL B 395 -23.19 -12.28 39.93
N TYR B 396 -23.36 -11.22 40.73
CA TYR B 396 -23.50 -11.42 42.16
C TYR B 396 -24.81 -10.77 42.60
N ALA B 397 -25.70 -11.58 43.15
CA ALA B 397 -26.96 -11.10 43.69
C ALA B 397 -26.85 -11.11 45.21
N ASP B 398 -27.28 -10.02 45.84
CA ASP B 398 -27.19 -9.85 47.29
C ASP B 398 -28.52 -9.35 47.82
N SER B 399 -29.34 -10.28 48.30
CA SER B 399 -30.64 -9.97 48.88
C SER B 399 -30.53 -9.78 50.40
N PHE B 400 -31.36 -8.89 50.92
CA PHE B 400 -31.44 -8.65 52.35
C PHE B 400 -32.70 -7.84 52.65
N VAL B 401 -32.93 -7.59 53.93
CA VAL B 401 -34.09 -6.83 54.42
C VAL B 401 -33.52 -5.71 55.28
N ILE B 402 -33.93 -4.48 54.99
CA ILE B 402 -33.48 -3.31 55.73
C ILE B 402 -34.70 -2.45 56.08
N ARG B 403 -34.48 -1.47 56.94
CA ARG B 403 -35.54 -0.53 57.27
C ARG B 403 -35.68 0.48 56.13
N GLY B 404 -36.91 0.82 55.81
CA GLY B 404 -37.17 1.63 54.61
C GLY B 404 -36.40 2.93 54.58
N ASN B 405 -36.30 3.62 55.72
CA ASN B 405 -35.64 4.91 55.71
C ASN B 405 -34.15 4.82 55.49
N GLU B 406 -33.59 3.62 55.37
CA GLU B 406 -32.17 3.48 55.17
C GLU B 406 -31.87 2.93 53.79
N VAL B 407 -32.88 2.75 52.94
CA VAL B 407 -32.59 2.23 51.61
C VAL B 407 -31.78 3.24 50.83
N SER B 408 -32.00 4.53 51.07
CA SER B 408 -31.25 5.57 50.40
C SER B 408 -29.76 5.50 50.72
N GLN B 409 -29.36 4.72 51.72
CA GLN B 409 -27.94 4.65 52.10
C GLN B 409 -27.14 3.61 51.33
N ILE B 410 -27.78 2.68 50.63
CA ILE B 410 -27.05 1.73 49.79
C ILE B 410 -26.74 2.41 48.47
N ALA B 411 -25.54 2.98 48.37
CA ALA B 411 -25.13 3.74 47.21
C ALA B 411 -23.61 3.92 47.27
N PRO B 412 -22.97 4.27 46.15
CA PRO B 412 -21.50 4.42 46.17
C PRO B 412 -21.07 5.52 47.13
N GLY B 413 -20.36 5.12 48.17
CA GLY B 413 -19.83 6.01 49.19
C GLY B 413 -20.84 6.71 50.07
N GLN B 414 -22.14 6.48 49.89
CA GLN B 414 -23.13 7.06 50.79
C GLN B 414 -22.78 6.74 52.25
N THR B 415 -23.06 7.69 53.14
CA THR B 415 -22.69 7.57 54.55
C THR B 415 -23.95 7.51 55.39
N GLY B 416 -23.93 6.63 56.39
CA GLY B 416 -25.03 6.49 57.31
C GLY B 416 -24.77 5.48 58.40
N ASN B 417 -25.75 4.65 58.71
CA ASN B 417 -25.58 3.54 59.63
C ASN B 417 -25.38 2.23 58.88
N ILE B 418 -26.35 1.85 58.03
CA ILE B 418 -26.29 0.58 57.32
C ILE B 418 -25.08 0.53 56.38
N ALA B 419 -24.59 1.69 55.95
CA ALA B 419 -23.49 1.76 54.99
C ALA B 419 -22.15 2.05 55.65
N ASP B 420 -22.07 1.96 56.97
CA ASP B 420 -20.84 2.29 57.67
C ASP B 420 -20.48 1.15 58.62
N TYR B 421 -21.49 0.47 59.16
CA TYR B 421 -21.30 -0.61 60.11
C TYR B 421 -21.93 -1.94 59.68
N ASN B 422 -22.81 -1.95 58.68
CA ASN B 422 -23.51 -3.15 58.26
C ASN B 422 -22.99 -3.76 56.96
N TYR B 423 -23.18 -3.01 55.89
CA TYR B 423 -22.85 -3.42 54.53
C TYR B 423 -22.42 -2.20 53.73
N LYS B 424 -21.20 -2.22 53.18
CA LYS B 424 -20.65 -1.05 52.50
C LYS B 424 -20.29 -1.47 51.09
N LEU B 425 -20.88 -0.77 50.11
CA LEU B 425 -20.67 -0.93 48.69
C LEU B 425 -19.55 -0.01 48.18
N PRO B 426 -18.76 -0.48 47.22
CA PRO B 426 -17.59 0.31 46.77
C PRO B 426 -17.97 1.64 46.12
N ASP B 427 -16.94 2.43 45.77
CA ASP B 427 -17.18 3.74 45.19
C ASP B 427 -17.38 3.66 43.69
N ASP B 428 -16.69 2.73 43.03
CA ASP B 428 -16.76 2.50 41.59
C ASP B 428 -17.61 1.28 41.23
N PHE B 429 -18.62 0.99 42.04
CA PHE B 429 -19.46 -0.18 41.82
C PHE B 429 -20.32 -0.04 40.59
N THR B 430 -20.11 -0.90 39.60
CA THR B 430 -20.96 -0.94 38.41
C THR B 430 -21.95 -2.09 38.63
N GLY B 431 -23.23 -1.79 38.44
CA GLY B 431 -24.27 -2.76 38.70
C GLY B 431 -25.47 -2.06 39.28
N CYS B 432 -26.54 -2.78 39.55
CA CYS B 432 -27.73 -2.12 40.06
C CYS B 432 -28.39 -2.74 41.28
N VAL B 433 -29.11 -1.89 41.99
CA VAL B 433 -29.85 -2.24 43.19
C VAL B 433 -31.34 -2.10 42.93
N ILE B 434 -32.14 -2.88 43.67
CA ILE B 434 -33.59 -2.83 43.59
C ILE B 434 -34.15 -3.01 44.99
N ALA B 435 -35.23 -2.30 45.29
CA ALA B 435 -35.81 -2.27 46.62
C ALA B 435 -37.32 -2.32 46.49
N TRP B 436 -37.92 -3.17 47.32
CA TRP B 436 -39.35 -3.46 47.34
C TRP B 436 -39.92 -3.11 48.69
N ASN B 437 -41.10 -2.51 48.71
CA ASN B 437 -41.76 -2.22 49.97
C ASN B 437 -42.38 -3.53 50.42
N SER B 438 -41.59 -4.31 51.17
CA SER B 438 -42.04 -5.60 51.66
C SER B 438 -42.88 -5.45 52.93
N ASN B 439 -44.00 -4.74 52.78
CA ASN B 439 -44.88 -4.51 53.91
C ASN B 439 -45.81 -5.70 54.14
N LYS B 440 -45.54 -6.81 53.46
CA LYS B 440 -46.35 -8.02 53.55
C LYS B 440 -45.45 -9.25 53.64
N LEU B 441 -44.35 -9.25 52.90
CA LEU B 441 -43.57 -10.47 52.73
C LEU B 441 -42.84 -10.85 54.01
N ASP B 442 -42.32 -9.87 54.74
CA ASP B 442 -41.58 -10.12 55.98
C ASP B 442 -42.16 -9.19 57.05
N SER B 443 -43.24 -9.62 57.69
CA SER B 443 -43.86 -8.86 58.76
C SER B 443 -44.88 -9.75 59.45
N LYS B 444 -45.01 -9.56 60.76
CA LYS B 444 -45.97 -10.34 61.53
C LYS B 444 -46.52 -9.46 62.64
N VAL B 445 -47.81 -9.65 62.95
CA VAL B 445 -48.42 -8.90 64.04
C VAL B 445 -47.67 -9.16 65.35
N GLY B 446 -47.04 -10.34 65.46
CA GLY B 446 -46.24 -10.70 66.62
C GLY B 446 -44.86 -10.09 66.62
N GLY B 447 -44.47 -9.44 65.53
CA GLY B 447 -43.17 -8.81 65.44
C GLY B 447 -42.19 -9.64 64.63
N ASN B 448 -42.00 -9.26 63.37
CA ASN B 448 -41.03 -9.96 62.53
C ASN B 448 -39.62 -9.50 62.87
N TYR B 449 -39.24 -9.60 64.14
CA TYR B 449 -37.94 -9.12 64.57
C TYR B 449 -36.94 -10.24 64.71
N ASN B 450 -37.21 -11.40 64.10
CA ASN B 450 -36.26 -12.50 64.13
C ASN B 450 -34.87 -11.98 63.79
N TYR B 451 -34.81 -11.07 62.82
CA TYR B 451 -33.55 -10.49 62.38
C TYR B 451 -33.15 -9.37 63.34
N ARG B 452 -31.87 -9.32 63.66
CA ARG B 452 -31.32 -8.27 64.51
C ARG B 452 -30.23 -7.53 63.73
N TYR B 453 -30.53 -6.31 63.29
CA TYR B 453 -29.51 -5.61 62.52
C TYR B 453 -28.40 -5.09 63.43
N ARG B 454 -27.36 -4.58 62.78
CA ARG B 454 -26.14 -4.16 63.45
C ARG B 454 -26.16 -2.66 63.72
N LEU B 455 -26.04 -2.27 64.99
CA LEU B 455 -25.97 -0.86 65.36
C LEU B 455 -24.75 -0.61 66.25
N PHE B 456 -23.88 -1.62 66.42
CA PHE B 456 -22.67 -1.45 67.21
C PHE B 456 -21.56 -2.22 66.51
N ARG B 457 -20.58 -1.50 66.01
CA ARG B 457 -19.45 -2.06 65.30
C ARG B 457 -18.20 -1.36 65.80
N LYS B 458 -17.07 -2.09 65.79
CA LYS B 458 -15.84 -1.50 66.33
C LYS B 458 -15.19 -0.56 65.33
N SER B 459 -15.37 -0.79 64.03
CA SER B 459 -14.68 0.03 63.05
C SER B 459 -15.43 -0.07 61.73
N ASN B 460 -15.34 1.00 60.94
CA ASN B 460 -16.09 1.11 59.69
C ASN B 460 -15.82 -0.06 58.76
N LEU B 461 -16.71 -0.24 57.80
CA LEU B 461 -16.67 -1.40 56.92
C LEU B 461 -15.82 -1.13 55.68
N LYS B 462 -15.10 -2.16 55.25
CA LYS B 462 -14.50 -2.31 53.94
C LYS B 462 -15.56 -2.84 52.98
N PRO B 463 -15.51 -2.45 51.71
CA PRO B 463 -16.55 -2.87 50.77
C PRO B 463 -16.73 -4.39 50.78
N PHE B 464 -17.98 -4.82 50.94
CA PHE B 464 -18.33 -6.24 51.00
C PHE B 464 -17.58 -6.95 52.13
N GLU B 465 -17.81 -6.47 53.35
CA GLU B 465 -17.18 -7.06 54.54
C GLU B 465 -18.26 -7.64 55.47
N ARG B 466 -18.47 -8.94 55.35
CA ARG B 466 -19.39 -9.66 56.22
C ARG B 466 -18.93 -9.60 57.67
N ASP B 467 -19.78 -9.08 58.55
CA ASP B 467 -19.41 -8.87 59.94
C ASP B 467 -20.39 -9.56 60.89
N ILE B 468 -20.87 -10.73 60.50
CA ILE B 468 -21.71 -11.51 61.39
C ILE B 468 -20.90 -11.84 62.62
N SER B 469 -21.38 -11.41 63.79
CA SER B 469 -20.62 -11.62 65.02
C SER B 469 -21.60 -11.65 66.18
N THR B 470 -21.18 -12.32 67.25
CA THR B 470 -21.94 -12.40 68.50
C THR B 470 -20.95 -11.94 69.55
N GLU B 471 -20.92 -10.63 69.80
CA GLU B 471 -20.00 -10.01 70.71
C GLU B 471 -20.77 -9.03 71.59
N ILE B 472 -20.05 -8.38 72.49
CA ILE B 472 -20.58 -7.36 73.38
C ILE B 472 -19.72 -6.11 73.20
N TYR B 473 -20.25 -5.15 72.44
CA TYR B 473 -19.68 -3.80 72.35
C TYR B 473 -19.60 -3.19 73.75
N GLN B 474 -18.46 -2.57 74.08
CA GLN B 474 -18.33 -2.12 75.47
C GLN B 474 -17.54 -0.83 75.54
N ALA B 475 -17.50 -0.26 76.75
CA ALA B 475 -16.78 0.97 77.05
C ALA B 475 -15.57 0.73 77.92
N GLY B 476 -15.73 0.03 79.04
CA GLY B 476 -14.64 -0.21 79.96
C GLY B 476 -13.97 -1.55 79.72
N ASN B 477 -13.40 -2.11 80.79
CA ASN B 477 -12.64 -3.35 80.66
C ASN B 477 -13.53 -4.53 80.27
N LYS B 478 -14.46 -4.90 81.17
CA LYS B 478 -15.20 -6.14 81.11
C LYS B 478 -16.59 -5.94 80.51
N PRO B 479 -17.19 -7.00 79.96
CA PRO B 479 -18.60 -6.98 79.59
C PRO B 479 -19.53 -7.37 80.73
N CYS B 480 -20.84 -7.21 80.50
CA CYS B 480 -21.79 -7.38 81.60
C CYS B 480 -21.77 -8.77 82.21
N ASN B 481 -21.02 -9.72 81.64
CA ASN B 481 -20.95 -11.02 82.29
C ASN B 481 -20.42 -10.89 83.72
N GLY B 482 -19.62 -9.86 83.99
CA GLY B 482 -19.10 -9.60 85.32
C GLY B 482 -19.39 -8.18 85.81
N VAL B 483 -19.98 -7.37 84.93
CA VAL B 483 -20.35 -5.98 85.16
C VAL B 483 -21.85 -5.85 84.90
N ALA B 484 -22.45 -4.76 85.34
CA ALA B 484 -23.87 -4.61 85.03
C ALA B 484 -24.19 -3.15 84.78
N GLY B 485 -25.12 -2.94 83.85
CA GLY B 485 -25.52 -1.60 83.47
C GLY B 485 -24.66 -0.84 82.48
N VAL B 486 -23.47 -0.41 82.92
CA VAL B 486 -22.51 0.33 82.11
C VAL B 486 -21.57 -0.58 81.31
N ASN B 487 -21.32 -0.16 80.07
CA ASN B 487 -20.38 -0.81 79.14
C ASN B 487 -20.76 -2.25 78.79
N CYS B 488 -22.05 -2.59 78.82
CA CYS B 488 -22.49 -3.92 78.41
C CYS B 488 -23.46 -3.70 77.23
N TYR B 489 -22.92 -3.49 76.04
CA TYR B 489 -23.78 -3.18 74.91
C TYR B 489 -23.70 -4.31 73.91
N PHE B 490 -24.82 -4.59 73.25
CA PHE B 490 -24.96 -5.73 72.35
C PHE B 490 -25.43 -5.37 70.95
N PRO B 491 -24.62 -5.65 69.93
CA PRO B 491 -24.84 -5.09 68.59
C PRO B 491 -26.11 -5.55 67.91
N LEU B 492 -26.67 -6.70 68.29
CA LEU B 492 -27.83 -7.28 67.62
C LEU B 492 -29.09 -6.61 68.15
N GLN B 493 -29.69 -5.72 67.37
CA GLN B 493 -30.97 -5.12 67.76
C GLN B 493 -32.10 -5.67 66.90
N SER B 494 -33.21 -5.98 67.56
CA SER B 494 -34.38 -6.53 66.89
C SER B 494 -34.98 -5.48 65.96
N TYR B 495 -35.86 -5.94 65.08
CA TYR B 495 -36.54 -5.03 64.19
C TYR B 495 -37.91 -4.59 64.71
N GLY B 496 -38.70 -5.55 65.19
CA GLY B 496 -40.03 -5.28 65.70
C GLY B 496 -40.97 -4.99 64.55
N PHE B 497 -40.82 -5.71 63.44
CA PHE B 497 -41.67 -5.50 62.28
C PHE B 497 -43.09 -5.99 62.55
N ARG B 498 -44.04 -5.07 62.52
CA ARG B 498 -45.45 -5.35 62.76
C ARG B 498 -46.26 -4.40 61.88
N PRO B 499 -47.53 -4.71 61.62
CA PRO B 499 -48.18 -4.06 60.47
C PRO B 499 -48.52 -2.60 60.73
N THR B 500 -48.69 -2.20 62.00
CA THR B 500 -48.99 -0.81 62.32
C THR B 500 -47.89 0.13 61.84
N TYR B 501 -46.66 -0.36 61.73
CA TYR B 501 -45.56 0.47 61.24
C TYR B 501 -45.92 1.15 59.92
N GLY B 502 -45.52 2.41 59.79
CA GLY B 502 -45.71 3.14 58.56
C GLY B 502 -44.77 2.70 57.46
N VAL B 503 -44.94 3.32 56.28
CA VAL B 503 -44.14 2.95 55.10
C VAL B 503 -42.65 3.10 55.41
N GLY B 504 -42.26 4.27 55.93
CA GLY B 504 -40.88 4.57 56.27
C GLY B 504 -40.26 3.53 57.17
N HIS B 505 -41.12 2.72 57.78
CA HIS B 505 -40.72 1.67 58.73
C HIS B 505 -41.21 0.33 58.26
N GLN B 506 -41.46 0.19 56.99
CA GLN B 506 -41.84 -1.08 56.40
C GLN B 506 -40.60 -1.79 55.90
N PRO B 507 -40.43 -3.06 56.22
CA PRO B 507 -39.19 -3.74 55.85
C PRO B 507 -39.05 -3.74 54.35
N TYR B 508 -38.06 -3.02 53.83
CA TYR B 508 -37.78 -3.04 52.40
C TYR B 508 -36.84 -4.19 52.08
N ARG B 509 -37.26 -5.03 51.14
CA ARG B 509 -36.42 -6.10 50.65
C ARG B 509 -35.60 -5.58 49.49
N VAL B 510 -34.29 -5.79 49.55
CA VAL B 510 -33.37 -5.19 48.60
C VAL B 510 -32.54 -6.29 47.98
N VAL B 511 -32.27 -6.16 46.69
CA VAL B 511 -31.49 -7.13 45.93
C VAL B 511 -30.53 -6.33 45.07
N VAL B 512 -29.24 -6.65 45.18
CA VAL B 512 -28.22 -5.91 44.47
C VAL B 512 -27.48 -6.86 43.53
N LEU B 513 -27.36 -6.44 42.27
CA LEU B 513 -26.68 -7.22 41.24
C LEU B 513 -25.38 -6.48 40.93
N SER B 514 -24.27 -7.22 40.97
CA SER B 514 -22.95 -6.67 40.72
C SER B 514 -22.27 -7.47 39.63
N PHE B 515 -22.07 -6.85 38.47
CA PHE B 515 -21.38 -7.51 37.38
C PHE B 515 -19.91 -7.14 37.49
N GLU B 516 -19.06 -8.14 37.73
CA GLU B 516 -17.62 -7.96 37.72
C GLU B 516 -17.12 -8.20 36.30
N LEU B 517 -16.18 -7.37 35.86
CA LEU B 517 -15.69 -7.51 34.50
C LEU B 517 -14.20 -7.77 34.39
N LEU B 518 -13.48 -7.90 35.51
CA LEU B 518 -12.08 -8.29 35.40
C LEU B 518 -12.04 -9.65 34.71
N HIS B 519 -10.90 -9.97 34.09
CA HIS B 519 -10.70 -11.23 33.35
C HIS B 519 -12.03 -11.93 33.07
N ALA B 520 -12.74 -11.53 32.02
CA ALA B 520 -14.11 -11.99 31.83
C ALA B 520 -14.32 -12.96 30.68
N PRO B 521 -14.14 -14.27 30.89
CA PRO B 521 -14.58 -15.25 29.88
C PRO B 521 -16.10 -15.36 29.96
N ALA B 522 -16.76 -14.28 29.55
CA ALA B 522 -18.18 -14.08 29.78
C ALA B 522 -19.03 -15.26 29.34
N THR B 523 -19.76 -15.82 30.30
CA THR B 523 -20.56 -17.02 30.08
C THR B 523 -22.05 -16.73 30.12
N VAL B 524 -22.45 -15.46 30.22
CA VAL B 524 -23.85 -15.12 30.42
C VAL B 524 -24.22 -13.92 29.55
N CYS B 525 -24.86 -14.18 28.40
CA CYS B 525 -25.46 -13.09 27.63
C CYS B 525 -26.90 -13.44 27.31
N GLY B 526 -27.46 -12.80 26.28
CA GLY B 526 -28.83 -13.05 25.89
C GLY B 526 -29.34 -12.52 24.56
N PRO B 527 -28.52 -12.47 23.47
CA PRO B 527 -29.05 -11.87 22.24
C PRO B 527 -29.65 -12.80 21.19
N LYS B 528 -30.09 -14.01 21.55
CA LYS B 528 -30.68 -14.86 20.54
C LYS B 528 -31.97 -14.30 19.93
N LYS B 529 -31.87 -13.61 18.80
CA LYS B 529 -33.02 -13.01 18.11
C LYS B 529 -33.51 -14.03 17.09
N SER B 530 -34.55 -14.80 17.42
CA SER B 530 -35.07 -15.82 16.51
C SER B 530 -36.22 -15.37 15.60
N THR B 531 -35.89 -14.63 14.54
CA THR B 531 -36.92 -14.22 13.58
C THR B 531 -37.37 -15.38 12.69
N ASN B 532 -38.65 -15.35 12.33
CA ASN B 532 -39.34 -16.32 11.47
C ASN B 532 -38.78 -16.38 10.05
N LEU B 533 -38.02 -17.42 9.74
CA LEU B 533 -37.30 -17.61 8.47
C LEU B 533 -38.06 -17.42 7.15
N VAL B 534 -37.91 -16.26 6.51
CA VAL B 534 -38.57 -15.97 5.23
C VAL B 534 -38.04 -16.87 4.11
N LYS B 535 -38.92 -17.38 3.26
CA LYS B 535 -38.50 -18.25 2.16
C LYS B 535 -38.94 -17.70 0.81
N ASN B 536 -38.21 -18.10 -0.24
CA ASN B 536 -38.50 -17.81 -1.64
C ASN B 536 -38.36 -16.35 -2.06
N LYS B 537 -37.60 -15.53 -1.35
CA LYS B 537 -37.39 -14.14 -1.74
C LYS B 537 -35.92 -13.84 -1.59
N CYS B 538 -35.36 -13.00 -2.47
CA CYS B 538 -33.96 -12.64 -2.27
C CYS B 538 -33.84 -11.95 -0.91
N VAL B 539 -33.16 -12.60 0.03
CA VAL B 539 -33.15 -12.16 1.43
C VAL B 539 -31.74 -12.27 2.00
N ASN B 540 -31.40 -11.34 2.87
CA ASN B 540 -30.16 -11.44 3.63
C ASN B 540 -30.33 -12.34 4.83
N PHE B 541 -29.47 -13.35 4.96
CA PHE B 541 -29.61 -14.29 6.05
C PHE B 541 -28.37 -14.27 6.92
N ASN B 542 -28.56 -14.60 8.21
CA ASN B 542 -27.45 -14.73 9.16
C ASN B 542 -27.69 -15.97 10.02
N PHE B 543 -27.19 -17.10 9.54
CA PHE B 543 -27.35 -18.41 10.16
C PHE B 543 -26.14 -18.76 11.04
N ASN B 544 -26.30 -18.61 12.35
CA ASN B 544 -25.28 -18.98 13.34
C ASN B 544 -23.95 -18.32 13.08
N GLY B 545 -23.95 -17.13 12.48
CA GLY B 545 -22.74 -16.40 12.20
C GLY B 545 -22.45 -16.34 10.72
N LEU B 546 -22.95 -17.32 9.98
CA LEU B 546 -22.74 -17.39 8.54
C LEU B 546 -23.68 -16.40 7.88
N THR B 547 -23.12 -15.37 7.27
CA THR B 547 -23.89 -14.31 6.63
C THR B 547 -23.84 -14.38 5.12
N GLY B 548 -24.98 -14.18 4.48
CA GLY B 548 -24.98 -14.20 3.03
C GLY B 548 -26.30 -13.69 2.50
N THR B 549 -26.46 -13.75 1.18
CA THR B 549 -27.68 -13.28 0.54
C THR B 549 -28.14 -14.31 -0.47
N GLY B 550 -29.43 -14.41 -0.66
CA GLY B 550 -29.91 -15.36 -1.64
C GLY B 550 -31.33 -15.77 -1.33
N VAL B 551 -31.85 -16.60 -2.21
CA VAL B 551 -33.17 -17.17 -2.04
C VAL B 551 -33.00 -18.54 -1.44
N LEU B 552 -33.81 -18.83 -0.42
CA LEU B 552 -33.80 -20.08 0.33
C LEU B 552 -34.91 -20.98 -0.18
N THR B 553 -34.60 -22.23 -0.44
CA THR B 553 -35.59 -23.14 -0.99
C THR B 553 -35.54 -24.47 -0.26
N GLU B 554 -36.67 -25.17 -0.18
CA GLU B 554 -36.63 -26.48 0.46
C GLU B 554 -35.68 -27.42 -0.27
N SER B 555 -34.78 -28.02 0.51
CA SER B 555 -33.70 -28.90 0.08
C SER B 555 -34.18 -30.32 -0.16
N ASN B 556 -33.42 -31.05 -0.97
CA ASN B 556 -33.67 -32.45 -1.25
C ASN B 556 -32.45 -33.33 -1.01
N LYS B 557 -31.38 -32.80 -0.41
CA LYS B 557 -30.16 -33.54 -0.17
C LYS B 557 -30.00 -34.01 1.27
N LYS B 558 -29.41 -35.18 1.44
CA LYS B 558 -29.32 -35.85 2.73
C LYS B 558 -28.09 -35.37 3.50
N PHE B 559 -28.28 -34.40 4.37
CA PHE B 559 -27.25 -33.99 5.30
C PHE B 559 -27.05 -35.05 6.36
N LEU B 560 -25.81 -35.37 6.67
CA LEU B 560 -25.57 -36.31 7.76
C LEU B 560 -25.85 -35.62 9.09
N PRO B 561 -26.24 -36.38 10.11
CA PRO B 561 -26.72 -35.77 11.35
C PRO B 561 -25.73 -34.87 12.05
N PHE B 562 -24.45 -34.96 11.78
CA PHE B 562 -23.48 -34.08 12.41
C PHE B 562 -23.10 -32.89 11.56
N GLN B 563 -23.69 -32.73 10.38
CA GLN B 563 -23.32 -31.65 9.47
C GLN B 563 -24.26 -30.44 9.58
N GLN B 564 -23.65 -29.26 9.40
CA GLN B 564 -24.28 -27.95 9.51
C GLN B 564 -24.17 -27.06 8.29
N PHE B 565 -23.31 -27.35 7.33
CA PHE B 565 -23.06 -26.48 6.19
C PHE B 565 -23.10 -27.33 4.94
N GLY B 566 -23.31 -26.71 3.80
CA GLY B 566 -23.24 -27.43 2.55
C GLY B 566 -22.42 -26.69 1.53
N ARG B 567 -21.67 -27.43 0.73
CA ARG B 567 -20.76 -26.81 -0.21
C ARG B 567 -20.79 -27.51 -1.54
N ASP B 568 -20.74 -26.73 -2.61
CA ASP B 568 -20.51 -27.26 -3.94
C ASP B 568 -19.02 -27.17 -4.21
N ILE B 569 -18.61 -27.40 -5.46
CA ILE B 569 -17.19 -27.29 -5.80
C ILE B 569 -16.75 -25.84 -5.57
N ALA B 570 -15.49 -25.67 -5.17
CA ALA B 570 -14.90 -24.34 -5.02
C ALA B 570 -15.51 -23.51 -3.88
N ASP B 571 -15.82 -24.17 -2.77
CA ASP B 571 -16.26 -23.52 -1.54
C ASP B 571 -17.50 -22.63 -1.68
N THR B 572 -18.34 -22.83 -2.68
CA THR B 572 -19.55 -22.02 -2.79
C THR B 572 -20.57 -22.59 -1.81
N THR B 573 -20.98 -21.81 -0.82
CA THR B 573 -21.94 -22.34 0.16
C THR B 573 -23.26 -22.63 -0.51
N ASP B 574 -23.58 -23.90 -0.68
CA ASP B 574 -24.80 -24.31 -1.36
C ASP B 574 -25.98 -24.58 -0.44
N ALA B 575 -25.78 -24.93 0.83
CA ALA B 575 -26.93 -25.26 1.65
C ALA B 575 -26.67 -24.96 3.12
N VAL B 576 -27.76 -24.77 3.88
CA VAL B 576 -27.59 -24.43 5.29
C VAL B 576 -28.64 -25.05 6.19
N ARG B 577 -28.27 -26.11 6.92
CA ARG B 577 -29.12 -26.79 7.89
C ARG B 577 -29.65 -25.77 8.91
N ASP B 578 -30.96 -25.56 8.96
CA ASP B 578 -31.56 -24.59 9.88
C ASP B 578 -31.32 -24.99 11.34
N PRO B 579 -30.87 -24.09 12.20
CA PRO B 579 -30.60 -24.47 13.59
C PRO B 579 -31.78 -24.30 14.53
N GLN B 580 -32.97 -24.09 13.98
CA GLN B 580 -34.19 -23.93 14.75
C GLN B 580 -35.07 -25.15 14.62
N THR B 581 -35.38 -25.52 13.38
CA THR B 581 -36.25 -26.65 13.09
C THR B 581 -35.53 -27.81 12.42
N LEU B 582 -34.21 -27.83 12.42
CA LEU B 582 -33.44 -28.92 11.81
C LEU B 582 -33.93 -29.22 10.39
N GLU B 583 -33.72 -28.26 9.51
CA GLU B 583 -34.15 -28.42 8.13
C GLU B 583 -33.19 -27.70 7.20
N ILE B 584 -32.47 -28.48 6.41
CA ILE B 584 -31.54 -27.92 5.46
C ILE B 584 -32.25 -27.07 4.42
N LEU B 585 -31.63 -25.96 4.06
CA LEU B 585 -32.14 -25.01 3.08
C LEU B 585 -31.17 -24.90 1.91
N ASP B 586 -31.67 -24.76 0.70
CA ASP B 586 -30.84 -24.55 -0.47
C ASP B 586 -30.66 -23.05 -0.69
N ILE B 587 -29.47 -22.63 -1.08
CA ILE B 587 -29.17 -21.23 -1.31
C ILE B 587 -28.88 -20.97 -2.77
N THR B 588 -29.59 -20.02 -3.35
CA THR B 588 -29.31 -19.63 -4.72
C THR B 588 -29.15 -18.12 -4.81
N PRO B 589 -28.09 -17.61 -5.44
CA PRO B 589 -27.94 -16.16 -5.53
C PRO B 589 -29.06 -15.60 -6.40
N CYS B 590 -29.72 -14.56 -5.92
CA CYS B 590 -30.80 -13.98 -6.69
C CYS B 590 -30.30 -13.44 -8.03
N SER B 591 -31.22 -13.39 -8.97
CA SER B 591 -30.96 -13.07 -10.36
C SER B 591 -30.26 -11.75 -10.58
N PHE B 592 -29.33 -11.75 -11.52
CA PHE B 592 -28.59 -10.56 -11.93
C PHE B 592 -28.15 -10.76 -13.37
N GLY B 593 -27.78 -9.67 -14.02
CA GLY B 593 -27.36 -9.83 -15.41
C GLY B 593 -27.15 -8.50 -16.09
N GLY B 594 -26.68 -8.58 -17.31
CA GLY B 594 -26.44 -7.41 -18.10
C GLY B 594 -27.68 -7.03 -18.88
N VAL B 595 -27.77 -5.77 -19.23
CA VAL B 595 -28.91 -5.22 -19.95
C VAL B 595 -28.39 -4.59 -21.22
N SER B 596 -29.06 -4.85 -22.33
CA SER B 596 -28.61 -4.33 -23.60
C SER B 596 -29.73 -3.55 -24.27
N VAL B 597 -29.38 -2.58 -25.09
CA VAL B 597 -30.36 -1.74 -25.75
C VAL B 597 -30.33 -2.05 -27.24
N ILE B 598 -31.48 -2.32 -27.82
CA ILE B 598 -31.67 -2.58 -29.23
C ILE B 598 -32.20 -1.31 -29.86
N THR B 599 -31.50 -0.79 -30.84
CA THR B 599 -31.88 0.43 -31.49
C THR B 599 -31.78 0.33 -33.01
N PRO B 600 -32.76 0.79 -33.77
CA PRO B 600 -32.62 0.78 -35.22
C PRO B 600 -31.84 1.96 -35.75
N GLY B 601 -31.23 2.71 -34.86
CA GLY B 601 -30.47 3.86 -35.25
C GLY B 601 -31.20 5.09 -34.80
N THR B 602 -30.48 6.04 -34.22
CA THR B 602 -31.13 7.26 -33.80
C THR B 602 -31.72 7.97 -34.99
N ASN B 603 -31.11 7.84 -36.15
CA ASN B 603 -31.49 8.57 -37.34
C ASN B 603 -32.68 7.91 -38.06
N THR B 604 -33.03 6.68 -37.74
CA THR B 604 -34.30 6.22 -38.29
C THR B 604 -35.46 6.58 -37.39
N SER B 605 -35.32 6.29 -36.10
CA SER B 605 -36.37 6.58 -35.15
C SER B 605 -35.84 6.37 -33.75
N ASN B 606 -36.51 6.97 -32.79
CA ASN B 606 -36.11 6.87 -31.40
C ASN B 606 -36.64 5.66 -30.66
N GLN B 607 -37.49 4.84 -31.24
CA GLN B 607 -37.96 3.67 -30.50
C GLN B 607 -36.79 2.78 -30.12
N VAL B 608 -36.95 2.03 -29.03
CA VAL B 608 -35.88 1.22 -28.46
C VAL B 608 -36.48 0.01 -27.76
N ALA B 609 -35.79 -1.11 -27.82
CA ALA B 609 -36.17 -2.31 -27.07
C ALA B 609 -35.06 -2.72 -26.14
N VAL B 610 -35.39 -3.27 -24.99
CA VAL B 610 -34.41 -3.57 -23.96
C VAL B 610 -34.37 -5.07 -23.70
N LEU B 611 -33.17 -5.63 -23.61
CA LEU B 611 -32.96 -7.05 -23.37
C LEU B 611 -32.27 -7.28 -22.05
N TYR B 612 -32.96 -7.85 -21.08
CA TYR B 612 -32.31 -8.26 -19.84
C TYR B 612 -31.77 -9.66 -20.06
N GLN B 613 -30.45 -9.82 -20.06
CA GLN B 613 -29.89 -11.05 -20.59
C GLN B 613 -30.05 -12.29 -19.74
N GLY B 614 -29.45 -12.36 -18.58
CA GLY B 614 -29.52 -13.58 -17.84
C GLY B 614 -30.64 -13.63 -16.83
N VAL B 615 -31.90 -13.48 -17.21
CA VAL B 615 -32.99 -13.44 -16.23
C VAL B 615 -34.26 -13.86 -16.93
N ASN B 616 -35.22 -14.29 -16.13
CA ASN B 616 -36.57 -14.50 -16.60
C ASN B 616 -37.47 -13.41 -16.04
N CYS B 617 -38.33 -12.85 -16.90
CA CYS B 617 -39.21 -11.74 -16.49
C CYS B 617 -40.12 -12.02 -15.33
N THR B 618 -40.24 -13.26 -14.87
CA THR B 618 -41.13 -13.40 -13.74
C THR B 618 -40.58 -12.62 -12.56
N GLU B 619 -39.32 -12.18 -12.63
CA GLU B 619 -38.69 -11.39 -11.59
C GLU B 619 -37.94 -10.18 -12.17
N VAL B 620 -38.46 -9.58 -13.23
CA VAL B 620 -37.78 -8.43 -13.80
C VAL B 620 -37.71 -7.24 -12.84
N ASN B 641 -44.41 -4.57 -24.38
CA ASN B 641 -44.71 -6.00 -24.42
C ASN B 641 -43.60 -6.77 -23.75
N VAL B 642 -43.83 -8.02 -23.41
CA VAL B 642 -42.83 -8.85 -22.72
C VAL B 642 -42.68 -10.16 -23.48
N PHE B 643 -41.45 -10.62 -23.60
CA PHE B 643 -41.17 -11.87 -24.29
C PHE B 643 -40.00 -12.59 -23.63
N GLN B 644 -40.05 -13.91 -23.60
CA GLN B 644 -39.00 -14.72 -23.01
C GLN B 644 -38.23 -15.40 -24.11
N THR B 645 -36.90 -15.42 -24.03
CA THR B 645 -36.10 -16.09 -25.03
C THR B 645 -34.98 -16.84 -24.32
N ARG B 646 -34.35 -17.76 -25.03
CA ARG B 646 -33.21 -18.45 -24.45
C ARG B 646 -32.06 -17.51 -24.17
N ALA B 647 -32.03 -16.34 -24.80
CA ALA B 647 -30.97 -15.40 -24.52
C ALA B 647 -31.27 -14.49 -23.36
N GLY B 648 -32.50 -14.44 -22.90
CA GLY B 648 -32.94 -13.65 -21.77
C GLY B 648 -34.30 -13.11 -22.08
N CYS B 649 -34.84 -12.27 -21.22
CA CYS B 649 -36.17 -11.78 -21.56
C CYS B 649 -36.12 -10.40 -22.19
N LEU B 650 -36.81 -10.27 -23.33
CA LEU B 650 -36.80 -9.10 -24.19
C LEU B 650 -38.07 -8.30 -24.01
N ILE B 651 -37.94 -6.99 -23.78
CA ILE B 651 -39.06 -6.11 -23.55
C ILE B 651 -39.10 -5.04 -24.63
N GLY B 652 -40.28 -4.77 -25.14
CA GLY B 652 -40.45 -3.77 -26.15
C GLY B 652 -40.55 -4.24 -27.58
N ALA B 653 -40.51 -5.54 -27.83
CA ALA B 653 -40.61 -6.02 -29.19
C ALA B 653 -41.51 -7.25 -29.26
N GLU B 654 -42.29 -7.36 -30.32
CA GLU B 654 -43.22 -8.47 -30.45
C GLU B 654 -42.69 -9.56 -31.36
N TYR B 655 -42.89 -10.81 -30.95
CA TYR B 655 -42.41 -11.94 -31.73
C TYR B 655 -43.38 -12.27 -32.85
N VAL B 656 -42.88 -12.33 -34.08
CA VAL B 656 -43.68 -12.68 -35.25
C VAL B 656 -43.15 -13.97 -35.84
N ASN B 657 -44.05 -14.78 -36.40
CA ASN B 657 -43.64 -16.07 -36.95
C ASN B 657 -42.95 -16.02 -38.30
N SER B 658 -43.03 -14.94 -39.06
CA SER B 658 -42.34 -14.97 -40.35
C SER B 658 -40.85 -14.80 -40.09
N SER B 659 -40.04 -15.48 -40.88
CA SER B 659 -38.59 -15.47 -40.77
C SER B 659 -37.93 -14.67 -41.87
N TYR B 660 -36.93 -13.87 -41.52
CA TYR B 660 -36.24 -13.02 -42.47
C TYR B 660 -34.74 -13.15 -42.25
N GLU B 661 -33.96 -12.64 -43.19
CA GLU B 661 -32.52 -12.54 -42.98
C GLU B 661 -32.28 -11.49 -41.92
N CYS B 662 -31.72 -11.87 -40.78
CA CYS B 662 -31.71 -10.99 -39.63
C CYS B 662 -30.50 -10.06 -39.62
N ASP B 663 -30.72 -8.85 -39.07
CA ASP B 663 -29.71 -7.82 -39.04
C ASP B 663 -29.27 -7.33 -37.68
N ILE B 664 -30.11 -7.36 -36.65
CA ILE B 664 -29.61 -6.99 -35.32
C ILE B 664 -29.63 -8.32 -34.57
N PRO B 665 -28.49 -8.96 -34.38
CA PRO B 665 -28.48 -10.28 -33.75
C PRO B 665 -28.69 -10.19 -32.26
N ILE B 666 -29.72 -10.86 -31.76
CA ILE B 666 -29.96 -10.91 -30.34
C ILE B 666 -29.33 -12.13 -29.72
N GLY B 667 -29.51 -13.31 -30.27
CA GLY B 667 -28.86 -14.47 -29.70
C GLY B 667 -29.74 -15.68 -29.67
N ALA B 668 -29.12 -16.84 -29.65
CA ALA B 668 -29.84 -18.10 -29.61
C ALA B 668 -30.79 -18.20 -30.79
N GLY B 669 -30.33 -17.77 -31.94
CA GLY B 669 -31.12 -17.85 -33.14
C GLY B 669 -32.19 -16.80 -33.29
N ILE B 670 -32.32 -15.85 -32.37
CA ILE B 670 -33.34 -14.80 -32.45
C ILE B 670 -32.69 -13.52 -32.93
N CYS B 671 -33.41 -12.75 -33.75
CA CYS B 671 -32.90 -11.47 -34.21
C CYS B 671 -34.01 -10.45 -34.11
N ALA B 672 -33.74 -9.20 -34.50
CA ALA B 672 -34.77 -8.17 -34.46
C ALA B 672 -34.54 -7.15 -35.55
N SER B 673 -35.61 -6.46 -35.95
CA SER B 673 -35.46 -5.42 -36.97
C SER B 673 -36.64 -4.48 -36.94
N TYR B 674 -36.47 -3.33 -37.62
CA TYR B 674 -37.52 -2.33 -37.70
C TYR B 674 -38.50 -2.76 -38.78
N GLN B 675 -39.77 -2.95 -38.41
CA GLN B 675 -40.77 -3.46 -39.35
C GLN B 675 -40.99 -2.54 -40.53
N THR B 676 -41.47 -1.33 -40.27
CA THR B 676 -41.79 -0.35 -41.30
C THR B 676 -42.84 -0.91 -42.25
N GLN B 690 -42.66 0.69 -38.50
CA GLN B 690 -43.29 1.47 -37.47
C GLN B 690 -43.21 0.79 -36.10
N SER B 691 -42.50 -0.33 -36.02
CA SER B 691 -42.36 -1.07 -34.78
C SER B 691 -41.11 -1.92 -34.86
N ILE B 692 -40.60 -2.37 -33.71
CA ILE B 692 -39.47 -3.29 -33.65
C ILE B 692 -39.96 -4.71 -33.41
N ILE B 693 -39.65 -5.61 -34.33
CA ILE B 693 -40.11 -7.00 -34.31
C ILE B 693 -38.94 -7.94 -34.08
N ALA B 694 -39.13 -8.93 -33.22
CA ALA B 694 -38.16 -10.00 -33.04
C ALA B 694 -38.65 -11.26 -33.73
N TYR B 695 -37.75 -12.00 -34.35
CA TYR B 695 -38.13 -13.17 -35.14
C TYR B 695 -36.95 -14.13 -35.23
N THR B 696 -37.24 -15.36 -35.64
CA THR B 696 -36.19 -16.34 -35.84
C THR B 696 -35.52 -16.20 -37.20
N MET B 697 -34.21 -16.43 -37.26
CA MET B 697 -33.47 -16.23 -38.50
C MET B 697 -33.89 -17.21 -39.58
N SER B 698 -33.79 -16.77 -40.82
CA SER B 698 -33.99 -17.61 -41.99
C SER B 698 -32.65 -17.81 -42.67
N LEU B 699 -32.28 -19.06 -42.91
CA LEU B 699 -31.01 -19.38 -43.52
C LEU B 699 -31.01 -19.34 -45.04
N GLY B 700 -31.93 -18.62 -45.66
CA GLY B 700 -31.97 -18.55 -47.11
C GLY B 700 -33.09 -19.39 -47.71
N ALA B 701 -33.25 -19.24 -49.01
CA ALA B 701 -34.28 -19.93 -49.78
C ALA B 701 -33.95 -21.38 -50.05
N GLU B 702 -34.99 -22.20 -50.24
CA GLU B 702 -34.82 -23.62 -50.55
C GLU B 702 -34.83 -23.84 -52.05
N ASN B 703 -33.79 -24.49 -52.53
CA ASN B 703 -33.60 -24.80 -53.93
C ASN B 703 -33.47 -26.31 -54.08
N SER B 704 -34.51 -26.98 -54.56
CA SER B 704 -34.49 -28.43 -54.77
C SER B 704 -34.04 -28.76 -56.19
N VAL B 705 -32.72 -28.81 -56.38
CA VAL B 705 -32.19 -29.13 -57.71
C VAL B 705 -32.68 -30.49 -58.16
N ALA B 706 -33.14 -30.56 -59.40
CA ALA B 706 -33.72 -31.79 -59.94
C ALA B 706 -32.66 -32.82 -60.28
N TYR B 707 -32.36 -33.70 -59.35
CA TYR B 707 -31.42 -34.77 -59.64
C TYR B 707 -32.15 -35.86 -60.40
N SER B 708 -31.42 -36.56 -61.24
CA SER B 708 -31.99 -37.66 -61.99
C SER B 708 -30.81 -38.43 -62.51
N ASN B 709 -30.98 -39.72 -62.73
CA ASN B 709 -29.81 -40.46 -63.16
C ASN B 709 -29.39 -40.21 -64.60
N ASN B 710 -30.11 -39.41 -65.40
CA ASN B 710 -29.63 -39.24 -66.77
C ASN B 710 -29.72 -37.81 -67.29
N SER B 711 -29.86 -36.80 -66.43
CA SER B 711 -30.00 -35.40 -66.84
C SER B 711 -28.75 -34.59 -66.51
N ILE B 712 -28.43 -33.63 -67.38
CA ILE B 712 -27.30 -32.72 -67.26
C ILE B 712 -27.76 -31.32 -67.56
N ALA B 713 -27.34 -30.36 -66.76
CA ALA B 713 -27.60 -28.96 -67.00
C ALA B 713 -26.32 -28.26 -67.38
N ILE B 714 -26.30 -27.60 -68.53
CA ILE B 714 -25.08 -26.93 -68.99
C ILE B 714 -25.32 -25.45 -69.23
N PRO B 715 -24.38 -24.56 -68.89
CA PRO B 715 -24.61 -23.13 -69.09
C PRO B 715 -24.42 -22.74 -70.53
N THR B 716 -25.28 -21.87 -71.00
CA THR B 716 -25.17 -21.36 -72.34
C THR B 716 -24.64 -19.95 -72.45
N ASN B 717 -24.42 -19.25 -71.34
CA ASN B 717 -23.90 -17.89 -71.45
C ASN B 717 -23.06 -17.64 -70.22
N PHE B 718 -22.41 -16.48 -70.16
CA PHE B 718 -21.53 -16.19 -69.04
C PHE B 718 -21.63 -14.73 -68.66
N THR B 719 -20.94 -14.39 -67.59
CA THR B 719 -20.88 -13.00 -67.16
C THR B 719 -19.64 -12.85 -66.32
N ILE B 720 -18.82 -11.86 -66.63
CA ILE B 720 -17.59 -11.67 -65.89
C ILE B 720 -17.78 -10.51 -64.93
N SER B 721 -17.44 -10.73 -63.67
CA SER B 721 -17.65 -9.75 -62.63
C SER B 721 -16.34 -9.35 -61.98
N VAL B 722 -16.42 -8.29 -61.17
CA VAL B 722 -15.30 -7.74 -60.43
C VAL B 722 -15.69 -7.65 -58.98
N THR B 723 -14.89 -8.21 -58.10
CA THR B 723 -15.15 -8.23 -56.66
C THR B 723 -14.01 -7.53 -55.92
N THR B 724 -14.33 -6.71 -54.95
CA THR B 724 -13.31 -5.98 -54.20
C THR B 724 -13.02 -6.58 -52.83
N GLU B 725 -11.77 -6.89 -52.53
CA GLU B 725 -11.38 -7.40 -51.22
C GLU B 725 -10.35 -6.52 -50.53
N ILE B 726 -10.56 -6.18 -49.27
CA ILE B 726 -9.70 -5.26 -48.51
C ILE B 726 -8.93 -6.01 -47.44
N LEU B 727 -7.66 -5.65 -47.24
CA LEU B 727 -6.81 -6.29 -46.24
C LEU B 727 -5.84 -5.31 -45.61
N PRO B 728 -5.77 -5.22 -44.28
CA PRO B 728 -4.78 -4.34 -43.66
C PRO B 728 -3.38 -4.89 -43.70
N VAL B 729 -2.41 -4.01 -43.84
CA VAL B 729 -1.02 -4.41 -44.00
C VAL B 729 -0.10 -3.94 -42.88
N SER B 730 -0.37 -2.82 -42.24
CA SER B 730 0.56 -2.33 -41.24
C SER B 730 -0.13 -1.35 -40.30
N MET B 731 0.55 -0.98 -39.23
CA MET B 731 0.02 -0.04 -38.25
C MET B 731 1.06 1.02 -37.91
N THR B 732 0.64 2.01 -37.12
CA THR B 732 1.49 3.13 -36.77
C THR B 732 2.63 2.72 -35.86
N LYS B 733 3.83 3.15 -36.19
CA LYS B 733 4.97 2.89 -35.34
C LYS B 733 5.00 3.90 -34.19
N THR B 734 5.10 3.41 -32.96
CA THR B 734 5.05 4.24 -31.77
C THR B 734 6.30 4.04 -30.94
N SER B 735 6.85 5.10 -30.37
CA SER B 735 7.95 5.00 -29.42
C SER B 735 7.62 5.76 -28.14
N VAL B 736 8.10 5.25 -26.99
CA VAL B 736 7.78 5.82 -25.69
C VAL B 736 9.06 6.10 -24.93
N ASP B 737 9.07 7.22 -24.23
CA ASP B 737 10.14 7.65 -23.32
C ASP B 737 9.80 7.30 -21.87
N CYS B 738 10.55 6.39 -21.27
CA CYS B 738 10.16 5.90 -19.95
C CYS B 738 10.12 7.01 -18.92
N THR B 739 11.25 7.64 -18.62
CA THR B 739 11.26 8.62 -17.54
C THR B 739 10.30 9.76 -17.79
N MET B 740 10.22 10.24 -19.02
CA MET B 740 9.28 11.31 -19.30
C MET B 740 7.88 10.85 -18.99
N TYR B 741 7.48 9.70 -19.52
CA TYR B 741 6.15 9.22 -19.19
C TYR B 741 5.94 9.04 -17.71
N ILE B 742 6.97 8.63 -16.97
CA ILE B 742 6.72 8.35 -15.56
C ILE B 742 6.46 9.63 -14.81
N CYS B 743 7.44 10.54 -14.74
CA CYS B 743 7.17 11.74 -13.96
C CYS B 743 7.81 13.02 -14.48
N GLY B 744 7.69 13.30 -15.77
CA GLY B 744 8.00 14.65 -16.24
C GLY B 744 9.16 15.38 -15.60
N ASP B 745 10.36 14.79 -15.65
CA ASP B 745 11.59 15.42 -15.19
C ASP B 745 11.57 15.77 -13.69
N SER B 746 11.53 14.71 -12.89
CA SER B 746 11.66 14.78 -11.44
C SER B 746 12.90 13.96 -11.09
N THR B 747 13.84 14.56 -10.37
CA THR B 747 15.08 13.84 -10.07
C THR B 747 14.84 12.62 -9.17
N GLU B 748 14.02 12.79 -8.13
CA GLU B 748 13.78 11.71 -7.19
C GLU B 748 13.18 10.49 -7.87
N CYS B 749 12.40 10.66 -8.95
CA CYS B 749 11.86 9.44 -9.53
C CYS B 749 12.90 8.66 -10.26
N SER B 750 13.84 9.33 -10.91
CA SER B 750 14.86 8.56 -11.57
C SER B 750 15.71 7.88 -10.51
N ASN B 751 15.97 8.61 -9.44
CA ASN B 751 16.72 8.07 -8.32
C ASN B 751 16.06 6.84 -7.72
N LEU B 752 14.73 6.75 -7.74
CA LEU B 752 14.06 5.57 -7.21
C LEU B 752 13.86 4.50 -8.26
N LEU B 753 13.77 4.90 -9.51
CA LEU B 753 13.54 3.96 -10.59
C LEU B 753 14.79 3.19 -10.95
N LEU B 754 15.97 3.77 -10.75
CA LEU B 754 17.18 3.01 -11.07
C LEU B 754 17.26 1.70 -10.30
N GLN B 755 16.54 1.55 -9.21
CA GLN B 755 16.63 0.28 -8.49
C GLN B 755 15.66 -0.76 -9.00
N TYR B 756 14.79 -0.44 -9.97
CA TYR B 756 13.81 -1.43 -10.37
C TYR B 756 14.35 -2.34 -11.46
N GLY B 757 15.42 -1.93 -12.14
CA GLY B 757 16.08 -2.78 -13.10
C GLY B 757 16.04 -2.19 -14.49
N SER B 758 15.90 -3.06 -15.46
CA SER B 758 16.00 -2.73 -16.86
C SER B 758 14.65 -2.78 -17.56
N PHE B 759 13.57 -2.46 -16.86
CA PHE B 759 12.27 -2.44 -17.51
C PHE B 759 12.28 -1.52 -18.71
N CYS B 760 12.90 -0.37 -18.60
CA CYS B 760 12.95 0.51 -19.76
C CYS B 760 13.71 -0.13 -20.91
N THR B 761 14.79 -0.85 -20.63
CA THR B 761 15.45 -1.53 -21.72
C THR B 761 14.49 -2.48 -22.42
N GLN B 762 13.75 -3.28 -21.65
CA GLN B 762 12.82 -4.21 -22.27
C GLN B 762 11.76 -3.49 -23.09
N LEU B 763 11.22 -2.40 -22.57
CA LEU B 763 10.18 -1.69 -23.30
C LEU B 763 10.73 -1.10 -24.59
N LYS B 764 11.91 -0.50 -24.53
CA LYS B 764 12.45 0.06 -25.76
C LYS B 764 12.70 -1.05 -26.77
N ARG B 765 13.23 -2.18 -26.33
CA ARG B 765 13.46 -3.27 -27.28
C ARG B 765 12.18 -3.78 -27.89
N ALA B 766 11.13 -3.98 -27.09
CA ALA B 766 9.89 -4.50 -27.66
C ALA B 766 9.30 -3.54 -28.67
N LEU B 767 9.29 -2.26 -28.36
CA LEU B 767 8.66 -1.33 -29.29
C LEU B 767 9.46 -1.17 -30.57
N THR B 768 10.77 -1.10 -30.49
CA THR B 768 11.53 -1.04 -31.73
C THR B 768 11.34 -2.29 -32.57
N GLY B 769 11.23 -3.46 -31.95
CA GLY B 769 10.97 -4.64 -32.75
C GLY B 769 9.66 -4.55 -33.50
N ILE B 770 8.64 -4.04 -32.85
CA ILE B 770 7.37 -3.88 -33.55
C ILE B 770 7.51 -2.93 -34.73
N ALA B 771 8.22 -1.82 -34.56
CA ALA B 771 8.36 -0.86 -35.65
C ALA B 771 9.10 -1.46 -36.85
N VAL B 772 10.22 -2.11 -36.62
CA VAL B 772 10.93 -2.69 -37.76
C VAL B 772 10.08 -3.74 -38.45
N GLU B 773 9.24 -4.42 -37.70
CA GLU B 773 8.39 -5.41 -38.31
C GLU B 773 7.39 -4.78 -39.24
N GLN B 774 6.84 -3.64 -38.85
CA GLN B 774 5.87 -2.95 -39.72
C GLN B 774 6.52 -2.59 -41.04
N ASP B 775 7.74 -2.11 -40.99
CA ASP B 775 8.44 -1.78 -42.23
C ASP B 775 8.61 -3.01 -43.11
N LYS B 776 8.97 -4.13 -42.50
CA LYS B 776 9.15 -5.35 -43.29
C LYS B 776 7.85 -5.80 -43.92
N ASN B 777 6.73 -5.62 -43.25
CA ASN B 777 5.46 -6.03 -43.85
C ASN B 777 5.19 -5.26 -45.13
N THR B 778 5.30 -3.94 -45.08
CA THR B 778 5.08 -3.20 -46.32
C THR B 778 6.01 -3.63 -47.43
N GLN B 779 7.29 -3.81 -47.12
CA GLN B 779 8.22 -4.24 -48.17
C GLN B 779 7.79 -5.55 -48.77
N GLU B 780 7.54 -6.53 -47.92
CA GLU B 780 7.18 -7.86 -48.36
C GLU B 780 5.95 -7.89 -49.22
N VAL B 781 4.98 -7.02 -48.95
CA VAL B 781 3.76 -7.05 -49.74
C VAL B 781 3.97 -6.40 -51.09
N PHE B 782 4.50 -5.18 -51.10
CA PHE B 782 4.45 -4.41 -52.33
C PHE B 782 5.67 -4.57 -53.20
N ALA B 783 6.84 -4.63 -52.60
CA ALA B 783 8.11 -4.67 -53.32
C ALA B 783 8.43 -6.06 -53.84
N GLN B 784 7.52 -6.61 -54.60
CA GLN B 784 7.80 -7.93 -55.14
C GLN B 784 8.50 -7.89 -56.48
N VAL B 785 8.15 -6.94 -57.29
CA VAL B 785 8.73 -6.75 -58.62
C VAL B 785 10.07 -6.05 -58.51
N LYS B 786 10.99 -6.41 -59.38
CA LYS B 786 12.34 -5.86 -59.33
C LYS B 786 12.55 -4.60 -60.16
N GLN B 787 11.94 -4.50 -61.33
CA GLN B 787 12.09 -3.34 -62.21
C GLN B 787 10.78 -2.59 -62.33
N ILE B 788 10.83 -1.27 -62.32
CA ILE B 788 9.63 -0.47 -62.42
C ILE B 788 9.21 -0.41 -63.89
N TYR B 789 8.21 -1.21 -64.28
CA TYR B 789 7.72 -1.27 -65.64
C TYR B 789 6.81 -0.10 -65.97
N LYS B 790 7.05 0.57 -67.09
CA LYS B 790 6.25 1.72 -67.51
C LYS B 790 5.15 1.32 -68.49
N THR B 791 4.04 2.04 -68.45
CA THR B 791 2.90 1.85 -69.34
C THR B 791 3.18 2.50 -70.68
N PRO B 792 2.86 1.86 -71.81
CA PRO B 792 3.10 2.51 -73.10
C PRO B 792 2.22 3.74 -73.25
N PRO B 793 2.57 4.68 -74.11
CA PRO B 793 1.75 5.90 -74.23
C PRO B 793 0.42 5.72 -74.95
N ILE B 794 0.38 4.99 -76.06
CA ILE B 794 -0.87 4.71 -76.78
C ILE B 794 -1.58 3.61 -75.99
N LYS B 795 -2.56 4.00 -75.19
CA LYS B 795 -3.25 3.10 -74.28
C LYS B 795 -4.46 2.39 -74.91
N TYR B 796 -4.24 1.66 -76.00
CA TYR B 796 -5.32 0.86 -76.58
C TYR B 796 -4.99 -0.61 -76.45
N PHE B 797 -5.84 -1.35 -75.72
CA PHE B 797 -5.63 -2.76 -75.41
C PHE B 797 -6.78 -3.63 -75.86
N GLY B 798 -7.32 -3.37 -77.03
CA GLY B 798 -8.38 -4.19 -77.54
C GLY B 798 -9.72 -4.01 -76.88
N GLY B 799 -10.14 -2.77 -76.69
CA GLY B 799 -11.41 -2.50 -76.10
C GLY B 799 -11.47 -2.44 -74.59
N PHE B 800 -10.53 -3.04 -73.89
CA PHE B 800 -10.60 -2.98 -72.45
C PHE B 800 -10.25 -1.58 -71.99
N ASN B 801 -10.94 -1.07 -70.99
CA ASN B 801 -10.76 0.31 -70.52
C ASN B 801 -10.21 0.31 -69.10
N PHE B 802 -8.89 0.41 -68.97
CA PHE B 802 -8.23 0.47 -67.67
C PHE B 802 -8.08 1.87 -67.11
N SER B 803 -8.79 2.88 -67.61
CA SER B 803 -8.58 4.23 -67.11
C SER B 803 -8.87 4.38 -65.62
N GLN B 804 -9.79 3.60 -65.08
CA GLN B 804 -10.12 3.77 -63.68
C GLN B 804 -9.05 3.27 -62.74
N ILE B 805 -8.12 2.47 -63.21
CA ILE B 805 -7.08 1.94 -62.35
C ILE B 805 -5.68 2.41 -62.69
N LEU B 806 -5.40 2.85 -63.89
CA LEU B 806 -4.06 3.32 -64.21
C LEU B 806 -3.81 4.67 -63.57
N PRO B 807 -2.55 5.04 -63.30
CA PRO B 807 -2.29 6.30 -62.63
C PRO B 807 -2.72 7.47 -63.50
N ASP B 808 -3.23 8.50 -62.83
CA ASP B 808 -3.73 9.70 -63.50
C ASP B 808 -2.68 10.79 -63.60
N PRO B 809 -2.20 11.14 -64.79
CA PRO B 809 -1.20 12.21 -64.89
C PRO B 809 -1.78 13.56 -64.50
N SER B 810 -3.11 13.69 -64.49
CA SER B 810 -3.74 14.96 -64.16
C SER B 810 -3.47 15.36 -62.73
N LYS B 811 -3.85 14.50 -61.78
CA LYS B 811 -3.66 14.84 -60.38
C LYS B 811 -2.16 14.87 -60.06
N PRO B 812 -1.75 15.75 -59.14
CA PRO B 812 -0.32 15.82 -58.83
C PRO B 812 0.19 14.61 -58.08
N SER B 813 -0.67 13.98 -57.28
CA SER B 813 -0.29 12.81 -56.50
C SER B 813 -0.06 11.57 -57.36
N LYS B 814 -0.52 11.59 -58.61
CA LYS B 814 -0.32 10.50 -59.58
C LYS B 814 -0.98 9.19 -59.14
N ARG B 815 -2.11 9.27 -58.48
CA ARG B 815 -2.87 8.09 -58.10
C ARG B 815 -4.04 7.95 -59.06
N SER B 816 -4.42 6.73 -59.33
CA SER B 816 -5.58 6.47 -60.14
C SER B 816 -6.82 7.01 -59.44
N PRO B 817 -7.95 7.14 -60.13
CA PRO B 817 -9.16 7.58 -59.42
C PRO B 817 -9.65 6.67 -58.32
N ILE B 818 -9.60 5.35 -58.46
CA ILE B 818 -10.04 4.51 -57.35
C ILE B 818 -9.16 4.72 -56.14
N GLU B 819 -7.86 4.87 -56.34
CA GLU B 819 -6.96 5.11 -55.22
C GLU B 819 -7.30 6.42 -54.53
N ASP B 820 -7.66 7.45 -55.30
CA ASP B 820 -8.07 8.71 -54.71
C ASP B 820 -9.31 8.55 -53.87
N LEU B 821 -10.28 7.80 -54.39
CA LEU B 821 -11.49 7.57 -53.61
C LEU B 821 -11.16 6.88 -52.30
N LEU B 822 -10.28 5.91 -52.34
CA LEU B 822 -9.89 5.23 -51.11
C LEU B 822 -9.20 6.16 -50.16
N PHE B 823 -8.30 7.00 -50.64
CA PHE B 823 -7.60 7.86 -49.69
C PHE B 823 -8.53 8.89 -49.07
N ASN B 824 -9.54 9.33 -49.78
CA ASN B 824 -10.43 10.31 -49.15
C ASN B 824 -11.49 9.66 -48.29
N LYS B 825 -11.84 8.40 -48.57
CA LYS B 825 -12.91 7.77 -47.82
C LYS B 825 -12.49 7.50 -46.40
N VAL B 826 -11.21 7.26 -46.15
CA VAL B 826 -10.72 6.94 -44.82
C VAL B 826 -9.74 8.02 -44.35
N THR B 827 -9.93 8.46 -43.11
CA THR B 827 -9.06 9.45 -42.49
C THR B 827 -8.84 9.01 -41.05
N LEU B 828 -7.93 9.68 -40.36
CA LEU B 828 -7.64 9.34 -38.96
C LEU B 828 -8.82 9.71 -38.08
N PHE B 855 2.00 15.92 -26.38
CA PHE B 855 2.04 14.59 -25.80
C PHE B 855 2.79 14.52 -24.48
N ASN B 856 2.93 13.32 -23.95
CA ASN B 856 3.62 13.03 -22.71
C ASN B 856 4.78 12.07 -22.88
N GLY B 857 5.62 12.24 -23.89
CA GLY B 857 6.70 11.31 -24.07
C GLY B 857 6.42 10.24 -25.09
N LEU B 858 5.32 10.35 -25.82
CA LEU B 858 4.89 9.41 -26.82
C LEU B 858 5.08 10.04 -28.19
N THR B 859 5.73 9.33 -29.08
CA THR B 859 6.00 9.85 -30.41
C THR B 859 5.65 8.83 -31.46
N VAL B 860 5.16 9.30 -32.60
CA VAL B 860 4.79 8.45 -33.71
C VAL B 860 5.86 8.56 -34.78
N LEU B 861 6.41 7.51 -35.13
CA LEU B 861 7.47 7.55 -36.11
C LEU B 861 6.89 7.46 -37.52
N PRO B 862 7.54 8.02 -38.53
CA PRO B 862 6.98 7.97 -39.87
C PRO B 862 7.32 6.63 -40.52
N PRO B 863 6.57 6.25 -41.55
CA PRO B 863 6.90 5.02 -42.27
C PRO B 863 8.07 5.24 -43.19
N LEU B 864 8.73 4.14 -43.56
CA LEU B 864 9.87 4.27 -44.47
C LEU B 864 9.47 4.57 -45.90
N LEU B 865 8.53 3.82 -46.46
CA LEU B 865 8.05 4.09 -47.80
C LEU B 865 6.92 5.09 -47.76
N THR B 866 7.09 6.23 -48.38
CA THR B 866 5.99 7.17 -48.36
C THR B 866 4.88 6.67 -49.27
N ASP B 867 3.74 7.33 -49.18
CA ASP B 867 2.59 6.94 -49.97
C ASP B 867 2.92 7.01 -51.44
N GLU B 868 3.70 7.99 -51.83
CA GLU B 868 4.06 8.13 -53.23
C GLU B 868 4.84 6.92 -53.72
N MET B 869 5.78 6.43 -52.93
CA MET B 869 6.56 5.29 -53.41
C MET B 869 5.72 4.03 -53.47
N ILE B 870 4.78 3.83 -52.56
CA ILE B 870 3.90 2.69 -52.68
C ILE B 870 3.04 2.79 -53.92
N ALA B 871 2.55 3.97 -54.25
CA ALA B 871 1.78 4.11 -55.46
C ALA B 871 2.64 3.81 -56.68
N GLN B 872 3.92 4.16 -56.63
CA GLN B 872 4.77 3.80 -57.75
C GLN B 872 4.95 2.29 -57.88
N TYR B 873 5.12 1.58 -56.78
CA TYR B 873 5.23 0.13 -56.89
C TYR B 873 3.96 -0.47 -57.47
N THR B 874 2.80 -0.01 -57.02
CA THR B 874 1.56 -0.54 -57.56
C THR B 874 1.44 -0.29 -59.04
N SER B 875 1.82 0.89 -59.51
CA SER B 875 1.72 1.14 -60.93
C SER B 875 2.64 0.22 -61.70
N ALA B 876 3.79 -0.11 -61.13
CA ALA B 876 4.68 -1.06 -61.80
C ALA B 876 4.02 -2.43 -61.94
N LEU B 877 3.38 -2.90 -60.88
CA LEU B 877 2.72 -4.20 -61.01
C LEU B 877 1.63 -4.15 -62.06
N LEU B 878 0.85 -3.08 -62.10
CA LEU B 878 -0.19 -3.00 -63.13
C LEU B 878 0.38 -2.97 -64.54
N ALA B 879 1.39 -2.16 -64.80
CA ALA B 879 1.93 -2.15 -66.15
C ALA B 879 2.49 -3.50 -66.53
N GLY B 880 3.19 -4.15 -65.63
CA GLY B 880 3.70 -5.46 -65.94
C GLY B 880 2.61 -6.45 -66.28
N THR B 881 1.58 -6.54 -65.45
CA THR B 881 0.53 -7.51 -65.71
C THR B 881 -0.30 -7.17 -66.93
N ILE B 882 -0.37 -5.90 -67.30
CA ILE B 882 -1.18 -5.55 -68.45
C ILE B 882 -0.44 -5.82 -69.73
N THR B 883 0.87 -5.68 -69.75
CA THR B 883 1.55 -5.82 -71.02
C THR B 883 2.20 -7.17 -71.18
N SER B 884 2.43 -7.93 -70.10
CA SER B 884 3.18 -9.16 -70.18
C SER B 884 2.57 -10.37 -69.49
N GLY B 885 1.42 -10.25 -68.88
CA GLY B 885 0.78 -11.42 -68.26
C GLY B 885 1.52 -12.07 -67.10
N TRP B 886 1.61 -13.39 -67.13
CA TRP B 886 2.27 -14.13 -66.06
C TRP B 886 3.76 -13.97 -66.08
N THR B 887 4.31 -13.67 -67.24
CA THR B 887 5.73 -13.86 -67.45
C THR B 887 6.58 -12.98 -66.58
N PHE B 888 6.12 -11.78 -66.29
CA PHE B 888 6.99 -10.90 -65.54
C PHE B 888 7.25 -11.38 -64.13
N GLY B 889 6.54 -12.39 -63.65
CA GLY B 889 6.74 -12.88 -62.32
C GLY B 889 7.69 -14.05 -62.27
N ALA B 890 7.98 -14.65 -63.41
CA ALA B 890 8.87 -15.80 -63.53
C ALA B 890 10.23 -15.46 -64.09
N GLY B 891 10.44 -14.23 -64.56
CA GLY B 891 11.70 -13.81 -65.11
C GLY B 891 11.55 -12.59 -65.98
N PRO B 892 12.16 -12.59 -67.15
CA PRO B 892 12.10 -11.44 -68.05
C PRO B 892 10.70 -11.23 -68.61
N ALA B 893 10.20 -10.01 -68.55
CA ALA B 893 8.86 -9.73 -69.05
C ALA B 893 8.82 -9.85 -70.57
N LEU B 894 7.99 -10.75 -71.07
CA LEU B 894 7.82 -10.96 -72.50
C LEU B 894 6.47 -10.39 -72.90
N GLN B 895 6.45 -9.42 -73.81
CA GLN B 895 5.20 -8.78 -74.21
C GLN B 895 4.28 -9.67 -75.02
N ILE B 896 2.98 -9.54 -74.81
CA ILE B 896 1.94 -10.32 -75.50
C ILE B 896 0.69 -9.47 -75.67
N PRO B 897 0.02 -9.48 -76.83
CA PRO B 897 -1.22 -8.71 -77.01
C PRO B 897 -2.26 -9.02 -75.95
N PHE B 898 -2.96 -8.02 -75.46
CA PHE B 898 -3.90 -8.30 -74.39
C PHE B 898 -5.02 -9.27 -74.74
N PRO B 899 -5.64 -9.24 -75.90
CA PRO B 899 -6.59 -10.29 -76.20
C PRO B 899 -5.98 -11.67 -76.18
N MET B 900 -4.76 -11.88 -76.65
CA MET B 900 -4.21 -13.23 -76.54
C MET B 900 -3.96 -13.61 -75.10
N GLN B 901 -3.63 -12.66 -74.24
CA GLN B 901 -3.46 -13.00 -72.84
C GLN B 901 -4.76 -13.46 -72.23
N MET B 902 -5.83 -12.74 -72.48
CA MET B 902 -7.08 -13.23 -71.96
C MET B 902 -7.50 -14.56 -72.59
N ALA B 903 -7.10 -14.83 -73.82
CA ALA B 903 -7.41 -16.14 -74.35
C ALA B 903 -6.68 -17.23 -73.59
N TYR B 904 -5.40 -17.02 -73.27
CA TYR B 904 -4.68 -17.91 -72.38
C TYR B 904 -5.46 -18.19 -71.09
N ARG B 905 -5.94 -17.13 -70.43
CA ARG B 905 -6.62 -17.36 -69.14
C ARG B 905 -7.94 -18.11 -69.31
N PHE B 906 -8.70 -17.79 -70.35
CA PHE B 906 -9.91 -18.56 -70.64
C PHE B 906 -9.58 -20.02 -70.81
N ASN B 907 -8.60 -20.31 -71.63
CA ASN B 907 -8.12 -21.68 -71.75
C ASN B 907 -7.75 -22.29 -70.43
N GLY B 908 -7.16 -21.49 -69.55
CA GLY B 908 -6.79 -21.98 -68.23
C GLY B 908 -7.94 -22.48 -67.40
N ILE B 909 -9.14 -21.92 -67.55
CA ILE B 909 -10.29 -22.40 -66.77
C ILE B 909 -11.15 -23.39 -67.54
N GLY B 910 -10.61 -24.03 -68.56
CA GLY B 910 -11.35 -25.08 -69.23
C GLY B 910 -12.36 -24.67 -70.28
N VAL B 911 -12.28 -23.45 -70.80
CA VAL B 911 -13.13 -22.99 -71.88
C VAL B 911 -12.21 -22.73 -73.07
N THR B 912 -12.56 -23.27 -74.22
CA THR B 912 -11.69 -23.14 -75.38
C THR B 912 -11.57 -21.70 -75.81
N GLN B 913 -10.41 -21.33 -76.32
CA GLN B 913 -10.10 -19.96 -76.65
C GLN B 913 -10.92 -19.36 -77.77
N ASN B 914 -11.50 -20.15 -78.66
CA ASN B 914 -12.34 -19.54 -79.67
C ASN B 914 -13.51 -18.80 -79.08
N VAL B 915 -13.96 -19.23 -77.91
CA VAL B 915 -15.02 -18.54 -77.18
C VAL B 915 -14.64 -17.12 -76.84
N LEU B 916 -13.37 -16.86 -76.62
CA LEU B 916 -13.06 -15.46 -76.37
C LEU B 916 -13.00 -14.66 -77.67
N TYR B 917 -12.44 -15.22 -78.73
CA TYR B 917 -12.31 -14.41 -79.94
C TYR B 917 -13.63 -14.10 -80.58
N GLU B 918 -14.65 -14.86 -80.30
CA GLU B 918 -15.94 -14.62 -80.91
C GLU B 918 -16.81 -13.71 -80.09
N ASN B 919 -16.40 -13.37 -78.88
CA ASN B 919 -17.19 -12.52 -78.01
C ASN B 919 -16.31 -11.46 -77.40
N GLN B 920 -15.25 -11.07 -78.10
CA GLN B 920 -14.39 -10.02 -77.59
C GLN B 920 -15.14 -8.76 -77.26
N LYS B 921 -16.04 -8.34 -78.14
CA LYS B 921 -16.77 -7.10 -77.91
C LYS B 921 -17.61 -7.18 -76.64
N LEU B 922 -18.39 -8.24 -76.51
CA LEU B 922 -19.24 -8.39 -75.34
C LEU B 922 -18.44 -8.49 -74.06
N ILE B 923 -17.34 -9.20 -74.08
CA ILE B 923 -16.54 -9.35 -72.88
C ILE B 923 -15.95 -8.03 -72.47
N ALA B 924 -15.47 -7.24 -73.43
CA ALA B 924 -14.93 -5.94 -73.07
C ALA B 924 -16.00 -5.06 -72.48
N ASN B 925 -17.21 -5.10 -73.03
CA ASN B 925 -18.28 -4.30 -72.48
C ASN B 925 -18.63 -4.69 -71.05
N GLN B 926 -18.71 -6.00 -70.76
CA GLN B 926 -19.01 -6.41 -69.40
C GLN B 926 -17.90 -6.02 -68.43
N PHE B 927 -16.65 -6.17 -68.83
CA PHE B 927 -15.57 -5.78 -67.95
C PHE B 927 -15.62 -4.30 -67.64
N ASN B 928 -15.86 -3.47 -68.66
CA ASN B 928 -15.94 -2.04 -68.42
C ASN B 928 -17.09 -1.69 -67.48
N SER B 929 -18.25 -2.29 -67.67
CA SER B 929 -19.37 -2.00 -66.79
C SER B 929 -19.08 -2.36 -65.35
N ALA B 930 -18.46 -3.52 -65.12
CA ALA B 930 -18.15 -3.91 -63.75
C ALA B 930 -17.14 -2.98 -63.11
N ILE B 931 -16.11 -2.59 -63.85
CA ILE B 931 -15.13 -1.67 -63.28
C ILE B 931 -15.80 -0.35 -62.96
N GLY B 932 -16.78 0.05 -63.76
CA GLY B 932 -17.48 1.27 -63.46
C GLY B 932 -18.33 1.20 -62.21
N LYS B 933 -18.99 0.07 -61.99
CA LYS B 933 -19.82 -0.01 -60.80
C LYS B 933 -19.01 -0.18 -59.52
N ILE B 934 -17.76 -0.62 -59.60
CA ILE B 934 -16.95 -0.76 -58.37
C ILE B 934 -16.79 0.55 -57.63
N GLN B 935 -16.49 1.62 -58.34
CA GLN B 935 -16.26 2.89 -57.66
C GLN B 935 -17.53 3.38 -56.98
N ASP B 936 -18.66 3.26 -57.67
CA ASP B 936 -19.92 3.66 -57.05
C ASP B 936 -20.18 2.83 -55.81
N SER B 937 -19.90 1.53 -55.86
CA SER B 937 -20.12 0.69 -54.70
C SER B 937 -19.25 1.09 -53.52
N LEU B 938 -17.97 1.36 -53.76
CA LEU B 938 -17.12 1.79 -52.65
C LEU B 938 -17.61 3.10 -52.07
N SER B 939 -18.14 3.98 -52.92
CA SER B 939 -18.59 5.29 -52.43
C SER B 939 -19.94 5.20 -51.71
N SER B 940 -20.83 4.34 -52.16
CA SER B 940 -22.16 4.25 -51.55
C SER B 940 -22.16 3.43 -50.27
N THR B 941 -21.28 2.47 -50.14
CA THR B 941 -21.27 1.70 -48.93
C THR B 941 -20.82 2.61 -47.79
N PRO B 942 -21.53 2.64 -46.68
CA PRO B 942 -21.14 3.56 -45.60
C PRO B 942 -19.96 3.04 -44.79
N SER B 943 -19.83 1.73 -44.70
CA SER B 943 -18.83 1.06 -43.89
C SER B 943 -18.15 -0.04 -44.69
N ALA B 944 -17.73 0.28 -45.91
CA ALA B 944 -17.02 -0.71 -46.72
C ALA B 944 -15.58 -0.92 -46.26
N LEU B 945 -14.94 0.13 -45.74
CA LEU B 945 -13.56 0.09 -45.30
C LEU B 945 -13.44 -0.13 -43.81
N GLY B 946 -14.31 -0.93 -43.23
CA GLY B 946 -14.31 -1.10 -41.80
C GLY B 946 -12.99 -1.58 -41.23
N LYS B 947 -12.29 -2.46 -41.93
CA LYS B 947 -11.08 -3.03 -41.34
C LYS B 947 -9.96 -2.00 -41.15
N LEU B 948 -9.66 -1.22 -42.18
CA LEU B 948 -8.59 -0.24 -42.03
C LEU B 948 -8.95 0.81 -40.98
N GLN B 949 -10.19 1.27 -41.03
CA GLN B 949 -10.64 2.25 -40.05
C GLN B 949 -10.53 1.67 -38.65
N ASP B 950 -10.82 0.39 -38.50
CA ASP B 950 -10.77 -0.24 -37.20
C ASP B 950 -9.35 -0.32 -36.67
N VAL B 951 -8.39 -0.60 -37.54
CA VAL B 951 -7.01 -0.62 -37.07
C VAL B 951 -6.63 0.74 -36.53
N VAL B 952 -6.95 1.79 -37.26
CA VAL B 952 -6.59 3.12 -36.78
C VAL B 952 -7.25 3.42 -35.44
N ASN B 953 -8.54 3.11 -35.32
CA ASN B 953 -9.23 3.43 -34.08
C ASN B 953 -8.73 2.63 -32.90
N HIS B 954 -8.37 1.37 -33.09
CA HIS B 954 -7.85 0.62 -31.96
C HIS B 954 -6.55 1.21 -31.46
N ASN B 955 -5.62 1.51 -32.36
CA ASN B 955 -4.38 2.09 -31.85
C ASN B 955 -4.61 3.43 -31.16
N ALA B 956 -5.41 4.30 -31.76
CA ALA B 956 -5.64 5.60 -31.13
C ALA B 956 -6.26 5.44 -29.75
N GLN B 957 -7.22 4.55 -29.62
CA GLN B 957 -7.85 4.36 -28.33
C GLN B 957 -6.86 3.84 -27.29
N ALA B 958 -5.95 2.95 -27.69
CA ALA B 958 -4.96 2.47 -26.73
C ALA B 958 -4.12 3.62 -26.20
N LEU B 959 -3.63 4.47 -27.09
CA LEU B 959 -2.85 5.61 -26.62
C LEU B 959 -3.67 6.51 -25.72
N ASN B 960 -4.94 6.68 -26.06
CA ASN B 960 -5.81 7.55 -25.29
C ASN B 960 -5.92 7.05 -23.86
N THR B 961 -6.17 5.76 -23.69
CA THR B 961 -6.28 5.26 -22.34
C THR B 961 -4.95 5.32 -21.61
N LEU B 962 -3.83 5.13 -22.30
CA LEU B 962 -2.55 5.24 -21.60
C LEU B 962 -2.34 6.64 -21.06
N VAL B 963 -2.73 7.65 -21.81
CA VAL B 963 -2.57 9.00 -21.30
C VAL B 963 -3.55 9.28 -20.17
N LYS B 964 -4.76 8.76 -20.26
CA LYS B 964 -5.72 9.07 -19.20
C LYS B 964 -5.32 8.41 -17.89
N GLN B 965 -4.70 7.24 -17.95
CA GLN B 965 -4.35 6.54 -16.72
C GLN B 965 -3.32 7.27 -15.88
N LEU B 966 -2.83 8.43 -16.31
CA LEU B 966 -1.92 9.16 -15.44
C LEU B 966 -2.62 9.79 -14.26
N SER B 967 -3.92 10.02 -14.34
CA SER B 967 -4.64 10.66 -13.26
C SER B 967 -4.87 9.74 -12.06
N SER B 968 -4.81 8.43 -12.26
CA SER B 968 -5.07 7.51 -11.16
C SER B 968 -4.06 7.67 -10.03
N LYS B 969 -4.54 7.47 -8.81
CA LYS B 969 -3.74 7.56 -7.61
C LYS B 969 -3.05 6.27 -7.21
N PHE B 970 -3.61 5.12 -7.59
CA PHE B 970 -3.03 3.80 -7.31
C PHE B 970 -2.84 3.55 -5.82
N GLY B 971 -3.59 4.24 -4.98
CA GLY B 971 -3.46 4.10 -3.55
C GLY B 971 -2.64 5.19 -2.91
N ALA B 972 -1.90 5.96 -3.70
CA ALA B 972 -1.14 7.06 -3.14
C ALA B 972 -2.11 8.21 -2.79
N ILE B 973 -1.66 9.08 -1.89
CA ILE B 973 -2.49 10.18 -1.47
C ILE B 973 -2.76 11.23 -2.53
N SER B 974 -1.98 11.30 -3.60
CA SER B 974 -2.24 12.26 -4.66
C SER B 974 -1.45 11.87 -5.90
N SER B 975 -1.91 12.36 -7.04
CA SER B 975 -1.33 11.98 -8.32
C SER B 975 -0.23 12.91 -8.81
N VAL B 976 -0.26 14.19 -8.48
CA VAL B 976 0.76 15.10 -9.02
C VAL B 976 2.01 15.03 -8.17
N LEU B 977 3.16 15.00 -8.84
CA LEU B 977 4.42 14.82 -8.13
C LEU B 977 4.75 16.00 -7.22
N ASN B 978 4.37 17.22 -7.62
CA ASN B 978 4.74 18.38 -6.83
C ASN B 978 4.10 18.35 -5.45
N ASP B 979 2.80 18.07 -5.40
CA ASP B 979 2.12 18.00 -4.11
C ASP B 979 2.69 16.87 -3.26
N ILE B 980 2.90 15.70 -3.87
CA ILE B 980 3.44 14.57 -3.12
C ILE B 980 4.77 14.98 -2.48
N LEU B 981 5.62 15.66 -3.23
CA LEU B 981 6.91 16.08 -2.73
C LEU B 981 6.84 17.34 -1.86
N SER B 982 5.72 18.04 -1.84
CA SER B 982 5.56 19.27 -1.07
C SER B 982 5.04 19.04 0.34
N ARG B 983 3.89 18.39 0.45
CA ARG B 983 3.17 18.28 1.73
C ARG B 983 3.51 17.01 2.49
N LEU B 984 4.73 16.51 2.36
CA LEU B 984 5.19 15.35 3.11
C LEU B 984 6.70 15.39 3.12
N ASP B 985 7.29 14.87 4.19
CA ASP B 985 8.74 14.88 4.26
C ASP B 985 9.30 13.87 3.27
N PRO B 986 10.55 14.03 2.86
CA PRO B 986 11.13 13.14 1.86
C PRO B 986 11.16 11.68 2.29
N PRO B 987 11.49 11.36 3.55
CA PRO B 987 11.52 9.94 3.93
C PRO B 987 10.20 9.23 3.70
N GLU B 988 9.09 9.86 4.03
CA GLU B 988 7.78 9.28 3.77
C GLU B 988 7.36 9.50 2.33
N ALA B 989 7.83 10.59 1.73
CA ALA B 989 7.55 10.82 0.32
C ALA B 989 8.09 9.68 -0.53
N GLU B 990 9.13 9.01 -0.08
CA GLU B 990 9.63 7.86 -0.83
C GLU B 990 8.54 6.82 -0.98
N VAL B 991 7.92 6.40 0.12
CA VAL B 991 6.89 5.38 0.01
C VAL B 991 5.63 5.95 -0.62
N GLN B 992 5.43 7.26 -0.60
CA GLN B 992 4.30 7.79 -1.35
C GLN B 992 4.56 7.91 -2.84
N ILE B 993 5.81 7.94 -3.27
CA ILE B 993 6.12 8.00 -4.68
C ILE B 993 6.34 6.62 -5.29
N ASP B 994 6.75 5.67 -4.46
CA ASP B 994 6.87 4.29 -4.88
C ASP B 994 5.57 3.79 -5.49
N ARG B 995 4.43 4.12 -4.90
CA ARG B 995 3.18 3.60 -5.41
C ARG B 995 2.96 4.10 -6.83
N LEU B 996 3.13 5.40 -7.07
CA LEU B 996 2.92 5.93 -8.41
C LEU B 996 3.86 5.29 -9.40
N ILE B 997 5.13 5.19 -9.05
CA ILE B 997 6.07 4.57 -9.99
C ILE B 997 5.60 3.17 -10.34
N THR B 998 5.35 2.33 -9.35
CA THR B 998 4.99 0.96 -9.66
C THR B 998 3.69 0.87 -10.44
N GLY B 999 2.71 1.71 -10.11
CA GLY B 999 1.45 1.65 -10.82
C GLY B 999 1.59 2.06 -12.27
N ARG B 1000 2.32 3.15 -12.51
CA ARG B 1000 2.47 3.61 -13.88
C ARG B 1000 3.33 2.64 -14.69
N LEU B 1001 4.30 1.99 -14.05
CA LEU B 1001 5.07 1.00 -14.76
C LEU B 1001 4.20 -0.16 -15.17
N GLN B 1002 3.27 -0.55 -14.29
CA GLN B 1002 2.35 -1.62 -14.68
C GLN B 1002 1.47 -1.19 -15.84
N SER B 1003 1.03 0.05 -15.85
CA SER B 1003 0.20 0.51 -16.96
C SER B 1003 0.95 0.44 -18.27
N LEU B 1004 2.19 0.92 -18.27
CA LEU B 1004 2.95 0.91 -19.51
C LEU B 1004 3.22 -0.52 -19.97
N GLN B 1005 3.43 -1.45 -19.03
CA GLN B 1005 3.64 -2.84 -19.41
C GLN B 1005 2.42 -3.45 -20.06
N THR B 1006 1.22 -3.18 -19.53
CA THR B 1006 0.03 -3.71 -20.20
C THR B 1006 -0.07 -3.16 -21.60
N TYR B 1007 0.23 -1.88 -21.79
CA TYR B 1007 0.17 -1.34 -23.13
C TYR B 1007 1.09 -2.08 -24.08
N VAL B 1008 2.33 -2.35 -23.67
CA VAL B 1008 3.22 -3.02 -24.61
C VAL B 1008 2.75 -4.44 -24.90
N THR B 1009 2.20 -5.13 -23.92
CA THR B 1009 1.73 -6.49 -24.22
C THR B 1009 0.53 -6.47 -25.17
N GLN B 1010 -0.41 -5.58 -24.97
CA GLN B 1010 -1.53 -5.49 -25.88
C GLN B 1010 -1.01 -5.23 -27.29
N GLN B 1011 0.01 -4.38 -27.42
CA GLN B 1011 0.56 -4.12 -28.74
C GLN B 1011 1.24 -5.32 -29.35
N LEU B 1012 1.86 -6.16 -28.56
CA LEU B 1012 2.47 -7.34 -29.16
C LEU B 1012 1.41 -8.25 -29.75
N ILE B 1013 0.32 -8.46 -29.04
CA ILE B 1013 -0.74 -9.29 -29.60
C ILE B 1013 -1.29 -8.68 -30.88
N ARG B 1014 -1.58 -7.38 -30.86
CA ARG B 1014 -2.12 -6.76 -32.09
C ARG B 1014 -1.13 -6.83 -33.24
N ALA B 1015 0.16 -6.72 -32.97
CA ALA B 1015 1.10 -6.79 -34.06
C ALA B 1015 1.15 -8.17 -34.67
N ALA B 1016 1.01 -9.20 -33.85
CA ALA B 1016 0.91 -10.54 -34.41
C ALA B 1016 -0.29 -10.69 -35.32
N GLU B 1017 -1.42 -10.15 -34.90
CA GLU B 1017 -2.60 -10.19 -35.77
C GLU B 1017 -2.34 -9.53 -37.11
N ILE B 1018 -1.74 -8.35 -37.09
CA ILE B 1018 -1.51 -7.64 -38.36
C ILE B 1018 -0.50 -8.37 -39.21
N ARG B 1019 0.47 -9.03 -38.59
CA ARG B 1019 1.44 -9.79 -39.36
C ARG B 1019 0.79 -10.97 -40.06
N ALA B 1020 -0.12 -11.67 -39.40
CA ALA B 1020 -0.83 -12.72 -40.10
C ALA B 1020 -1.56 -12.18 -41.30
N SER B 1021 -2.25 -11.06 -41.13
CA SER B 1021 -2.95 -10.46 -42.26
C SER B 1021 -2.01 -10.05 -43.38
N ALA B 1022 -0.84 -9.52 -43.05
CA ALA B 1022 0.09 -9.08 -44.08
C ALA B 1022 0.67 -10.25 -44.84
N ASN B 1023 0.95 -11.37 -44.16
CA ASN B 1023 1.38 -12.57 -44.87
C ASN B 1023 0.31 -13.03 -45.84
N LEU B 1024 -0.94 -13.03 -45.43
CA LEU B 1024 -1.98 -13.39 -46.37
C LEU B 1024 -2.02 -12.44 -47.54
N ALA B 1025 -1.85 -11.15 -47.32
CA ALA B 1025 -1.89 -10.21 -48.43
C ALA B 1025 -0.75 -10.47 -49.39
N ALA B 1026 0.44 -10.78 -48.88
CA ALA B 1026 1.55 -11.07 -49.79
C ALA B 1026 1.27 -12.31 -50.61
N THR B 1027 0.71 -13.35 -49.97
CA THR B 1027 0.31 -14.55 -50.70
C THR B 1027 -0.69 -14.24 -51.78
N LYS B 1028 -1.67 -13.41 -51.50
CA LYS B 1028 -2.65 -13.09 -52.53
C LYS B 1028 -1.99 -12.35 -53.67
N MET B 1029 -1.12 -11.40 -53.37
CA MET B 1029 -0.35 -10.76 -54.44
C MET B 1029 0.34 -11.78 -55.31
N SER B 1030 1.21 -12.59 -54.73
CA SER B 1030 1.96 -13.55 -55.55
C SER B 1030 1.05 -14.43 -56.35
N GLU B 1031 0.03 -15.02 -55.72
CA GLU B 1031 -0.72 -16.07 -56.39
C GLU B 1031 -1.81 -15.54 -57.29
N CYS B 1032 -2.51 -14.47 -56.93
CA CYS B 1032 -3.61 -14.02 -57.78
C CYS B 1032 -3.15 -13.00 -58.81
N VAL B 1033 -2.26 -12.06 -58.47
CA VAL B 1033 -1.86 -11.02 -59.41
C VAL B 1033 -0.79 -11.51 -60.37
N LEU B 1034 0.28 -12.08 -59.86
CA LEU B 1034 1.38 -12.54 -60.68
C LEU B 1034 1.10 -13.87 -61.34
N GLY B 1035 -0.12 -14.36 -61.30
CA GLY B 1035 -0.43 -15.62 -61.94
C GLY B 1035 -1.93 -15.82 -61.93
N GLN B 1036 -2.35 -17.06 -62.08
CA GLN B 1036 -3.75 -17.40 -62.08
C GLN B 1036 -3.91 -18.57 -61.15
N SER B 1037 -4.86 -18.51 -60.23
CA SER B 1037 -4.94 -19.55 -59.23
C SER B 1037 -6.11 -20.46 -59.47
N LYS B 1038 -5.89 -21.76 -59.32
CA LYS B 1038 -6.95 -22.72 -59.38
C LYS B 1038 -7.55 -23.01 -58.02
N ARG B 1039 -7.04 -22.39 -56.96
CA ARG B 1039 -7.60 -22.62 -55.64
C ARG B 1039 -8.99 -22.05 -55.59
N VAL B 1040 -9.94 -22.84 -55.11
CA VAL B 1040 -11.34 -22.45 -55.16
C VAL B 1040 -11.66 -21.40 -54.13
N ASP B 1041 -12.24 -20.30 -54.56
CA ASP B 1041 -12.74 -19.28 -53.66
C ASP B 1041 -11.63 -18.72 -52.79
N PHE B 1042 -10.47 -18.54 -53.39
CA PHE B 1042 -9.37 -17.83 -52.78
C PHE B 1042 -9.30 -16.42 -53.31
N CYS B 1043 -9.20 -16.31 -54.62
CA CYS B 1043 -9.22 -15.03 -55.29
C CYS B 1043 -10.62 -14.69 -55.82
N GLY B 1044 -11.61 -14.60 -54.95
CA GLY B 1044 -12.95 -14.22 -55.36
C GLY B 1044 -13.85 -15.39 -55.71
N LYS B 1045 -15.16 -15.12 -55.72
CA LYS B 1045 -16.16 -16.14 -56.01
C LYS B 1045 -16.32 -16.33 -57.51
N GLY B 1046 -16.08 -17.53 -58.00
CA GLY B 1046 -16.17 -17.85 -59.40
C GLY B 1046 -14.82 -18.30 -59.93
N TYR B 1047 -14.82 -18.67 -61.19
CA TYR B 1047 -13.59 -19.09 -61.85
C TYR B 1047 -12.68 -17.89 -62.04
N HIS B 1048 -11.52 -17.88 -61.41
CA HIS B 1048 -10.67 -16.71 -61.40
C HIS B 1048 -10.00 -16.49 -62.74
N LEU B 1049 -10.07 -15.27 -63.25
CA LEU B 1049 -9.36 -14.84 -64.44
C LEU B 1049 -8.12 -14.01 -64.11
N MET B 1050 -8.26 -12.90 -63.39
CA MET B 1050 -7.08 -12.13 -63.04
C MET B 1050 -7.40 -11.19 -61.89
N SER B 1051 -6.42 -10.43 -61.42
CA SER B 1051 -6.69 -9.53 -60.31
C SER B 1051 -5.80 -8.31 -60.40
N PHE B 1052 -6.31 -7.18 -59.94
CA PHE B 1052 -5.54 -5.92 -59.98
C PHE B 1052 -5.38 -5.33 -58.58
N PRO B 1053 -4.19 -4.96 -58.15
CA PRO B 1053 -4.04 -4.39 -56.82
C PRO B 1053 -4.19 -2.89 -56.78
N GLN B 1054 -4.70 -2.37 -55.67
CA GLN B 1054 -4.79 -0.93 -55.50
C GLN B 1054 -4.40 -0.55 -54.09
N SER B 1055 -3.58 0.47 -53.93
CA SER B 1055 -3.13 0.89 -52.62
C SER B 1055 -4.25 1.55 -51.82
N ALA B 1056 -4.16 1.48 -50.51
CA ALA B 1056 -5.06 2.09 -49.54
C ALA B 1056 -4.18 2.63 -48.45
N PRO B 1057 -4.67 3.54 -47.61
CA PRO B 1057 -3.78 4.14 -46.59
C PRO B 1057 -2.99 3.17 -45.73
N HIS B 1058 -3.52 2.05 -45.34
CA HIS B 1058 -2.75 1.13 -44.52
C HIS B 1058 -2.97 -0.30 -44.98
N GLY B 1059 -3.32 -0.50 -46.24
CA GLY B 1059 -3.56 -1.84 -46.72
C GLY B 1059 -3.71 -1.88 -48.22
N VAL B 1060 -4.21 -3.00 -48.70
CA VAL B 1060 -4.43 -3.20 -50.12
C VAL B 1060 -5.86 -3.54 -50.42
N VAL B 1061 -6.28 -3.23 -51.63
CA VAL B 1061 -7.60 -3.50 -52.14
C VAL B 1061 -7.45 -4.26 -53.44
N PHE B 1062 -7.76 -5.55 -53.43
CA PHE B 1062 -7.64 -6.39 -54.61
C PHE B 1062 -8.94 -6.41 -55.38
N LEU B 1063 -8.86 -6.13 -56.67
CA LEU B 1063 -9.99 -6.13 -57.60
C LEU B 1063 -10.01 -7.43 -58.40
N HIS B 1064 -10.52 -8.49 -57.81
CA HIS B 1064 -10.55 -9.79 -58.46
C HIS B 1064 -11.51 -9.81 -59.64
N VAL B 1065 -11.06 -10.20 -60.84
CA VAL B 1065 -11.91 -10.40 -61.99
C VAL B 1065 -12.18 -11.87 -62.18
N THR B 1066 -13.43 -12.28 -62.05
CA THR B 1066 -13.89 -13.67 -62.08
C THR B 1066 -14.92 -13.91 -63.18
N TYR B 1067 -14.97 -15.12 -63.69
CA TYR B 1067 -15.90 -15.58 -64.71
C TYR B 1067 -17.00 -16.45 -64.11
N VAL B 1068 -18.27 -16.10 -64.32
CA VAL B 1068 -19.39 -16.78 -63.70
C VAL B 1068 -20.35 -17.28 -64.77
N PRO B 1069 -20.68 -18.56 -64.84
CA PRO B 1069 -21.66 -19.03 -65.82
C PRO B 1069 -23.07 -18.59 -65.53
N ALA B 1070 -23.93 -18.72 -66.53
CA ALA B 1070 -25.33 -18.35 -66.38
C ALA B 1070 -26.14 -18.90 -67.54
N GLN B 1071 -27.46 -18.83 -67.38
CA GLN B 1071 -28.44 -19.29 -68.36
C GLN B 1071 -28.28 -20.76 -68.71
N GLU B 1072 -28.39 -21.62 -67.69
CA GLU B 1072 -28.21 -23.05 -67.88
C GLU B 1072 -29.43 -23.67 -68.54
N LYS B 1073 -29.26 -24.90 -69.01
CA LYS B 1073 -30.34 -25.57 -69.73
C LYS B 1073 -30.28 -27.07 -69.52
N ASN B 1074 -31.44 -27.73 -69.53
CA ASN B 1074 -31.52 -29.17 -69.34
C ASN B 1074 -31.17 -29.97 -70.59
N PHE B 1075 -30.59 -31.13 -70.37
CA PHE B 1075 -30.22 -32.03 -71.44
C PHE B 1075 -30.27 -33.43 -70.87
N THR B 1076 -30.42 -34.42 -71.74
CA THR B 1076 -30.36 -35.82 -71.35
C THR B 1076 -29.01 -36.35 -71.78
N THR B 1077 -28.37 -37.17 -70.96
CA THR B 1077 -27.01 -37.55 -71.26
C THR B 1077 -26.77 -39.03 -71.05
N ALA B 1078 -25.66 -39.53 -71.60
CA ALA B 1078 -25.27 -40.92 -71.44
C ALA B 1078 -23.77 -41.05 -71.28
N PRO B 1079 -23.31 -42.06 -70.56
CA PRO B 1079 -21.89 -42.20 -70.31
C PRO B 1079 -21.07 -42.71 -71.47
N ALA B 1080 -21.65 -43.38 -72.45
CA ALA B 1080 -20.82 -43.92 -73.52
C ALA B 1080 -21.71 -44.21 -74.71
N ILE B 1081 -21.09 -44.36 -75.87
CA ILE B 1081 -21.80 -44.71 -77.10
C ILE B 1081 -21.37 -46.11 -77.50
N CYS B 1082 -22.30 -46.93 -77.96
CA CYS B 1082 -21.94 -48.26 -78.40
C CYS B 1082 -22.04 -48.31 -79.91
N HIS B 1083 -20.92 -48.57 -80.57
CA HIS B 1083 -20.94 -48.67 -82.01
C HIS B 1083 -20.04 -49.81 -82.47
N ASP B 1084 -20.55 -50.64 -83.37
CA ASP B 1084 -19.79 -51.79 -83.87
C ASP B 1084 -19.34 -52.70 -82.75
N GLY B 1085 -20.07 -52.71 -81.66
CA GLY B 1085 -19.73 -53.60 -80.57
C GLY B 1085 -18.68 -53.07 -79.63
N LYS B 1086 -18.12 -51.90 -79.90
CA LYS B 1086 -17.13 -51.32 -79.01
C LYS B 1086 -17.66 -50.02 -78.43
N ALA B 1087 -17.23 -49.72 -77.21
CA ALA B 1087 -17.70 -48.59 -76.43
C ALA B 1087 -16.86 -47.37 -76.74
N HIS B 1088 -17.50 -46.22 -76.87
CA HIS B 1088 -16.84 -44.95 -77.12
C HIS B 1088 -17.03 -44.01 -75.94
N PHE B 1089 -15.98 -43.29 -75.56
CA PHE B 1089 -16.01 -42.31 -74.51
C PHE B 1089 -15.47 -41.01 -75.08
N PRO B 1090 -15.87 -39.86 -74.55
CA PRO B 1090 -15.42 -38.61 -75.14
C PRO B 1090 -14.03 -38.22 -74.69
N ARG B 1091 -13.22 -37.74 -75.62
CA ARG B 1091 -11.89 -37.28 -75.22
C ARG B 1091 -12.02 -36.12 -74.29
N GLU B 1092 -12.83 -35.14 -74.66
CA GLU B 1092 -13.08 -34.06 -73.73
C GLU B 1092 -14.50 -33.59 -73.93
N GLY B 1093 -15.24 -33.45 -72.85
CA GLY B 1093 -16.60 -33.00 -72.89
C GLY B 1093 -17.58 -34.08 -72.48
N VAL B 1094 -18.84 -33.88 -72.86
CA VAL B 1094 -19.91 -34.74 -72.43
C VAL B 1094 -20.83 -35.05 -73.59
N PHE B 1095 -21.39 -36.25 -73.60
CA PHE B 1095 -22.44 -36.63 -74.55
C PHE B 1095 -23.78 -36.07 -74.13
N VAL B 1096 -24.31 -35.14 -74.90
CA VAL B 1096 -25.54 -34.43 -74.60
C VAL B 1096 -26.54 -34.72 -75.70
N SER B 1097 -27.77 -35.06 -75.36
CA SER B 1097 -28.82 -35.28 -76.35
C SER B 1097 -29.86 -34.20 -76.21
N ASN B 1098 -30.31 -33.66 -77.35
CA ASN B 1098 -31.29 -32.59 -77.33
C ASN B 1098 -32.68 -33.06 -77.67
N GLY B 1099 -32.98 -34.32 -77.37
CA GLY B 1099 -34.29 -34.87 -77.61
C GLY B 1099 -34.25 -35.95 -78.66
N THR B 1100 -33.48 -35.70 -79.72
CA THR B 1100 -33.37 -36.65 -80.82
C THR B 1100 -31.95 -36.90 -81.32
N HIS B 1101 -30.99 -36.02 -81.06
CA HIS B 1101 -29.66 -36.21 -81.59
C HIS B 1101 -28.64 -36.09 -80.46
N TRP B 1102 -27.55 -36.82 -80.61
CA TRP B 1102 -26.50 -36.86 -79.61
C TRP B 1102 -25.32 -36.04 -80.07
N PHE B 1103 -24.67 -35.36 -79.13
CA PHE B 1103 -23.53 -34.51 -79.44
C PHE B 1103 -22.49 -34.61 -78.34
N VAL B 1104 -21.31 -34.09 -78.64
CA VAL B 1104 -20.24 -33.92 -77.69
C VAL B 1104 -20.08 -32.43 -77.45
N THR B 1105 -19.89 -32.03 -76.21
CA THR B 1105 -19.78 -30.61 -75.94
C THR B 1105 -18.87 -30.36 -74.77
N GLN B 1106 -18.07 -29.30 -74.83
CA GLN B 1106 -17.24 -28.98 -73.68
C GLN B 1106 -18.13 -28.73 -72.48
N ARG B 1107 -17.60 -28.98 -71.29
CA ARG B 1107 -18.45 -29.02 -70.10
C ARG B 1107 -18.97 -27.65 -69.70
N ASN B 1108 -18.16 -26.60 -69.77
CA ASN B 1108 -18.54 -25.30 -69.23
C ASN B 1108 -19.21 -24.36 -70.21
N PHE B 1109 -19.56 -24.79 -71.40
CA PHE B 1109 -20.20 -23.84 -72.28
C PHE B 1109 -20.85 -24.64 -73.39
N TYR B 1110 -22.11 -24.41 -73.67
CA TYR B 1110 -22.82 -25.22 -74.65
C TYR B 1110 -22.31 -24.94 -76.05
N GLU B 1111 -21.68 -25.93 -76.68
CA GLU B 1111 -21.21 -25.82 -78.06
C GLU B 1111 -21.24 -27.20 -78.69
N PRO B 1112 -22.40 -27.67 -79.11
CA PRO B 1112 -22.53 -29.05 -79.60
C PRO B 1112 -21.78 -29.27 -80.89
N GLN B 1113 -21.19 -30.46 -81.01
CA GLN B 1113 -20.45 -30.90 -82.18
C GLN B 1113 -20.88 -32.29 -82.60
N ILE B 1114 -20.67 -32.61 -83.87
CA ILE B 1114 -20.96 -33.95 -84.39
C ILE B 1114 -20.00 -34.96 -83.78
N ILE B 1115 -20.53 -36.12 -83.42
CA ILE B 1115 -19.73 -37.19 -82.85
C ILE B 1115 -18.87 -37.83 -83.93
N THR B 1116 -17.56 -37.75 -83.80
CA THR B 1116 -16.67 -38.32 -84.81
C THR B 1116 -15.60 -39.10 -84.09
N THR B 1117 -14.82 -39.86 -84.85
CA THR B 1117 -13.69 -40.58 -84.29
C THR B 1117 -12.59 -39.67 -83.82
N ASP B 1118 -12.61 -38.38 -84.15
CA ASP B 1118 -11.52 -37.51 -83.75
C ASP B 1118 -11.63 -37.10 -82.30
N ASN B 1119 -12.85 -36.89 -81.80
CA ASN B 1119 -13.07 -36.44 -80.44
C ASN B 1119 -13.54 -37.55 -79.51
N THR B 1120 -13.30 -38.81 -79.85
CA THR B 1120 -13.74 -39.91 -79.02
C THR B 1120 -12.72 -41.04 -79.03
N PHE B 1121 -12.68 -41.84 -77.97
CA PHE B 1121 -11.78 -42.98 -77.93
C PHE B 1121 -12.51 -44.23 -77.48
N VAL B 1122 -11.96 -45.37 -77.87
CA VAL B 1122 -12.62 -46.66 -77.73
C VAL B 1122 -12.02 -47.44 -76.58
N SER B 1123 -12.83 -48.26 -75.94
CA SER B 1123 -12.32 -49.13 -74.88
C SER B 1123 -13.22 -50.36 -74.69
N GLY B 1124 -12.77 -51.50 -75.20
CA GLY B 1124 -13.49 -52.73 -74.93
C GLY B 1124 -14.88 -52.84 -75.50
N ASN B 1125 -15.50 -54.01 -75.35
CA ASN B 1125 -16.83 -54.24 -75.85
C ASN B 1125 -17.86 -53.46 -75.04
N CYS B 1126 -19.08 -53.35 -75.58
CA CYS B 1126 -20.06 -52.41 -75.07
C CYS B 1126 -21.13 -53.07 -74.20
N ASP B 1127 -20.77 -54.12 -73.47
CA ASP B 1127 -21.70 -54.69 -72.53
C ASP B 1127 -21.34 -54.50 -71.07
N VAL B 1128 -20.16 -53.94 -70.76
CA VAL B 1128 -19.79 -53.74 -69.36
C VAL B 1128 -20.26 -52.41 -68.78
N VAL B 1129 -20.36 -51.36 -69.59
CA VAL B 1129 -20.77 -50.05 -69.09
C VAL B 1129 -22.26 -50.05 -68.83
N ILE B 1130 -22.69 -49.42 -67.76
CA ILE B 1130 -24.11 -49.35 -67.46
C ILE B 1130 -24.65 -48.06 -68.01
N GLY B 1131 -25.82 -48.10 -68.63
CA GLY B 1131 -26.39 -46.92 -69.24
C GLY B 1131 -25.83 -46.53 -70.57
N ILE B 1132 -25.14 -47.45 -71.24
CA ILE B 1132 -24.55 -47.16 -72.52
C ILE B 1132 -25.66 -47.10 -73.56
N VAL B 1133 -25.48 -46.29 -74.60
CA VAL B 1133 -26.46 -46.13 -75.66
C VAL B 1133 -25.84 -46.40 -77.01
N ASN B 1134 -26.68 -46.37 -78.05
CA ASN B 1134 -26.27 -46.71 -79.40
C ASN B 1134 -26.38 -45.47 -80.28
N ASN B 1135 -25.40 -45.27 -81.16
CA ASN B 1135 -25.47 -44.19 -82.14
C ASN B 1135 -24.32 -44.31 -83.14
N THR B 1136 -24.47 -43.62 -84.25
CA THR B 1136 -23.47 -43.63 -85.32
C THR B 1136 -22.31 -42.72 -84.95
N VAL B 1137 -21.09 -43.23 -85.09
CA VAL B 1137 -19.86 -42.47 -84.86
C VAL B 1137 -19.19 -42.26 -86.21
N TYR B 1138 -19.41 -41.10 -86.83
CA TYR B 1138 -18.90 -40.87 -88.17
C TYR B 1138 -17.40 -40.86 -88.22
N ASP B 1139 -16.85 -41.39 -89.31
CA ASP B 1139 -15.42 -41.38 -89.53
C ASP B 1139 -15.12 -40.43 -90.67
N PRO B 1140 -14.37 -39.35 -90.46
CA PRO B 1140 -14.17 -38.40 -91.55
C PRO B 1140 -13.41 -38.96 -92.73
N LEU B 1141 -12.72 -40.07 -92.55
CA LEU B 1141 -11.96 -40.68 -93.64
C LEU B 1141 -12.85 -41.44 -94.63
N GLN B 1142 -14.00 -41.94 -94.18
CA GLN B 1142 -14.86 -42.69 -95.08
C GLN B 1142 -15.47 -41.84 -96.18
N PRO B 1143 -16.15 -40.73 -95.91
CA PRO B 1143 -16.70 -39.94 -97.02
C PRO B 1143 -15.65 -39.51 -98.02
N GLU B 1144 -14.41 -39.32 -97.57
CA GLU B 1144 -13.38 -38.91 -98.52
C GLU B 1144 -13.08 -40.06 -99.45
N LEU B 1145 -12.98 -41.28 -98.92
CA LEU B 1145 -12.75 -42.48 -99.72
C LEU B 1145 -11.51 -42.31 -100.58
N ASP B 1146 -10.40 -41.99 -99.94
CA ASP B 1146 -9.17 -41.79 -100.66
C ASP B 1146 -8.60 -43.12 -101.14
N ALA C 27 4.35 -55.33 21.32
CA ALA C 27 4.36 -55.83 19.95
C ALA C 27 4.23 -54.69 18.94
N TYR C 28 4.00 -55.06 17.68
CA TYR C 28 3.85 -54.08 16.62
C TYR C 28 2.93 -54.64 15.56
N THR C 29 2.27 -53.76 14.83
CA THR C 29 1.42 -54.27 13.75
C THR C 29 1.12 -53.11 12.82
N ASN C 30 1.27 -53.35 11.51
CA ASN C 30 1.02 -52.27 10.57
C ASN C 30 -0.44 -51.90 10.55
N SER C 31 -0.70 -50.61 10.59
CA SER C 31 -2.04 -50.08 10.48
C SER C 31 -2.27 -49.85 9.01
N PHE C 32 -3.33 -50.48 8.49
CA PHE C 32 -3.77 -50.40 7.11
C PHE C 32 -4.49 -49.09 6.93
N THR C 33 -5.36 -49.03 5.92
CA THR C 33 -6.07 -47.78 5.64
C THR C 33 -7.16 -47.55 6.67
N ARG C 34 -6.76 -47.07 7.84
CA ARG C 34 -7.67 -46.86 8.95
C ARG C 34 -7.29 -45.53 9.56
N GLY C 35 -8.10 -45.05 10.49
CA GLY C 35 -7.77 -43.82 11.16
C GLY C 35 -8.25 -42.57 10.47
N VAL C 36 -8.83 -42.68 9.28
CA VAL C 36 -9.33 -41.50 8.58
C VAL C 36 -10.60 -41.00 9.25
N TYR C 37 -10.76 -39.68 9.29
CA TYR C 37 -11.92 -39.12 9.95
C TYR C 37 -12.41 -37.88 9.21
N TYR C 38 -13.66 -37.53 9.43
CA TYR C 38 -14.24 -36.33 8.84
C TYR C 38 -13.64 -35.11 9.50
N PRO C 39 -12.89 -34.30 8.81
CA PRO C 39 -12.19 -33.22 9.51
C PRO C 39 -12.96 -31.92 9.68
N ASP C 40 -13.97 -31.62 8.85
CA ASP C 40 -14.54 -30.28 8.88
C ASP C 40 -16.06 -30.20 8.97
N LYS C 41 -16.76 -31.32 9.11
CA LYS C 41 -18.22 -31.38 9.26
C LYS C 41 -19.02 -30.50 8.30
N VAL C 42 -18.55 -30.38 7.06
CA VAL C 42 -19.21 -29.64 6.01
C VAL C 42 -19.60 -30.64 4.94
N PHE C 43 -20.84 -30.57 4.48
CA PHE C 43 -21.33 -31.57 3.54
C PHE C 43 -20.75 -31.32 2.17
N ARG C 44 -20.33 -32.38 1.49
CA ARG C 44 -19.84 -32.32 0.13
C ARG C 44 -20.29 -33.61 -0.56
N SER C 45 -20.65 -33.52 -1.83
CA SER C 45 -21.22 -34.66 -2.52
C SER C 45 -20.45 -35.01 -3.77
N SER C 46 -20.08 -36.27 -3.91
CA SER C 46 -19.43 -36.79 -5.13
C SER C 46 -18.31 -35.87 -5.59
N VAL C 47 -17.33 -35.66 -4.72
CA VAL C 47 -16.21 -34.79 -5.04
C VAL C 47 -14.99 -35.23 -4.27
N LEU C 48 -13.81 -34.87 -4.78
CA LEU C 48 -12.55 -35.18 -4.13
C LEU C 48 -12.03 -33.90 -3.49
N HIS C 49 -11.46 -34.04 -2.31
CA HIS C 49 -11.00 -32.89 -1.58
C HIS C 49 -9.63 -33.14 -0.99
N SER C 50 -8.76 -32.15 -1.07
CA SER C 50 -7.41 -32.29 -0.54
C SER C 50 -7.32 -31.46 0.72
N THR C 51 -6.85 -32.09 1.81
CA THR C 51 -6.78 -31.43 3.10
C THR C 51 -5.44 -31.70 3.74
N GLN C 52 -4.88 -30.68 4.36
CA GLN C 52 -3.64 -30.83 5.12
C GLN C 52 -4.01 -30.86 6.59
N ASP C 53 -3.89 -32.02 7.23
CA ASP C 53 -4.26 -32.11 8.63
C ASP C 53 -3.49 -33.23 9.30
N LEU C 54 -3.70 -33.40 10.59
CA LEU C 54 -3.02 -34.42 11.39
C LEU C 54 -3.78 -35.73 11.21
N PHE C 55 -3.22 -36.62 10.41
CA PHE C 55 -3.76 -37.94 10.12
C PHE C 55 -2.81 -39.04 10.57
N LEU C 56 -3.30 -40.27 10.52
CA LEU C 56 -2.49 -41.44 10.81
C LEU C 56 -1.95 -41.95 9.49
N PRO C 57 -0.66 -41.84 9.21
CA PRO C 57 -0.15 -42.30 7.91
C PRO C 57 -0.51 -43.74 7.65
N PHE C 58 -0.87 -44.04 6.41
CA PHE C 58 -1.27 -45.40 6.10
C PHE C 58 -0.11 -46.36 6.22
N PHE C 59 -0.43 -47.61 6.52
CA PHE C 59 0.56 -48.65 6.62
C PHE C 59 1.61 -48.31 7.65
N SER C 60 1.26 -47.54 8.65
CA SER C 60 2.27 -47.25 9.67
C SER C 60 2.13 -48.24 10.80
N ASN C 61 3.24 -48.58 11.43
CA ASN C 61 3.15 -49.56 12.50
C ASN C 61 2.65 -48.90 13.78
N VAL C 62 1.90 -49.66 14.55
CA VAL C 62 1.31 -49.17 15.77
C VAL C 62 1.57 -50.17 16.89
N THR C 63 1.82 -49.63 18.07
CA THR C 63 2.09 -50.44 19.24
C THR C 63 0.87 -51.25 19.65
N TRP C 64 1.11 -52.47 20.13
CA TRP C 64 0.03 -53.39 20.49
C TRP C 64 0.22 -53.80 21.93
N PHE C 65 -0.84 -53.69 22.74
CA PHE C 65 -0.74 -54.06 24.13
C PHE C 65 -1.94 -54.88 24.56
N HIS C 66 -1.74 -55.65 25.64
CA HIS C 66 -2.75 -56.51 26.22
C HIS C 66 -3.06 -55.96 27.60
N ALA C 67 -4.29 -56.19 28.07
CA ALA C 67 -4.71 -55.61 29.33
C ALA C 67 -4.77 -56.64 30.45
N ILE C 68 -3.64 -57.25 30.80
CA ILE C 68 -3.68 -58.17 31.93
C ILE C 68 -2.99 -57.57 33.14
N HIS C 69 -1.66 -57.43 33.08
CA HIS C 69 -0.90 -56.73 34.11
C HIS C 69 0.46 -56.41 33.54
N VAL C 70 1.01 -55.28 33.98
CA VAL C 70 2.37 -54.81 33.68
C VAL C 70 3.05 -55.48 32.49
N ASP C 80 0.84 -50.02 36.78
CA ASP C 80 0.57 -51.25 36.07
C ASP C 80 0.84 -51.08 34.58
N ASN C 81 0.45 -49.93 34.03
CA ASN C 81 0.58 -49.67 32.61
C ASN C 81 1.46 -48.43 32.49
N PRO C 82 2.44 -48.41 31.61
CA PRO C 82 3.31 -47.24 31.50
C PRO C 82 2.67 -46.06 30.81
N VAL C 83 3.19 -44.88 31.15
CA VAL C 83 2.69 -43.64 30.60
C VAL C 83 3.33 -43.45 29.24
N LEU C 84 2.55 -42.90 28.30
CA LEU C 84 2.97 -42.65 26.95
C LEU C 84 2.83 -41.16 26.69
N PRO C 85 3.80 -40.50 26.09
CA PRO C 85 3.66 -39.06 25.92
C PRO C 85 2.59 -38.80 24.88
N PHE C 86 1.97 -37.63 25.01
CA PHE C 86 0.94 -37.20 24.07
C PHE C 86 1.52 -36.15 23.14
N ASN C 87 2.26 -36.62 22.14
CA ASN C 87 2.99 -35.70 21.28
C ASN C 87 2.01 -34.78 20.57
N ASP C 88 1.14 -35.36 19.75
CA ASP C 88 0.18 -34.57 18.98
C ASP C 88 -1.20 -35.18 18.84
N GLY C 89 -1.44 -36.42 19.24
CA GLY C 89 -2.75 -36.97 18.95
C GLY C 89 -2.69 -38.48 18.91
N VAL C 90 -3.72 -39.14 19.40
CA VAL C 90 -3.70 -40.58 19.56
C VAL C 90 -4.83 -41.24 18.81
N TYR C 91 -4.53 -42.34 18.13
CA TYR C 91 -5.54 -43.15 17.47
C TYR C 91 -5.54 -44.41 18.31
N PHE C 92 -6.59 -44.56 19.09
CA PHE C 92 -6.76 -45.60 20.08
C PHE C 92 -7.78 -46.61 19.59
N ALA C 93 -7.34 -47.82 19.26
CA ALA C 93 -8.28 -48.87 18.88
C ALA C 93 -8.30 -49.97 19.92
N SER C 94 -9.47 -50.57 20.13
CA SER C 94 -9.57 -51.62 21.14
C SER C 94 -10.54 -52.68 20.69
N THR C 95 -10.14 -53.94 20.78
CA THR C 95 -11.02 -55.06 20.48
C THR C 95 -11.37 -55.83 21.75
N GLU C 96 -12.59 -55.65 22.23
CA GLU C 96 -13.02 -56.25 23.49
C GLU C 96 -14.52 -56.48 23.43
N LYS C 97 -14.99 -57.33 24.34
CA LYS C 97 -16.41 -57.66 24.40
C LYS C 97 -16.90 -57.72 25.83
N SER C 98 -16.22 -57.06 26.76
CA SER C 98 -16.63 -57.07 28.16
C SER C 98 -16.55 -55.70 28.83
N ASN C 99 -16.32 -54.63 28.08
CA ASN C 99 -16.21 -53.29 28.65
C ASN C 99 -15.15 -53.22 29.74
N ILE C 100 -13.98 -53.79 29.48
CA ILE C 100 -12.96 -53.78 30.50
C ILE C 100 -12.23 -52.45 30.56
N ILE C 101 -12.09 -51.76 29.43
CA ILE C 101 -11.50 -50.44 29.38
C ILE C 101 -12.63 -49.42 29.30
N ARG C 102 -12.66 -48.47 30.21
CA ARG C 102 -13.83 -47.64 30.39
C ARG C 102 -13.53 -46.15 30.39
N GLY C 103 -12.26 -45.76 30.25
CA GLY C 103 -11.94 -44.35 30.25
C GLY C 103 -10.46 -44.12 30.10
N TRP C 104 -10.10 -42.84 30.20
CA TRP C 104 -8.73 -42.38 30.05
C TRP C 104 -8.47 -41.26 31.06
N ILE C 105 -7.20 -40.93 31.20
CA ILE C 105 -6.77 -39.84 32.06
C ILE C 105 -5.65 -39.10 31.35
N PHE C 106 -5.77 -37.78 31.30
CA PHE C 106 -4.81 -36.93 30.61
C PHE C 106 -4.31 -35.83 31.53
N GLY C 107 -3.28 -35.16 31.07
CA GLY C 107 -2.72 -34.03 31.78
C GLY C 107 -1.22 -33.95 31.55
N THR C 108 -0.63 -32.89 32.08
CA THR C 108 0.81 -32.71 32.00
C THR C 108 1.52 -33.39 33.16
N THR C 109 0.79 -33.81 34.19
CA THR C 109 1.32 -34.49 35.35
C THR C 109 0.16 -35.08 36.14
N LEU C 110 0.47 -36.13 36.90
CA LEU C 110 -0.49 -36.84 37.73
C LEU C 110 -0.77 -36.15 39.06
N ASP C 111 0.02 -35.14 39.41
CA ASP C 111 -0.21 -34.45 40.67
C ASP C 111 -1.33 -33.43 40.52
N SER C 112 -1.79 -32.92 41.64
CA SER C 112 -2.88 -31.95 41.69
C SER C 112 -2.42 -30.53 41.39
N LYS C 113 -1.16 -30.33 40.99
CA LYS C 113 -0.66 -28.99 40.71
C LYS C 113 -1.30 -28.37 39.48
N THR C 114 -2.05 -29.14 38.68
CA THR C 114 -2.69 -28.59 37.50
C THR C 114 -3.98 -29.36 37.27
N GLN C 115 -4.93 -28.70 36.61
CA GLN C 115 -6.26 -29.25 36.41
C GLN C 115 -6.17 -30.33 35.33
N SER C 116 -5.70 -31.52 35.72
CA SER C 116 -5.65 -32.64 34.79
C SER C 116 -7.05 -33.08 34.37
N LEU C 117 -7.15 -34.03 33.46
CA LEU C 117 -8.44 -34.39 32.91
C LEU C 117 -8.71 -35.87 33.16
N LEU C 118 -9.99 -36.20 33.31
CA LEU C 118 -10.46 -37.56 33.54
C LEU C 118 -11.68 -37.81 32.67
N ILE C 119 -11.75 -38.96 32.01
CA ILE C 119 -12.94 -39.34 31.26
C ILE C 119 -13.26 -40.78 31.58
N VAL C 120 -14.43 -41.02 32.14
CA VAL C 120 -14.83 -42.36 32.58
C VAL C 120 -16.23 -42.69 32.08
N ASN C 121 -16.33 -43.76 31.31
CA ASN C 121 -17.63 -44.20 30.84
C ASN C 121 -18.24 -45.13 31.88
N ASN C 122 -19.50 -45.49 31.66
CA ASN C 122 -20.23 -46.36 32.56
C ASN C 122 -21.46 -46.88 31.84
N ALA C 123 -22.15 -47.82 32.49
CA ALA C 123 -23.36 -48.38 31.91
C ALA C 123 -24.46 -47.35 31.79
N THR C 124 -24.39 -46.26 32.57
CA THR C 124 -25.43 -45.25 32.58
C THR C 124 -25.05 -43.99 31.80
N ASN C 125 -23.80 -43.55 31.90
CA ASN C 125 -23.40 -42.30 31.26
C ASN C 125 -21.88 -42.15 31.31
N VAL C 126 -21.37 -41.18 30.55
CA VAL C 126 -19.97 -40.79 30.59
C VAL C 126 -19.82 -39.58 31.49
N VAL C 127 -18.72 -39.54 32.22
CA VAL C 127 -18.35 -38.44 33.09
C VAL C 127 -16.99 -37.87 32.69
N ILE C 128 -16.98 -36.62 32.26
CA ILE C 128 -15.76 -35.92 31.87
C ILE C 128 -15.52 -34.86 32.92
N LYS C 129 -14.29 -34.78 33.43
CA LYS C 129 -14.05 -33.90 34.56
C LYS C 129 -12.66 -33.29 34.41
N VAL C 130 -12.49 -32.05 34.87
CA VAL C 130 -11.16 -31.46 34.95
C VAL C 130 -11.03 -30.86 36.34
N CYS C 131 -10.43 -31.61 37.25
CA CYS C 131 -10.45 -31.24 38.66
C CYS C 131 -9.10 -31.41 39.33
N GLU C 132 -8.02 -31.64 38.59
CA GLU C 132 -6.68 -31.72 39.16
C GLU C 132 -6.57 -32.79 40.24
N PHE C 133 -7.31 -33.89 40.12
CA PHE C 133 -7.22 -34.91 41.15
C PHE C 133 -5.92 -35.68 41.05
N GLN C 134 -5.15 -35.70 42.14
CA GLN C 134 -3.89 -36.43 42.17
C GLN C 134 -4.19 -37.92 42.18
N PHE C 135 -3.48 -38.67 41.34
CA PHE C 135 -3.69 -40.10 41.16
C PHE C 135 -2.62 -40.89 41.88
N CYS C 136 -2.86 -42.20 41.95
CA CYS C 136 -1.92 -43.12 42.57
C CYS C 136 -0.80 -43.41 41.58
N ASN C 137 0.14 -44.27 41.98
CA ASN C 137 1.22 -44.61 41.05
C ASN C 137 0.65 -45.24 39.80
N ASP C 138 -0.49 -45.91 39.92
CA ASP C 138 -1.22 -46.52 38.83
C ASP C 138 -2.70 -46.18 39.02
N PRO C 139 -3.45 -46.05 37.93
CA PRO C 139 -4.89 -45.81 38.07
C PRO C 139 -5.57 -46.98 38.77
N PHE C 140 -6.44 -46.65 39.72
CA PHE C 140 -7.13 -47.66 40.49
C PHE C 140 -7.99 -48.55 39.61
N LEU C 141 -8.03 -49.83 39.96
CA LEU C 141 -8.82 -50.84 39.25
C LEU C 141 -10.05 -51.14 40.10
N ASP C 142 -11.21 -50.74 39.62
CA ASP C 142 -12.45 -50.98 40.37
C ASP C 142 -12.70 -52.47 40.58
N PHE C 157 -14.53 -49.17 45.90
CA PHE C 157 -13.32 -49.16 45.07
C PHE C 157 -13.62 -48.50 43.73
N ARG C 158 -14.36 -47.40 43.77
CA ARG C 158 -14.76 -46.71 42.55
C ARG C 158 -13.86 -45.53 42.22
N VAL C 159 -13.14 -44.97 43.20
CA VAL C 159 -12.28 -43.82 42.97
C VAL C 159 -11.11 -43.92 43.94
N TYR C 160 -9.97 -43.39 43.51
CA TYR C 160 -8.75 -43.33 44.31
C TYR C 160 -7.98 -42.14 43.76
N SER C 161 -8.03 -41.02 44.48
CA SER C 161 -7.37 -39.80 44.07
C SER C 161 -7.37 -38.84 45.24
N SER C 162 -6.52 -37.83 45.16
CA SER C 162 -6.41 -36.83 46.22
C SER C 162 -7.47 -35.75 46.01
N ALA C 163 -7.39 -34.69 46.82
CA ALA C 163 -8.33 -33.60 46.73
C ALA C 163 -8.29 -32.94 45.35
N ASN C 164 -9.33 -32.16 45.09
CA ASN C 164 -9.53 -31.51 43.80
C ASN C 164 -9.91 -30.05 43.98
N ASN C 165 -9.67 -29.27 42.94
CA ASN C 165 -10.07 -27.87 42.88
C ASN C 165 -10.75 -27.61 41.57
N CYS C 166 -11.71 -28.49 41.25
CA CYS C 166 -12.30 -28.59 39.93
C CYS C 166 -12.71 -27.22 39.39
N THR C 167 -12.50 -27.01 38.09
CA THR C 167 -13.01 -25.83 37.40
C THR C 167 -14.05 -26.12 36.33
N PHE C 168 -14.14 -27.35 35.82
CA PHE C 168 -15.12 -27.67 34.80
C PHE C 168 -15.53 -29.13 34.97
N GLU C 169 -16.81 -29.37 34.71
CA GLU C 169 -17.39 -30.70 34.83
C GLU C 169 -18.48 -30.89 33.79
N TYR C 170 -18.64 -32.14 33.35
CA TYR C 170 -19.53 -32.41 32.25
C TYR C 170 -19.95 -33.89 32.31
N VAL C 171 -21.14 -34.17 31.79
CA VAL C 171 -21.72 -35.50 31.83
C VAL C 171 -22.59 -35.66 30.58
N SER C 172 -22.68 -36.88 30.06
CA SER C 172 -23.51 -37.10 28.87
C SER C 172 -23.69 -38.59 28.65
N GLN C 173 -24.40 -38.94 27.57
CA GLN C 173 -24.74 -40.31 27.26
C GLN C 173 -23.49 -41.18 27.12
N PRO C 174 -23.61 -42.50 27.29
CA PRO C 174 -22.43 -43.37 27.29
C PRO C 174 -21.86 -43.59 25.89
N PHE C 175 -20.59 -44.00 25.85
CA PHE C 175 -20.00 -44.36 24.56
C PHE C 175 -20.38 -45.80 24.21
N LEU C 176 -21.67 -46.11 24.29
CA LEU C 176 -22.19 -47.46 24.06
C LEU C 176 -23.45 -47.43 23.19
N LYS C 187 -16.30 -58.93 19.31
CA LYS C 187 -16.21 -58.83 17.86
C LYS C 187 -16.27 -57.39 17.39
N ASN C 188 -16.73 -56.49 18.26
CA ASN C 188 -16.85 -55.09 17.91
C ASN C 188 -15.53 -54.36 18.21
N LEU C 189 -14.94 -53.79 17.16
CA LEU C 189 -13.70 -53.03 17.23
C LEU C 189 -14.05 -51.56 17.37
N ARG C 190 -13.82 -51.02 18.56
CA ARG C 190 -14.07 -49.61 18.85
C ARG C 190 -12.83 -48.76 18.57
N GLU C 191 -13.00 -47.66 17.82
CA GLU C 191 -11.93 -46.76 17.44
C GLU C 191 -12.19 -45.35 17.93
N PHE C 192 -11.12 -44.68 18.35
CA PHE C 192 -11.19 -43.34 18.90
C PHE C 192 -9.98 -42.55 18.43
N VAL C 193 -10.16 -41.25 18.21
CA VAL C 193 -9.07 -40.34 17.87
C VAL C 193 -9.18 -39.17 18.81
N PHE C 194 -8.11 -38.90 19.55
CA PHE C 194 -8.05 -37.83 20.52
C PHE C 194 -7.06 -36.80 20.05
N LYS C 195 -7.47 -35.53 20.01
CA LYS C 195 -6.62 -34.47 19.49
C LYS C 195 -6.71 -33.23 20.37
N ASN C 196 -5.60 -32.55 20.62
CA ASN C 196 -5.67 -31.35 21.44
C ASN C 196 -4.59 -30.37 21.00
N ILE C 197 -4.98 -29.42 20.15
CA ILE C 197 -3.99 -28.51 19.58
C ILE C 197 -4.34 -27.05 19.80
N ASP C 198 -5.53 -26.63 19.39
CA ASP C 198 -5.91 -25.22 19.32
C ASP C 198 -6.70 -24.76 20.55
N GLY C 199 -6.33 -25.23 21.73
CA GLY C 199 -7.08 -24.86 22.90
C GLY C 199 -8.31 -25.68 23.13
N TYR C 200 -8.60 -26.63 22.25
CA TYR C 200 -9.73 -27.52 22.40
C TYR C 200 -9.24 -28.96 22.40
N PHE C 201 -9.95 -29.83 23.08
CA PHE C 201 -9.65 -31.24 23.06
C PHE C 201 -10.80 -31.92 22.34
N LYS C 202 -10.52 -32.62 21.26
CA LYS C 202 -11.56 -33.12 20.38
C LYS C 202 -11.48 -34.64 20.30
N ILE C 203 -12.65 -35.26 20.21
CA ILE C 203 -12.79 -36.71 20.14
C ILE C 203 -13.58 -37.08 18.91
N TYR C 204 -13.09 -38.07 18.16
CA TYR C 204 -13.83 -38.68 17.06
C TYR C 204 -13.88 -40.18 17.33
N SER C 205 -14.92 -40.85 16.83
CA SER C 205 -15.03 -42.26 17.19
C SER C 205 -15.90 -43.03 16.21
N LYS C 206 -15.77 -44.35 16.27
CA LYS C 206 -16.57 -45.25 15.45
C LYS C 206 -16.47 -46.67 15.98
N HIS C 207 -17.59 -47.39 15.96
CA HIS C 207 -17.67 -48.74 16.48
C HIS C 207 -18.10 -49.67 15.35
N THR C 208 -17.26 -50.63 15.01
CA THR C 208 -17.62 -51.42 13.85
C THR C 208 -17.50 -52.91 14.11
N PRO C 209 -18.36 -53.71 13.49
CA PRO C 209 -18.23 -55.16 13.57
C PRO C 209 -16.91 -55.65 12.99
N ILE C 210 -16.64 -56.93 13.25
CA ILE C 210 -15.46 -57.62 12.75
C ILE C 210 -15.87 -59.04 12.44
N ASP C 215 -7.81 -59.09 14.74
CA ASP C 215 -6.91 -58.21 14.01
C ASP C 215 -7.65 -57.08 13.31
N LEU C 216 -6.90 -56.07 12.90
CA LEU C 216 -7.49 -54.93 12.20
C LEU C 216 -7.86 -55.32 10.77
N PRO C 217 -9.07 -55.06 10.34
CA PRO C 217 -9.48 -55.42 8.97
C PRO C 217 -8.88 -54.46 7.97
N GLN C 218 -8.81 -54.92 6.72
CA GLN C 218 -8.31 -54.07 5.65
C GLN C 218 -9.38 -53.11 5.13
N GLY C 219 -10.60 -53.23 5.62
CA GLY C 219 -11.69 -52.41 5.12
C GLY C 219 -11.55 -50.95 5.52
N PHE C 220 -11.97 -50.07 4.63
CA PHE C 220 -11.92 -48.64 4.86
C PHE C 220 -13.18 -48.14 5.57
N SER C 221 -12.99 -47.25 6.55
CA SER C 221 -14.11 -46.68 7.28
C SER C 221 -13.66 -45.47 8.06
N ALA C 222 -14.37 -44.36 7.91
CA ALA C 222 -14.00 -43.11 8.57
C ALA C 222 -14.69 -42.91 9.91
N LEU C 223 -13.98 -42.24 10.81
CA LEU C 223 -14.47 -41.89 12.13
C LEU C 223 -15.22 -40.57 12.08
N GLU C 224 -16.27 -40.46 12.89
CA GLU C 224 -17.14 -39.29 12.97
C GLU C 224 -16.87 -38.45 14.21
N PRO C 225 -17.01 -37.12 14.10
CA PRO C 225 -16.78 -36.23 15.24
C PRO C 225 -17.74 -36.44 16.38
N LEU C 226 -17.19 -36.80 17.54
CA LEU C 226 -18.00 -37.10 18.71
C LEU C 226 -18.18 -35.90 19.65
N VAL C 227 -17.07 -35.32 20.13
CA VAL C 227 -17.14 -34.19 21.07
C VAL C 227 -16.05 -33.18 20.79
N ASP C 228 -16.37 -31.91 20.97
CA ASP C 228 -15.39 -30.82 20.83
C ASP C 228 -15.32 -29.97 22.09
N LEU C 229 -14.35 -30.26 23.01
CA LEU C 229 -14.41 -29.51 24.26
C LEU C 229 -13.53 -28.27 24.21
N PRO C 230 -13.96 -27.21 24.90
CA PRO C 230 -13.23 -25.94 24.91
C PRO C 230 -12.11 -25.82 25.95
N ILE C 231 -11.93 -26.83 26.80
CA ILE C 231 -10.94 -26.73 27.86
C ILE C 231 -9.56 -26.51 27.27
N GLY C 232 -8.82 -25.54 27.84
CA GLY C 232 -7.50 -25.21 27.36
C GLY C 232 -6.31 -25.70 28.18
N ILE C 233 -6.47 -26.81 28.88
CA ILE C 233 -5.39 -27.34 29.71
C ILE C 233 -4.22 -27.78 28.86
N ASN C 234 -3.01 -27.52 29.34
CA ASN C 234 -1.82 -27.94 28.60
C ASN C 234 -1.63 -29.44 28.90
N ILE C 235 -2.13 -30.28 28.00
CA ILE C 235 -2.04 -31.73 28.13
C ILE C 235 -0.72 -32.23 27.57
N THR C 236 0.03 -33.00 28.36
CA THR C 236 1.28 -33.59 27.87
C THR C 236 1.45 -35.10 28.03
N ARG C 237 0.80 -35.75 28.99
CA ARG C 237 0.87 -37.20 29.13
C ARG C 237 -0.51 -37.82 29.32
N PHE C 238 -0.61 -39.12 29.04
CA PHE C 238 -1.91 -39.78 29.11
C PHE C 238 -1.71 -41.23 29.51
N GLN C 239 -2.74 -41.80 30.13
CA GLN C 239 -2.76 -43.17 30.63
C GLN C 239 -4.15 -43.76 30.39
N THR C 240 -4.28 -45.05 30.66
CA THR C 240 -5.53 -45.76 30.48
C THR C 240 -5.98 -46.22 31.87
N LEU C 241 -7.26 -46.55 31.99
CA LEU C 241 -7.83 -47.06 33.22
C LEU C 241 -8.50 -48.40 32.97
N LEU C 242 -8.25 -49.36 33.83
CA LEU C 242 -8.82 -50.69 33.70
C LEU C 242 -9.82 -50.93 34.81
N ALA C 243 -10.53 -52.06 34.72
CA ALA C 243 -11.54 -52.41 35.70
C ALA C 243 -11.57 -53.92 35.82
N LEU C 244 -12.27 -54.40 36.85
CA LEU C 244 -12.35 -55.85 37.05
C LEU C 244 -13.44 -56.18 38.07
N HIS C 245 -14.05 -57.33 37.88
CA HIS C 245 -15.11 -57.79 38.78
C HIS C 245 -14.49 -58.43 40.02
N ARG C 246 -14.95 -57.99 41.18
CA ARG C 246 -14.50 -58.54 42.46
C ARG C 246 -12.98 -58.48 42.55
N SER C 247 -12.44 -57.31 42.25
CA SER C 247 -11.01 -57.06 42.31
C SER C 247 -10.69 -56.19 43.51
N TYR C 248 -9.56 -56.49 44.14
CA TYR C 248 -9.09 -55.70 45.26
C TYR C 248 -8.53 -54.38 44.73
N LEU C 249 -8.48 -53.37 45.62
CA LEU C 249 -8.02 -52.06 45.21
C LEU C 249 -7.08 -51.54 46.28
N THR C 250 -5.88 -51.14 45.85
CA THR C 250 -4.91 -50.58 46.76
C THR C 250 -4.12 -49.48 46.07
N PRO C 251 -3.60 -48.52 46.84
CA PRO C 251 -2.74 -47.48 46.25
C PRO C 251 -1.54 -48.06 45.53
N GLY C 252 -1.02 -49.18 46.02
CA GLY C 252 0.11 -49.84 45.42
C GLY C 252 -0.13 -51.34 45.31
N ASP C 253 0.26 -51.91 44.17
CA ASP C 253 0.03 -53.32 43.91
C ASP C 253 1.23 -53.87 43.16
N SER C 254 1.39 -55.19 43.22
CA SER C 254 2.48 -55.88 42.56
C SER C 254 2.12 -56.12 41.10
N SER C 255 2.90 -56.94 40.41
CA SER C 255 2.66 -57.23 39.00
C SER C 255 1.60 -58.31 38.83
N SER C 256 0.94 -58.69 39.91
CA SER C 256 -0.12 -59.69 39.87
C SER C 256 -1.34 -59.17 39.14
N GLY C 257 -1.74 -57.94 39.45
CA GLY C 257 -2.91 -57.41 38.78
C GLY C 257 -4.06 -58.29 39.26
N TRP C 258 -5.16 -58.27 38.53
CA TRP C 258 -6.28 -59.10 38.93
C TRP C 258 -6.84 -59.75 37.67
N THR C 259 -7.51 -60.89 37.84
CA THR C 259 -7.99 -61.57 36.64
C THR C 259 -9.00 -60.69 35.93
N ALA C 260 -9.08 -60.86 34.62
CA ALA C 260 -10.01 -60.09 33.81
C ALA C 260 -10.23 -60.81 32.48
N GLY C 261 -11.25 -60.36 31.76
CA GLY C 261 -11.54 -60.93 30.47
C GLY C 261 -10.46 -60.59 29.45
N ALA C 262 -10.41 -61.41 28.40
CA ALA C 262 -9.48 -61.25 27.29
C ALA C 262 -9.78 -59.99 26.47
N ALA C 263 -8.78 -59.12 26.32
CA ALA C 263 -8.95 -57.88 25.57
C ALA C 263 -7.58 -57.34 25.18
N ALA C 264 -7.58 -56.39 24.24
CA ALA C 264 -6.35 -55.79 23.73
C ALA C 264 -6.64 -54.43 23.12
N TYR C 265 -5.59 -53.61 23.07
CA TYR C 265 -5.71 -52.27 22.51
C TYR C 265 -4.45 -51.85 21.76
N TYR C 266 -4.63 -51.18 20.61
CA TYR C 266 -3.55 -50.69 19.79
C TYR C 266 -3.47 -49.19 19.94
N VAL C 267 -2.27 -48.63 19.76
CA VAL C 267 -2.04 -47.19 19.85
C VAL C 267 -1.19 -46.69 18.69
N GLY C 268 -1.62 -45.56 18.08
CA GLY C 268 -0.87 -44.94 17.01
C GLY C 268 -0.83 -43.43 17.21
N TYR C 269 0.19 -42.79 16.64
CA TYR C 269 0.43 -41.36 16.77
C TYR C 269 0.17 -40.62 15.46
N LEU C 270 -0.62 -39.55 15.53
CA LEU C 270 -0.92 -38.76 14.34
C LEU C 270 0.23 -37.82 13.95
N GLN C 271 0.30 -37.49 12.66
CA GLN C 271 1.31 -36.61 12.09
C GLN C 271 0.68 -35.73 11.01
N PRO C 272 1.25 -34.55 10.76
CA PRO C 272 0.74 -33.66 9.70
C PRO C 272 1.00 -34.22 8.30
N ARG C 273 -0.08 -34.51 7.57
CA ARG C 273 -0.02 -35.08 6.24
C ARG C 273 -1.07 -34.43 5.36
N THR C 274 -0.93 -34.62 4.06
CA THR C 274 -1.88 -34.17 3.07
C THR C 274 -2.64 -35.38 2.56
N PHE C 275 -3.94 -35.39 2.76
CA PHE C 275 -4.75 -36.52 2.38
C PHE C 275 -5.76 -36.10 1.33
N LEU C 276 -5.97 -36.94 0.33
CA LEU C 276 -7.00 -36.71 -0.67
C LEU C 276 -8.20 -37.59 -0.32
N LEU C 277 -9.27 -36.98 0.15
CA LEU C 277 -10.46 -37.67 0.64
C LEU C 277 -11.52 -37.68 -0.45
N LYS C 278 -12.24 -38.78 -0.57
CA LYS C 278 -13.29 -38.89 -1.58
C LYS C 278 -14.65 -38.91 -0.93
N TYR C 279 -15.50 -37.94 -1.23
CA TYR C 279 -16.85 -37.95 -0.71
C TYR C 279 -17.75 -38.51 -1.79
N ASN C 280 -18.68 -39.36 -1.40
CA ASN C 280 -19.62 -39.96 -2.31
C ASN C 280 -20.88 -39.11 -2.48
N GLU C 281 -21.84 -39.61 -3.25
CA GLU C 281 -23.02 -38.79 -3.50
C GLU C 281 -23.86 -38.55 -2.25
N ASN C 282 -23.65 -39.32 -1.18
CA ASN C 282 -24.42 -39.12 0.03
C ASN C 282 -23.61 -38.45 1.12
N GLY C 283 -22.42 -37.98 0.81
CA GLY C 283 -21.65 -37.22 1.77
C GLY C 283 -20.81 -38.01 2.73
N THR C 284 -20.50 -39.27 2.43
CA THR C 284 -19.67 -40.11 3.31
C THR C 284 -18.36 -40.41 2.61
N ILE C 285 -17.28 -40.44 3.38
CA ILE C 285 -15.97 -40.74 2.82
C ILE C 285 -15.86 -42.22 2.57
N THR C 286 -15.52 -42.60 1.35
CA THR C 286 -15.35 -43.99 0.98
C THR C 286 -13.92 -44.37 0.69
N ASP C 287 -13.09 -43.42 0.25
CA ASP C 287 -11.71 -43.75 -0.04
C ASP C 287 -10.83 -42.56 0.31
N ALA C 288 -9.55 -42.82 0.43
CA ALA C 288 -8.60 -41.77 0.73
C ALA C 288 -7.23 -42.15 0.17
N VAL C 289 -6.43 -41.14 -0.12
CA VAL C 289 -5.11 -41.33 -0.69
C VAL C 289 -4.11 -40.57 0.16
N ASP C 290 -3.08 -41.25 0.62
CA ASP C 290 -2.01 -40.60 1.37
C ASP C 290 -1.11 -39.91 0.36
N CYS C 291 -1.08 -38.59 0.37
CA CYS C 291 -0.39 -37.87 -0.67
C CYS C 291 1.12 -38.08 -0.67
N ALA C 292 1.71 -38.57 0.40
CA ALA C 292 3.17 -38.68 0.42
C ALA C 292 3.67 -40.09 0.70
N LEU C 293 2.90 -41.10 0.32
CA LEU C 293 3.33 -42.46 0.60
C LEU C 293 4.33 -42.98 -0.42
N ASP C 294 3.94 -43.04 -1.69
CA ASP C 294 4.79 -43.56 -2.75
C ASP C 294 4.59 -42.73 -4.02
N PRO C 295 5.39 -42.89 -5.06
CA PRO C 295 5.21 -42.05 -6.25
C PRO C 295 3.86 -42.15 -6.90
N LEU C 296 3.25 -43.32 -6.96
CA LEU C 296 1.94 -43.41 -7.56
C LEU C 296 0.91 -42.62 -6.77
N SER C 297 1.00 -42.67 -5.45
CA SER C 297 0.10 -41.86 -4.64
C SER C 297 0.33 -40.39 -4.90
N GLU C 298 1.58 -39.99 -5.11
CA GLU C 298 1.85 -38.60 -5.41
C GLU C 298 1.24 -38.19 -6.74
N THR C 299 1.25 -39.07 -7.73
CA THR C 299 0.61 -38.73 -9.00
C THR C 299 -0.89 -38.61 -8.88
N LYS C 300 -1.52 -39.55 -8.19
CA LYS C 300 -2.97 -39.42 -7.98
C LYS C 300 -3.30 -38.15 -7.27
N CYS C 301 -2.57 -37.84 -6.22
CA CYS C 301 -2.88 -36.65 -5.45
C CYS C 301 -2.63 -35.38 -6.24
N THR C 302 -1.68 -35.37 -7.16
CA THR C 302 -1.50 -34.11 -7.90
C THR C 302 -2.57 -33.95 -8.97
N LEU C 303 -2.81 -34.97 -9.80
CA LEU C 303 -3.91 -34.85 -10.75
C LEU C 303 -5.28 -34.76 -10.10
N LYS C 304 -5.39 -34.95 -8.80
CA LYS C 304 -6.70 -34.95 -8.14
C LYS C 304 -7.65 -35.91 -8.82
N SER C 305 -7.20 -37.12 -9.05
CA SER C 305 -8.04 -38.10 -9.71
C SER C 305 -7.56 -39.47 -9.34
N PHE C 306 -8.48 -40.34 -8.96
CA PHE C 306 -8.10 -41.68 -8.56
C PHE C 306 -7.62 -42.57 -9.70
N THR C 307 -7.97 -42.30 -10.93
CA THR C 307 -7.52 -43.10 -12.08
C THR C 307 -6.61 -42.28 -12.98
N VAL C 308 -5.35 -42.70 -13.09
CA VAL C 308 -4.37 -42.04 -13.94
C VAL C 308 -4.09 -42.84 -15.21
N GLU C 309 -4.06 -42.15 -16.35
CA GLU C 309 -3.84 -42.74 -17.66
C GLU C 309 -2.35 -42.92 -17.94
N LYS C 310 -2.06 -43.69 -18.97
CA LYS C 310 -0.69 -43.94 -19.38
C LYS C 310 0.02 -42.67 -19.81
N GLY C 311 1.21 -42.45 -19.29
CA GLY C 311 1.96 -41.27 -19.69
C GLY C 311 3.03 -40.97 -18.66
N ILE C 312 3.63 -39.81 -18.83
CA ILE C 312 4.66 -39.31 -17.93
C ILE C 312 4.15 -38.02 -17.29
N TYR C 313 4.27 -37.90 -15.98
CA TYR C 313 3.73 -36.77 -15.23
C TYR C 313 4.82 -36.20 -14.34
N GLN C 314 4.94 -34.89 -14.32
CA GLN C 314 5.88 -34.17 -13.48
C GLN C 314 5.31 -33.84 -12.10
N THR C 315 5.64 -34.64 -11.10
CA THR C 315 5.01 -34.49 -9.79
C THR C 315 5.65 -33.41 -8.92
N SER C 316 6.97 -33.40 -8.78
CA SER C 316 7.60 -32.48 -7.82
C SER C 316 9.05 -32.23 -8.19
N ASN C 317 9.81 -31.61 -7.28
CA ASN C 317 11.23 -31.33 -7.48
C ASN C 317 12.03 -31.83 -6.30
N PHE C 318 13.31 -32.16 -6.52
CA PHE C 318 14.11 -32.60 -5.40
C PHE C 318 15.32 -31.69 -5.36
N ARG C 319 15.94 -31.54 -4.20
CA ARG C 319 17.12 -30.68 -4.10
C ARG C 319 17.93 -31.15 -2.91
N VAL C 320 19.16 -31.60 -3.16
CA VAL C 320 20.01 -32.11 -2.11
C VAL C 320 20.34 -31.05 -1.08
N GLN C 321 20.18 -31.38 0.19
CA GLN C 321 20.41 -30.42 1.25
C GLN C 321 21.88 -30.35 1.65
N PRO C 322 22.31 -29.22 2.21
CA PRO C 322 23.69 -29.10 2.66
C PRO C 322 23.97 -30.01 3.84
N THR C 323 25.12 -30.66 3.80
CA THR C 323 25.48 -31.61 4.86
C THR C 323 26.32 -31.00 5.99
N GLU C 324 26.86 -29.80 5.83
CA GLU C 324 27.74 -29.19 6.81
C GLU C 324 27.71 -27.68 6.66
N SER C 325 28.17 -26.97 7.69
CA SER C 325 28.28 -25.53 7.63
C SER C 325 29.69 -25.15 8.08
N ILE C 326 30.35 -24.28 7.32
CA ILE C 326 31.72 -23.86 7.61
C ILE C 326 31.84 -22.36 7.55
N VAL C 327 32.71 -21.81 8.39
CA VAL C 327 33.01 -20.39 8.35
C VAL C 327 34.51 -20.26 8.20
N ARG C 328 34.94 -19.32 7.35
CA ARG C 328 36.35 -19.12 7.08
C ARG C 328 36.60 -17.62 7.13
N PHE C 329 37.13 -17.17 8.22
CA PHE C 329 37.46 -15.78 8.52
C PHE C 329 38.96 -15.49 8.37
N PRO C 330 39.41 -14.30 8.73
CA PRO C 330 40.83 -13.97 8.69
C PRO C 330 41.50 -14.74 9.81
N ASN C 331 42.81 -14.58 9.93
CA ASN C 331 43.60 -15.36 10.89
C ASN C 331 44.13 -14.55 12.07
N ILE C 332 43.66 -13.30 12.23
CA ILE C 332 44.00 -12.34 13.27
C ILE C 332 45.43 -12.29 13.79
N THR C 333 45.97 -11.10 13.65
CA THR C 333 47.31 -10.63 13.97
C THR C 333 47.23 -9.25 14.61
N ASN C 334 48.00 -9.06 15.68
CA ASN C 334 48.03 -7.82 16.46
C ASN C 334 46.75 -7.39 17.16
N LEU C 335 46.54 -8.06 18.29
CA LEU C 335 45.45 -7.95 19.25
C LEU C 335 45.69 -6.64 19.98
N CYS C 336 45.25 -6.52 21.23
CA CYS C 336 45.43 -5.24 21.91
C CYS C 336 46.24 -5.42 23.19
N PRO C 337 46.76 -4.32 23.74
CA PRO C 337 47.65 -4.42 24.90
C PRO C 337 46.97 -4.46 26.26
N PHE C 338 45.68 -4.83 26.29
CA PHE C 338 44.96 -4.91 27.57
C PHE C 338 45.79 -5.64 28.61
N ASP C 339 46.45 -6.72 28.20
CA ASP C 339 47.33 -7.49 29.07
C ASP C 339 48.21 -6.50 29.82
N GLU C 340 49.05 -5.76 29.09
CA GLU C 340 49.89 -4.75 29.72
C GLU C 340 49.07 -3.83 30.61
N VAL C 341 48.05 -3.19 30.04
CA VAL C 341 47.20 -2.23 30.73
C VAL C 341 46.91 -2.67 32.16
N PHE C 342 46.47 -3.92 32.31
CA PHE C 342 46.07 -4.42 33.62
C PHE C 342 47.24 -4.98 34.42
N ASN C 343 48.30 -5.42 33.74
CA ASN C 343 49.42 -6.09 34.37
C ASN C 343 50.66 -5.22 34.46
N ALA C 344 50.57 -3.94 34.10
CA ALA C 344 51.73 -3.07 34.16
C ALA C 344 52.23 -2.80 35.59
N THR C 345 51.39 -3.00 36.61
CA THR C 345 51.80 -2.85 38.01
C THR C 345 52.60 -1.57 38.25
N ARG C 346 52.03 -0.45 37.82
CA ARG C 346 52.56 0.89 38.06
C ARG C 346 51.52 1.90 38.53
N PHE C 347 50.31 1.45 38.89
CA PHE C 347 49.18 2.34 39.09
C PHE C 347 49.59 3.61 39.82
N ALA C 348 49.13 4.75 39.31
CA ALA C 348 49.72 6.03 39.72
C ALA C 348 49.05 6.56 40.99
N SER C 349 47.78 6.94 40.89
CA SER C 349 47.05 7.64 41.94
C SER C 349 45.62 7.82 41.47
N VAL C 350 44.72 8.06 42.43
CA VAL C 350 43.39 8.49 42.03
C VAL C 350 43.45 9.97 41.65
N TYR C 351 44.39 10.68 42.23
CA TYR C 351 44.73 12.03 41.82
C TYR C 351 45.38 12.01 40.44
N ALA C 352 44.69 12.54 39.42
CA ALA C 352 45.19 12.51 38.05
C ALA C 352 45.42 11.08 37.57
N TRP C 353 44.32 10.37 37.38
CA TRP C 353 44.38 8.95 37.10
C TRP C 353 45.15 8.73 35.80
N ASN C 354 45.40 7.46 35.49
CA ASN C 354 46.15 7.16 34.28
C ASN C 354 45.18 6.65 33.23
N ARG C 355 45.45 6.98 31.97
CA ARG C 355 44.54 6.66 30.88
C ARG C 355 45.30 6.05 29.72
N LYS C 356 44.55 5.36 28.87
CA LYS C 356 45.05 4.85 27.61
C LYS C 356 43.86 4.75 26.66
N ARG C 357 44.08 5.13 25.40
CA ARG C 357 43.03 5.12 24.39
C ARG C 357 43.31 3.98 23.42
N ILE C 358 42.66 2.85 23.63
CA ILE C 358 42.90 1.70 22.76
C ILE C 358 42.14 1.87 21.45
N SER C 359 42.81 1.56 20.35
CA SER C 359 42.19 1.57 19.03
C SER C 359 43.03 0.78 18.04
N ASN C 360 42.38 0.34 16.96
CA ASN C 360 43.01 -0.36 15.85
C ASN C 360 43.70 -1.65 16.31
N CYS C 361 42.88 -2.58 16.76
CA CYS C 361 43.36 -3.91 17.14
C CYS C 361 42.15 -4.82 17.21
N VAL C 362 42.38 -6.07 17.51
CA VAL C 362 41.32 -7.05 17.69
C VAL C 362 41.22 -7.31 19.18
N ALA C 363 40.17 -6.78 19.81
CA ALA C 363 40.01 -6.88 21.26
C ALA C 363 39.57 -8.28 21.61
N ASP C 364 40.54 -9.07 22.08
CA ASP C 364 40.28 -10.46 22.44
C ASP C 364 39.32 -10.60 23.61
N TYR C 365 39.74 -10.11 24.79
CA TYR C 365 39.07 -10.17 26.08
C TYR C 365 39.29 -11.52 26.75
N SER C 366 39.88 -12.50 26.05
CA SER C 366 40.09 -13.83 26.62
C SER C 366 40.71 -13.77 28.01
N VAL C 367 41.50 -12.73 28.29
CA VAL C 367 42.11 -12.60 29.59
C VAL C 367 41.33 -11.63 30.47
N LEU C 368 40.81 -10.56 29.86
CA LEU C 368 40.03 -9.58 30.61
C LEU C 368 38.82 -10.26 31.23
N TYR C 369 38.68 -10.06 32.53
CA TYR C 369 37.62 -10.64 33.35
C TYR C 369 37.60 -12.15 33.29
N ASN C 370 38.64 -12.77 32.73
CA ASN C 370 38.76 -14.23 32.72
C ASN C 370 40.10 -14.67 33.26
N PHE C 371 41.05 -13.76 33.39
CA PHE C 371 42.30 -14.02 34.07
C PHE C 371 41.97 -14.33 35.53
N ALA C 372 42.92 -14.90 36.24
CA ALA C 372 42.56 -15.41 37.56
C ALA C 372 42.44 -14.37 38.69
N PRO C 373 43.39 -13.45 38.87
CA PRO C 373 43.38 -12.62 40.09
C PRO C 373 42.43 -11.43 40.06
N PHE C 374 41.53 -11.34 39.10
CA PHE C 374 40.53 -10.28 39.10
C PHE C 374 39.56 -10.41 40.28
N PHE C 375 39.29 -9.29 40.95
CA PHE C 375 38.43 -9.32 42.14
C PHE C 375 36.98 -8.99 41.85
N ALA C 376 36.71 -7.86 41.19
CA ALA C 376 35.34 -7.46 40.91
C ALA C 376 35.28 -6.91 39.51
N PHE C 377 34.35 -7.42 38.71
CA PHE C 377 34.08 -6.84 37.40
C PHE C 377 32.58 -6.89 37.11
N LYS C 378 32.06 -5.77 36.61
CA LYS C 378 30.62 -5.63 36.39
C LYS C 378 30.40 -4.46 35.44
N CYS C 379 29.65 -4.70 34.38
CA CYS C 379 29.27 -3.65 33.45
C CYS C 379 27.77 -3.46 33.30
N TYR C 380 27.43 -2.20 33.02
CA TYR C 380 26.07 -1.70 32.91
C TYR C 380 25.80 -1.37 31.45
N GLY C 381 24.70 -1.90 30.91
CA GLY C 381 24.32 -1.67 29.55
C GLY C 381 24.71 -2.79 28.62
N VAL C 382 25.80 -3.49 28.92
CA VAL C 382 26.34 -4.54 28.07
C VAL C 382 26.57 -5.80 28.89
N SER C 383 26.20 -6.94 28.32
CA SER C 383 26.49 -8.23 28.92
C SER C 383 27.92 -8.64 28.60
N PRO C 384 28.57 -9.37 29.51
CA PRO C 384 29.97 -9.75 29.29
C PRO C 384 30.24 -10.50 27.99
N THR C 385 29.44 -11.52 27.67
CA THR C 385 29.74 -12.31 26.48
C THR C 385 29.49 -11.52 25.20
N LYS C 386 28.34 -10.87 25.07
CA LYS C 386 28.14 -9.94 23.97
C LYS C 386 29.30 -8.95 23.88
N LEU C 387 29.70 -8.40 25.02
CA LEU C 387 30.89 -7.55 25.07
C LEU C 387 32.07 -8.24 24.40
N ASN C 388 32.30 -9.51 24.77
CA ASN C 388 33.37 -10.27 24.16
C ASN C 388 33.15 -10.42 22.66
N ASP C 389 31.92 -10.21 22.18
CA ASP C 389 31.72 -10.21 20.75
C ASP C 389 31.38 -8.84 20.19
N LEU C 390 31.20 -7.84 21.04
CA LEU C 390 30.95 -6.50 20.52
C LEU C 390 32.24 -5.85 20.04
N CYS C 391 32.09 -4.80 19.23
CA CYS C 391 33.22 -4.17 18.59
C CYS C 391 32.87 -2.68 18.52
N PHE C 392 33.90 -1.83 18.60
CA PHE C 392 33.66 -0.40 18.82
C PHE C 392 34.68 0.46 18.09
N THR C 393 34.46 1.77 18.17
CA THR C 393 35.37 2.72 17.52
C THR C 393 36.57 2.96 18.41
N ASN C 394 36.38 3.17 19.71
CA ASN C 394 37.55 3.31 20.57
C ASN C 394 37.24 2.76 21.95
N VAL C 395 38.30 2.64 22.74
CA VAL C 395 38.22 2.15 24.11
C VAL C 395 38.98 3.14 24.98
N TYR C 396 38.49 3.35 26.19
CA TYR C 396 39.24 4.16 27.14
C TYR C 396 39.45 3.38 28.41
N ALA C 397 40.71 3.16 28.77
CA ALA C 397 41.08 2.50 30.01
C ALA C 397 41.61 3.56 30.97
N ASP C 398 41.13 3.52 32.21
CA ASP C 398 41.50 4.48 33.24
C ASP C 398 41.85 3.77 34.54
N SER C 399 43.14 3.54 34.77
CA SER C 399 43.58 2.88 36.00
C SER C 399 43.94 3.88 37.08
N PHE C 400 43.70 3.48 38.33
CA PHE C 400 44.06 4.22 39.53
C PHE C 400 43.94 3.28 40.72
N VAL C 401 44.31 3.78 41.90
CA VAL C 401 44.30 3.01 43.15
C VAL C 401 43.52 3.77 44.21
N ILE C 402 42.59 3.09 44.86
CA ILE C 402 41.79 3.71 45.92
C ILE C 402 41.78 2.80 47.14
N ARG C 403 41.26 3.32 48.24
CA ARG C 403 41.10 2.53 49.46
C ARG C 403 39.87 1.64 49.34
N GLY C 404 39.99 0.41 49.84
CA GLY C 404 38.97 -0.59 49.62
C GLY C 404 37.57 -0.12 50.00
N ASN C 405 37.46 0.61 51.10
CA ASN C 405 36.17 1.06 51.59
C ASN C 405 35.50 2.08 50.69
N GLU C 406 36.16 2.50 49.61
CA GLU C 406 35.60 3.49 48.71
C GLU C 406 35.27 2.90 47.35
N VAL C 407 35.42 1.58 47.19
CA VAL C 407 35.10 0.99 45.88
C VAL C 407 33.62 1.11 45.55
N SER C 408 32.76 1.09 46.56
CA SER C 408 31.33 1.24 46.31
C SER C 408 30.97 2.58 45.67
N GLN C 409 31.89 3.54 45.63
CA GLN C 409 31.54 4.82 45.04
C GLN C 409 31.76 4.87 43.54
N ILE C 410 32.49 3.93 42.95
CA ILE C 410 32.65 3.88 41.50
C ILE C 410 31.41 3.20 40.91
N ALA C 411 30.47 4.01 40.45
CA ALA C 411 29.19 3.55 39.93
C ALA C 411 28.54 4.71 39.18
N PRO C 412 27.56 4.45 38.31
CA PRO C 412 26.93 5.54 37.55
C PRO C 412 26.29 6.56 38.47
N GLY C 413 26.80 7.78 38.48
CA GLY C 413 26.26 8.83 39.31
C GLY C 413 26.39 8.62 40.81
N GLN C 414 27.04 7.54 41.23
CA GLN C 414 27.30 7.30 42.64
C GLN C 414 27.95 8.50 43.31
N THR C 415 27.58 8.73 44.56
CA THR C 415 28.03 9.88 45.33
C THR C 415 28.87 9.44 46.52
N GLY C 416 29.92 10.21 46.79
CA GLY C 416 30.77 9.93 47.93
C GLY C 416 31.85 10.98 48.05
N ASN C 417 33.07 10.57 48.36
CA ASN C 417 34.20 11.50 48.34
C ASN C 417 35.00 11.33 47.05
N ILE C 418 35.50 10.12 46.83
CA ILE C 418 36.35 9.85 45.69
C ILE C 418 35.56 10.05 44.41
N ALA C 419 34.25 9.90 44.47
CA ALA C 419 33.40 9.98 43.30
C ALA C 419 32.68 11.31 43.18
N ASP C 420 33.07 12.30 43.99
CA ASP C 420 32.35 13.57 43.95
C ASP C 420 33.37 14.70 43.81
N TYR C 421 34.55 14.49 44.37
CA TYR C 421 35.59 15.52 44.37
C TYR C 421 36.88 15.04 43.74
N ASN C 422 37.06 13.73 43.56
CA ASN C 422 38.31 13.21 43.03
C ASN C 422 38.14 12.81 41.58
N TYR C 423 37.28 11.81 41.33
CA TYR C 423 37.07 11.27 39.98
C TYR C 423 35.62 10.83 39.79
N LYS C 424 34.94 11.43 38.82
CA LYS C 424 33.51 11.22 38.62
C LYS C 424 33.24 10.75 37.21
N LEU C 425 32.62 9.60 37.07
CA LEU C 425 32.15 8.86 35.90
C LEU C 425 30.72 9.29 35.58
N PRO C 426 30.32 9.33 34.30
CA PRO C 426 29.01 9.89 33.96
C PRO C 426 27.82 9.14 34.53
N ASP C 427 26.62 9.69 34.31
CA ASP C 427 25.41 9.09 34.84
C ASP C 427 24.91 8.01 33.90
N ASP C 428 25.10 8.24 32.60
CA ASP C 428 24.72 7.34 31.52
C ASP C 428 25.95 6.59 31.00
N PHE C 429 26.92 6.35 31.88
CA PHE C 429 28.17 5.72 31.52
C PHE C 429 27.98 4.26 31.14
N THR C 430 28.25 3.93 29.88
CA THR C 430 28.24 2.56 29.43
C THR C 430 29.68 2.07 29.39
N GLY C 431 29.91 0.93 30.02
CA GLY C 431 31.24 0.37 30.13
C GLY C 431 31.35 -0.25 31.50
N CYS C 432 32.48 -0.85 31.81
CA CYS C 432 32.61 -1.49 33.12
C CYS C 432 33.88 -1.15 33.85
N VAL C 433 33.80 -1.31 35.16
CA VAL C 433 34.91 -1.03 36.07
C VAL C 433 35.35 -2.36 36.66
N ILE C 434 36.60 -2.42 37.05
CA ILE C 434 37.17 -3.61 37.65
C ILE C 434 38.08 -3.20 38.78
N ALA C 435 38.06 -3.97 39.86
CA ALA C 435 38.80 -3.61 41.05
C ALA C 435 39.43 -4.87 41.61
N TRP C 436 40.69 -4.77 41.99
CA TRP C 436 41.49 -5.87 42.51
C TRP C 436 41.94 -5.49 43.91
N ASN C 437 41.89 -6.43 44.84
CA ASN C 437 42.39 -6.13 46.16
C ASN C 437 43.90 -6.24 46.10
N SER C 438 44.56 -5.12 45.80
CA SER C 438 46.01 -5.09 45.72
C SER C 438 46.59 -4.95 47.12
N ASN C 439 46.29 -5.96 47.94
CA ASN C 439 46.72 -5.98 49.33
C ASN C 439 48.15 -6.48 49.49
N LYS C 440 48.86 -6.62 48.37
CA LYS C 440 50.24 -7.07 48.41
C LYS C 440 51.06 -6.24 47.44
N LEU C 441 50.47 -5.92 46.29
CA LEU C 441 51.24 -5.35 45.20
C LEU C 441 51.67 -3.92 45.48
N ASP C 442 50.84 -3.13 46.15
CA ASP C 442 51.19 -1.74 46.45
C ASP C 442 50.94 -1.50 47.93
N SER C 443 51.93 -1.84 48.75
CA SER C 443 51.82 -1.59 50.17
C SER C 443 53.18 -1.81 50.82
N LYS C 444 53.45 -1.00 51.84
CA LYS C 444 54.69 -1.08 52.59
C LYS C 444 54.37 -0.74 54.03
N VAL C 445 55.03 -1.41 54.97
CA VAL C 445 54.82 -1.09 56.38
C VAL C 445 55.16 0.36 56.64
N GLY C 446 56.05 0.93 55.84
CA GLY C 446 56.39 2.34 55.95
C GLY C 446 55.38 3.26 55.33
N GLY C 447 54.41 2.69 54.61
CA GLY C 447 53.37 3.46 53.98
C GLY C 447 53.52 3.72 52.50
N ASN C 448 52.80 2.95 51.69
CA ASN C 448 52.82 3.16 50.25
C ASN C 448 51.91 4.34 49.93
N TYR C 449 52.14 5.48 50.57
CA TYR C 449 51.29 6.66 50.45
C TYR C 449 51.88 7.70 49.52
N ASN C 450 52.83 7.31 48.66
CA ASN C 450 53.42 8.25 47.72
C ASN C 450 52.36 9.09 47.03
N TYR C 451 51.24 8.48 46.69
CA TYR C 451 50.15 9.20 46.04
C TYR C 451 49.33 9.90 47.11
N ARG C 452 48.89 11.12 46.81
CA ARG C 452 48.07 11.93 47.71
C ARG C 452 46.74 12.24 47.03
N TYR C 453 45.66 11.62 47.52
CA TYR C 453 44.37 11.85 46.88
C TYR C 453 43.83 13.24 47.23
N ARG C 454 42.71 13.57 46.57
CA ARG C 454 42.09 14.88 46.64
C ARG C 454 41.00 14.84 47.70
N LEU C 455 41.08 15.73 48.68
CA LEU C 455 40.07 15.83 49.73
C LEU C 455 39.50 17.23 49.84
N PHE C 456 39.89 18.14 48.94
CA PHE C 456 39.33 19.48 48.96
C PHE C 456 39.22 19.96 47.52
N ARG C 457 37.98 20.14 47.07
CA ARG C 457 37.68 20.58 45.72
C ARG C 457 36.63 21.67 45.80
N LYS C 458 36.68 22.63 44.87
CA LYS C 458 35.74 23.74 44.95
C LYS C 458 34.37 23.37 44.41
N SER C 459 34.30 22.46 43.44
CA SER C 459 33.03 22.12 42.82
C SER C 459 33.17 20.77 42.13
N ASN C 460 32.05 20.06 42.07
CA ASN C 460 32.04 18.70 41.57
C ASN C 460 32.60 18.62 40.15
N LEU C 461 32.98 17.42 39.76
CA LEU C 461 33.66 17.16 38.49
C LEU C 461 32.67 16.89 37.37
N LYS C 462 33.02 17.33 36.18
CA LYS C 462 32.33 16.82 35.02
C LYS C 462 32.94 15.47 34.65
N PRO C 463 32.13 14.55 34.13
CA PRO C 463 32.61 13.19 33.87
C PRO C 463 33.89 13.16 33.04
N PHE C 464 34.87 12.39 33.54
CA PHE C 464 36.18 12.23 32.92
C PHE C 464 36.86 13.58 32.73
N GLU C 465 37.03 14.29 33.83
CA GLU C 465 37.70 15.58 33.83
C GLU C 465 38.95 15.47 34.69
N ARG C 466 40.10 15.27 34.07
CA ARG C 466 41.34 15.23 34.84
C ARG C 466 41.49 16.59 35.49
N ASP C 467 41.56 16.62 36.81
CA ASP C 467 41.56 17.84 37.60
C ASP C 467 42.79 17.90 38.50
N ILE C 468 43.92 17.41 38.00
CA ILE C 468 45.18 17.49 38.70
C ILE C 468 45.58 18.94 38.96
N SER C 469 45.76 19.29 40.24
CA SER C 469 46.07 20.65 40.63
C SER C 469 46.84 20.60 41.94
N THR C 470 47.62 21.66 42.18
CA THR C 470 48.39 21.82 43.43
C THR C 470 48.04 23.20 43.98
N GLU C 471 47.00 23.25 44.82
CA GLU C 471 46.49 24.50 45.39
C GLU C 471 46.29 24.35 46.88
N ILE C 472 45.80 25.42 47.52
CA ILE C 472 45.51 25.43 48.95
C ILE C 472 44.05 25.81 49.15
N TYR C 473 43.23 24.81 49.42
CA TYR C 473 41.87 25.03 49.91
C TYR C 473 41.88 25.88 51.16
N GLN C 474 41.00 26.87 51.23
CA GLN C 474 41.05 27.78 52.36
C GLN C 474 39.65 28.25 52.69
N ALA C 475 39.54 28.95 53.82
CA ALA C 475 38.28 29.48 54.28
C ALA C 475 38.28 31.00 54.17
N GLY C 476 39.30 31.64 54.72
CA GLY C 476 39.38 33.08 54.74
C GLY C 476 40.17 33.62 53.57
N ASN C 477 40.80 34.77 53.80
CA ASN C 477 41.52 35.46 52.73
C ASN C 477 42.71 34.65 52.22
N LYS C 478 43.72 34.46 53.09
CA LYS C 478 44.99 33.96 52.60
C LYS C 478 45.12 32.47 52.82
N PRO C 479 45.95 31.80 52.03
CA PRO C 479 46.34 30.42 52.33
C PRO C 479 47.52 30.40 53.29
N CYS C 480 47.84 29.19 53.78
CA CYS C 480 48.83 29.11 54.86
C CYS C 480 50.19 29.70 54.50
N ASN C 481 50.43 30.08 53.25
CA ASN C 481 51.70 30.72 52.95
C ASN C 481 51.88 31.98 53.78
N GLY C 482 50.78 32.63 54.18
CA GLY C 482 50.88 33.81 54.99
C GLY C 482 50.05 33.73 56.25
N VAL C 483 49.27 32.65 56.38
CA VAL C 483 48.40 32.41 57.53
C VAL C 483 48.78 31.04 58.08
N ALA C 484 48.35 30.75 59.31
CA ALA C 484 48.66 29.44 59.87
C ALA C 484 47.49 28.98 60.74
N GLY C 485 47.26 27.67 60.72
CA GLY C 485 46.17 27.09 61.46
C GLY C 485 44.82 27.18 60.75
N VAL C 486 44.27 28.38 60.70
CA VAL C 486 42.99 28.62 60.03
C VAL C 486 43.22 28.86 58.54
N ASN C 487 42.32 28.30 57.72
CA ASN C 487 42.32 28.49 56.26
C ASN C 487 43.59 27.97 55.56
N CYS C 488 44.23 26.94 56.13
CA CYS C 488 45.41 26.30 55.52
C CYS C 488 45.03 24.85 55.26
N TYR C 489 44.29 24.59 54.21
CA TYR C 489 43.87 23.23 53.94
C TYR C 489 44.49 22.82 52.62
N PHE C 490 44.90 21.56 52.52
CA PHE C 490 45.60 21.07 51.34
C PHE C 490 44.92 19.81 50.82
N PRO C 491 44.38 19.82 49.60
CA PRO C 491 43.51 18.72 49.19
C PRO C 491 44.22 17.39 49.07
N LEU C 492 45.53 17.39 48.85
CA LEU C 492 46.31 16.16 48.67
C LEU C 492 46.66 15.59 50.03
N GLN C 493 45.95 14.55 50.41
CA GLN C 493 46.23 13.80 51.64
C GLN C 493 46.83 12.44 51.31
N SER C 494 47.82 12.06 52.10
CA SER C 494 48.50 10.79 51.92
C SER C 494 47.54 9.66 52.26
N TYR C 495 47.93 8.45 51.86
CA TYR C 495 47.09 7.28 52.16
C TYR C 495 47.52 6.55 53.42
N GLY C 496 48.82 6.32 53.58
CA GLY C 496 49.35 5.60 54.71
C GLY C 496 49.08 4.12 54.59
N PHE C 497 49.20 3.59 53.38
CA PHE C 497 48.96 2.18 53.14
C PHE C 497 50.05 1.33 53.75
N ARG C 498 49.68 0.50 54.73
CA ARG C 498 50.63 -0.40 55.38
C ARG C 498 49.85 -1.65 55.75
N PRO C 499 50.53 -2.77 55.98
CA PRO C 499 49.80 -4.06 55.91
C PRO C 499 48.88 -4.29 57.09
N THR C 500 49.18 -3.69 58.25
CA THR C 500 48.30 -3.88 59.41
C THR C 500 46.90 -3.36 59.13
N TYR C 501 46.78 -2.39 58.23
CA TYR C 501 45.50 -1.83 57.86
C TYR C 501 44.53 -2.94 57.46
N GLY C 502 43.28 -2.78 57.86
CA GLY C 502 42.24 -3.71 57.48
C GLY C 502 41.86 -3.58 56.02
N VAL C 503 40.92 -4.44 55.62
CA VAL C 503 40.47 -4.50 54.23
C VAL C 503 40.02 -3.13 53.75
N GLY C 504 39.15 -2.48 54.52
CA GLY C 504 38.64 -1.18 54.14
C GLY C 504 39.72 -0.19 53.76
N HIS C 505 40.96 -0.46 54.13
CA HIS C 505 42.07 0.45 53.84
C HIS C 505 43.17 -0.26 53.08
N GLN C 506 42.86 -1.34 52.41
CA GLN C 506 43.86 -1.99 51.58
C GLN C 506 43.75 -1.48 50.16
N PRO C 507 44.83 -1.08 49.54
CA PRO C 507 44.74 -0.45 48.23
C PRO C 507 44.17 -1.36 47.15
N TYR C 508 42.98 -1.02 46.68
CA TYR C 508 42.35 -1.69 45.55
C TYR C 508 42.76 -0.97 44.27
N ARG C 509 43.31 -1.73 43.32
CA ARG C 509 43.63 -1.17 42.02
C ARG C 509 42.42 -1.33 41.10
N VAL C 510 42.02 -0.25 40.45
CA VAL C 510 40.79 -0.22 39.68
C VAL C 510 41.09 0.30 38.28
N VAL C 511 40.40 -0.29 37.30
CA VAL C 511 40.54 0.02 35.88
C VAL C 511 39.16 0.12 35.27
N VAL C 512 38.87 1.23 34.59
CA VAL C 512 37.53 1.45 34.04
C VAL C 512 37.61 1.55 32.53
N LEU C 513 36.73 0.80 31.85
CA LEU C 513 36.65 0.74 30.40
C LEU C 513 35.40 1.46 29.93
N SER C 514 35.59 2.36 28.97
CA SER C 514 34.54 3.19 28.37
C SER C 514 34.53 3.08 26.85
N PHE C 515 33.48 2.50 26.29
CA PHE C 515 33.32 2.35 24.85
C PHE C 515 32.54 3.53 24.25
N GLU C 516 33.19 4.30 23.38
CA GLU C 516 32.54 5.36 22.61
C GLU C 516 32.00 4.81 21.30
N LEU C 517 30.79 5.22 20.89
CA LEU C 517 30.23 4.67 19.66
C LEU C 517 29.81 5.63 18.55
N LEU C 518 29.97 6.94 18.69
CA LEU C 518 29.62 7.88 17.62
C LEU C 518 30.44 7.60 16.36
N HIS C 519 29.90 8.04 15.20
CA HIS C 519 30.48 7.89 13.86
C HIS C 519 31.58 6.87 13.89
N ALA C 520 31.24 5.58 13.80
CA ALA C 520 32.23 4.55 14.08
C ALA C 520 32.73 3.73 12.89
N PRO C 521 33.74 4.21 12.17
CA PRO C 521 34.40 3.28 11.25
C PRO C 521 35.28 2.40 12.14
N ALA C 522 34.59 1.55 12.91
CA ALA C 522 35.13 0.78 14.02
C ALA C 522 36.39 0.03 13.64
N THR C 523 37.46 0.28 14.39
CA THR C 523 38.77 -0.24 14.07
C THR C 523 39.19 -1.35 15.03
N VAL C 524 38.28 -1.80 15.90
CA VAL C 524 38.57 -2.80 16.92
C VAL C 524 37.40 -3.77 16.96
N CYS C 525 37.59 -4.97 16.43
CA CYS C 525 36.66 -6.07 16.60
C CYS C 525 37.50 -7.33 16.53
N GLY C 526 37.52 -8.14 17.61
CA GLY C 526 38.36 -9.31 17.61
C GLY C 526 37.86 -10.74 17.83
N PRO C 527 36.57 -10.97 17.98
CA PRO C 527 36.04 -12.34 17.80
C PRO C 527 36.62 -13.18 16.67
N LYS C 528 37.20 -14.33 17.05
CA LYS C 528 37.79 -15.33 16.15
C LYS C 528 36.78 -16.03 15.24
N LYS C 529 36.35 -17.21 15.68
CA LYS C 529 35.37 -18.04 15.00
C LYS C 529 35.75 -18.38 13.56
N SER C 530 36.74 -19.27 13.41
CA SER C 530 37.13 -19.74 12.08
C SER C 530 37.25 -21.26 12.10
N THR C 531 36.30 -21.94 11.45
CA THR C 531 36.29 -23.39 11.33
C THR C 531 36.97 -23.91 10.08
N ASN C 532 37.56 -25.09 10.20
CA ASN C 532 38.20 -25.77 9.08
C ASN C 532 37.27 -26.00 7.90
N LEU C 533 37.82 -25.85 6.69
CA LEU C 533 37.05 -25.97 5.46
C LEU C 533 36.83 -27.42 5.05
N VAL C 534 35.67 -27.67 4.45
CA VAL C 534 35.26 -28.96 3.91
C VAL C 534 35.07 -28.82 2.41
N LYS C 535 35.52 -29.80 1.65
CA LYS C 535 35.46 -29.68 0.21
C LYS C 535 34.66 -30.83 -0.41
N ASN C 536 34.12 -30.57 -1.59
CA ASN C 536 33.39 -31.52 -2.43
C ASN C 536 32.04 -31.96 -1.87
N LYS C 537 31.44 -31.23 -0.95
CA LYS C 537 30.14 -31.61 -0.42
C LYS C 537 29.24 -30.38 -0.29
N CYS C 538 27.94 -30.55 -0.49
CA CYS C 538 27.04 -29.41 -0.32
C CYS C 538 27.19 -28.86 1.08
N VAL C 539 27.72 -27.66 1.17
CA VAL C 539 28.10 -27.06 2.44
C VAL C 539 27.67 -25.61 2.44
N ASN C 540 27.23 -25.11 3.60
CA ASN C 540 27.00 -23.69 3.77
C ASN C 540 28.29 -23.00 4.11
N PHE C 541 28.67 -21.99 3.34
CA PHE C 541 29.94 -21.33 3.57
C PHE C 541 29.70 -19.87 3.90
N ASN C 542 30.61 -19.32 4.70
CA ASN C 542 30.61 -17.90 5.07
C ASN C 542 32.03 -17.37 5.00
N PHE C 543 32.45 -16.86 3.86
CA PHE C 543 33.83 -16.39 3.71
C PHE C 543 33.90 -14.91 4.00
N ASN C 544 34.33 -14.54 5.21
CA ASN C 544 34.58 -13.14 5.59
C ASN C 544 33.42 -12.22 5.25
N GLY C 545 32.20 -12.72 5.32
CA GLY C 545 31.01 -11.95 5.01
C GLY C 545 30.24 -12.44 3.79
N LEU C 546 30.88 -13.11 2.86
CA LEU C 546 30.17 -13.64 1.70
C LEU C 546 29.44 -14.90 2.15
N THR C 547 28.13 -14.90 2.16
CA THR C 547 27.40 -16.07 2.62
C THR C 547 26.76 -16.79 1.45
N GLY C 548 26.85 -18.11 1.45
CA GLY C 548 26.22 -18.84 0.37
C GLY C 548 26.24 -20.32 0.65
N THR C 549 25.78 -21.09 -0.33
CA THR C 549 25.73 -22.53 -0.23
C THR C 549 26.26 -23.13 -1.53
N GLY C 550 26.90 -24.28 -1.45
CA GLY C 550 27.39 -24.90 -2.67
C GLY C 550 28.52 -25.85 -2.40
N VAL C 551 28.99 -26.48 -3.48
CA VAL C 551 30.14 -27.38 -3.41
C VAL C 551 31.38 -26.63 -3.85
N LEU C 552 32.46 -26.80 -3.08
CA LEU C 552 33.73 -26.14 -3.30
C LEU C 552 34.71 -27.09 -4.00
N THR C 553 35.40 -26.60 -5.02
CA THR C 553 36.32 -27.43 -5.80
C THR C 553 37.62 -26.67 -6.06
N GLU C 554 38.73 -27.40 -6.19
CA GLU C 554 39.99 -26.75 -6.51
C GLU C 554 39.93 -25.99 -7.82
N SER C 555 40.36 -24.75 -7.78
CA SER C 555 40.36 -23.71 -8.81
C SER C 555 41.48 -23.82 -9.82
N ASN C 556 41.21 -23.22 -10.97
CA ASN C 556 42.18 -23.10 -12.06
C ASN C 556 42.31 -21.64 -12.51
N LYS C 557 41.77 -20.69 -11.75
CA LYS C 557 41.79 -19.29 -12.16
C LYS C 557 42.87 -18.47 -11.47
N LYS C 558 43.47 -17.55 -12.22
CA LYS C 558 44.58 -16.72 -11.76
C LYS C 558 43.99 -15.46 -11.13
N PHE C 559 43.78 -15.44 -9.83
CA PHE C 559 43.38 -14.22 -9.15
C PHE C 559 44.52 -13.23 -9.00
N LEU C 560 44.27 -11.96 -9.29
CA LEU C 560 45.30 -10.97 -9.04
C LEU C 560 45.40 -10.71 -7.54
N PRO C 561 46.57 -10.34 -7.04
CA PRO C 561 46.76 -10.27 -5.59
C PRO C 561 45.84 -9.33 -4.84
N PHE C 562 45.20 -8.39 -5.50
CA PHE C 562 44.31 -7.49 -4.77
C PHE C 562 42.86 -7.91 -4.84
N GLN C 563 42.55 -9.01 -5.51
CA GLN C 563 41.19 -9.47 -5.69
C GLN C 563 40.84 -10.53 -4.66
N GLN C 564 39.59 -10.52 -4.23
CA GLN C 564 39.13 -11.43 -3.21
C GLN C 564 37.95 -12.29 -3.63
N PHE C 565 37.22 -11.93 -4.68
CA PHE C 565 36.04 -12.68 -5.04
C PHE C 565 36.07 -12.84 -6.54
N GLY C 566 35.34 -13.79 -7.04
CA GLY C 566 35.21 -13.93 -8.48
C GLY C 566 33.76 -14.13 -8.85
N ARG C 567 33.35 -13.51 -9.94
CA ARG C 567 31.96 -13.55 -10.34
C ARG C 567 31.94 -13.78 -11.84
N ASP C 568 31.01 -14.59 -12.30
CA ASP C 568 30.75 -14.76 -13.71
C ASP C 568 29.68 -13.81 -14.21
N ILE C 569 29.20 -14.05 -15.43
CA ILE C 569 28.16 -13.21 -15.99
C ILE C 569 26.93 -13.32 -15.10
N ALA C 570 26.19 -12.22 -15.00
CA ALA C 570 24.94 -12.14 -14.25
C ALA C 570 25.17 -12.30 -12.75
N ASP C 571 26.26 -11.75 -12.25
CA ASP C 571 26.57 -11.60 -10.84
C ASP C 571 26.53 -12.90 -10.03
N THR C 572 26.64 -14.07 -10.62
CA THR C 572 26.66 -15.26 -9.81
C THR C 572 28.06 -15.40 -9.24
N THR C 573 28.22 -15.33 -7.92
CA THR C 573 29.56 -15.43 -7.39
C THR C 573 30.08 -16.84 -7.67
N ASP C 574 31.04 -16.92 -8.57
CA ASP C 574 31.58 -18.19 -9.04
C ASP C 574 32.82 -18.68 -8.31
N ALA C 575 33.60 -17.83 -7.70
CA ALA C 575 34.82 -18.33 -7.08
C ALA C 575 35.17 -17.45 -5.92
N VAL C 576 36.05 -17.92 -5.05
CA VAL C 576 36.43 -17.18 -3.86
C VAL C 576 37.82 -17.60 -3.45
N ARG C 577 38.59 -16.67 -2.89
CA ARG C 577 39.90 -17.05 -2.38
C ARG C 577 39.82 -17.15 -0.87
N ASP C 578 40.46 -18.18 -0.33
CA ASP C 578 40.40 -18.40 1.09
C ASP C 578 41.16 -17.32 1.83
N PRO C 579 40.58 -16.73 2.87
CA PRO C 579 41.31 -15.74 3.67
C PRO C 579 42.40 -16.29 4.56
N GLN C 580 42.61 -17.60 4.64
CA GLN C 580 43.64 -18.18 5.48
C GLN C 580 44.84 -18.68 4.70
N THR C 581 44.62 -19.53 3.71
CA THR C 581 45.65 -20.11 2.87
C THR C 581 45.74 -19.51 1.47
N LEU C 582 44.87 -18.56 1.13
CA LEU C 582 44.94 -17.84 -0.14
C LEU C 582 44.74 -18.72 -1.36
N GLU C 583 44.21 -19.92 -1.16
CA GLU C 583 43.92 -20.80 -2.28
C GLU C 583 42.61 -20.38 -2.93
N ILE C 584 42.55 -20.44 -4.25
CA ILE C 584 41.35 -20.10 -5.01
C ILE C 584 40.42 -21.29 -5.05
N LEU C 585 39.11 -21.08 -4.87
CA LEU C 585 38.16 -22.17 -4.89
C LEU C 585 37.00 -21.85 -5.83
N ASP C 586 36.55 -22.85 -6.56
CA ASP C 586 35.40 -22.77 -7.46
C ASP C 586 34.13 -23.18 -6.74
N ILE C 587 33.04 -22.49 -7.01
CA ILE C 587 31.74 -22.78 -6.40
C ILE C 587 30.74 -23.25 -7.43
N THR C 588 30.14 -24.42 -7.22
CA THR C 588 29.06 -24.86 -8.09
C THR C 588 27.88 -25.31 -7.22
N PRO C 589 26.67 -24.85 -7.52
CA PRO C 589 25.52 -25.26 -6.71
C PRO C 589 25.28 -26.73 -6.91
N CYS C 590 25.12 -27.46 -5.82
CA CYS C 590 24.89 -28.89 -5.98
C CYS C 590 23.57 -29.17 -6.69
N SER C 591 23.55 -30.36 -7.27
CA SER C 591 22.52 -30.83 -8.18
C SER C 591 21.12 -30.74 -7.62
N PHE C 592 20.21 -30.33 -8.49
CA PHE C 592 18.79 -30.21 -8.22
C PHE C 592 18.08 -30.39 -9.54
N GLY C 593 16.78 -30.65 -9.48
CA GLY C 593 16.04 -30.88 -10.70
C GLY C 593 14.64 -31.35 -10.40
N GLY C 594 13.90 -31.52 -11.48
CA GLY C 594 12.53 -31.99 -11.40
C GLY C 594 12.45 -33.49 -11.44
N VAL C 595 11.38 -34.05 -10.89
CA VAL C 595 11.20 -35.49 -10.83
C VAL C 595 9.89 -35.82 -11.52
N SER C 596 9.89 -36.84 -12.38
CA SER C 596 8.71 -37.24 -13.12
C SER C 596 8.39 -38.71 -12.91
N VAL C 597 7.12 -39.07 -13.04
CA VAL C 597 6.66 -40.43 -12.81
C VAL C 597 6.22 -41.04 -14.14
N ILE C 598 6.71 -42.24 -14.45
CA ILE C 598 6.33 -43.00 -15.63
C ILE C 598 5.34 -44.07 -15.18
N THR C 599 4.15 -44.06 -15.74
CA THR C 599 3.12 -45.01 -15.33
C THR C 599 2.39 -45.61 -16.53
N PRO C 600 2.15 -46.92 -16.56
CA PRO C 600 1.40 -47.50 -17.66
C PRO C 600 -0.11 -47.39 -17.51
N GLY C 601 -0.59 -46.63 -16.54
CA GLY C 601 -2.01 -46.50 -16.36
C GLY C 601 -2.42 -47.20 -15.10
N THR C 602 -3.25 -46.59 -14.28
CA THR C 602 -3.68 -47.27 -13.09
C THR C 602 -4.35 -48.57 -13.46
N ASN C 603 -5.02 -48.59 -14.60
CA ASN C 603 -5.80 -49.73 -15.02
C ASN C 603 -4.96 -50.83 -15.63
N THR C 604 -3.73 -50.59 -16.02
CA THR C 604 -2.93 -51.74 -16.40
C THR C 604 -2.23 -52.34 -15.20
N SER C 605 -1.55 -51.52 -14.41
CA SER C 605 -0.82 -51.97 -13.25
C SER C 605 -0.33 -50.78 -12.44
N ASN C 606 -0.03 -51.03 -11.18
CA ASN C 606 0.46 -50.01 -10.27
C ASN C 606 1.96 -49.81 -10.33
N GLN C 607 2.69 -50.60 -11.09
CA GLN C 607 4.11 -50.39 -11.20
C GLN C 607 4.40 -48.99 -11.73
N VAL C 608 5.55 -48.44 -11.37
CA VAL C 608 5.90 -47.07 -11.71
C VAL C 608 7.41 -46.97 -11.82
N ALA C 609 7.90 -46.14 -12.74
CA ALA C 609 9.32 -45.84 -12.85
C ALA C 609 9.53 -44.34 -12.67
N VAL C 610 10.65 -43.94 -12.08
CA VAL C 610 10.85 -42.54 -11.73
C VAL C 610 12.03 -41.95 -12.47
N LEU C 611 11.86 -40.74 -13.01
CA LEU C 611 12.92 -40.04 -13.75
C LEU C 611 13.32 -38.77 -13.04
N TYR C 612 14.53 -38.73 -12.48
CA TYR C 612 15.09 -37.49 -11.93
C TYR C 612 15.79 -36.75 -13.06
N GLN C 613 15.26 -35.60 -13.47
CA GLN C 613 15.71 -35.01 -14.73
C GLN C 613 17.11 -34.40 -14.69
N GLY C 614 17.29 -33.37 -13.90
CA GLY C 614 18.59 -32.72 -13.94
C GLY C 614 19.59 -33.22 -12.93
N VAL C 615 19.98 -34.50 -12.94
CA VAL C 615 20.89 -35.00 -11.93
C VAL C 615 21.56 -36.22 -12.50
N ASN C 616 22.71 -36.58 -11.94
CA ASN C 616 23.33 -37.84 -12.26
C ASN C 616 23.16 -38.79 -11.09
N CYS C 617 22.85 -40.06 -11.39
CA CYS C 617 22.54 -41.04 -10.34
C CYS C 617 23.65 -41.22 -9.33
N THR C 618 24.86 -40.73 -9.58
CA THR C 618 25.88 -40.95 -8.58
C THR C 618 25.53 -40.19 -7.32
N GLU C 619 24.61 -39.24 -7.38
CA GLU C 619 24.28 -38.48 -6.20
C GLU C 619 22.78 -38.35 -6.04
N VAL C 620 22.04 -39.38 -6.41
CA VAL C 620 20.59 -39.33 -6.27
C VAL C 620 20.19 -39.26 -4.80
N ASN C 641 16.43 -51.15 -10.55
CA ASN C 641 17.59 -50.92 -11.40
C ASN C 641 17.86 -49.46 -11.57
N VAL C 642 19.04 -49.11 -12.02
CA VAL C 642 19.45 -47.73 -12.22
C VAL C 642 19.94 -47.57 -13.65
N PHE C 643 19.61 -46.46 -14.27
CA PHE C 643 20.05 -46.23 -15.62
C PHE C 643 20.31 -44.75 -15.79
N GLN C 644 21.33 -44.41 -16.56
CA GLN C 644 21.69 -43.02 -16.79
C GLN C 644 21.31 -42.68 -18.22
N THR C 645 20.72 -41.50 -18.43
CA THR C 645 20.36 -41.09 -19.77
C THR C 645 20.73 -39.62 -19.94
N ARG C 646 20.77 -39.18 -21.19
CA ARG C 646 21.02 -37.76 -21.42
C ARG C 646 19.90 -36.91 -20.86
N ALA C 647 18.75 -37.50 -20.61
CA ALA C 647 17.66 -36.73 -20.03
C ALA C 647 17.68 -36.71 -18.51
N GLY C 648 18.45 -37.56 -17.88
CA GLY C 648 18.53 -37.61 -16.43
C GLY C 648 18.66 -39.03 -15.99
N CYS C 649 18.57 -39.26 -14.70
CA CYS C 649 18.71 -40.63 -14.21
C CYS C 649 17.35 -41.30 -14.06
N LEU C 650 17.20 -42.46 -14.67
CA LEU C 650 15.94 -43.20 -14.70
C LEU C 650 16.08 -44.41 -13.79
N ILE C 651 15.15 -44.56 -12.85
CA ILE C 651 15.16 -45.64 -11.88
C ILE C 651 13.89 -46.45 -11.99
N GLY C 652 14.02 -47.76 -11.94
CA GLY C 652 12.87 -48.61 -12.01
C GLY C 652 12.58 -49.20 -13.36
N ALA C 653 13.42 -48.96 -14.36
CA ALA C 653 13.18 -49.49 -15.69
C ALA C 653 14.48 -50.02 -16.27
N GLU C 654 14.40 -51.13 -16.99
CA GLU C 654 15.57 -51.79 -17.56
C GLU C 654 15.75 -51.46 -19.04
N TYR C 655 16.98 -51.20 -19.42
CA TYR C 655 17.28 -50.84 -20.80
C TYR C 655 17.41 -52.08 -21.67
N VAL C 656 16.65 -52.14 -22.75
CA VAL C 656 16.73 -53.26 -23.67
C VAL C 656 17.19 -52.76 -25.02
N ASN C 657 17.92 -53.60 -25.73
CA ASN C 657 18.47 -53.25 -27.03
C ASN C 657 17.47 -53.25 -28.17
N SER C 658 16.29 -53.82 -27.98
CA SER C 658 15.35 -53.83 -29.09
C SER C 658 14.78 -52.43 -29.24
N SER C 659 14.54 -52.01 -30.48
CA SER C 659 13.99 -50.70 -30.79
C SER C 659 12.55 -50.86 -31.24
N TYR C 660 11.65 -50.03 -30.73
CA TYR C 660 10.25 -50.13 -31.08
C TYR C 660 9.68 -48.76 -31.35
N GLU C 661 8.48 -48.72 -31.91
CA GLU C 661 7.74 -47.47 -32.01
C GLU C 661 7.31 -47.06 -30.63
N CYS C 662 7.81 -45.94 -30.13
CA CYS C 662 7.66 -45.63 -28.73
C CYS C 662 6.37 -44.90 -28.43
N ASP C 663 5.84 -45.14 -27.22
CA ASP C 663 4.57 -44.58 -26.80
C ASP C 663 4.65 -43.68 -25.58
N ILE C 664 5.59 -43.87 -24.67
CA ILE C 664 5.75 -42.94 -23.57
C ILE C 664 7.05 -42.21 -23.84
N PRO C 665 7.03 -40.97 -24.33
CA PRO C 665 8.29 -40.30 -24.66
C PRO C 665 8.99 -39.80 -23.42
N ILE C 666 10.23 -40.23 -23.21
CA ILE C 666 11.02 -39.72 -22.11
C ILE C 666 11.92 -38.59 -22.53
N GLY C 667 12.66 -38.72 -23.61
CA GLY C 667 13.50 -37.62 -24.03
C GLY C 667 14.87 -38.04 -24.54
N ALA C 668 15.46 -37.20 -25.36
CA ALA C 668 16.78 -37.42 -25.91
C ALA C 668 16.83 -38.73 -26.68
N GLY C 669 15.77 -39.00 -27.41
CA GLY C 669 15.64 -40.18 -28.22
C GLY C 669 15.28 -41.44 -27.48
N ILE C 670 15.09 -41.38 -26.17
CA ILE C 670 14.75 -42.55 -25.36
C ILE C 670 13.26 -42.56 -25.05
N CYS C 671 12.65 -43.73 -25.00
CA CYS C 671 11.24 -43.84 -24.64
C CYS C 671 11.10 -45.00 -23.67
N ALA C 672 9.87 -45.29 -23.24
CA ALA C 672 9.63 -46.40 -22.32
C ALA C 672 8.25 -46.98 -22.57
N SER C 673 8.07 -48.24 -22.19
CA SER C 673 6.76 -48.87 -22.38
C SER C 673 6.64 -50.11 -21.51
N TYR C 674 5.41 -50.61 -21.40
CA TYR C 674 5.11 -51.81 -20.62
C TYR C 674 5.48 -53.05 -21.42
N GLN C 675 6.38 -53.86 -20.88
CA GLN C 675 6.89 -55.03 -21.60
C GLN C 675 5.79 -56.05 -21.91
N THR C 676 5.19 -56.61 -20.87
CA THR C 676 4.15 -57.63 -21.00
C THR C 676 4.67 -58.87 -21.74
N GLN C 690 5.09 -57.38 -18.09
CA GLN C 690 5.30 -57.63 -16.68
C GLN C 690 6.39 -56.73 -16.13
N SER C 691 6.90 -55.83 -16.96
CA SER C 691 7.96 -54.93 -16.53
C SER C 691 7.92 -53.71 -17.43
N ILE C 692 8.54 -52.63 -16.96
CA ILE C 692 8.67 -51.40 -17.73
C ILE C 692 10.07 -51.32 -18.32
N ILE C 693 10.16 -51.24 -19.65
CA ILE C 693 11.41 -51.25 -20.39
C ILE C 693 11.65 -49.90 -21.06
N ALA C 694 12.88 -49.40 -20.98
CA ALA C 694 13.30 -48.20 -21.70
C ALA C 694 14.13 -48.59 -22.91
N TYR C 695 13.96 -47.89 -24.02
CA TYR C 695 14.64 -48.27 -25.26
C TYR C 695 14.77 -47.07 -26.18
N THR C 696 15.65 -47.17 -27.17
CA THR C 696 15.77 -46.11 -28.16
C THR C 696 14.72 -46.25 -29.25
N MET C 697 14.20 -45.13 -29.73
CA MET C 697 13.13 -45.17 -30.71
C MET C 697 13.57 -45.77 -32.04
N SER C 698 12.63 -46.40 -32.72
CA SER C 698 12.78 -46.89 -34.08
C SER C 698 11.93 -46.04 -35.01
N LEU C 699 12.54 -45.50 -36.05
CA LEU C 699 11.89 -44.62 -37.01
C LEU C 699 11.19 -45.33 -38.15
N GLY C 700 10.83 -46.58 -37.99
CA GLY C 700 10.17 -47.34 -39.04
C GLY C 700 11.09 -48.32 -39.74
N ALA C 701 10.48 -49.12 -40.59
CA ALA C 701 11.19 -50.15 -41.34
C ALA C 701 11.97 -49.57 -42.51
N GLU C 702 13.02 -50.29 -42.91
CA GLU C 702 13.84 -49.84 -44.03
C GLU C 702 13.40 -50.45 -45.35
N ASN C 703 13.14 -49.61 -46.33
CA ASN C 703 12.69 -50.01 -47.65
C ASN C 703 13.68 -49.51 -48.67
N SER C 704 14.52 -50.39 -49.18
CA SER C 704 15.52 -50.02 -50.18
C SER C 704 14.93 -50.22 -51.57
N VAL C 705 14.21 -49.21 -52.06
CA VAL C 705 13.60 -49.34 -53.39
C VAL C 705 14.66 -49.62 -54.42
N ALA C 706 14.40 -50.60 -55.28
CA ALA C 706 15.37 -51.04 -56.29
C ALA C 706 15.42 -50.05 -57.45
N TYR C 707 16.34 -49.12 -57.40
CA TYR C 707 16.47 -48.20 -58.49
C TYR C 707 17.27 -48.83 -59.63
N SER C 708 16.99 -48.41 -60.84
CA SER C 708 17.69 -48.91 -62.02
C SER C 708 17.43 -47.92 -63.14
N ASN C 709 18.37 -47.83 -64.06
CA ASN C 709 18.17 -46.84 -65.11
C ASN C 709 17.15 -47.24 -66.15
N ASN C 710 16.56 -48.42 -66.10
CA ASN C 710 15.60 -48.76 -67.14
C ASN C 710 14.34 -49.46 -66.64
N SER C 711 14.06 -49.44 -65.34
CA SER C 711 12.90 -50.11 -64.75
C SER C 711 11.86 -49.13 -64.25
N ILE C 712 10.58 -49.50 -64.38
CA ILE C 712 9.39 -48.75 -63.96
C ILE C 712 8.43 -49.67 -63.25
N ALA C 713 7.83 -49.22 -62.17
CA ALA C 713 6.79 -49.97 -61.47
C ALA C 713 5.44 -49.31 -61.64
N ILE C 714 4.45 -50.04 -62.14
CA ILE C 714 3.14 -49.44 -62.37
C ILE C 714 2.05 -50.19 -61.60
N PRO C 715 1.08 -49.50 -61.00
CA PRO C 715 0.04 -50.17 -60.24
C PRO C 715 -1.02 -50.77 -61.12
N THR C 716 -1.49 -51.95 -60.74
CA THR C 716 -2.58 -52.60 -61.44
C THR C 716 -3.91 -52.54 -60.73
N ASN C 717 -3.99 -52.04 -59.51
CA ASN C 717 -5.29 -51.99 -58.85
C ASN C 717 -5.29 -50.77 -57.95
N PHE C 718 -6.42 -50.49 -57.31
CA PHE C 718 -6.52 -49.31 -56.48
C PHE C 718 -7.34 -49.59 -55.26
N THR C 719 -7.41 -48.61 -54.38
CA THR C 719 -8.24 -48.74 -53.20
C THR C 719 -8.58 -47.34 -52.73
N ILE C 720 -9.84 -47.06 -52.49
CA ILE C 720 -10.24 -45.73 -52.07
C ILE C 720 -10.53 -45.75 -50.58
N SER C 721 -9.94 -44.82 -49.84
CA SER C 721 -10.11 -44.82 -48.40
C SER C 721 -10.73 -43.53 -47.93
N VAL C 722 -11.18 -43.50 -46.67
CA VAL C 722 -11.80 -42.33 -46.06
C VAL C 722 -11.11 -42.02 -44.75
N THR C 723 -10.64 -40.79 -44.60
CA THR C 723 -9.96 -40.35 -43.38
C THR C 723 -10.69 -39.18 -42.73
N THR C 724 -10.81 -39.19 -41.42
CA THR C 724 -11.52 -38.15 -40.68
C THR C 724 -10.56 -37.15 -40.06
N GLU C 725 -10.78 -35.87 -40.32
CA GLU C 725 -9.99 -34.80 -39.74
C GLU C 725 -10.85 -33.87 -38.92
N ILE C 726 -10.43 -33.57 -37.69
CA ILE C 726 -11.19 -32.75 -36.74
C ILE C 726 -10.51 -31.41 -36.56
N LEU C 727 -11.30 -30.35 -36.46
CA LEU C 727 -10.76 -29.01 -36.30
C LEU C 727 -11.66 -28.16 -35.41
N PRO C 728 -11.14 -27.53 -34.37
CA PRO C 728 -11.96 -26.63 -33.56
C PRO C 728 -12.21 -25.30 -34.22
N VAL C 729 -13.40 -24.76 -33.98
CA VAL C 729 -13.84 -23.52 -34.61
C VAL C 729 -14.13 -22.38 -33.63
N SER C 730 -14.54 -22.67 -32.41
CA SER C 730 -14.92 -21.57 -31.53
C SER C 730 -14.85 -22.00 -30.08
N MET C 731 -14.99 -21.02 -29.18
CA MET C 731 -14.97 -21.26 -27.75
C MET C 731 -16.12 -20.54 -27.09
N THR C 732 -16.30 -20.78 -25.79
CA THR C 732 -17.42 -20.19 -25.06
C THR C 732 -17.26 -18.68 -24.93
N LYS C 733 -18.32 -17.94 -25.22
CA LYS C 733 -18.30 -16.51 -25.05
C LYS C 733 -18.55 -16.19 -23.59
N THR C 734 -17.69 -15.39 -22.99
CA THR C 734 -17.79 -15.07 -21.58
C THR C 734 -17.90 -13.58 -21.38
N SER C 735 -18.73 -13.15 -20.44
CA SER C 735 -18.85 -11.76 -20.02
C SER C 735 -18.67 -11.68 -18.51
N VAL C 736 -18.07 -10.59 -18.04
CA VAL C 736 -17.71 -10.44 -16.64
C VAL C 736 -18.24 -9.13 -16.10
N ASP C 737 -18.71 -9.17 -14.85
CA ASP C 737 -19.13 -7.99 -14.09
C ASP C 737 -17.98 -7.56 -13.20
N CYS C 738 -17.41 -6.39 -13.48
CA CYS C 738 -16.18 -5.99 -12.80
C CYS C 738 -16.39 -5.86 -11.30
N THR C 739 -17.25 -4.94 -10.89
CA THR C 739 -17.41 -4.65 -9.47
C THR C 739 -17.86 -5.86 -8.68
N MET C 740 -18.77 -6.66 -9.24
CA MET C 740 -19.19 -7.85 -8.52
C MET C 740 -18.01 -8.76 -8.27
N TYR C 741 -17.26 -9.08 -9.32
CA TYR C 741 -16.12 -9.91 -9.08
C TYR C 741 -15.17 -9.29 -8.10
N ILE C 742 -15.04 -7.96 -8.10
CA ILE C 742 -14.02 -7.37 -7.25
C ILE C 742 -14.41 -7.54 -5.81
N CYS C 743 -15.51 -6.92 -5.38
CA CYS C 743 -15.87 -7.05 -3.97
C CYS C 743 -17.38 -7.07 -3.72
N GLY C 744 -18.10 -7.88 -4.47
CA GLY C 744 -19.46 -8.26 -4.16
C GLY C 744 -20.45 -7.27 -3.58
N ASP C 745 -20.64 -6.17 -4.30
CA ASP C 745 -21.67 -5.18 -4.01
C ASP C 745 -21.56 -4.60 -2.59
N SER C 746 -20.46 -3.89 -2.39
CA SER C 746 -20.19 -3.12 -1.18
C SER C 746 -20.07 -1.67 -1.59
N THR C 747 -20.80 -0.79 -0.94
CA THR C 747 -20.74 0.62 -1.33
C THR C 747 -19.34 1.18 -1.11
N GLU C 748 -18.74 0.86 0.05
CA GLU C 748 -17.38 1.31 0.31
C GLU C 748 -16.43 0.80 -0.75
N CYS C 749 -16.74 -0.35 -1.34
CA CYS C 749 -15.89 -0.87 -2.40
C CYS C 749 -16.02 -0.12 -3.70
N SER C 750 -17.23 0.33 -4.03
CA SER C 750 -17.32 1.11 -5.24
C SER C 750 -16.62 2.43 -5.03
N ASN C 751 -16.79 2.99 -3.83
CA ASN C 751 -16.13 4.22 -3.49
C ASN C 751 -14.62 4.10 -3.59
N LEU C 752 -14.08 2.91 -3.29
CA LEU C 752 -12.64 2.71 -3.37
C LEU C 752 -12.16 2.26 -4.73
N LEU C 753 -12.98 1.60 -5.51
CA LEU C 753 -12.54 1.17 -6.82
C LEU C 753 -12.54 2.31 -7.81
N LEU C 754 -13.41 3.30 -7.61
CA LEU C 754 -13.47 4.44 -8.49
C LEU C 754 -12.17 5.22 -8.65
N GLN C 755 -11.19 5.05 -7.77
CA GLN C 755 -9.98 5.85 -7.97
C GLN C 755 -8.96 5.20 -8.90
N TYR C 756 -9.19 3.98 -9.38
CA TYR C 756 -8.18 3.33 -10.21
C TYR C 756 -8.31 3.63 -11.67
N GLY C 757 -9.47 4.10 -12.14
CA GLY C 757 -9.61 4.50 -13.52
C GLY C 757 -10.61 3.64 -14.25
N SER C 758 -10.32 3.35 -15.51
CA SER C 758 -11.22 2.68 -16.41
C SER C 758 -10.79 1.25 -16.71
N PHE C 759 -10.16 0.58 -15.74
CA PHE C 759 -9.80 -0.82 -15.95
C PHE C 759 -11.01 -1.64 -16.31
N CYS C 760 -12.13 -1.42 -15.63
CA CYS C 760 -13.32 -2.19 -15.96
C CYS C 760 -13.76 -1.93 -17.39
N THR C 761 -13.70 -0.69 -17.84
CA THR C 761 -14.06 -0.41 -19.22
C THR C 761 -13.19 -1.18 -20.20
N GLN C 762 -11.88 -1.14 -20.01
CA GLN C 762 -11.01 -1.86 -20.92
C GLN C 762 -11.31 -3.35 -20.93
N LEU C 763 -11.51 -3.93 -19.74
CA LEU C 763 -11.76 -5.36 -19.68
C LEU C 763 -13.05 -5.71 -20.38
N LYS C 764 -14.09 -4.93 -20.15
CA LYS C 764 -15.36 -5.23 -20.78
C LYS C 764 -15.24 -5.14 -22.28
N ARG C 765 -14.54 -4.13 -22.78
CA ARG C 765 -14.37 -4.02 -24.22
C ARG C 765 -13.62 -5.20 -24.80
N ALA C 766 -12.54 -5.62 -24.16
CA ALA C 766 -11.78 -6.75 -24.70
C ALA C 766 -12.62 -8.01 -24.75
N LEU C 767 -13.37 -8.29 -23.70
CA LEU C 767 -14.16 -9.51 -23.71
C LEU C 767 -15.28 -9.45 -24.75
N THR C 768 -15.91 -8.30 -24.91
CA THR C 768 -16.92 -8.20 -25.97
C THR C 768 -16.31 -8.44 -27.33
N GLY C 769 -15.10 -7.96 -27.58
CA GLY C 769 -14.48 -8.25 -28.85
C GLY C 769 -14.28 -9.74 -29.07
N ILE C 770 -13.84 -10.45 -28.04
CA ILE C 770 -13.67 -11.89 -28.19
C ILE C 770 -14.99 -12.58 -28.51
N ALA C 771 -16.08 -12.20 -27.83
CA ALA C 771 -17.34 -12.87 -28.10
C ALA C 771 -17.82 -12.65 -29.54
N VAL C 772 -17.80 -11.41 -29.99
CA VAL C 772 -18.26 -11.18 -31.36
C VAL C 772 -17.38 -11.92 -32.35
N GLU C 773 -16.11 -12.09 -32.02
CA GLU C 773 -15.26 -12.82 -32.93
C GLU C 773 -15.67 -14.27 -33.02
N GLN C 774 -16.07 -14.88 -31.90
CA GLN C 774 -16.51 -16.27 -31.96
C GLN C 774 -17.68 -16.42 -32.91
N ASP C 775 -18.62 -15.51 -32.82
CA ASP C 775 -19.75 -15.58 -33.73
C ASP C 775 -19.30 -15.49 -35.17
N LYS C 776 -18.37 -14.59 -35.45
CA LYS C 776 -17.88 -14.43 -36.81
C LYS C 776 -17.16 -15.67 -37.33
N ASN C 777 -16.44 -16.40 -36.46
CA ASN C 777 -15.80 -17.62 -36.92
C ASN C 777 -16.80 -18.65 -37.39
N THR C 778 -17.82 -18.92 -36.58
CA THR C 778 -18.81 -19.87 -37.06
C THR C 778 -19.44 -19.42 -38.37
N GLN C 779 -19.75 -18.13 -38.50
CA GLN C 779 -20.33 -17.65 -39.74
C GLN C 779 -19.42 -17.94 -40.91
N GLU C 780 -18.17 -17.53 -40.78
CA GLU C 780 -17.19 -17.70 -41.85
C GLU C 780 -17.00 -19.14 -42.26
N VAL C 781 -17.07 -20.07 -41.35
CA VAL C 781 -16.83 -21.45 -41.73
C VAL C 781 -18.02 -22.05 -42.44
N PHE C 782 -19.21 -21.97 -41.84
CA PHE C 782 -20.32 -22.77 -42.33
C PHE C 782 -21.18 -22.07 -43.37
N ALA C 783 -21.41 -20.78 -43.24
CA ALA C 783 -22.31 -20.05 -44.12
C ALA C 783 -21.74 -19.68 -45.47
N GLN C 784 -21.24 -20.65 -46.19
CA GLN C 784 -20.69 -20.51 -47.52
C GLN C 784 -21.73 -20.69 -48.63
N VAL C 785 -22.67 -21.57 -48.43
CA VAL C 785 -23.72 -21.81 -49.40
C VAL C 785 -24.79 -20.73 -49.26
N LYS C 786 -25.38 -20.32 -50.38
CA LYS C 786 -26.36 -19.24 -50.29
C LYS C 786 -27.78 -19.74 -50.11
N GLN C 787 -28.15 -20.82 -50.78
CA GLN C 787 -29.48 -21.39 -50.74
C GLN C 787 -29.45 -22.76 -50.09
N ILE C 788 -30.44 -23.06 -49.27
CA ILE C 788 -30.48 -24.34 -48.58
C ILE C 788 -31.01 -25.39 -49.55
N TYR C 789 -30.11 -26.20 -50.13
CA TYR C 789 -30.45 -27.25 -51.08
C TYR C 789 -31.02 -28.46 -50.38
N LYS C 790 -32.14 -28.96 -50.85
CA LYS C 790 -32.75 -30.12 -50.25
C LYS C 790 -32.33 -31.38 -51.01
N THR C 791 -32.24 -32.47 -50.31
CA THR C 791 -31.90 -33.77 -50.89
C THR C 791 -33.13 -34.38 -51.58
N PRO C 792 -32.98 -34.95 -52.76
CA PRO C 792 -34.14 -35.57 -53.44
C PRO C 792 -34.68 -36.77 -52.69
N PRO C 793 -35.94 -37.13 -52.94
CA PRO C 793 -36.53 -38.27 -52.21
C PRO C 793 -36.07 -39.64 -52.65
N ILE C 794 -35.94 -39.91 -53.94
CA ILE C 794 -35.45 -41.21 -54.41
C ILE C 794 -33.95 -41.17 -54.21
N LYS C 795 -33.49 -41.79 -53.13
CA LYS C 795 -32.08 -41.74 -52.74
C LYS C 795 -31.25 -42.85 -53.36
N TYR C 796 -31.26 -42.95 -54.68
CA TYR C 796 -30.39 -43.90 -55.37
C TYR C 796 -29.37 -43.15 -56.20
N PHE C 797 -28.08 -43.33 -55.89
CA PHE C 797 -26.99 -42.61 -56.52
C PHE C 797 -25.99 -43.54 -57.16
N GLY C 798 -26.47 -44.58 -57.82
CA GLY C 798 -25.58 -45.49 -58.51
C GLY C 798 -24.77 -46.40 -57.64
N GLY C 799 -25.37 -47.02 -56.65
CA GLY C 799 -24.68 -47.94 -55.78
C GLY C 799 -24.02 -47.30 -54.58
N PHE C 800 -23.71 -46.01 -54.61
CA PHE C 800 -23.08 -45.38 -53.47
C PHE C 800 -24.12 -45.23 -52.36
N ASN C 801 -23.71 -45.45 -51.11
CA ASN C 801 -24.62 -45.42 -49.96
C ASN C 801 -24.26 -44.31 -48.99
N PHE C 802 -24.93 -43.18 -49.12
CA PHE C 802 -24.74 -42.03 -48.26
C PHE C 802 -25.62 -42.04 -47.03
N SER C 803 -26.22 -43.16 -46.66
CA SER C 803 -27.13 -43.16 -45.51
C SER C 803 -26.48 -42.74 -44.21
N GLN C 804 -25.20 -43.01 -44.03
CA GLN C 804 -24.55 -42.67 -42.78
C GLN C 804 -24.29 -41.19 -42.62
N ILE C 805 -24.34 -40.40 -43.67
CA ILE C 805 -24.04 -38.99 -43.53
C ILE C 805 -25.23 -38.08 -43.79
N LEU C 806 -26.22 -38.52 -44.52
CA LEU C 806 -27.36 -37.66 -44.74
C LEU C 806 -28.20 -37.58 -43.46
N PRO C 807 -28.93 -36.49 -43.27
CA PRO C 807 -29.69 -36.36 -42.03
C PRO C 807 -30.76 -37.42 -41.90
N ASP C 808 -30.97 -37.86 -40.67
CA ASP C 808 -31.96 -38.89 -40.37
C ASP C 808 -33.27 -38.21 -40.01
N PRO C 809 -34.31 -38.33 -40.85
CA PRO C 809 -35.59 -37.69 -40.53
C PRO C 809 -36.33 -38.29 -39.35
N SER C 810 -35.99 -39.50 -38.92
CA SER C 810 -36.73 -40.13 -37.82
C SER C 810 -36.55 -39.35 -36.53
N LYS C 811 -35.32 -39.17 -36.08
CA LYS C 811 -35.05 -38.49 -34.83
C LYS C 811 -35.46 -37.03 -34.96
N PRO C 812 -35.91 -36.42 -33.87
CA PRO C 812 -36.37 -35.02 -33.97
C PRO C 812 -35.25 -34.03 -34.20
N SER C 813 -34.05 -34.31 -33.68
CA SER C 813 -32.93 -33.40 -33.84
C SER C 813 -32.40 -33.32 -35.28
N LYS C 814 -32.74 -34.27 -36.14
CA LYS C 814 -32.35 -34.26 -37.56
C LYS C 814 -30.85 -34.28 -37.81
N ARG C 815 -30.08 -34.96 -36.99
CA ARG C 815 -28.66 -35.10 -37.23
C ARG C 815 -28.42 -36.48 -37.79
N SER C 816 -27.46 -36.59 -38.68
CA SER C 816 -27.11 -37.89 -39.22
C SER C 816 -26.60 -38.79 -38.10
N PRO C 817 -26.51 -40.09 -38.33
CA PRO C 817 -25.95 -40.96 -37.28
C PRO C 817 -24.52 -40.65 -36.88
N ILE C 818 -23.64 -40.31 -37.81
CA ILE C 818 -22.29 -39.95 -37.39
C ILE C 818 -22.33 -38.71 -36.52
N GLU C 819 -23.19 -37.76 -36.87
CA GLU C 819 -23.32 -36.56 -36.06
C GLU C 819 -23.81 -36.88 -34.68
N ASP C 820 -24.74 -37.83 -34.55
CA ASP C 820 -25.19 -38.24 -33.23
C ASP C 820 -24.06 -38.83 -32.42
N LEU C 821 -23.28 -39.69 -33.04
CA LEU C 821 -22.14 -40.25 -32.34
C LEU C 821 -21.19 -39.17 -31.85
N LEU C 822 -20.96 -38.16 -32.68
CA LEU C 822 -20.10 -37.07 -32.29
C LEU C 822 -20.67 -36.30 -31.11
N PHE C 823 -21.97 -36.02 -31.12
CA PHE C 823 -22.53 -35.25 -30.02
C PHE C 823 -22.52 -36.03 -28.72
N ASN C 824 -22.63 -37.34 -28.78
CA ASN C 824 -22.63 -38.07 -27.52
C ASN C 824 -21.21 -38.34 -27.04
N LYS C 825 -20.23 -38.41 -27.94
CA LYS C 825 -18.89 -38.75 -27.53
C LYS C 825 -18.22 -37.65 -26.74
N VAL C 826 -18.60 -36.40 -26.96
CA VAL C 826 -17.95 -35.30 -26.28
C VAL C 826 -18.95 -34.62 -25.37
N THR C 827 -18.51 -34.35 -24.15
CA THR C 827 -19.32 -33.70 -23.14
C THR C 827 -18.45 -32.69 -22.41
N LEU C 828 -19.09 -31.86 -21.58
CA LEU C 828 -18.40 -30.86 -20.80
C LEU C 828 -17.52 -31.51 -19.73
N PHE C 855 -23.31 -18.14 -9.99
CA PHE C 855 -21.98 -17.64 -10.33
C PHE C 855 -21.49 -16.58 -9.38
N ASN C 856 -20.33 -16.02 -9.69
CA ASN C 856 -19.73 -14.97 -8.88
C ASN C 856 -19.47 -13.72 -9.69
N GLY C 857 -20.42 -13.33 -10.51
CA GLY C 857 -20.28 -12.16 -11.35
C GLY C 857 -19.83 -12.46 -12.75
N LEU C 858 -19.74 -13.74 -13.11
CA LEU C 858 -19.33 -14.25 -14.42
C LEU C 858 -20.51 -14.88 -15.14
N THR C 859 -20.74 -14.53 -16.39
CA THR C 859 -21.86 -15.10 -17.12
C THR C 859 -21.39 -15.56 -18.47
N VAL C 860 -21.96 -16.65 -18.96
CA VAL C 860 -21.62 -17.22 -20.26
C VAL C 860 -22.73 -16.92 -21.25
N LEU C 861 -22.41 -16.30 -22.30
CA LEU C 861 -23.45 -15.96 -23.24
C LEU C 861 -23.68 -17.10 -24.21
N PRO C 862 -24.89 -17.25 -24.76
CA PRO C 862 -25.14 -18.33 -25.67
C PRO C 862 -24.64 -17.99 -27.06
N PRO C 863 -24.41 -18.98 -27.91
CA PRO C 863 -24.00 -18.70 -29.27
C PRO C 863 -25.17 -18.22 -30.11
N LEU C 864 -24.83 -17.52 -31.19
CA LEU C 864 -25.88 -16.99 -32.07
C LEU C 864 -26.54 -18.06 -32.91
N LEU C 865 -25.77 -18.90 -33.57
CA LEU C 865 -26.34 -19.99 -34.35
C LEU C 865 -26.54 -21.21 -33.45
N THR C 866 -27.77 -21.65 -33.29
CA THR C 866 -27.96 -22.81 -32.47
C THR C 866 -27.47 -24.04 -33.21
N ASP C 867 -27.37 -25.16 -32.49
CA ASP C 867 -26.90 -26.39 -33.11
C ASP C 867 -27.77 -26.82 -34.27
N GLU C 868 -29.08 -26.66 -34.14
CA GLU C 868 -29.95 -27.06 -35.23
C GLU C 868 -29.65 -26.30 -36.50
N MET C 869 -29.42 -25.00 -36.40
CA MET C 869 -29.16 -24.25 -37.63
C MET C 869 -27.84 -24.63 -38.25
N ILE C 870 -26.84 -24.96 -37.44
CA ILE C 870 -25.59 -25.44 -38.03
C ILE C 870 -25.80 -26.77 -38.73
N ALA C 871 -26.60 -27.65 -38.15
CA ALA C 871 -26.85 -28.90 -38.87
C ALA C 871 -27.56 -28.63 -40.18
N GLN C 872 -28.43 -27.64 -40.22
CA GLN C 872 -29.06 -27.33 -41.50
C GLN C 872 -28.07 -26.83 -42.52
N TYR C 873 -27.13 -25.99 -42.11
CA TYR C 873 -26.11 -25.57 -43.07
C TYR C 873 -25.31 -26.75 -43.59
N THR C 874 -24.93 -27.65 -42.70
CA THR C 874 -24.18 -28.83 -43.14
C THR C 874 -24.98 -29.68 -44.10
N SER C 875 -26.26 -29.89 -43.84
CA SER C 875 -27.07 -30.68 -44.77
C SER C 875 -27.17 -30.01 -46.12
N ALA C 876 -27.23 -28.68 -46.14
CA ALA C 876 -27.24 -28.00 -47.43
C ALA C 876 -25.97 -28.27 -48.18
N LEU C 877 -24.82 -28.19 -47.52
CA LEU C 877 -23.58 -28.48 -48.23
C LEU C 877 -23.53 -29.92 -48.73
N LEU C 878 -23.96 -30.89 -47.94
CA LEU C 878 -23.94 -32.26 -48.44
C LEU C 878 -24.83 -32.45 -49.64
N ALA C 879 -26.07 -31.98 -49.58
CA ALA C 879 -26.93 -32.16 -50.74
C ALA C 879 -26.39 -31.46 -51.96
N GLY C 880 -25.86 -30.26 -51.77
CA GLY C 880 -25.27 -29.57 -52.89
C GLY C 880 -24.14 -30.35 -53.53
N THR C 881 -23.19 -30.81 -52.73
CA THR C 881 -22.06 -31.51 -53.32
C THR C 881 -22.47 -32.83 -53.92
N ILE C 882 -23.52 -33.46 -53.44
CA ILE C 882 -23.87 -34.77 -54.00
C ILE C 882 -24.59 -34.60 -55.31
N THR C 883 -25.33 -33.52 -55.48
CA THR C 883 -26.16 -33.39 -56.67
C THR C 883 -25.56 -32.49 -57.72
N SER C 884 -24.61 -31.64 -57.38
CA SER C 884 -24.13 -30.67 -58.32
C SER C 884 -22.61 -30.54 -58.42
N GLY C 885 -21.83 -31.28 -57.66
CA GLY C 885 -20.38 -31.20 -57.79
C GLY C 885 -19.74 -29.87 -57.44
N TRP C 886 -18.83 -29.41 -58.30
CA TRP C 886 -18.14 -28.15 -58.08
C TRP C 886 -19.03 -26.96 -58.32
N THR C 887 -20.06 -27.15 -59.13
CA THR C 887 -20.76 -26.05 -59.72
C THR C 887 -21.45 -25.16 -58.70
N PHE C 888 -21.96 -25.73 -57.63
CA PHE C 888 -22.69 -24.91 -56.69
C PHE C 888 -21.80 -23.92 -55.95
N GLY C 889 -20.49 -24.01 -56.06
CA GLY C 889 -19.61 -23.08 -55.40
C GLY C 889 -19.17 -21.93 -56.28
N ALA C 890 -19.37 -22.05 -57.58
CA ALA C 890 -18.99 -21.02 -58.53
C ALA C 890 -20.18 -20.27 -59.08
N GLY C 891 -21.40 -20.68 -58.77
CA GLY C 891 -22.57 -20.02 -59.26
C GLY C 891 -23.82 -20.87 -59.18
N PRO C 892 -24.58 -20.92 -60.26
CA PRO C 892 -25.83 -21.69 -60.27
C PRO C 892 -25.59 -23.18 -60.18
N ALA C 893 -26.30 -23.84 -59.29
CA ALA C 893 -26.15 -25.28 -59.13
C ALA C 893 -26.68 -26.01 -60.34
N LEU C 894 -25.82 -26.74 -61.03
CA LEU C 894 -26.18 -27.53 -62.20
C LEU C 894 -26.18 -29.01 -61.84
N GLN C 895 -27.31 -29.70 -62.01
CA GLN C 895 -27.36 -31.11 -61.68
C GLN C 895 -26.57 -31.99 -62.63
N ILE C 896 -25.93 -33.02 -62.10
CA ILE C 896 -25.16 -33.97 -62.90
C ILE C 896 -25.24 -35.35 -62.24
N PRO C 897 -25.43 -36.44 -62.99
CA PRO C 897 -25.46 -37.77 -62.38
C PRO C 897 -24.23 -38.09 -61.56
N PHE C 898 -24.40 -38.72 -60.41
CA PHE C 898 -23.24 -38.96 -59.56
C PHE C 898 -22.16 -39.85 -60.17
N PRO C 899 -22.43 -40.92 -60.88
CA PRO C 899 -21.32 -41.59 -61.55
C PRO C 899 -20.59 -40.70 -62.53
N MET C 900 -21.23 -39.83 -63.30
CA MET C 900 -20.41 -38.97 -64.14
C MET C 900 -19.62 -37.98 -63.33
N GLN C 901 -20.12 -37.55 -62.20
CA GLN C 901 -19.33 -36.65 -61.37
C GLN C 901 -18.09 -37.34 -60.89
N MET C 902 -18.21 -38.57 -60.44
CA MET C 902 -17.00 -39.26 -60.05
C MET C 902 -16.09 -39.55 -61.24
N ALA C 903 -16.63 -39.70 -62.43
CA ALA C 903 -15.75 -39.85 -63.59
C ALA C 903 -14.96 -38.60 -63.86
N TYR C 904 -15.61 -37.44 -63.80
CA TYR C 904 -14.90 -36.17 -63.85
C TYR C 904 -13.75 -36.13 -62.87
N ARG C 905 -14.01 -36.49 -61.62
CA ARG C 905 -12.94 -36.40 -60.62
C ARG C 905 -11.81 -37.39 -60.89
N PHE C 906 -12.14 -38.60 -61.32
CA PHE C 906 -11.07 -39.53 -61.70
C PHE C 906 -10.21 -38.92 -62.78
N ASN C 907 -10.85 -38.40 -63.79
CA ASN C 907 -10.14 -37.68 -64.83
C ASN C 907 -9.25 -36.59 -64.25
N GLY C 908 -9.72 -35.92 -63.21
CA GLY C 908 -8.92 -34.90 -62.56
C GLY C 908 -7.63 -35.39 -61.96
N ILE C 909 -7.58 -36.63 -61.48
CA ILE C 909 -6.35 -37.18 -60.90
C ILE C 909 -5.53 -38.00 -61.89
N GLY C 910 -5.74 -37.80 -63.18
CA GLY C 910 -4.91 -38.45 -64.18
C GLY C 910 -5.22 -39.88 -64.53
N VAL C 911 -6.39 -40.39 -64.19
CA VAL C 911 -6.81 -41.72 -64.56
C VAL C 911 -7.97 -41.55 -65.51
N THR C 912 -7.93 -42.20 -66.66
CA THR C 912 -8.98 -42.01 -67.65
C THR C 912 -10.30 -42.53 -67.12
N GLN C 913 -11.36 -41.87 -67.53
CA GLN C 913 -12.70 -42.13 -67.04
C GLN C 913 -13.24 -43.50 -67.37
N ASN C 914 -12.74 -44.17 -68.40
CA ASN C 914 -13.21 -45.52 -68.62
C ASN C 914 -12.90 -46.43 -67.45
N VAL C 915 -11.84 -46.13 -66.71
CA VAL C 915 -11.51 -46.89 -65.51
C VAL C 915 -12.62 -46.82 -64.50
N LEU C 916 -13.37 -45.73 -64.43
CA LEU C 916 -14.46 -45.74 -63.47
C LEU C 916 -15.67 -46.50 -63.99
N TYR C 917 -16.00 -46.37 -65.27
CA TYR C 917 -17.22 -47.04 -65.72
C TYR C 917 -17.10 -48.54 -65.75
N GLU C 918 -15.91 -49.06 -65.76
CA GLU C 918 -15.74 -50.49 -65.80
C GLU C 918 -15.64 -51.11 -64.44
N ASN C 919 -15.54 -50.33 -63.39
CA ASN C 919 -15.39 -50.82 -62.04
C ASN C 919 -16.33 -50.09 -61.13
N GLN C 920 -17.44 -49.59 -61.69
CA GLN C 920 -18.41 -48.89 -60.87
C GLN C 920 -18.89 -49.76 -59.70
N LYS C 921 -19.20 -51.01 -59.96
CA LYS C 921 -19.70 -51.88 -58.89
C LYS C 921 -18.66 -52.03 -57.78
N LEU C 922 -17.44 -52.37 -58.15
CA LEU C 922 -16.37 -52.57 -57.18
C LEU C 922 -16.07 -51.30 -56.41
N ILE C 923 -16.07 -50.17 -57.10
CA ILE C 923 -15.77 -48.91 -56.43
C ILE C 923 -16.85 -48.59 -55.42
N ALA C 924 -18.10 -48.83 -55.77
CA ALA C 924 -19.17 -48.55 -54.84
C ALA C 924 -19.06 -49.40 -53.59
N ASN C 925 -18.70 -50.68 -53.74
CA ASN C 925 -18.53 -51.51 -52.54
C ASN C 925 -17.40 -50.99 -51.65
N GLN C 926 -16.29 -50.59 -52.24
CA GLN C 926 -15.20 -50.10 -51.42
C GLN C 926 -15.58 -48.83 -50.69
N PHE C 927 -16.28 -47.93 -51.38
CA PHE C 927 -16.70 -46.70 -50.74
C PHE C 927 -17.66 -46.96 -49.60
N ASN C 928 -18.64 -47.84 -49.82
CA ASN C 928 -19.59 -48.14 -48.76
C ASN C 928 -18.91 -48.76 -47.55
N SER C 929 -17.99 -49.70 -47.77
CA SER C 929 -17.31 -50.32 -46.63
C SER C 929 -16.51 -49.29 -45.83
N ALA C 930 -15.83 -48.38 -46.50
CA ALA C 930 -15.06 -47.37 -45.76
C ALA C 930 -15.97 -46.50 -44.94
N ILE C 931 -17.09 -46.07 -45.52
CA ILE C 931 -18.02 -45.23 -44.76
C ILE C 931 -18.57 -46.00 -43.58
N GLY C 932 -18.78 -47.30 -43.73
CA GLY C 932 -19.27 -48.09 -42.62
C GLY C 932 -18.28 -48.24 -41.48
N LYS C 933 -17.00 -48.41 -41.80
CA LYS C 933 -16.01 -48.55 -40.75
C LYS C 933 -15.70 -47.25 -40.03
N ILE C 934 -16.01 -46.11 -40.62
CA ILE C 934 -15.72 -44.85 -39.94
C ILE C 934 -16.40 -44.73 -38.59
N GLN C 935 -17.67 -45.08 -38.53
CA GLN C 935 -18.39 -44.93 -37.27
C GLN C 935 -17.85 -45.86 -36.18
N ASP C 936 -17.58 -47.12 -36.53
CA ASP C 936 -17.01 -48.04 -35.56
C ASP C 936 -15.66 -47.53 -35.06
N SER C 937 -14.84 -47.00 -35.96
CA SER C 937 -13.54 -46.47 -35.52
C SER C 937 -13.69 -45.31 -34.57
N LEU C 938 -14.58 -44.37 -34.89
CA LEU C 938 -14.76 -43.26 -33.97
C LEU C 938 -15.29 -43.74 -32.63
N SER C 939 -16.13 -44.77 -32.62
CA SER C 939 -16.68 -45.18 -31.34
C SER C 939 -15.68 -45.97 -30.51
N SER C 940 -14.85 -46.81 -31.13
CA SER C 940 -13.92 -47.57 -30.31
C SER C 940 -12.71 -46.75 -29.89
N THR C 941 -12.31 -45.76 -30.67
CA THR C 941 -11.15 -44.95 -30.32
C THR C 941 -11.43 -44.14 -29.06
N PRO C 942 -10.54 -44.16 -28.08
CA PRO C 942 -10.77 -43.44 -26.83
C PRO C 942 -10.52 -41.93 -26.88
N SER C 943 -9.60 -41.48 -27.72
CA SER C 943 -9.22 -40.07 -27.75
C SER C 943 -9.21 -39.54 -29.16
N ALA C 944 -10.26 -39.84 -29.90
CA ALA C 944 -10.36 -39.35 -31.26
C ALA C 944 -10.71 -37.88 -31.31
N LEU C 945 -11.49 -37.39 -30.35
CA LEU C 945 -11.93 -36.01 -30.28
C LEU C 945 -11.09 -35.17 -29.33
N GLY C 946 -9.79 -35.44 -29.26
CA GLY C 946 -8.96 -34.75 -28.31
C GLY C 946 -8.97 -33.24 -28.44
N LYS C 947 -9.03 -32.73 -29.66
CA LYS C 947 -8.92 -31.28 -29.83
C LYS C 947 -10.12 -30.53 -29.26
N LEU C 948 -11.33 -30.94 -29.62
CA LEU C 948 -12.50 -30.23 -29.11
C LEU C 948 -12.58 -30.34 -27.58
N GLN C 949 -12.32 -31.52 -27.05
CA GLN C 949 -12.34 -31.73 -25.61
C GLN C 949 -11.30 -30.86 -24.92
N ASP C 950 -10.15 -30.66 -25.55
CA ASP C 950 -9.11 -29.85 -24.95
C ASP C 950 -9.51 -28.40 -24.91
N VAL C 951 -10.21 -27.93 -25.93
CA VAL C 951 -10.69 -26.56 -25.89
C VAL C 951 -11.60 -26.38 -24.68
N VAL C 952 -12.52 -27.32 -24.48
CA VAL C 952 -13.45 -27.19 -23.36
C VAL C 952 -12.71 -27.18 -22.03
N ASN C 953 -11.75 -28.10 -21.84
CA ASN C 953 -11.06 -28.15 -20.56
C ASN C 953 -10.23 -26.90 -20.30
N HIS C 954 -9.60 -26.33 -21.31
CA HIS C 954 -8.83 -25.13 -21.05
C HIS C 954 -9.73 -24.00 -20.57
N ASN C 955 -10.86 -23.79 -21.23
CA ASN C 955 -11.74 -22.72 -20.77
C ASN C 955 -12.24 -22.96 -19.36
N ALA C 956 -12.69 -24.19 -19.06
CA ALA C 956 -13.20 -24.47 -17.73
C ALA C 956 -12.14 -24.27 -16.67
N GLN C 957 -10.91 -24.70 -16.94
CA GLN C 957 -9.87 -24.52 -15.94
C GLN C 957 -9.57 -23.06 -15.69
N ALA C 958 -9.56 -22.23 -16.74
CA ALA C 958 -9.33 -20.80 -16.50
C ALA C 958 -10.42 -20.20 -15.62
N LEU C 959 -11.69 -20.45 -15.93
CA LEU C 959 -12.72 -19.91 -15.05
C LEU C 959 -12.63 -20.46 -13.64
N ASN C 960 -12.33 -21.74 -13.52
CA ASN C 960 -12.29 -22.31 -12.19
C ASN C 960 -11.21 -21.63 -11.37
N THR C 961 -10.02 -21.45 -11.94
CA THR C 961 -9.01 -20.78 -11.14
C THR C 961 -9.38 -19.34 -10.87
N LEU C 962 -10.06 -18.66 -11.80
CA LEU C 962 -10.47 -17.30 -11.50
C LEU C 962 -11.45 -17.21 -10.34
N VAL C 963 -12.40 -18.15 -10.27
CA VAL C 963 -13.34 -18.09 -9.16
C VAL C 963 -12.68 -18.52 -7.87
N LYS C 964 -11.79 -19.51 -7.94
CA LYS C 964 -11.18 -19.99 -6.72
C LYS C 964 -10.21 -18.98 -6.14
N GLN C 965 -9.58 -18.19 -6.98
CA GLN C 965 -8.61 -17.20 -6.53
C GLN C 965 -9.23 -16.10 -5.68
N LEU C 966 -10.55 -16.11 -5.46
CA LEU C 966 -11.12 -15.12 -4.56
C LEU C 966 -10.76 -15.35 -3.12
N SER C 967 -10.40 -16.58 -2.76
CA SER C 967 -10.08 -16.87 -1.37
C SER C 967 -8.72 -16.31 -0.96
N SER C 968 -7.84 -16.02 -1.90
CA SER C 968 -6.53 -15.55 -1.51
C SER C 968 -6.62 -14.23 -0.75
N LYS C 969 -5.71 -14.08 0.20
CA LYS C 969 -5.65 -12.91 1.06
C LYS C 969 -4.80 -11.77 0.51
N PHE C 970 -3.82 -12.04 -0.34
CA PHE C 970 -2.99 -10.99 -0.92
C PHE C 970 -2.26 -10.15 0.13
N GLY C 971 -2.08 -10.69 1.33
CA GLY C 971 -1.41 -9.96 2.38
C GLY C 971 -2.32 -9.29 3.38
N ALA C 972 -3.61 -9.17 3.08
CA ALA C 972 -4.52 -8.55 4.04
C ALA C 972 -4.82 -9.49 5.19
N ILE C 973 -5.27 -8.89 6.28
CA ILE C 973 -5.56 -9.67 7.48
C ILE C 973 -6.74 -10.61 7.26
N SER C 974 -7.53 -10.39 6.22
CA SER C 974 -8.62 -11.29 5.93
C SER C 974 -9.08 -11.05 4.51
N SER C 975 -9.71 -12.07 3.94
CA SER C 975 -10.12 -12.04 2.54
C SER C 975 -11.54 -11.54 2.37
N VAL C 976 -12.41 -11.76 3.35
CA VAL C 976 -13.82 -11.39 3.25
C VAL C 976 -14.01 -9.93 3.63
N LEU C 977 -14.88 -9.24 2.88
CA LEU C 977 -15.08 -7.82 3.09
C LEU C 977 -15.69 -7.53 4.45
N ASN C 978 -16.54 -8.44 4.94
CA ASN C 978 -17.23 -8.19 6.21
C ASN C 978 -16.26 -8.07 7.36
N ASP C 979 -15.33 -9.00 7.46
CA ASP C 979 -14.37 -8.92 8.56
C ASP C 979 -13.55 -7.65 8.46
N ILE C 980 -13.07 -7.32 7.27
CA ILE C 980 -12.26 -6.12 7.09
C ILE C 980 -13.04 -4.90 7.55
N LEU C 981 -14.32 -4.80 7.17
CA LEU C 981 -15.14 -3.64 7.53
C LEU C 981 -15.67 -3.69 8.95
N SER C 982 -15.58 -4.82 9.62
CA SER C 982 -16.10 -4.95 10.98
C SER C 982 -15.06 -4.63 12.04
N ARG C 983 -13.94 -5.35 11.98
CA ARG C 983 -12.93 -5.32 13.03
C ARG C 983 -11.82 -4.32 12.78
N LEU C 984 -12.11 -3.20 12.12
CA LEU C 984 -11.04 -2.23 11.98
C LEU C 984 -11.60 -0.86 11.67
N ASP C 985 -10.89 0.17 12.10
CA ASP C 985 -11.30 1.53 11.84
C ASP C 985 -11.12 1.87 10.37
N PRO C 986 -11.82 2.88 9.87
CA PRO C 986 -11.75 3.23 8.44
C PRO C 986 -10.35 3.61 7.98
N PRO C 987 -9.57 4.38 8.76
CA PRO C 987 -8.24 4.73 8.26
C PRO C 987 -7.42 3.51 7.94
N GLU C 988 -7.48 2.50 8.79
CA GLU C 988 -6.75 1.27 8.52
C GLU C 988 -7.51 0.38 7.54
N ALA C 989 -8.84 0.46 7.52
CA ALA C 989 -9.59 -0.31 6.53
C ALA C 989 -9.21 0.08 5.11
N GLU C 990 -8.78 1.32 4.88
CA GLU C 990 -8.31 1.68 3.55
C GLU C 990 -7.15 0.81 3.11
N VAL C 991 -6.13 0.71 3.97
CA VAL C 991 -4.98 -0.09 3.58
C VAL C 991 -5.30 -1.57 3.64
N GLN C 992 -6.30 -1.99 4.40
CA GLN C 992 -6.64 -3.40 4.28
C GLN C 992 -7.49 -3.72 3.07
N ILE C 993 -8.19 -2.75 2.48
CA ILE C 993 -8.96 -3.04 1.28
C ILE C 993 -8.22 -2.75 -0.01
N ASP C 994 -7.25 -1.85 0.01
CA ASP C 994 -6.41 -1.64 -1.16
C ASP C 994 -5.82 -2.95 -1.64
N ARG C 995 -5.36 -3.79 -0.73
CA ARG C 995 -4.74 -5.03 -1.17
C ARG C 995 -5.72 -5.92 -1.91
N LEU C 996 -6.93 -6.12 -1.37
CA LEU C 996 -7.87 -6.98 -2.09
C LEU C 996 -8.21 -6.39 -3.44
N ILE C 997 -8.50 -5.09 -3.48
CA ILE C 997 -8.84 -4.53 -4.79
C ILE C 997 -7.71 -4.75 -5.77
N THR C 998 -6.50 -4.36 -5.41
CA THR C 998 -5.40 -4.48 -6.37
C THR C 998 -5.13 -5.91 -6.75
N GLY C 999 -5.20 -6.84 -5.80
CA GLY C 999 -4.91 -8.22 -6.12
C GLY C 999 -5.95 -8.81 -7.05
N ARG C 1000 -7.22 -8.58 -6.76
CA ARG C 1000 -8.26 -9.14 -7.60
C ARG C 1000 -8.27 -8.49 -8.96
N LEU C 1001 -7.96 -7.20 -9.03
CA LEU C 1001 -7.88 -6.55 -10.33
C LEU C 1001 -6.74 -7.10 -11.17
N GLN C 1002 -5.60 -7.35 -10.57
CA GLN C 1002 -4.50 -7.94 -11.33
C GLN C 1002 -4.86 -9.34 -11.79
N SER C 1003 -5.55 -10.10 -10.95
CA SER C 1003 -5.95 -11.44 -11.35
C SER C 1003 -6.88 -11.40 -12.56
N LEU C 1004 -7.84 -10.50 -12.53
CA LEU C 1004 -8.77 -10.38 -13.64
C LEU C 1004 -8.05 -9.96 -14.91
N GLN C 1005 -7.04 -9.12 -14.77
CA GLN C 1005 -6.28 -8.70 -15.94
C GLN C 1005 -5.54 -9.89 -16.55
N THR C 1006 -4.96 -10.73 -15.71
CA THR C 1006 -4.30 -11.92 -16.23
C THR C 1006 -5.27 -12.82 -16.97
N TYR C 1007 -6.46 -13.00 -16.42
CA TYR C 1007 -7.42 -13.85 -17.12
C TYR C 1007 -7.71 -13.32 -18.51
N VAL C 1008 -7.92 -12.01 -18.63
CA VAL C 1008 -8.23 -11.48 -19.95
C VAL C 1008 -7.07 -11.63 -20.92
N THR C 1009 -5.84 -11.47 -20.45
CA THR C 1009 -4.74 -11.66 -21.38
C THR C 1009 -4.64 -13.11 -21.87
N GLN C 1010 -4.79 -14.06 -20.96
CA GLN C 1010 -4.77 -15.45 -21.38
C GLN C 1010 -5.85 -15.74 -22.40
N GLN C 1011 -7.05 -15.17 -22.21
CA GLN C 1011 -8.12 -15.40 -23.17
C GLN C 1011 -7.80 -14.77 -24.50
N LEU C 1012 -7.11 -13.64 -24.53
CA LEU C 1012 -6.76 -13.07 -25.82
C LEU C 1012 -5.85 -13.97 -26.59
N ILE C 1013 -4.85 -14.55 -25.92
CA ILE C 1013 -3.97 -15.47 -26.63
C ILE C 1013 -4.75 -16.68 -27.15
N ARG C 1014 -5.59 -17.27 -26.31
CA ARG C 1014 -6.35 -18.42 -26.79
C ARG C 1014 -7.28 -18.08 -27.93
N ALA C 1015 -7.84 -16.89 -27.94
CA ALA C 1015 -8.73 -16.54 -29.04
C ALA C 1015 -7.95 -16.41 -30.33
N ALA C 1016 -6.73 -15.90 -30.26
CA ALA C 1016 -5.91 -15.87 -31.46
C ALA C 1016 -5.63 -17.26 -31.99
N GLU C 1017 -5.31 -18.20 -31.11
CA GLU C 1017 -5.10 -19.57 -31.54
C GLU C 1017 -6.33 -20.17 -32.23
N ILE C 1018 -7.50 -19.99 -31.64
CA ILE C 1018 -8.72 -20.55 -32.24
C ILE C 1018 -9.03 -19.87 -33.55
N ARG C 1019 -8.72 -18.58 -33.67
CA ARG C 1019 -8.95 -17.90 -34.93
C ARG C 1019 -8.08 -18.47 -36.04
N ALA C 1020 -6.83 -18.78 -35.73
CA ALA C 1020 -6.00 -19.44 -36.74
C ALA C 1020 -6.62 -20.75 -37.18
N SER C 1021 -7.08 -21.56 -36.22
CA SER C 1021 -7.73 -22.82 -36.59
C SER C 1021 -9.00 -22.63 -37.41
N ALA C 1022 -9.80 -21.63 -37.10
CA ALA C 1022 -11.03 -21.42 -37.85
C ALA C 1022 -10.75 -20.97 -39.25
N ASN C 1023 -9.72 -20.14 -39.45
CA ASN C 1023 -9.31 -19.80 -40.80
C ASN C 1023 -8.90 -21.03 -41.57
N LEU C 1024 -8.14 -21.91 -40.94
CA LEU C 1024 -7.81 -23.15 -41.63
C LEU C 1024 -9.05 -23.94 -42.00
N ALA C 1025 -10.02 -24.03 -41.11
CA ALA C 1025 -11.22 -24.79 -41.43
C ALA C 1025 -11.97 -24.17 -42.59
N ALA C 1026 -12.05 -22.85 -42.65
CA ALA C 1026 -12.75 -22.24 -43.76
C ALA C 1026 -12.04 -22.54 -45.06
N THR C 1027 -10.72 -22.46 -45.06
CA THR C 1027 -9.96 -22.81 -46.25
C THR C 1027 -10.24 -24.23 -46.68
N LYS C 1028 -10.26 -25.15 -45.73
CA LYS C 1028 -10.50 -26.54 -46.10
C LYS C 1028 -11.89 -26.74 -46.66
N MET C 1029 -12.90 -26.15 -46.05
CA MET C 1029 -14.23 -26.20 -46.66
C MET C 1029 -14.21 -25.73 -48.09
N SER C 1030 -13.77 -24.50 -48.33
CA SER C 1030 -13.80 -23.97 -49.69
C SER C 1030 -13.06 -24.87 -50.65
N GLU C 1031 -11.86 -25.27 -50.30
CA GLU C 1031 -11.02 -25.94 -51.28
C GLU C 1031 -11.30 -27.42 -51.41
N CYS C 1032 -11.59 -28.13 -50.33
CA CYS C 1032 -11.80 -29.56 -50.43
C CYS C 1032 -13.26 -29.92 -50.65
N VAL C 1033 -14.22 -29.25 -50.01
CA VAL C 1033 -15.62 -29.64 -50.16
C VAL C 1033 -16.21 -29.08 -51.43
N LEU C 1034 -16.09 -27.79 -51.63
CA LEU C 1034 -16.63 -27.08 -52.77
C LEU C 1034 -15.80 -27.24 -54.02
N GLY C 1035 -14.84 -28.14 -54.04
CA GLY C 1035 -14.02 -28.34 -55.21
C GLY C 1035 -13.14 -29.55 -55.06
N GLN C 1036 -12.08 -29.61 -55.83
CA GLN C 1036 -11.13 -30.72 -55.76
C GLN C 1036 -9.76 -30.07 -55.70
N SER C 1037 -8.92 -30.47 -54.75
CA SER C 1037 -7.66 -29.77 -54.58
C SER C 1037 -6.49 -30.59 -55.09
N LYS C 1038 -5.58 -29.94 -55.79
CA LYS C 1038 -4.34 -30.56 -56.21
C LYS C 1038 -3.21 -30.38 -55.22
N ARG C 1039 -3.41 -29.66 -54.14
CA ARG C 1039 -2.35 -29.48 -53.15
C ARG C 1039 -2.07 -30.81 -52.47
N VAL C 1040 -0.80 -31.19 -52.39
CA VAL C 1040 -0.46 -32.51 -51.90
C VAL C 1040 -0.64 -32.62 -50.40
N ASP C 1041 -1.37 -33.63 -49.98
CA ASP C 1041 -1.52 -33.96 -48.57
C ASP C 1041 -2.14 -32.81 -47.79
N PHE C 1042 -3.10 -32.14 -48.40
CA PHE C 1042 -3.89 -31.13 -47.74
C PHE C 1042 -5.23 -31.71 -47.33
N CYS C 1043 -5.96 -32.25 -48.28
CA CYS C 1043 -7.22 -32.92 -48.02
C CYS C 1043 -7.01 -34.44 -47.92
N GLY C 1044 -6.20 -34.88 -46.97
CA GLY C 1044 -5.98 -36.30 -46.78
C GLY C 1044 -4.79 -36.85 -47.56
N LYS C 1045 -4.33 -38.02 -47.13
CA LYS C 1045 -3.19 -38.69 -47.74
C LYS C 1045 -3.63 -39.46 -48.98
N GLY C 1046 -3.07 -39.10 -50.13
CA GLY C 1046 -3.42 -39.72 -51.39
C GLY C 1046 -4.01 -38.70 -52.33
N TYR C 1047 -4.32 -39.15 -53.53
CA TYR C 1047 -4.95 -38.32 -54.53
C TYR C 1047 -6.39 -37.99 -54.13
N HIS C 1048 -6.70 -36.73 -53.91
CA HIS C 1048 -7.99 -36.34 -53.37
C HIS C 1048 -9.11 -36.47 -54.38
N LEU C 1049 -10.22 -37.11 -53.98
CA LEU C 1049 -11.46 -37.19 -54.75
C LEU C 1049 -12.54 -36.23 -54.27
N MET C 1050 -12.96 -36.29 -53.01
CA MET C 1050 -13.97 -35.36 -52.49
C MET C 1050 -13.96 -35.38 -50.97
N SER C 1051 -14.78 -34.54 -50.36
CA SER C 1051 -14.84 -34.50 -48.90
C SER C 1051 -16.23 -34.11 -48.45
N PHE C 1052 -16.67 -34.65 -47.32
CA PHE C 1052 -17.99 -34.39 -46.78
C PHE C 1052 -17.88 -33.79 -45.38
N PRO C 1053 -18.57 -32.70 -45.07
CA PRO C 1053 -18.47 -32.13 -43.74
C PRO C 1053 -19.47 -32.69 -42.75
N GLN C 1054 -19.08 -32.73 -41.48
CA GLN C 1054 -19.99 -33.14 -40.43
C GLN C 1054 -19.79 -32.19 -39.26
N SER C 1055 -20.87 -31.69 -38.69
CA SER C 1055 -20.80 -30.76 -37.60
C SER C 1055 -20.34 -31.44 -36.32
N ALA C 1056 -19.72 -30.68 -35.44
CA ALA C 1056 -19.31 -31.17 -34.13
C ALA C 1056 -19.62 -30.04 -33.17
N PRO C 1057 -19.68 -30.30 -31.87
CA PRO C 1057 -20.07 -29.24 -30.94
C PRO C 1057 -19.31 -27.94 -31.04
N HIS C 1058 -18.02 -27.96 -31.31
CA HIS C 1058 -17.29 -26.70 -31.39
C HIS C 1058 -16.33 -26.75 -32.54
N GLY C 1059 -16.62 -27.56 -33.54
CA GLY C 1059 -15.72 -27.67 -34.65
C GLY C 1059 -16.34 -28.44 -35.78
N VAL C 1060 -15.51 -28.82 -36.72
CA VAL C 1060 -15.95 -29.56 -37.88
C VAL C 1060 -15.18 -30.86 -37.99
N VAL C 1061 -15.78 -31.84 -38.64
CA VAL C 1061 -15.18 -33.14 -38.90
C VAL C 1061 -15.29 -33.41 -40.39
N PHE C 1062 -14.19 -33.34 -41.10
CA PHE C 1062 -14.15 -33.56 -42.54
C PHE C 1062 -13.88 -35.01 -42.84
N LEU C 1063 -14.69 -35.63 -43.68
CA LEU C 1063 -14.50 -37.02 -44.11
C LEU C 1063 -13.86 -37.10 -45.49
N HIS C 1064 -12.56 -36.94 -45.56
CA HIS C 1064 -11.87 -36.94 -46.85
C HIS C 1064 -11.89 -38.28 -47.53
N VAL C 1065 -12.33 -38.34 -48.79
CA VAL C 1065 -12.29 -39.54 -49.62
C VAL C 1065 -11.10 -39.45 -50.55
N THR C 1066 -10.18 -40.37 -50.43
CA THR C 1066 -8.92 -40.39 -51.13
C THR C 1066 -8.76 -41.65 -51.97
N TYR C 1067 -8.04 -41.55 -53.07
CA TYR C 1067 -7.72 -42.65 -53.98
C TYR C 1067 -6.27 -43.07 -53.79
N VAL C 1068 -6.01 -44.34 -53.51
CA VAL C 1068 -4.67 -44.84 -53.23
C VAL C 1068 -4.36 -45.99 -54.18
N PRO C 1069 -3.29 -45.92 -54.96
CA PRO C 1069 -2.93 -47.05 -55.82
C PRO C 1069 -2.43 -48.25 -55.06
N ALA C 1070 -2.40 -49.41 -55.72
CA ALA C 1070 -1.93 -50.62 -55.07
C ALA C 1070 -1.65 -51.72 -56.08
N GLN C 1071 -1.01 -52.78 -55.60
CA GLN C 1071 -0.63 -53.95 -56.39
C GLN C 1071 0.24 -53.62 -57.59
N GLU C 1072 1.38 -53.00 -57.34
CA GLU C 1072 2.25 -52.60 -58.43
C GLU C 1072 3.00 -53.78 -59.01
N LYS C 1073 3.60 -53.56 -60.18
CA LYS C 1073 4.33 -54.62 -60.86
C LYS C 1073 5.48 -53.99 -61.64
N ASN C 1074 6.57 -54.74 -61.80
CA ASN C 1074 7.77 -54.29 -62.48
C ASN C 1074 7.65 -54.32 -63.99
N PHE C 1075 8.34 -53.38 -64.63
CA PHE C 1075 8.35 -53.28 -66.07
C PHE C 1075 9.67 -52.68 -66.50
N THR C 1076 10.04 -52.92 -67.75
CA THR C 1076 11.19 -52.33 -68.37
C THR C 1076 10.75 -51.24 -69.33
N THR C 1077 11.45 -50.11 -69.35
CA THR C 1077 11.01 -48.96 -70.16
C THR C 1077 12.14 -48.30 -70.90
N ALA C 1078 11.75 -47.48 -71.87
CA ALA C 1078 12.67 -46.71 -72.66
C ALA C 1078 12.07 -45.35 -72.94
N PRO C 1079 12.90 -44.32 -73.08
CA PRO C 1079 12.39 -42.98 -73.28
C PRO C 1079 11.80 -42.70 -74.64
N ALA C 1080 12.16 -43.46 -75.66
CA ALA C 1080 11.66 -43.16 -76.99
C ALA C 1080 11.80 -44.39 -77.86
N ILE C 1081 11.07 -44.42 -78.95
CA ILE C 1081 11.16 -45.49 -79.94
C ILE C 1081 11.75 -44.91 -81.19
N CYS C 1082 12.67 -45.61 -81.83
CA CYS C 1082 13.26 -45.11 -83.07
C CYS C 1082 12.71 -45.94 -84.21
N HIS C 1083 12.01 -45.28 -85.13
CA HIS C 1083 11.43 -45.94 -86.28
C HIS C 1083 11.64 -45.05 -87.49
N ASP C 1084 12.07 -45.64 -88.60
CA ASP C 1084 12.37 -44.91 -89.82
C ASP C 1084 13.44 -43.87 -89.58
N GLY C 1085 14.27 -44.08 -88.58
CA GLY C 1085 15.34 -43.16 -88.34
C GLY C 1085 14.93 -41.95 -87.54
N LYS C 1086 13.65 -41.82 -87.20
CA LYS C 1086 13.16 -40.70 -86.41
C LYS C 1086 12.62 -41.19 -85.07
N ALA C 1087 12.74 -40.34 -84.05
CA ALA C 1087 12.37 -40.68 -82.69
C ALA C 1087 10.92 -40.36 -82.38
N HIS C 1088 10.27 -41.24 -81.66
CA HIS C 1088 8.90 -41.10 -81.22
C HIS C 1088 8.85 -41.03 -79.70
N PHE C 1089 8.02 -40.14 -79.16
CA PHE C 1089 7.79 -39.96 -77.73
C PHE C 1089 6.30 -40.09 -77.48
N PRO C 1090 5.87 -40.49 -76.30
CA PRO C 1090 4.44 -40.66 -76.04
C PRO C 1090 3.74 -39.38 -75.67
N ARG C 1091 2.55 -39.17 -76.22
CA ARG C 1091 1.76 -38.00 -75.86
C ARG C 1091 1.35 -38.04 -74.41
N GLU C 1092 0.83 -39.17 -73.95
CA GLU C 1092 0.52 -39.34 -72.55
C GLU C 1092 0.78 -40.79 -72.18
N GLY C 1093 1.53 -40.97 -71.12
CA GLY C 1093 1.87 -42.28 -70.64
C GLY C 1093 3.34 -42.60 -70.80
N VAL C 1094 3.64 -43.88 -70.73
CA VAL C 1094 5.01 -44.35 -70.74
C VAL C 1094 5.10 -45.56 -71.63
N PHE C 1095 6.24 -45.72 -72.30
CA PHE C 1095 6.57 -46.94 -73.05
C PHE C 1095 6.98 -48.04 -72.10
N VAL C 1096 6.19 -49.10 -72.00
CA VAL C 1096 6.40 -50.19 -71.06
C VAL C 1096 6.59 -51.48 -71.84
N SER C 1097 7.61 -52.25 -71.49
CA SER C 1097 7.88 -53.56 -72.09
C SER C 1097 7.68 -54.71 -71.13
N ASN C 1098 7.04 -55.78 -71.57
CA ASN C 1098 6.81 -56.91 -70.69
C ASN C 1098 7.77 -58.06 -70.99
N GLY C 1099 8.95 -57.74 -71.50
CA GLY C 1099 9.95 -58.74 -71.77
C GLY C 1099 10.22 -58.89 -73.25
N THR C 1100 9.16 -58.85 -74.06
CA THR C 1100 9.30 -59.04 -75.49
C THR C 1100 8.54 -58.04 -76.34
N HIS C 1101 7.53 -57.37 -75.81
CA HIS C 1101 6.74 -56.46 -76.60
C HIS C 1101 6.65 -55.12 -75.89
N TRP C 1102 6.53 -54.07 -76.68
CA TRP C 1102 6.45 -52.71 -76.17
C TRP C 1102 5.03 -52.18 -76.28
N PHE C 1103 4.60 -51.39 -75.29
CA PHE C 1103 3.28 -50.83 -75.26
C PHE C 1103 3.37 -49.42 -74.69
N VAL C 1104 2.30 -48.67 -74.83
CA VAL C 1104 2.13 -47.36 -74.21
C VAL C 1104 1.05 -47.51 -73.15
N THR C 1105 1.24 -46.90 -72.00
CA THR C 1105 0.26 -47.05 -70.95
C THR C 1105 0.18 -45.80 -70.12
N GLN C 1106 -1.01 -45.42 -69.69
CA GLN C 1106 -1.11 -44.25 -68.82
C GLN C 1106 -0.32 -44.51 -67.57
N ARG C 1107 0.16 -43.46 -66.94
CA ARG C 1107 1.13 -43.66 -65.88
C ARG C 1107 0.52 -44.30 -64.65
N ASN C 1108 -0.68 -43.90 -64.23
CA ASN C 1108 -1.21 -44.31 -62.94
C ASN C 1108 -2.08 -45.57 -62.91
N PHE C 1109 -2.19 -46.33 -63.98
CA PHE C 1109 -2.97 -47.56 -63.91
C PHE C 1109 -2.60 -48.36 -65.14
N TYR C 1110 -2.27 -49.62 -64.98
CA TYR C 1110 -1.79 -50.41 -66.10
C TYR C 1110 -2.90 -50.71 -67.09
N GLU C 1111 -2.80 -50.17 -68.30
CA GLU C 1111 -3.76 -50.45 -69.37
C GLU C 1111 -3.04 -50.38 -70.70
N PRO C 1112 -2.33 -51.45 -71.07
CA PRO C 1112 -1.46 -51.41 -72.23
C PRO C 1112 -2.19 -51.27 -73.56
N GLN C 1113 -1.59 -50.51 -74.46
CA GLN C 1113 -2.10 -50.30 -75.80
C GLN C 1113 -0.97 -50.46 -76.79
N ILE C 1114 -1.33 -50.79 -78.03
CA ILE C 1114 -0.35 -50.88 -79.10
C ILE C 1114 0.21 -49.51 -79.45
N ILE C 1115 1.52 -49.44 -79.68
CA ILE C 1115 2.17 -48.20 -80.06
C ILE C 1115 1.73 -47.87 -81.47
N THR C 1116 1.09 -46.72 -81.64
CA THR C 1116 0.53 -46.37 -82.94
C THR C 1116 0.93 -44.95 -83.27
N THR C 1117 0.71 -44.54 -84.51
CA THR C 1117 0.99 -43.17 -84.91
C THR C 1117 0.04 -42.19 -84.25
N ASP C 1118 -1.05 -42.67 -83.67
CA ASP C 1118 -2.00 -41.76 -83.07
C ASP C 1118 -1.57 -41.31 -81.68
N ASN C 1119 -0.94 -42.19 -80.90
CA ASN C 1119 -0.59 -41.89 -79.53
C ASN C 1119 0.87 -41.57 -79.30
N THR C 1120 1.62 -41.17 -80.32
CA THR C 1120 3.02 -40.79 -80.18
C THR C 1120 3.30 -39.64 -81.13
N PHE C 1121 4.33 -38.85 -80.83
CA PHE C 1121 4.70 -37.74 -81.70
C PHE C 1121 6.20 -37.76 -81.96
N VAL C 1122 6.61 -37.17 -83.09
CA VAL C 1122 7.97 -37.30 -83.61
C VAL C 1122 8.77 -36.04 -83.32
N SER C 1123 10.09 -36.20 -83.13
CA SER C 1123 10.96 -35.05 -82.95
C SER C 1123 12.41 -35.39 -83.32
N GLY C 1124 12.83 -34.96 -84.49
CA GLY C 1124 14.23 -35.08 -84.89
C GLY C 1124 14.70 -36.50 -85.07
N ASN C 1125 15.93 -36.64 -85.54
CA ASN C 1125 16.53 -37.95 -85.76
C ASN C 1125 16.83 -38.63 -84.44
N CYS C 1126 17.08 -39.94 -84.51
CA CYS C 1126 17.11 -40.75 -83.32
C CYS C 1126 18.51 -41.06 -82.84
N ASP C 1127 19.47 -40.15 -83.02
CA ASP C 1127 20.79 -40.37 -82.46
C ASP C 1127 21.18 -39.42 -81.33
N VAL C 1128 20.39 -38.39 -81.04
CA VAL C 1128 20.72 -37.48 -79.97
C VAL C 1128 20.16 -37.94 -78.63
N VAL C 1129 19.03 -38.62 -78.61
CA VAL C 1129 18.42 -39.07 -77.37
C VAL C 1129 19.23 -40.24 -76.86
N ILE C 1130 19.44 -40.32 -75.56
CA ILE C 1130 20.20 -41.41 -74.98
C ILE C 1130 19.27 -42.50 -74.49
N GLY C 1131 19.63 -43.75 -74.74
CA GLY C 1131 18.79 -44.85 -74.34
C GLY C 1131 17.62 -45.14 -75.25
N ILE C 1132 17.65 -44.65 -76.48
CA ILE C 1132 16.55 -44.88 -77.41
C ILE C 1132 16.58 -46.32 -77.88
N VAL C 1133 15.42 -46.89 -78.17
CA VAL C 1133 15.29 -48.27 -78.60
C VAL C 1133 14.50 -48.32 -79.89
N ASN C 1134 14.37 -49.52 -80.45
CA ASN C 1134 13.74 -49.74 -81.75
C ASN C 1134 12.46 -50.56 -81.64
N ASN C 1135 11.45 -50.17 -82.43
CA ASN C 1135 10.24 -50.96 -82.55
C ASN C 1135 9.33 -50.39 -83.61
N THR C 1136 8.38 -51.21 -84.03
CA THR C 1136 7.42 -50.83 -85.07
C THR C 1136 6.34 -49.94 -84.47
N VAL C 1137 6.08 -48.80 -85.11
CA VAL C 1137 5.00 -47.91 -84.68
C VAL C 1137 3.92 -47.95 -85.76
N TYR C 1138 2.88 -48.77 -85.56
CA TYR C 1138 1.89 -48.98 -86.61
C TYR C 1138 1.14 -47.70 -86.90
N ASP C 1139 0.82 -47.48 -88.18
CA ASP C 1139 0.01 -46.35 -88.57
C ASP C 1139 -1.32 -46.88 -89.05
N PRO C 1140 -2.43 -46.53 -88.42
CA PRO C 1140 -3.71 -47.15 -88.80
C PRO C 1140 -4.15 -46.86 -90.23
N LEU C 1141 -3.58 -45.87 -90.90
CA LEU C 1141 -4.03 -45.61 -92.25
C LEU C 1141 -3.52 -46.63 -93.28
N GLN C 1142 -2.37 -47.27 -93.04
CA GLN C 1142 -1.87 -48.23 -94.01
C GLN C 1142 -2.74 -49.48 -94.09
N PRO C 1143 -3.02 -50.20 -93.00
CA PRO C 1143 -3.86 -51.39 -93.10
C PRO C 1143 -5.22 -51.14 -93.71
N GLU C 1144 -5.81 -49.97 -93.52
CA GLU C 1144 -7.10 -49.75 -94.14
C GLU C 1144 -6.94 -49.62 -95.65
N LEU C 1145 -5.93 -48.88 -96.08
CA LEU C 1145 -5.64 -48.72 -97.50
C LEU C 1145 -6.90 -48.23 -98.20
N ASP C 1146 -7.44 -47.13 -97.71
CA ASP C 1146 -8.66 -46.60 -98.29
C ASP C 1146 -8.39 -45.92 -99.62
N GLU D 1 -39.86 13.91 60.38
CA GLU D 1 -39.89 14.98 61.36
C GLU D 1 -41.26 15.13 62.02
N ARG D 2 -41.43 14.40 63.12
CA ARG D 2 -42.65 14.44 63.90
C ARG D 2 -42.55 15.54 64.93
N VAL D 3 -43.52 16.45 64.94
CA VAL D 3 -43.50 17.59 65.85
C VAL D 3 -44.26 17.17 67.10
N MET D 4 -43.60 17.30 68.24
CA MET D 4 -44.21 16.91 69.52
C MET D 4 -44.73 18.11 70.30
N THR D 5 -45.88 17.93 70.94
CA THR D 5 -46.53 19.00 71.70
C THR D 5 -46.88 18.49 73.09
N GLN D 6 -46.36 19.16 74.11
CA GLN D 6 -46.66 18.71 75.46
C GLN D 6 -47.87 19.46 75.99
N SER D 7 -48.49 18.88 77.02
CA SER D 7 -49.68 19.47 77.61
C SER D 7 -49.94 18.83 78.96
N PRO D 8 -50.51 19.58 79.90
CA PRO D 8 -50.62 21.04 79.75
C PRO D 8 -49.27 21.71 79.95
N ALA D 9 -49.22 23.03 79.89
CA ALA D 9 -47.98 23.74 80.12
C ALA D 9 -47.59 23.71 81.59
N THR D 10 -48.55 24.01 82.48
CA THR D 10 -48.32 24.07 83.91
C THR D 10 -49.38 23.25 84.63
N LEU D 11 -49.09 22.90 85.88
CA LEU D 11 -49.95 22.07 86.72
C LEU D 11 -49.60 22.36 88.17
N SER D 12 -50.60 22.70 88.98
CA SER D 12 -50.38 22.95 90.40
C SER D 12 -51.36 22.11 91.21
N VAL D 13 -50.82 21.09 91.86
CA VAL D 13 -51.54 20.10 92.65
C VAL D 13 -51.01 20.13 94.08
N SER D 14 -51.88 19.90 95.06
CA SER D 14 -51.45 19.84 96.44
C SER D 14 -50.36 18.78 96.59
N PRO D 15 -49.45 18.95 97.55
CA PRO D 15 -48.36 17.98 97.72
C PRO D 15 -48.87 16.58 98.05
N GLY D 16 -48.12 15.59 97.59
CA GLY D 16 -48.33 14.20 97.95
C GLY D 16 -49.23 13.40 97.05
N GLU D 17 -49.83 14.00 96.03
CA GLU D 17 -50.78 13.28 95.19
C GLU D 17 -50.11 12.94 93.86
N ARG D 18 -50.89 12.37 92.93
CA ARG D 18 -50.34 12.00 91.64
C ARG D 18 -50.49 13.15 90.65
N ALA D 19 -49.68 13.12 89.59
CA ALA D 19 -49.75 14.09 88.51
C ALA D 19 -49.56 13.38 87.18
N THR D 20 -50.31 13.82 86.17
CA THR D 20 -50.39 13.15 84.87
C THR D 20 -50.14 14.21 83.80
N LEU D 21 -49.14 13.99 82.96
CA LEU D 21 -48.79 14.92 81.90
C LEU D 21 -48.80 14.18 80.57
N SER D 22 -49.50 14.74 79.57
CA SER D 22 -49.61 14.12 78.26
C SER D 22 -48.76 14.86 77.24
N CYS D 23 -48.11 14.13 76.35
CA CYS D 23 -47.42 14.72 75.22
C CYS D 23 -47.80 13.96 73.95
N ARG D 24 -48.24 14.71 72.94
CA ARG D 24 -48.88 14.18 71.74
C ARG D 24 -48.02 14.45 70.51
N ALA D 25 -47.77 13.39 69.72
CA ALA D 25 -47.02 13.47 68.48
C ALA D 25 -47.91 13.62 67.26
N SER D 26 -47.26 13.89 66.13
CA SER D 26 -47.93 14.05 64.85
C SER D 26 -47.65 12.93 63.85
N GLU D 27 -46.61 12.12 64.08
CA GLU D 27 -46.27 10.98 63.23
C GLU D 27 -46.31 9.76 64.13
N SER D 28 -45.62 8.65 63.82
CA SER D 28 -45.64 7.54 64.77
C SER D 28 -44.41 7.61 65.66
N VAL D 29 -44.66 7.31 66.94
CA VAL D 29 -43.65 7.32 68.00
C VAL D 29 -43.70 6.06 68.85
N SER D 30 -44.61 5.13 68.56
CA SER D 30 -44.88 3.91 69.31
C SER D 30 -43.83 3.51 70.36
N SER D 31 -42.59 3.17 70.03
CA SER D 31 -41.78 2.91 71.22
C SER D 31 -40.46 3.68 71.20
N ASP D 32 -40.38 4.74 70.41
CA ASP D 32 -39.16 5.55 70.35
C ASP D 32 -39.33 6.78 71.25
N LEU D 33 -38.85 6.75 72.48
CA LEU D 33 -39.08 7.92 73.32
C LEU D 33 -38.06 8.01 74.44
N ALA D 34 -38.17 9.08 75.21
CA ALA D 34 -37.46 9.27 76.46
C ALA D 34 -38.09 10.43 77.19
N TRP D 35 -37.81 10.52 78.48
CA TRP D 35 -38.33 11.57 79.34
C TRP D 35 -37.21 12.16 80.17
N TYR D 36 -37.10 13.48 80.18
CA TYR D 36 -36.06 14.19 80.90
C TYR D 36 -36.71 15.08 81.95
N GLN D 37 -36.09 15.09 83.13
CA GLN D 37 -36.51 15.95 84.24
C GLN D 37 -35.38 16.95 84.46
N GLN D 38 -35.64 18.19 84.06
CA GLN D 38 -34.69 19.29 84.10
C GLN D 38 -34.99 20.16 85.33
N LYS D 39 -34.41 19.76 86.45
CA LYS D 39 -34.53 20.55 87.66
C LYS D 39 -33.96 21.94 87.38
N PRO D 40 -34.61 23.01 87.82
CA PRO D 40 -34.19 24.34 87.36
C PRO D 40 -32.78 24.66 87.84
N GLY D 41 -31.84 24.79 86.91
CA GLY D 41 -30.49 25.19 87.29
C GLY D 41 -29.36 24.37 86.68
N GLN D 42 -29.68 23.29 85.99
CA GLN D 42 -28.64 22.46 85.38
C GLN D 42 -29.26 21.68 84.23
N ALA D 43 -28.49 20.76 83.65
CA ALA D 43 -28.94 20.04 82.49
C ALA D 43 -30.07 19.10 82.87
N PRO D 44 -30.89 18.70 81.91
CA PRO D 44 -31.98 17.76 82.21
C PRO D 44 -31.42 16.40 82.61
N ARG D 45 -32.32 15.57 83.11
CA ARG D 45 -31.96 14.24 83.54
C ARG D 45 -32.98 13.26 83.02
N LEU D 46 -32.49 12.21 82.38
CA LEU D 46 -33.35 11.21 81.78
C LEU D 46 -33.94 10.31 82.86
N LEU D 47 -35.25 10.12 82.80
CA LEU D 47 -35.97 9.27 83.74
C LEU D 47 -36.40 7.94 83.13
N ILE D 48 -37.13 7.95 82.01
CA ILE D 48 -37.75 6.75 81.45
C ILE D 48 -37.58 6.83 79.93
N TYR D 49 -36.97 5.80 79.36
CA TYR D 49 -36.67 5.73 77.94
C TYR D 49 -37.55 4.70 77.25
N GLY D 50 -37.34 4.54 75.95
CA GLY D 50 -38.16 3.65 75.15
C GLY D 50 -39.64 3.95 75.30
N ALA D 51 -40.42 2.94 75.67
CA ALA D 51 -41.85 3.16 75.84
C ALA D 51 -42.15 3.51 77.29
N SER D 52 -41.66 2.69 78.22
CA SER D 52 -41.92 2.91 79.64
C SER D 52 -40.78 2.40 80.50
N THR D 53 -39.64 2.03 79.91
CA THR D 53 -38.54 1.48 80.69
C THR D 53 -37.94 2.55 81.59
N ARG D 54 -37.82 2.24 82.88
CA ARG D 54 -37.35 3.20 83.88
C ARG D 54 -35.83 3.19 83.90
N ALA D 55 -35.21 4.34 83.66
CA ALA D 55 -33.76 4.42 83.71
C ALA D 55 -33.24 3.98 85.08
N THR D 56 -32.03 3.42 85.07
CA THR D 56 -31.39 2.93 86.29
C THR D 56 -31.39 4.00 87.38
N GLY D 57 -31.57 3.58 88.61
CA GLY D 57 -31.54 4.49 89.74
C GLY D 57 -32.82 5.27 89.92
N ILE D 58 -33.35 5.80 88.81
CA ILE D 58 -34.56 6.62 88.77
C ILE D 58 -35.65 6.03 89.66
N PRO D 59 -36.06 6.74 90.71
CA PRO D 59 -37.07 6.22 91.63
C PRO D 59 -38.30 5.70 90.89
N ALA D 60 -38.77 4.53 91.34
CA ALA D 60 -39.97 3.93 90.77
C ALA D 60 -41.17 4.85 90.77
N ARG D 61 -41.14 5.95 91.54
CA ARG D 61 -42.27 6.87 91.62
C ARG D 61 -42.71 7.41 90.25
N PHE D 62 -41.91 7.26 89.21
CA PHE D 62 -42.29 7.73 87.88
C PHE D 62 -42.86 6.55 87.09
N SER D 63 -43.78 6.88 86.19
CA SER D 63 -44.35 5.83 85.34
C SER D 63 -44.70 6.44 84.00
N GLY D 64 -44.20 5.85 82.93
CA GLY D 64 -44.48 6.31 81.58
C GLY D 64 -45.45 5.34 80.91
N SER D 65 -46.22 5.87 79.98
CA SER D 65 -47.20 5.05 79.26
C SER D 65 -47.51 5.75 77.95
N GLY D 66 -48.24 5.04 77.09
CA GLY D 66 -48.64 5.58 75.81
C GLY D 66 -47.86 4.95 74.68
N SER D 67 -48.36 5.20 73.48
CA SER D 67 -47.79 4.61 72.28
C SER D 67 -48.47 5.22 71.07
N GLY D 68 -47.76 5.24 69.94
CA GLY D 68 -48.32 5.80 68.73
C GLY D 68 -48.02 7.28 68.61
N THR D 69 -48.99 8.11 68.97
CA THR D 69 -48.83 9.56 68.93
C THR D 69 -49.07 10.23 70.28
N GLU D 70 -49.34 9.47 71.34
CA GLU D 70 -49.70 10.04 72.64
C GLU D 70 -49.01 9.26 73.74
N PHE D 71 -48.41 9.99 74.68
CA PHE D 71 -47.69 9.39 75.81
C PHE D 71 -47.98 10.21 77.05
N THR D 72 -47.72 9.61 78.21
CA THR D 72 -48.03 10.25 79.48
C THR D 72 -47.01 9.86 80.54
N LEU D 73 -46.66 10.84 81.38
CA LEU D 73 -45.82 10.61 82.55
C LEU D 73 -46.66 10.85 83.79
N THR D 74 -46.45 10.00 84.78
CA THR D 74 -47.24 10.06 86.00
C THR D 74 -46.34 9.94 87.20
N ILE D 75 -46.58 10.80 88.19
CA ILE D 75 -45.81 10.84 89.42
C ILE D 75 -46.75 10.46 90.56
N SER D 76 -46.28 9.53 91.41
CA SER D 76 -47.14 8.98 92.46
C SER D 76 -47.41 10.01 93.55
N SER D 77 -46.36 10.49 94.21
CA SER D 77 -46.51 11.39 95.36
C SER D 77 -45.41 12.44 95.29
N LEU D 78 -45.77 13.63 94.81
CA LEU D 78 -44.80 14.72 94.70
C LEU D 78 -44.29 15.16 96.06
N GLN D 79 -42.97 15.14 96.23
CA GLN D 79 -42.33 15.77 97.37
C GLN D 79 -41.87 17.18 96.98
N SER D 80 -41.44 17.94 97.99
CA SER D 80 -41.17 19.36 97.78
C SER D 80 -40.11 19.58 96.69
N GLU D 81 -39.18 18.65 96.55
CA GLU D 81 -38.08 18.82 95.60
C GLU D 81 -38.40 18.31 94.21
N ASP D 82 -39.60 17.75 94.00
CA ASP D 82 -40.00 17.22 92.69
C ASP D 82 -40.24 18.32 91.67
N SER D 83 -40.30 19.57 92.10
CA SER D 83 -40.55 20.70 91.21
C SER D 83 -39.43 20.86 90.19
N ALA D 84 -39.78 20.74 88.91
CA ALA D 84 -38.82 20.81 87.81
C ALA D 84 -39.59 20.89 86.49
N VAL D 85 -38.83 20.87 85.38
CA VAL D 85 -39.39 20.86 84.04
C VAL D 85 -39.23 19.48 83.44
N TYR D 86 -40.18 19.07 82.60
CA TYR D 86 -40.14 17.75 82.03
C TYR D 86 -40.30 17.83 80.51
N TYR D 87 -39.56 16.97 79.81
CA TYR D 87 -39.59 16.94 78.35
C TYR D 87 -39.63 15.48 77.88
N CYS D 88 -40.45 15.18 76.87
CA CYS D 88 -40.48 13.86 76.28
C CYS D 88 -39.74 13.95 74.94
N GLN D 89 -38.65 13.19 74.80
CA GLN D 89 -37.82 13.25 73.61
C GLN D 89 -37.99 11.99 72.76
N GLN D 90 -38.29 12.19 71.48
CA GLN D 90 -38.45 11.14 70.49
C GLN D 90 -37.22 11.04 69.59
N TYR D 91 -37.05 9.85 69.03
CA TYR D 91 -35.91 9.48 68.20
C TYR D 91 -36.32 8.42 67.18
N ASN D 92 -37.32 8.72 66.36
CA ASN D 92 -37.85 7.75 65.40
C ASN D 92 -36.96 7.58 64.18
N ASN D 93 -35.97 8.45 64.02
CA ASN D 93 -35.06 8.45 62.89
C ASN D 93 -33.61 8.31 63.35
N TRP D 94 -33.41 7.97 64.63
CA TRP D 94 -32.17 7.90 65.41
C TRP D 94 -30.95 8.38 64.60
N PRO D 95 -30.18 7.60 63.83
CA PRO D 95 -29.03 8.21 63.14
C PRO D 95 -29.52 9.26 62.15
N PRO D 96 -28.87 10.45 62.08
CA PRO D 96 -28.86 11.48 63.13
C PRO D 96 -30.19 12.20 63.37
N GLY D 97 -30.79 12.04 64.54
CA GLY D 97 -32.06 12.71 64.76
C GLY D 97 -32.68 12.67 66.15
N TYR D 98 -33.40 13.75 66.44
CA TYR D 98 -34.19 14.04 67.64
C TYR D 98 -35.10 15.22 67.31
N THR D 99 -36.18 15.31 68.07
CA THR D 99 -37.10 16.44 67.97
C THR D 99 -37.69 16.66 69.34
N PHE D 100 -37.47 17.84 69.89
CA PHE D 100 -37.79 18.14 71.28
C PHE D 100 -39.19 18.75 71.40
N GLY D 101 -39.61 19.00 72.63
CA GLY D 101 -40.87 19.65 72.92
C GLY D 101 -40.68 21.02 73.52
N GLN D 102 -41.79 21.58 74.02
CA GLN D 102 -41.73 22.88 74.67
C GLN D 102 -41.47 22.81 76.17
N GLY D 103 -41.50 21.63 76.77
CA GLY D 103 -41.23 21.52 78.19
C GLY D 103 -42.44 21.82 79.06
N THR D 104 -42.40 21.29 80.28
CA THR D 104 -43.51 21.50 81.21
C THR D 104 -42.98 21.77 82.61
N LYS D 105 -43.56 22.78 83.27
CA LYS D 105 -43.16 23.23 84.60
C LYS D 105 -44.13 22.72 85.67
N LEU D 106 -43.62 21.95 86.62
CA LEU D 106 -44.44 21.38 87.68
C LEU D 106 -44.03 21.95 89.03
N GLU D 107 -45.03 22.38 89.81
CA GLU D 107 -44.82 23.01 91.11
C GLU D 107 -45.78 22.41 92.13
N ILE D 108 -45.81 22.97 93.34
CA ILE D 108 -46.63 22.50 94.45
C ILE D 108 -47.26 23.72 95.11
N LYS D 109 -48.58 23.68 95.26
CA LYS D 109 -49.38 24.71 95.95
C LYS D 109 -49.00 26.13 95.51
N GLU E 1 -15.10 10.96 88.83
CA GLU E 1 -16.27 10.13 88.58
C GLU E 1 -16.61 10.23 87.09
N VAL E 2 -17.40 9.28 86.58
CA VAL E 2 -17.84 9.37 85.18
C VAL E 2 -18.58 10.69 84.96
N GLN E 3 -18.15 11.46 83.97
CA GLN E 3 -18.61 12.83 83.78
C GLN E 3 -18.24 13.30 82.39
N LEU E 4 -18.87 14.39 81.96
CA LEU E 4 -18.52 15.14 80.75
C LEU E 4 -18.46 16.59 81.16
N VAL E 5 -17.31 17.21 80.97
CA VAL E 5 -17.07 18.59 81.34
C VAL E 5 -16.88 19.38 80.06
N GLU E 6 -17.40 20.61 80.03
CA GLU E 6 -17.41 21.38 78.78
C GLU E 6 -16.61 22.66 79.00
N SER E 7 -16.17 23.25 77.89
CA SER E 7 -15.41 24.49 77.92
C SER E 7 -15.58 25.20 76.58
N GLY E 8 -15.11 26.45 76.50
CA GLY E 8 -15.28 27.27 75.32
C GLY E 8 -16.36 28.32 75.41
N GLY E 9 -17.24 28.23 76.40
CA GLY E 9 -18.32 29.21 76.52
C GLY E 9 -17.75 30.60 76.77
N GLY E 10 -18.41 31.60 76.19
CA GLY E 10 -17.98 32.98 76.34
C GLY E 10 -18.78 33.92 75.47
N LEU E 11 -18.11 34.96 75.00
CA LEU E 11 -18.70 36.00 74.16
C LEU E 11 -17.81 36.23 72.95
N VAL E 12 -18.44 36.42 71.79
CA VAL E 12 -17.71 36.66 70.55
C VAL E 12 -18.56 37.57 69.66
N GLN E 13 -17.88 38.37 68.83
CA GLN E 13 -18.59 39.30 67.98
C GLN E 13 -19.27 38.52 66.86
N PRO E 14 -20.44 38.98 66.37
CA PRO E 14 -21.16 38.23 65.32
C PRO E 14 -20.31 37.87 64.12
N GLY E 15 -20.69 36.81 63.41
CA GLY E 15 -19.88 36.34 62.31
C GLY E 15 -18.59 35.66 62.73
N GLY E 16 -18.18 35.82 63.98
CA GLY E 16 -16.98 35.21 64.49
C GLY E 16 -17.09 33.71 64.70
N SER E 17 -15.98 33.15 65.14
CA SER E 17 -15.82 31.73 65.42
C SER E 17 -15.66 31.50 66.92
N LEU E 18 -15.67 30.23 67.30
CA LEU E 18 -15.51 29.81 68.68
C LEU E 18 -15.24 28.31 68.68
N ARG E 19 -14.76 27.80 69.82
CA ARG E 19 -14.52 26.36 69.91
C ARG E 19 -14.88 25.85 71.29
N LEU E 20 -15.81 24.91 71.32
CA LEU E 20 -16.22 24.22 72.54
C LEU E 20 -15.49 22.90 72.67
N SER E 21 -15.12 22.55 73.90
CA SER E 21 -14.34 21.36 74.15
C SER E 21 -15.05 20.54 75.21
N CYS E 22 -14.92 19.22 75.12
CA CYS E 22 -15.66 18.30 75.98
C CYS E 22 -14.76 17.17 76.42
N ALA E 23 -14.58 17.03 77.72
CA ALA E 23 -13.76 15.98 78.29
C ALA E 23 -14.68 15.00 79.00
N ALA E 24 -14.31 13.73 79.00
CA ALA E 24 -15.17 12.70 79.55
C ALA E 24 -14.36 11.86 80.51
N SER E 25 -15.05 10.98 81.24
CA SER E 25 -14.39 10.19 82.27
C SER E 25 -15.18 8.92 82.54
N GLY E 26 -14.45 7.84 82.80
CA GLY E 26 -15.00 6.54 83.11
C GLY E 26 -15.77 5.91 81.97
N ILE E 27 -15.83 6.64 80.85
CA ILE E 27 -16.48 6.19 79.63
C ILE E 27 -15.68 6.73 78.45
N THR E 28 -15.64 5.93 77.38
CA THR E 28 -14.94 6.26 76.15
C THR E 28 -15.84 7.09 75.24
N VAL E 29 -15.21 7.83 74.33
CA VAL E 29 -15.95 8.61 73.34
C VAL E 29 -15.75 8.07 71.93
N SER E 30 -14.53 7.63 71.59
CA SER E 30 -14.26 7.11 70.26
C SER E 30 -15.30 6.09 69.82
N ARG E 31 -15.70 5.19 70.72
CA ARG E 31 -16.64 4.13 70.38
C ARG E 31 -18.05 4.44 70.88
N ASN E 32 -18.31 5.69 71.26
CA ASN E 32 -19.60 6.11 71.80
C ASN E 32 -20.18 7.19 70.92
N TYR E 33 -21.46 7.05 70.58
CA TYR E 33 -22.14 8.04 69.76
C TYR E 33 -22.13 9.38 70.48
N MET E 34 -21.38 10.35 69.97
CA MET E 34 -21.28 11.64 70.65
C MET E 34 -22.23 12.63 69.99
N SER E 35 -22.80 13.52 70.79
CA SER E 35 -23.80 14.45 70.26
C SER E 35 -23.74 15.77 71.00
N TRP E 36 -23.55 16.87 70.26
CA TRP E 36 -23.57 18.18 70.88
C TRP E 36 -24.96 18.75 70.72
N VAL E 37 -25.55 19.16 71.84
CA VAL E 37 -26.89 19.73 71.89
C VAL E 37 -26.77 21.16 72.43
N ARG E 38 -27.78 21.99 72.17
CA ARG E 38 -27.77 23.34 72.72
C ARG E 38 -29.19 23.73 73.10
N GLN E 39 -29.28 24.78 73.93
CA GLN E 39 -30.54 25.27 74.47
C GLN E 39 -30.44 26.78 74.48
N ALA E 40 -31.35 27.45 73.79
CA ALA E 40 -31.41 28.90 73.91
C ALA E 40 -32.03 29.32 75.22
N PRO E 41 -31.53 30.43 75.81
CA PRO E 41 -32.05 30.92 77.10
C PRO E 41 -33.56 31.11 77.07
N GLY E 42 -34.28 30.32 77.85
CA GLY E 42 -35.72 30.45 77.94
C GLY E 42 -36.48 29.57 76.97
N LYS E 43 -35.81 28.97 76.01
CA LYS E 43 -36.44 28.17 74.98
C LYS E 43 -36.26 26.69 75.30
N GLY E 44 -36.74 25.84 74.37
CA GLY E 44 -36.60 24.40 74.52
C GLY E 44 -35.18 23.98 74.23
N LEU E 45 -34.99 22.75 73.77
CA LEU E 45 -33.67 22.26 73.45
C LEU E 45 -33.68 21.81 71.99
N GLU E 46 -32.51 21.68 71.38
CA GLU E 46 -32.48 21.23 70.00
C GLU E 46 -31.16 20.52 69.70
N TRP E 47 -31.26 19.34 69.09
CA TRP E 47 -30.07 18.61 68.66
C TRP E 47 -29.29 19.40 67.60
N VAL E 48 -28.02 19.67 67.89
CA VAL E 48 -27.17 20.49 67.03
C VAL E 48 -26.31 19.62 66.11
N SER E 49 -25.62 18.62 66.66
CA SER E 49 -24.70 17.86 65.83
C SER E 49 -24.44 16.50 66.48
N VAL E 50 -23.84 15.60 65.68
CA VAL E 50 -23.52 14.25 66.15
C VAL E 50 -22.32 13.73 65.38
N MET E 51 -21.46 12.99 66.07
CA MET E 51 -20.39 12.26 65.44
C MET E 51 -20.52 10.81 65.89
N PHE E 52 -20.37 9.91 64.92
CA PHE E 52 -20.49 8.49 65.16
C PHE E 52 -19.13 7.94 65.61
N ALA E 53 -19.08 6.64 65.86
CA ALA E 53 -17.86 5.99 66.31
C ALA E 53 -16.92 5.62 65.17
N GLY E 54 -17.34 5.79 63.91
CA GLY E 54 -16.45 5.56 62.79
C GLY E 54 -15.95 6.82 62.11
N GLY E 55 -16.54 7.95 62.45
CA GLY E 55 -16.13 9.24 61.96
C GLY E 55 -17.11 9.95 61.07
N SER E 56 -18.03 9.22 60.42
CA SER E 56 -18.98 9.89 59.54
C SER E 56 -19.90 10.75 60.40
N THR E 57 -19.70 12.06 60.37
CA THR E 57 -20.45 12.96 61.24
C THR E 57 -21.62 13.59 60.51
N PHE E 58 -22.46 14.27 61.29
CA PHE E 58 -23.60 14.98 60.74
C PHE E 58 -23.94 16.16 61.63
N TYR E 59 -24.58 17.15 61.03
CA TYR E 59 -24.92 18.39 61.67
C TYR E 59 -26.36 18.72 61.29
N ALA E 60 -27.02 19.50 62.13
CA ALA E 60 -28.37 19.95 61.78
C ALA E 60 -28.34 20.91 60.60
N ASP E 61 -29.52 21.15 60.04
CA ASP E 61 -29.63 22.02 58.88
C ASP E 61 -29.43 23.47 59.31
N SER E 62 -29.94 23.82 60.48
CA SER E 62 -29.84 25.19 60.96
C SER E 62 -28.38 25.59 61.11
N VAL E 63 -27.50 24.62 61.38
CA VAL E 63 -26.08 24.86 61.54
C VAL E 63 -25.26 24.16 60.47
N LYS E 64 -25.89 23.67 59.40
CA LYS E 64 -25.13 22.97 58.37
C LYS E 64 -24.18 23.93 57.66
N GLY E 65 -22.97 23.46 57.37
CA GLY E 65 -22.00 24.25 56.66
C GLY E 65 -21.16 25.20 57.49
N ARG E 66 -21.45 25.37 58.77
CA ARG E 66 -20.71 26.32 59.60
C ARG E 66 -19.97 25.70 60.76
N PHE E 67 -20.43 24.58 61.29
CA PHE E 67 -19.84 23.95 62.46
C PHE E 67 -19.18 22.63 62.07
N THR E 68 -18.13 22.27 62.82
CA THR E 68 -17.36 21.07 62.50
C THR E 68 -16.93 20.40 63.80
N ILE E 69 -17.36 19.15 63.96
CA ILE E 69 -17.10 18.38 65.16
C ILE E 69 -15.85 17.54 64.91
N SER E 70 -15.01 17.37 65.93
CA SER E 70 -13.82 16.54 65.82
C SER E 70 -13.43 16.05 67.21
N ARG E 71 -12.55 15.06 67.29
CA ARG E 71 -12.22 14.54 68.61
C ARG E 71 -10.82 13.94 68.63
N ASP E 72 -10.02 14.37 69.61
CA ASP E 72 -8.68 13.83 69.85
C ASP E 72 -8.84 12.56 70.68
N ASN E 73 -9.02 11.44 69.98
CA ASN E 73 -9.24 10.16 70.66
C ASN E 73 -8.07 9.80 71.59
N SER E 74 -6.85 10.17 71.19
CA SER E 74 -5.67 9.78 71.96
C SER E 74 -5.77 10.15 73.43
N LYS E 75 -6.41 11.28 73.75
CA LYS E 75 -6.54 11.70 75.15
C LYS E 75 -8.00 11.87 75.56
N ASN E 76 -8.92 11.21 74.85
CA ASN E 76 -10.30 11.06 75.29
C ASN E 76 -10.97 12.43 75.47
N THR E 77 -11.09 13.16 74.36
CA THR E 77 -11.71 14.48 74.42
C THR E 77 -12.32 14.80 73.07
N LEU E 78 -13.26 15.72 73.09
CA LEU E 78 -14.02 16.18 71.93
C LEU E 78 -13.87 17.68 71.74
N TYR E 79 -14.11 18.15 70.51
CA TYR E 79 -14.01 19.55 70.17
C TYR E 79 -15.08 19.85 69.14
N LEU E 80 -15.53 21.10 69.13
CA LEU E 80 -16.50 21.58 68.15
C LEU E 80 -16.14 23.01 67.77
N GLN E 81 -15.76 23.20 66.52
CA GLN E 81 -15.50 24.53 66.00
C GLN E 81 -16.78 25.10 65.41
N MET E 82 -17.07 26.36 65.75
CA MET E 82 -18.21 27.10 65.24
C MET E 82 -17.69 28.33 64.51
N ASN E 83 -18.45 28.77 63.50
CA ASN E 83 -18.16 30.00 62.77
C ASN E 83 -19.47 30.69 62.43
N SER E 84 -19.34 31.94 62.00
CA SER E 84 -20.47 32.77 61.54
C SER E 84 -21.64 32.75 62.51
N LEU E 85 -21.33 32.97 63.79
CA LEU E 85 -22.36 33.03 64.82
C LEU E 85 -23.26 34.24 64.61
N ARG E 86 -24.54 34.00 64.39
CA ARG E 86 -25.51 35.07 64.22
C ARG E 86 -26.32 35.25 65.49
N ALA E 87 -27.31 36.14 65.42
CA ALA E 87 -28.09 36.55 66.59
C ALA E 87 -28.80 35.37 67.25
N GLU E 88 -29.09 34.31 66.50
CA GLU E 88 -29.85 33.20 67.07
C GLU E 88 -28.98 32.36 68.01
N ASP E 89 -27.72 32.15 67.65
CA ASP E 89 -26.84 31.14 68.24
C ASP E 89 -26.51 31.38 69.71
N THR E 90 -27.03 32.44 70.33
CA THR E 90 -26.80 32.66 71.76
C THR E 90 -27.52 31.58 72.55
N ALA E 91 -26.75 30.64 73.10
CA ALA E 91 -27.36 29.49 73.77
C ALA E 91 -26.31 28.82 74.64
N VAL E 92 -26.78 27.89 75.49
CA VAL E 92 -25.93 27.07 76.33
C VAL E 92 -25.75 25.73 75.66
N TYR E 93 -24.50 25.28 75.54
CA TYR E 93 -24.19 24.09 74.77
C TYR E 93 -23.80 22.96 75.71
N TYR E 94 -24.37 21.78 75.44
CA TYR E 94 -24.19 20.59 76.23
C TYR E 94 -23.56 19.50 75.38
N CYS E 95 -22.75 18.65 76.02
CA CYS E 95 -22.10 17.51 75.40
C CYS E 95 -22.76 16.25 75.91
N ALA E 96 -23.02 15.29 75.03
CA ALA E 96 -23.75 14.12 75.51
C ALA E 96 -23.31 12.88 74.75
N ARG E 97 -23.56 11.73 75.37
CA ARG E 97 -23.26 10.42 74.81
C ARG E 97 -24.61 9.71 74.75
N ASP E 98 -25.08 9.44 73.54
CA ASP E 98 -26.38 8.82 73.32
C ASP E 98 -26.27 7.41 72.78
N LEU E 99 -27.02 6.50 73.38
CA LEU E 99 -27.12 5.11 72.93
C LEU E 99 -28.36 4.86 72.09
N GLY E 100 -29.49 5.46 72.45
CA GLY E 100 -30.71 5.35 71.65
C GLY E 100 -31.71 4.40 72.27
N VAL E 101 -32.19 3.43 71.49
CA VAL E 101 -33.22 2.51 71.94
C VAL E 101 -32.81 1.72 73.18
N VAL E 102 -31.51 1.45 73.36
CA VAL E 102 -31.08 0.75 74.56
C VAL E 102 -30.56 1.80 75.52
N GLY E 103 -31.46 2.57 76.10
CA GLY E 103 -31.05 3.64 76.99
C GLY E 103 -30.85 4.94 76.25
N ALA E 104 -31.69 5.92 76.50
CA ALA E 104 -31.60 7.19 75.77
C ALA E 104 -30.49 8.04 76.38
N THR E 105 -30.19 9.16 75.71
CA THR E 105 -29.11 10.03 76.15
C THR E 105 -29.18 10.18 77.66
N ASP E 106 -28.05 10.00 78.33
CA ASP E 106 -28.08 10.08 79.79
C ASP E 106 -27.05 10.99 80.45
N TYR E 107 -25.78 10.70 80.22
CA TYR E 107 -24.72 11.47 80.87
C TYR E 107 -24.51 12.79 80.14
N TRP E 108 -24.63 13.90 80.86
CA TRP E 108 -24.59 15.22 80.26
C TRP E 108 -23.53 16.08 80.91
N GLY E 109 -23.32 17.25 80.33
CA GLY E 109 -22.29 18.16 80.79
C GLY E 109 -22.87 19.35 81.51
N GLN E 110 -22.09 20.02 82.36
CA GLN E 110 -22.61 21.21 83.03
C GLN E 110 -23.09 22.26 82.03
N GLY E 111 -22.63 22.21 80.78
CA GLY E 111 -23.01 23.19 79.78
C GLY E 111 -22.03 24.34 79.72
N THR E 112 -22.21 25.19 78.71
CA THR E 112 -21.35 26.35 78.49
C THR E 112 -22.12 27.38 77.69
N LEU E 113 -22.20 28.60 78.22
CA LEU E 113 -22.91 29.68 77.57
C LEU E 113 -22.11 30.24 76.42
N VAL E 114 -22.81 30.58 75.35
CA VAL E 114 -22.22 31.20 74.16
C VAL E 114 -23.14 32.35 73.81
N THR E 115 -22.72 33.56 74.14
CA THR E 115 -23.42 34.77 73.74
C THR E 115 -22.54 35.59 72.81
N VAL E 116 -23.13 36.60 72.20
CA VAL E 116 -22.44 37.45 71.24
C VAL E 116 -22.29 38.86 71.81
N SER E 117 -21.47 39.66 71.13
CA SER E 117 -21.23 41.05 71.54
C SER E 117 -22.54 41.82 71.75
N SER E 118 -23.49 41.64 70.86
CA SER E 118 -24.77 42.34 70.96
C SER E 118 -25.85 41.56 70.21
N GLU F 1 31.51 0.38 61.34
CA GLU F 1 30.99 0.96 62.57
C GLU F 1 31.70 0.30 63.75
N ARG F 2 32.82 0.90 64.16
CA ARG F 2 33.61 0.42 65.28
C ARG F 2 33.12 1.06 66.58
N VAL F 3 32.82 0.21 67.55
CA VAL F 3 32.26 0.65 68.84
C VAL F 3 33.43 0.86 69.79
N MET F 4 33.49 2.04 70.38
CA MET F 4 34.56 2.38 71.31
C MET F 4 34.09 2.25 72.75
N THR F 5 34.99 1.77 73.60
CA THR F 5 34.69 1.52 75.00
C THR F 5 35.76 2.20 75.84
N GLN F 6 35.34 3.10 76.72
CA GLN F 6 36.25 3.85 77.55
C GLN F 6 36.45 3.13 78.88
N SER F 7 37.53 3.49 79.56
CA SER F 7 37.87 2.88 80.84
C SER F 7 38.90 3.76 81.52
N PRO F 8 38.89 3.84 82.87
CA PRO F 8 37.79 3.32 83.69
C PRO F 8 36.58 4.23 83.58
N ALA F 9 35.50 3.93 84.32
CA ALA F 9 34.32 4.80 84.25
C ALA F 9 34.55 6.13 84.95
N THR F 10 35.10 6.10 86.16
CA THR F 10 35.30 7.31 86.94
C THR F 10 36.74 7.32 87.45
N LEU F 11 37.22 8.50 87.86
CA LEU F 11 38.59 8.62 88.33
C LEU F 11 38.67 9.87 89.21
N SER F 12 39.18 9.68 90.43
CA SER F 12 39.39 10.74 91.40
C SER F 12 40.84 10.62 91.87
N VAL F 13 41.68 11.55 91.47
CA VAL F 13 43.10 11.51 91.79
C VAL F 13 43.47 12.77 92.55
N SER F 14 44.37 12.61 93.52
CA SER F 14 44.88 13.73 94.30
C SER F 14 45.48 14.79 93.39
N PRO F 15 45.43 16.06 93.82
CA PRO F 15 45.99 17.14 93.00
C PRO F 15 47.47 16.97 92.76
N GLY F 16 47.90 17.41 91.58
CA GLY F 16 49.30 17.53 91.22
C GLY F 16 49.90 16.32 90.54
N GLU F 17 49.15 15.22 90.41
CA GLU F 17 49.70 14.00 89.86
C GLU F 17 49.18 13.78 88.43
N ARG F 18 49.53 12.64 87.86
CA ARG F 18 49.13 12.23 86.53
C ARG F 18 47.81 11.48 86.53
N ALA F 19 47.17 11.44 85.37
CA ALA F 19 45.93 10.69 85.18
C ALA F 19 45.96 9.96 83.86
N THR F 20 45.44 8.74 83.83
CA THR F 20 45.54 7.84 82.67
C THR F 20 44.17 7.28 82.33
N LEU F 21 43.73 7.51 81.10
CA LEU F 21 42.44 7.04 80.59
C LEU F 21 42.63 6.21 79.32
N SER F 22 42.02 5.03 79.27
CA SER F 22 42.13 4.14 78.12
C SER F 22 40.84 4.18 77.32
N CYS F 23 40.98 4.13 75.99
CA CYS F 23 39.85 3.99 75.09
C CYS F 23 40.17 2.89 74.08
N ARG F 24 39.27 1.91 73.97
CA ARG F 24 39.49 0.67 73.26
C ARG F 24 38.52 0.56 72.08
N ALA F 25 39.08 0.30 70.90
CA ALA F 25 38.30 0.11 69.68
C ALA F 25 38.09 -1.38 69.40
N SER F 26 37.21 -1.67 68.42
CA SER F 26 36.95 -3.06 68.04
C SER F 26 37.46 -3.44 66.66
N GLU F 27 37.77 -2.48 65.79
CA GLU F 27 38.31 -2.69 64.45
C GLU F 27 39.63 -1.95 64.43
N SER F 28 40.18 -1.55 63.29
CA SER F 28 41.38 -0.75 63.41
C SER F 28 41.00 0.72 63.37
N VAL F 29 41.67 1.48 64.23
CA VAL F 29 41.48 2.92 64.39
C VAL F 29 42.80 3.67 64.41
N SER F 30 43.93 2.96 64.28
CA SER F 30 45.29 3.45 64.36
C SER F 30 45.45 4.97 64.35
N SER F 31 45.05 5.73 63.34
CA SER F 31 45.27 7.15 63.58
C SER F 31 44.02 7.99 63.38
N ASP F 32 42.85 7.38 63.45
CA ASP F 32 41.60 8.14 63.29
C ASP F 32 41.07 8.44 64.68
N LEU F 33 41.34 9.61 65.24
CA LEU F 33 40.86 9.82 66.59
C LEU F 33 40.73 11.30 66.90
N ALA F 34 40.23 11.57 68.11
CA ALA F 34 40.22 12.87 68.75
C ALA F 34 39.83 12.65 70.21
N TRP F 35 40.11 13.66 71.02
CA TRP F 35 39.77 13.60 72.44
C TRP F 35 39.10 14.92 72.77
N TYR F 36 37.94 14.86 73.39
CA TYR F 36 37.18 16.06 73.71
C TYR F 36 37.00 16.20 75.21
N GLN F 37 37.15 17.44 75.68
CA GLN F 37 36.92 17.79 77.07
C GLN F 37 35.72 18.71 77.16
N GLN F 38 34.61 18.16 77.63
CA GLN F 38 33.34 18.85 77.73
C GLN F 38 33.20 19.22 79.20
N LYS F 39 33.76 20.39 79.55
CA LYS F 39 33.60 20.87 80.90
C LYS F 39 32.11 21.01 81.19
N PRO F 40 31.64 20.60 82.36
CA PRO F 40 30.19 20.50 82.55
C PRO F 40 29.54 21.87 82.45
N GLY F 41 28.71 22.05 81.42
CA GLY F 41 27.95 23.26 81.26
C GLY F 41 27.99 23.84 79.86
N GLN F 42 28.82 23.30 78.95
CA GLN F 42 28.87 23.84 77.61
C GLN F 42 29.39 22.77 76.66
N ALA F 43 29.62 23.15 75.40
CA ALA F 43 30.02 22.21 74.37
C ALA F 43 31.43 21.70 74.63
N PRO F 44 31.78 20.54 74.08
CA PRO F 44 33.15 20.02 74.25
C PRO F 44 34.18 20.89 73.55
N ARG F 45 35.45 20.59 73.85
CA ARG F 45 36.60 21.28 73.30
C ARG F 45 37.62 20.23 72.90
N LEU F 46 38.15 20.33 71.68
CA LEU F 46 39.09 19.33 71.20
C LEU F 46 40.45 19.56 71.84
N LEU F 47 41.05 18.49 72.36
CA LEU F 47 42.37 18.58 72.95
C LEU F 47 43.42 17.97 72.03
N ILE F 48 43.27 16.70 71.64
CA ILE F 48 44.30 16.00 70.89
C ILE F 48 43.63 15.14 69.84
N TYR F 49 43.99 15.32 68.57
CA TYR F 49 43.36 14.57 67.49
C TYR F 49 44.38 13.59 66.92
N GLY F 50 43.94 12.84 65.92
CA GLY F 50 44.79 11.82 65.33
C GLY F 50 45.34 10.86 66.36
N ALA F 51 46.67 10.71 66.41
CA ALA F 51 47.26 9.80 67.38
C ALA F 51 47.64 10.52 68.66
N SER F 52 48.39 11.60 68.54
CA SER F 52 48.84 12.33 69.73
C SER F 52 49.02 13.81 69.44
N THR F 53 48.58 14.31 68.29
CA THR F 53 48.81 15.71 67.94
C THR F 53 47.99 16.60 68.85
N ARG F 54 48.65 17.58 69.47
CA ARG F 54 47.97 18.46 70.42
C ARG F 54 47.28 19.58 69.65
N ALA F 55 45.96 19.69 69.82
CA ALA F 55 45.24 20.77 69.16
C ALA F 55 45.85 22.10 69.61
N THR F 56 45.76 23.10 68.72
CA THR F 56 46.33 24.41 69.02
C THR F 56 45.86 24.92 70.38
N GLY F 57 46.77 25.59 71.09
CA GLY F 57 46.44 26.15 72.38
C GLY F 57 46.47 25.15 73.52
N ILE F 58 45.89 23.97 73.28
CA ILE F 58 45.77 22.89 74.26
C ILE F 58 47.04 22.71 75.08
N PRO F 59 46.99 22.94 76.38
CA PRO F 59 48.17 22.83 77.23
C PRO F 59 48.94 21.52 77.02
N ALA F 60 50.26 21.65 76.93
CA ALA F 60 51.13 20.48 76.79
C ALA F 60 50.90 19.44 77.90
N ARG F 61 50.24 19.85 79.00
CA ARG F 61 50.00 18.92 80.11
C ARG F 61 49.27 17.66 79.68
N PHE F 62 48.68 17.65 78.50
CA PHE F 62 47.99 16.49 77.98
C PHE F 62 48.92 15.73 77.08
N SER F 63 48.75 14.41 77.02
CA SER F 63 49.55 13.57 76.14
C SER F 63 48.72 12.39 75.70
N GLY F 64 48.65 12.16 74.38
CA GLY F 64 47.93 11.04 73.83
C GLY F 64 48.93 10.00 73.37
N SER F 65 48.51 8.74 73.37
CA SER F 65 49.37 7.65 72.95
C SER F 65 48.48 6.49 72.54
N GLY F 66 49.09 5.47 71.97
CA GLY F 66 48.36 4.30 71.54
C GLY F 66 48.21 4.25 70.03
N SER F 67 47.78 3.08 69.57
CA SER F 67 47.67 2.86 68.13
C SER F 67 46.97 1.54 67.88
N GLY F 68 46.33 1.43 66.73
CA GLY F 68 45.63 0.22 66.38
C GLY F 68 44.19 0.24 66.84
N THR F 69 43.94 -0.41 67.97
CA THR F 69 42.61 -0.45 68.56
C THR F 69 42.59 0.08 69.98
N GLU F 70 43.73 0.55 70.49
CA GLU F 70 43.82 0.95 71.89
C GLU F 70 44.61 2.25 71.99
N PHE F 71 44.07 3.19 72.77
CA PHE F 71 44.71 4.48 72.96
C PHE F 71 44.55 4.90 74.42
N THR F 72 45.36 5.85 74.83
CA THR F 72 45.37 6.31 76.21
C THR F 72 45.71 7.79 76.23
N LEU F 73 45.04 8.52 77.10
CA LEU F 73 45.32 9.92 77.37
C LEU F 73 45.85 10.08 78.79
N THR F 74 46.84 10.96 78.96
CA THR F 74 47.49 11.14 80.25
C THR F 74 47.66 12.62 80.53
N ILE F 75 47.36 13.01 81.77
CA ILE F 75 47.44 14.40 82.21
C ILE F 75 48.55 14.49 83.26
N SER F 76 49.43 15.48 83.10
CA SER F 76 50.60 15.59 83.95
C SER F 76 50.23 15.98 85.37
N SER F 77 49.61 17.16 85.53
CA SER F 77 49.32 17.70 86.85
C SER F 77 47.93 18.35 86.78
N LEU F 78 46.94 17.65 87.31
CA LEU F 78 45.57 18.13 87.29
C LEU F 78 45.41 19.39 88.14
N GLN F 79 44.90 20.45 87.52
CA GLN F 79 44.48 21.62 88.28
C GLN F 79 42.98 21.52 88.57
N SER F 80 42.51 22.44 89.43
CA SER F 80 41.14 22.34 89.95
C SER F 80 40.11 22.39 88.84
N GLU F 81 40.41 23.07 87.73
CA GLU F 81 39.46 23.26 86.65
C GLU F 81 39.48 22.15 85.61
N ASP F 82 40.35 21.15 85.77
CA ASP F 82 40.42 20.05 84.82
C ASP F 82 39.20 19.14 84.89
N SER F 83 38.37 19.30 85.91
CA SER F 83 37.18 18.46 86.09
C SER F 83 36.19 18.67 84.97
N ALA F 84 35.92 17.60 84.22
CA ALA F 84 35.02 17.64 83.07
C ALA F 84 34.78 16.20 82.62
N VAL F 85 34.03 16.06 81.51
CA VAL F 85 33.81 14.76 80.91
C VAL F 85 34.65 14.68 79.65
N TYR F 86 35.15 13.50 79.33
CA TYR F 86 36.02 13.34 78.18
C TYR F 86 35.55 12.21 77.28
N TYR F 87 35.68 12.41 75.97
CA TYR F 87 35.23 11.44 74.98
C TYR F 87 36.25 11.23 73.87
N CYS F 88 36.42 9.96 73.46
CA CYS F 88 37.30 9.63 72.35
C CYS F 88 36.41 9.37 71.14
N GLN F 89 36.56 10.20 70.12
CA GLN F 89 35.76 10.13 68.91
C GLN F 89 36.61 9.64 67.74
N GLN F 90 36.15 8.60 67.07
CA GLN F 90 36.83 8.06 65.90
C GLN F 90 36.13 8.50 64.62
N TYR F 91 36.89 8.49 63.53
CA TYR F 91 36.40 8.96 62.26
C TYR F 91 37.15 8.16 61.19
N ASN F 92 37.05 6.84 61.30
CA ASN F 92 37.76 5.94 60.41
C ASN F 92 37.08 5.84 59.06
N ASN F 93 35.86 6.37 58.97
CA ASN F 93 35.04 6.32 57.77
C ASN F 93 34.69 7.71 57.29
N TRP F 94 35.34 8.75 57.84
CA TRP F 94 35.10 10.19 57.66
C TRP F 94 33.87 10.47 56.78
N PRO F 95 33.90 10.61 55.44
CA PRO F 95 32.66 10.87 54.74
C PRO F 95 31.69 9.72 54.94
N PRO F 96 30.42 9.97 55.20
CA PRO F 96 29.92 10.55 56.44
C PRO F 96 30.04 9.65 57.67
N GLY F 97 30.85 10.04 58.65
CA GLY F 97 30.98 9.16 59.79
C GLY F 97 31.77 9.65 60.99
N TYR F 98 31.33 9.15 62.15
CA TYR F 98 31.89 9.36 63.47
C TYR F 98 31.32 8.33 64.41
N THR F 99 32.07 8.06 65.48
CA THR F 99 31.63 7.16 66.52
C THR F 99 32.24 7.64 67.84
N PHE F 100 31.38 7.95 68.78
CA PHE F 100 31.73 8.61 70.03
C PHE F 100 32.01 7.55 71.10
N GLY F 101 32.39 8.00 72.30
CA GLY F 101 32.63 7.12 73.42
C GLY F 101 31.59 7.27 74.50
N GLN F 102 31.87 6.64 75.65
CA GLN F 102 30.95 6.76 76.78
C GLN F 102 31.23 7.95 77.69
N GLY F 103 32.35 8.63 77.51
CA GLY F 103 32.65 9.77 78.36
C GLY F 103 33.27 9.35 79.68
N THR F 104 34.00 10.27 80.28
CA THR F 104 34.63 9.99 81.56
C THR F 104 34.50 11.23 82.43
N LYS F 105 34.16 11.03 83.69
CA LYS F 105 33.96 12.12 84.63
C LYS F 105 35.21 12.21 85.49
N LEU F 106 35.87 13.36 85.44
CA LEU F 106 37.10 13.57 86.20
C LEU F 106 36.85 14.65 87.23
N GLU F 107 37.27 14.38 88.47
CA GLU F 107 37.09 15.25 89.61
C GLU F 107 38.40 15.30 90.39
N ILE F 108 38.38 15.95 91.56
CA ILE F 108 39.55 16.14 92.40
C ILE F 108 39.13 15.85 93.82
N LYS F 109 39.87 14.96 94.50
CA LYS F 109 39.67 14.62 95.92
C LYS F 109 38.22 14.38 96.26
N GLU G 1 34.44 37.33 66.30
CA GLU G 1 35.43 36.26 66.28
C GLU G 1 34.79 35.03 65.61
N VAL G 2 35.62 34.09 65.16
CA VAL G 2 35.10 32.84 64.60
C VAL G 2 34.21 32.11 65.59
N GLN G 3 32.99 31.79 65.17
CA GLN G 3 31.99 31.30 66.08
C GLN G 3 30.87 30.64 65.28
N LEU G 4 30.08 29.82 65.98
CA LEU G 4 28.84 29.27 65.45
C LEU G 4 27.72 29.45 66.46
N VAL G 5 26.68 30.17 66.06
CA VAL G 5 25.53 30.42 66.92
C VAL G 5 24.33 29.71 66.32
N GLU G 6 23.50 29.12 67.17
CA GLU G 6 22.43 28.26 66.68
C GLU G 6 21.07 28.79 67.11
N SER G 7 20.03 28.35 66.41
CA SER G 7 18.67 28.75 66.74
C SER G 7 17.70 27.70 66.23
N GLY G 8 16.45 27.83 66.63
CA GLY G 8 15.40 26.87 66.32
C GLY G 8 15.04 25.93 67.45
N GLY G 9 15.88 25.84 68.48
CA GLY G 9 15.59 24.94 69.58
C GLY G 9 14.29 25.34 70.26
N GLY G 10 13.54 24.35 70.71
CA GLY G 10 12.27 24.63 71.37
C GLY G 10 11.49 23.37 71.67
N LEU G 11 10.18 23.49 71.57
CA LEU G 11 9.25 22.41 71.86
C LEU G 11 8.26 22.28 70.73
N VAL G 12 7.93 21.05 70.37
CA VAL G 12 6.99 20.75 69.31
C VAL G 12 6.27 19.45 69.64
N GLN G 13 5.03 19.35 69.18
CA GLN G 13 4.22 18.17 69.46
C GLN G 13 4.74 16.99 68.64
N PRO G 14 4.62 15.75 69.16
CA PRO G 14 5.13 14.60 68.42
C PRO G 14 4.59 14.55 67.00
N GLY G 15 5.34 13.92 66.08
CA GLY G 15 4.94 13.92 64.69
C GLY G 15 5.10 15.24 63.98
N GLY G 16 5.26 16.34 64.71
CA GLY G 16 5.42 17.64 64.13
C GLY G 16 6.79 17.88 63.49
N SER G 17 6.91 19.07 62.90
CA SER G 17 8.13 19.53 62.26
C SER G 17 8.73 20.71 63.01
N LEU G 18 9.93 21.08 62.59
CA LEU G 18 10.66 22.21 63.17
C LEU G 18 11.82 22.49 62.21
N ARG G 19 12.46 23.64 62.36
CA ARG G 19 13.61 23.95 61.50
C ARG G 19 14.65 24.67 62.35
N LEU G 20 15.83 24.08 62.40
CA LEU G 20 17.02 24.59 63.08
C LEU G 20 17.94 25.35 62.14
N SER G 21 18.54 26.42 62.65
CA SER G 21 19.38 27.30 61.87
C SER G 21 20.72 27.48 62.56
N CYS G 22 21.77 27.66 61.76
CA CYS G 22 23.14 27.72 62.24
C CYS G 22 23.85 28.84 61.51
N ALA G 23 24.34 29.81 62.26
CA ALA G 23 25.06 30.97 61.75
C ALA G 23 26.52 30.87 62.16
N ALA G 24 27.40 31.39 61.31
CA ALA G 24 28.83 31.27 61.54
C ALA G 24 29.43 32.66 61.43
N SER G 25 30.70 32.77 61.79
CA SER G 25 31.32 34.09 61.81
C SER G 25 32.82 33.95 61.65
N GLY G 26 33.42 34.91 60.94
CA GLY G 26 34.85 34.93 60.72
C GLY G 26 35.33 33.75 59.92
N ILE G 27 34.38 32.91 59.53
CA ILE G 27 34.57 31.70 58.73
C ILE G 27 33.40 31.52 57.78
N THR G 28 33.71 30.97 56.62
CA THR G 28 32.74 30.71 55.58
C THR G 28 32.11 29.35 55.84
N VAL G 29 30.92 29.16 55.27
CA VAL G 29 30.21 27.90 55.39
C VAL G 29 30.13 27.18 54.05
N SER G 30 29.93 27.92 52.96
CA SER G 30 29.84 27.33 51.63
C SER G 30 30.98 26.36 51.37
N ARG G 31 32.19 26.73 51.80
CA ARG G 31 33.39 25.96 51.55
C ARG G 31 33.84 25.14 52.76
N ASN G 32 32.97 24.97 53.76
CA ASN G 32 33.33 24.25 54.98
C ASN G 32 32.43 23.03 55.14
N TYR G 33 33.05 21.87 55.41
CA TYR G 33 32.31 20.64 55.64
C TYR G 33 31.44 20.88 56.86
N MET G 34 30.13 20.98 56.71
CA MET G 34 29.30 21.30 57.87
C MET G 34 28.68 20.05 58.46
N SER G 35 28.52 20.03 59.79
CA SER G 35 27.99 18.81 60.42
C SER G 35 27.16 19.11 61.66
N TRP G 36 25.91 18.65 61.67
CA TRP G 36 25.04 18.76 62.84
C TRP G 36 25.11 17.47 63.64
N VAL G 37 25.40 17.61 64.93
CA VAL G 37 25.52 16.51 65.89
C VAL G 37 24.46 16.71 66.96
N ARG G 38 24.13 15.64 67.69
CA ARG G 38 23.17 15.81 68.78
C ARG G 38 23.57 14.95 69.98
N GLN G 39 22.98 15.30 71.12
CA GLN G 39 23.29 14.69 72.42
C GLN G 39 22.01 14.52 73.22
N ALA G 40 21.72 13.29 73.61
CA ALA G 40 20.62 13.05 74.54
C ALA G 40 21.03 13.44 75.95
N PRO G 41 20.11 13.99 76.75
CA PRO G 41 20.42 14.43 78.12
C PRO G 41 21.06 13.34 78.97
N GLY G 42 22.32 13.57 79.34
CA GLY G 42 23.05 12.66 80.20
C GLY G 42 23.84 11.61 79.45
N LYS G 43 23.63 11.48 78.15
CA LYS G 43 24.26 10.47 77.34
C LYS G 43 25.38 11.13 76.52
N GLY G 44 26.00 10.34 75.66
CA GLY G 44 27.06 10.79 74.78
C GLY G 44 26.57 11.65 73.64
N LEU G 45 27.29 11.60 72.51
CA LEU G 45 26.96 12.34 71.31
C LEU G 45 26.80 11.37 70.16
N GLU G 46 26.16 11.85 69.09
CA GLU G 46 25.96 11.05 67.89
C GLU G 46 25.89 11.95 66.67
N TRP G 47 26.66 11.59 65.64
CA TRP G 47 26.63 12.30 64.38
C TRP G 47 25.27 12.17 63.71
N VAL G 48 24.63 13.31 63.45
CA VAL G 48 23.30 13.34 62.87
C VAL G 48 23.34 13.57 61.37
N SER G 49 24.10 14.57 60.92
CA SER G 49 24.09 14.92 59.51
C SER G 49 25.34 15.72 59.16
N VAL G 50 25.56 15.84 57.85
CA VAL G 50 26.70 16.56 57.29
C VAL G 50 26.28 17.06 55.91
N MET G 51 26.72 18.26 55.56
CA MET G 51 26.55 18.72 54.19
C MET G 51 27.92 19.11 53.65
N PHE G 52 28.18 18.68 52.43
CA PHE G 52 29.45 18.91 51.74
C PHE G 52 29.47 20.21 50.97
N ALA G 53 30.61 20.49 50.35
CA ALA G 53 30.82 21.68 49.54
C ALA G 53 30.32 21.53 48.11
N GLY G 54 29.91 20.33 47.72
CA GLY G 54 29.32 20.10 46.41
C GLY G 54 27.82 19.89 46.41
N GLY G 55 27.24 19.72 47.59
CA GLY G 55 25.81 19.58 47.74
C GLY G 55 25.40 18.21 48.23
N SER G 56 26.25 17.21 48.05
CA SER G 56 25.94 15.84 48.46
C SER G 56 25.89 15.78 49.97
N THR G 57 24.68 15.67 50.51
CA THR G 57 24.48 15.69 51.96
C THR G 57 24.40 14.27 52.49
N PHE G 58 24.41 14.15 53.81
CA PHE G 58 24.30 12.84 54.44
C PHE G 58 23.65 13.00 55.81
N TYR G 59 23.02 11.92 56.25
CA TYR G 59 22.28 11.87 57.51
C TYR G 59 22.57 10.56 58.22
N ALA G 60 22.39 10.58 59.54
CA ALA G 60 22.52 9.33 60.27
C ALA G 60 21.39 8.40 59.87
N ASP G 61 21.52 7.12 60.24
CA ASP G 61 20.51 6.15 59.85
C ASP G 61 19.22 6.36 60.63
N SER G 62 19.35 6.73 61.90
CA SER G 62 18.18 6.93 62.75
C SER G 62 17.26 8.02 62.20
N VAL G 63 17.82 8.99 61.48
CA VAL G 63 17.05 10.11 60.93
C VAL G 63 17.01 10.12 59.40
N LYS G 64 17.40 9.03 58.73
CA LYS G 64 17.37 9.08 57.27
C LYS G 64 15.94 9.23 56.78
N GLY G 65 15.76 10.07 55.76
CA GLY G 65 14.46 10.28 55.17
C GLY G 65 13.57 11.31 55.84
N ARG G 66 13.94 11.83 56.99
CA ARG G 66 13.08 12.76 57.71
C ARG G 66 13.69 14.14 57.87
N PHE G 67 15.01 14.25 57.96
CA PHE G 67 15.66 15.53 58.19
C PHE G 67 16.40 15.90 56.92
N THR G 68 16.54 17.20 56.68
CA THR G 68 17.13 17.67 55.44
C THR G 68 17.99 18.90 55.70
N ILE G 69 19.25 18.81 55.38
CA ILE G 69 20.21 19.88 55.61
C ILE G 69 20.28 20.72 54.34
N SER G 70 20.42 22.02 54.52
CA SER G 70 20.52 22.98 53.42
C SER G 70 21.31 24.18 53.92
N ARG G 71 21.73 25.05 53.01
CA ARG G 71 22.55 26.16 53.49
C ARG G 71 22.40 27.40 52.62
N ASP G 72 22.15 28.53 53.29
CA ASP G 72 22.03 29.88 52.74
C ASP G 72 23.42 30.46 52.56
N ASN G 73 24.02 30.19 51.40
CA ASN G 73 25.38 30.66 51.12
C ASN G 73 25.48 32.18 51.21
N SER G 74 24.43 32.89 50.79
CA SER G 74 24.47 34.36 50.74
C SER G 74 24.89 34.98 52.07
N LYS G 75 24.48 34.39 53.20
CA LYS G 75 24.84 34.93 54.50
C LYS G 75 25.58 33.93 55.37
N ASN G 76 26.20 32.91 54.77
CA ASN G 76 27.15 32.05 55.47
C ASN G 76 26.44 31.35 56.64
N THR G 77 25.47 30.51 56.30
CA THR G 77 24.69 29.80 57.31
C THR G 77 24.17 28.49 56.76
N LEU G 78 23.83 27.62 57.70
CA LEU G 78 23.34 26.28 57.49
C LEU G 78 21.95 26.15 58.13
N TYR G 79 21.19 25.17 57.68
CA TYR G 79 19.84 24.92 58.16
C TYR G 79 19.62 23.42 58.15
N LEU G 80 18.71 22.99 59.02
CA LEU G 80 18.30 21.60 59.10
C LEU G 80 16.80 21.59 59.37
N GLN G 81 16.04 21.09 58.40
CA GLN G 81 14.61 20.93 58.58
C GLN G 81 14.38 19.55 59.16
N MET G 82 13.56 19.49 60.21
CA MET G 82 13.17 18.25 60.84
C MET G 82 11.65 18.12 60.76
N ASN G 83 11.17 16.89 60.70
CA ASN G 83 9.74 16.61 60.75
C ASN G 83 9.51 15.31 61.50
N SER G 84 8.25 15.06 61.85
CA SER G 84 7.84 13.82 62.52
C SER G 84 8.74 13.56 63.72
N LEU G 85 8.90 14.60 64.54
CA LEU G 85 9.69 14.49 65.75
C LEU G 85 9.03 13.54 66.72
N ARG G 86 9.72 12.47 67.06
CA ARG G 86 9.23 11.48 68.00
C ARG G 86 9.87 11.62 69.39
N ALA G 87 9.52 10.70 70.29
CA ALA G 87 9.90 10.79 71.69
C ALA G 87 11.41 10.76 71.91
N GLU G 88 12.17 10.17 70.99
CA GLU G 88 13.61 10.03 71.19
C GLU G 88 14.34 11.35 70.97
N ASP G 89 13.91 12.12 69.97
CA ASP G 89 14.68 13.22 69.42
C ASP G 89 14.87 14.37 70.41
N THR G 90 14.34 14.25 71.63
CA THR G 90 14.55 15.26 72.65
C THR G 90 16.02 15.24 73.06
N ALA G 91 16.76 16.25 72.62
CA ALA G 91 18.21 16.28 72.80
C ALA G 91 18.69 17.70 72.56
N VAL G 92 19.95 17.94 72.89
CA VAL G 92 20.60 19.21 72.59
C VAL G 92 21.39 19.02 71.30
N TYR G 93 21.19 19.91 70.34
CA TYR G 93 21.75 19.75 69.02
C TYR G 93 22.87 20.77 68.83
N TYR G 94 23.99 20.32 68.30
CA TYR G 94 25.15 21.17 68.14
C TYR G 94 25.51 21.28 66.66
N CYS G 95 26.04 22.44 66.30
CA CYS G 95 26.48 22.74 64.95
C CYS G 95 28.00 22.79 64.95
N ALA G 96 28.61 22.20 63.92
CA ALA G 96 30.06 22.08 63.93
C ALA G 96 30.61 22.19 62.51
N ARG G 97 31.89 22.51 62.46
CA ARG G 97 32.67 22.66 61.23
C ARG G 97 33.76 21.62 61.40
N ASP G 98 33.76 20.61 60.55
CA ASP G 98 34.71 19.52 60.65
C ASP G 98 35.69 19.57 59.48
N LEU G 99 36.97 19.42 59.81
CA LEU G 99 38.04 19.36 58.84
C LEU G 99 38.46 17.92 58.57
N GLY G 100 38.50 17.09 59.61
CA GLY G 100 38.77 15.67 59.46
C GLY G 100 40.19 15.32 59.84
N VAL G 101 40.88 14.61 58.93
CA VAL G 101 42.25 14.15 59.18
C VAL G 101 43.18 15.30 59.46
N VAL G 102 42.89 16.48 58.90
CA VAL G 102 43.72 17.63 59.15
C VAL G 102 43.01 18.47 60.22
N GLY G 103 43.04 17.97 61.44
CA GLY G 103 42.37 18.63 62.54
C GLY G 103 40.93 18.21 62.75
N ALA G 104 40.66 17.55 63.87
CA ALA G 104 39.31 17.06 64.11
C ALA G 104 38.46 18.22 64.62
N THR G 105 37.15 17.98 64.74
CA THR G 105 36.21 19.02 65.16
C THR G 105 36.78 19.82 66.32
N ASP G 106 36.71 21.14 66.20
CA ASP G 106 37.21 22.10 67.17
C ASP G 106 36.13 23.11 67.51
N TYR G 107 35.67 23.79 66.47
CA TYR G 107 34.69 24.85 66.56
C TYR G 107 33.30 24.22 66.67
N TRP G 108 32.56 24.57 67.72
CA TRP G 108 31.30 23.94 68.04
C TRP G 108 30.23 25.01 68.14
N GLY G 109 28.98 24.57 68.28
CA GLY G 109 27.88 25.51 68.30
C GLY G 109 27.31 25.66 69.70
N GLN G 110 26.65 26.77 69.99
CA GLN G 110 26.06 26.94 71.31
C GLN G 110 25.07 25.83 71.67
N GLY G 111 24.54 25.13 70.67
CA GLY G 111 23.57 24.08 70.93
C GLY G 111 22.16 24.60 70.88
N THR G 112 21.20 23.68 70.91
CA THR G 112 19.78 24.03 70.86
C THR G 112 19.00 22.88 71.47
N LEU G 113 18.19 23.17 72.49
CA LEU G 113 17.39 22.13 73.10
C LEU G 113 16.21 21.84 72.20
N VAL G 114 15.86 20.56 72.07
CA VAL G 114 14.70 20.16 71.29
C VAL G 114 13.97 19.16 72.16
N THR G 115 12.89 19.60 72.78
CA THR G 115 11.99 18.73 73.52
C THR G 115 10.63 18.70 72.87
N VAL G 116 9.80 17.77 73.34
CA VAL G 116 8.47 17.57 72.79
C VAL G 116 7.44 17.95 73.86
N SER G 117 6.18 18.05 73.43
CA SER G 117 5.10 18.38 74.35
C SER G 117 5.08 17.45 75.56
N SER G 118 5.29 16.16 75.33
CA SER G 118 5.28 15.17 76.40
C SER G 118 6.09 13.93 76.00
N GLU H 1 10.21 60.43 39.10
CA GLU H 1 10.41 60.74 40.51
C GLU H 1 10.82 62.20 40.72
N ARG H 2 9.82 63.07 40.88
CA ARG H 2 10.07 64.48 41.11
C ARG H 2 10.23 64.72 42.60
N VAL H 3 11.36 65.33 42.97
CA VAL H 3 11.70 65.59 44.36
C VAL H 3 11.23 66.97 44.76
N MET H 4 10.45 67.04 45.83
CA MET H 4 9.90 68.30 46.32
C MET H 4 10.74 68.77 47.50
N THR H 5 10.94 70.09 47.58
CA THR H 5 11.77 70.70 48.61
C THR H 5 10.98 71.82 49.27
N GLN H 6 10.79 71.73 50.58
CA GLN H 6 10.02 72.73 51.29
C GLN H 6 10.95 73.81 51.83
N SER H 7 10.36 74.96 52.16
CA SER H 7 11.12 76.09 52.66
C SER H 7 10.15 77.09 53.28
N PRO H 8 10.58 77.83 54.31
CA PRO H 8 11.83 77.55 55.04
C PRO H 8 11.66 76.34 55.95
N ALA H 9 12.69 75.99 56.72
CA ALA H 9 12.56 74.85 57.63
C ALA H 9 11.67 75.22 58.82
N THR H 10 11.92 76.38 59.42
CA THR H 10 11.18 76.82 60.59
C THR H 10 10.68 78.24 60.35
N LEU H 11 9.69 78.66 61.12
CA LEU H 11 9.08 79.98 60.97
C LEU H 11 8.39 80.34 62.28
N SER H 12 8.69 81.53 62.80
CA SER H 12 8.08 82.03 64.03
C SER H 12 7.51 83.41 63.75
N VAL H 13 6.17 83.49 63.70
CA VAL H 13 5.45 84.71 63.37
C VAL H 13 4.53 85.07 64.51
N SER H 14 4.39 86.38 64.75
CA SER H 14 3.49 86.88 65.77
C SER H 14 2.06 86.40 65.52
N PRO H 15 1.26 86.24 66.58
CA PRO H 15 -0.12 85.79 66.40
C PRO H 15 -0.92 86.78 65.57
N GLY H 16 -1.87 86.26 64.79
CA GLY H 16 -2.83 87.09 64.10
C GLY H 16 -2.43 87.51 62.71
N GLU H 17 -1.23 87.15 62.26
CA GLU H 17 -0.71 87.59 60.98
C GLU H 17 -0.76 86.43 59.98
N ARG H 18 -0.21 86.64 58.80
CA ARG H 18 -0.18 85.67 57.74
C ARG H 18 1.07 84.80 57.84
N ALA H 19 1.02 83.65 57.16
CA ALA H 19 2.16 82.75 57.11
C ALA H 19 2.28 82.22 55.68
N THR H 20 3.53 82.12 55.23
CA THR H 20 3.86 81.80 53.84
C THR H 20 4.87 80.66 53.83
N LEU H 21 4.51 79.58 53.14
CA LEU H 21 5.35 78.41 53.02
C LEU H 21 5.54 78.12 51.54
N SER H 22 6.80 77.94 51.12
CA SER H 22 7.10 77.67 49.72
C SER H 22 7.46 76.20 49.58
N CYS H 23 7.01 75.58 48.50
CA CYS H 23 7.41 74.22 48.16
C CYS H 23 7.78 74.20 46.68
N ARG H 24 8.99 73.71 46.37
CA ARG H 24 9.56 73.83 45.03
C ARG H 24 9.75 72.45 44.44
N ALA H 25 9.24 72.25 43.22
CA ALA H 25 9.40 70.99 42.50
C ALA H 25 10.55 71.05 41.50
N SER H 26 10.90 69.87 40.99
CA SER H 26 11.97 69.69 40.00
C SER H 26 11.47 69.26 38.62
N GLU H 27 10.22 68.76 38.52
CA GLU H 27 9.56 68.33 37.29
C GLU H 27 8.30 69.17 37.19
N SER H 28 7.25 68.74 36.48
CA SER H 28 6.03 69.53 36.50
C SER H 28 5.07 68.96 37.55
N VAL H 29 4.42 69.88 38.26
CA VAL H 29 3.46 69.58 39.31
C VAL H 29 2.19 70.41 39.19
N SER H 30 2.11 71.28 38.18
CA SER H 30 1.03 72.24 37.93
C SER H 30 -0.24 72.05 38.75
N SER H 31 -0.99 70.96 38.64
CA SER H 31 -2.13 70.98 39.55
C SER H 31 -2.21 69.72 40.40
N ASP H 32 -1.09 69.02 40.57
CA ASP H 32 -1.08 67.81 41.38
C ASP H 32 -0.55 68.15 42.76
N LEU H 33 -1.42 68.38 43.74
CA LEU H 33 -0.86 68.76 45.04
C LEU H 33 -1.84 68.44 46.15
N ALA H 34 -1.39 68.71 47.37
CA ALA H 34 -2.17 68.73 48.60
C ALA H 34 -1.29 69.37 49.67
N TRP H 35 -1.92 69.82 50.74
CA TRP H 35 -1.17 70.44 51.83
C TRP H 35 -1.64 69.81 53.11
N TYR H 36 -0.71 69.34 53.94
CA TYR H 36 -1.08 68.67 55.18
C TYR H 36 -0.53 69.43 56.38
N GLN H 37 -1.39 69.55 57.39
CA GLN H 37 -1.06 70.15 58.67
C GLN H 37 -1.14 69.02 59.70
N GLN H 38 0.02 68.56 60.14
CA GLN H 38 0.15 67.44 61.06
C GLN H 38 0.37 68.06 62.44
N LYS H 39 -0.74 68.35 63.09
CA LYS H 39 -0.69 68.84 64.46
C LYS H 39 0.03 67.79 65.30
N PRO H 40 0.93 68.19 66.19
CA PRO H 40 1.80 67.20 66.83
C PRO H 40 1.03 66.19 67.67
N GLY H 41 1.05 64.92 67.27
CA GLY H 41 0.43 63.90 68.08
C GLY H 41 -0.47 62.92 67.36
N GLN H 42 -0.74 63.13 66.08
CA GLN H 42 -1.61 62.22 65.34
C GLN H 42 -1.27 62.37 63.85
N ALA H 43 -2.04 61.72 62.99
CA ALA H 43 -1.79 61.69 61.56
C ALA H 43 -2.02 63.06 60.95
N PRO H 44 -1.45 63.32 59.77
CA PRO H 44 -1.66 64.62 59.13
C PRO H 44 -3.11 64.80 58.68
N ARG H 45 -3.43 66.02 58.29
CA ARG H 45 -4.77 66.41 57.85
C ARG H 45 -4.70 67.23 56.58
N LEU H 46 -5.49 66.86 55.58
CA LEU H 46 -5.48 67.55 54.30
C LEU H 46 -6.20 68.89 54.44
N LEU H 47 -5.56 69.95 53.94
CA LEU H 47 -6.14 71.29 53.93
C LEU H 47 -6.59 71.68 52.53
N ILE H 48 -5.68 71.63 51.56
CA ILE H 48 -5.92 72.16 50.23
C ILE H 48 -5.31 71.20 49.22
N TYR H 49 -6.12 70.71 48.29
CA TYR H 49 -5.68 69.74 47.29
C TYR H 49 -5.67 70.44 45.93
N GLY H 50 -5.30 69.70 44.89
CA GLY H 50 -5.20 70.28 43.56
C GLY H 50 -4.33 71.52 43.55
N ALA H 51 -4.87 72.65 43.08
CA ALA H 51 -4.08 73.87 43.04
C ALA H 51 -4.32 74.71 44.30
N SER H 52 -5.59 74.98 44.61
CA SER H 52 -5.91 75.81 45.77
C SER H 52 -7.26 75.45 46.37
N THR H 53 -7.89 74.36 45.95
CA THR H 53 -9.21 74.01 46.47
C THR H 53 -9.12 73.60 47.93
N ARG H 54 -9.96 74.19 48.76
CA ARG H 54 -9.92 73.95 50.19
C ARG H 54 -10.72 72.69 50.49
N ALA H 55 -10.08 71.69 51.10
CA ALA H 55 -10.81 70.48 51.46
C ALA H 55 -12.00 70.85 52.34
N THR H 56 -13.05 70.04 52.27
CA THR H 56 -14.25 70.32 53.04
C THR H 56 -13.91 70.59 54.50
N GLY H 57 -14.64 71.52 55.10
CA GLY H 57 -14.44 71.86 56.49
C GLY H 57 -13.27 72.80 56.72
N ILE H 58 -12.15 72.53 56.06
CA ILE H 58 -10.91 73.29 56.18
C ILE H 58 -11.22 74.78 56.19
N PRO H 59 -10.93 75.48 57.29
CA PRO H 59 -11.23 76.91 57.37
C PRO H 59 -10.73 77.70 56.17
N ALA H 60 -11.58 78.61 55.67
CA ALA H 60 -11.22 79.46 54.55
C ALA H 60 -9.94 80.24 54.79
N ARG H 61 -9.47 80.34 56.04
CA ARG H 61 -8.26 81.07 56.38
C ARG H 61 -7.03 80.62 55.61
N PHE H 62 -7.08 79.46 54.95
CA PHE H 62 -5.96 78.98 54.18
C PHE H 62 -6.14 79.34 52.71
N SER H 63 -5.01 79.54 52.02
CA SER H 63 -5.04 79.85 50.61
C SER H 63 -3.80 79.27 49.96
N GLY H 64 -4.00 78.48 48.91
CA GLY H 64 -2.91 77.87 48.17
C GLY H 64 -2.72 78.56 46.84
N SER H 65 -1.49 78.51 46.33
CA SER H 65 -1.19 79.13 45.05
C SER H 65 0.04 78.46 44.48
N GLY H 66 0.32 78.79 43.22
CA GLY H 66 1.47 78.27 42.51
C GLY H 66 1.08 77.23 41.48
N SER H 67 2.05 76.93 40.62
CA SER H 67 1.85 75.99 39.51
C SER H 67 3.19 75.75 38.84
N GLY H 68 3.32 74.59 38.20
CA GLY H 68 4.56 74.28 37.52
C GLY H 68 5.56 73.57 38.42
N THR H 69 6.51 74.34 38.94
CA THR H 69 7.53 73.83 39.85
C THR H 69 7.55 74.55 41.19
N GLU H 70 6.65 75.51 41.42
CA GLU H 70 6.69 76.33 42.62
C GLU H 70 5.28 76.52 43.14
N PHE H 71 5.10 76.32 44.46
CA PHE H 71 3.81 76.46 45.11
C PHE H 71 3.99 77.11 46.47
N THR H 72 2.89 77.64 47.01
CA THR H 72 2.92 78.36 48.27
C THR H 72 1.61 78.15 49.01
N LEU H 73 1.71 78.01 50.33
CA LEU H 73 0.56 77.95 51.22
C LEU H 73 0.58 79.19 52.11
N THR H 74 -0.60 79.75 52.36
CA THR H 74 -0.71 80.99 53.11
C THR H 74 -1.84 80.89 54.13
N ILE H 75 -1.56 81.36 55.34
CA ILE H 75 -2.51 81.34 56.45
C ILE H 75 -2.83 82.78 56.80
N SER H 76 -4.12 83.11 56.94
CA SER H 76 -4.50 84.50 57.13
C SER H 76 -4.10 85.03 58.50
N SER H 77 -4.60 84.43 59.59
CA SER H 77 -4.35 84.97 60.93
C SER H 77 -4.14 83.81 61.90
N LEU H 78 -2.88 83.51 62.21
CA LEU H 78 -2.56 82.42 63.13
C LEU H 78 -3.00 82.66 64.58
N GLN H 79 -3.79 81.73 65.10
CA GLN H 79 -4.11 81.61 66.52
C GLN H 79 -3.15 80.60 67.16
N SER H 80 -3.22 80.51 68.49
CA SER H 80 -2.25 79.76 69.28
C SER H 80 -2.15 78.28 68.89
N GLU H 81 -3.23 77.67 68.38
CA GLU H 81 -3.20 76.24 68.10
C GLU H 81 -2.68 75.90 66.70
N ASP H 82 -2.34 76.90 65.89
CA ASP H 82 -1.86 76.65 64.52
C ASP H 82 -0.49 75.98 64.47
N SER H 83 0.22 75.89 65.58
CA SER H 83 1.56 75.29 65.61
C SER H 83 1.54 73.81 65.25
N ALA H 84 2.23 73.46 64.17
CA ALA H 84 2.26 72.08 63.67
C ALA H 84 3.32 71.97 62.58
N VAL H 85 3.39 70.77 61.97
CA VAL H 85 4.29 70.53 60.85
C VAL H 85 3.45 70.47 59.58
N TYR H 86 4.02 70.92 58.46
CA TYR H 86 3.28 70.99 57.21
C TYR H 86 4.04 70.30 56.09
N TYR H 87 3.29 69.63 55.20
CA TYR H 87 3.89 68.87 54.10
C TYR H 87 3.16 69.11 52.78
N CYS H 88 3.93 69.24 51.68
CA CYS H 88 3.38 69.37 50.33
C CYS H 88 3.52 68.03 49.62
N GLN H 89 2.39 67.42 49.24
CA GLN H 89 2.39 66.10 48.61
C GLN H 89 2.04 66.16 47.13
N GLN H 90 2.90 65.60 46.29
CA GLN H 90 2.61 65.53 44.86
C GLN H 90 2.16 64.13 44.49
N TYR H 91 1.43 64.05 43.39
CA TYR H 91 0.85 62.82 42.92
C TYR H 91 0.76 62.96 41.40
N ASN H 92 1.90 63.24 40.77
CA ASN H 92 1.94 63.47 39.33
C ASN H 92 1.85 62.17 38.57
N ASN H 93 1.98 61.05 39.28
CA ASN H 93 1.96 59.73 38.69
C ASN H 93 0.85 58.90 39.29
N TRP H 94 -0.06 59.53 40.07
CA TRP H 94 -1.14 58.96 40.86
C TRP H 94 -1.12 57.41 40.82
N PRO H 95 -1.77 56.67 39.90
CA PRO H 95 -1.68 55.21 39.98
C PRO H 95 -0.24 54.76 39.79
N PRO H 96 0.27 53.81 40.57
CA PRO H 96 0.56 53.97 42.00
C PRO H 96 1.73 54.92 42.30
N GLY H 97 1.46 56.05 42.96
CA GLY H 97 2.53 56.99 43.23
C GLY H 97 2.23 58.17 44.11
N TYR H 98 3.26 58.62 44.83
CA TYR H 98 3.31 59.77 45.72
C TYR H 98 4.76 60.11 46.00
N THR H 99 4.97 61.38 46.36
CA THR H 99 6.28 61.87 46.77
C THR H 99 6.07 62.97 47.78
N PHE H 100 6.60 62.78 48.99
CA PHE H 100 6.36 63.64 50.12
C PHE H 100 7.45 64.71 50.17
N GLY H 101 7.34 65.62 51.15
CA GLY H 101 8.34 66.64 51.34
C GLY H 101 9.13 66.42 52.62
N GLN H 102 9.92 67.44 52.97
CA GLN H 102 10.70 67.39 54.19
C GLN H 102 9.96 67.91 55.41
N GLY H 103 8.80 68.51 55.24
CA GLY H 103 8.06 69.01 56.37
C GLY H 103 8.55 70.40 56.78
N THR H 104 7.66 71.13 57.45
CA THR H 104 7.94 72.48 57.89
C THR H 104 7.40 72.67 59.30
N LYS H 105 8.19 73.28 60.17
CA LYS H 105 7.81 73.48 61.55
C LYS H 105 7.35 74.93 61.75
N LEU H 106 6.09 75.11 62.15
CA LEU H 106 5.50 76.43 62.33
C LEU H 106 5.11 76.65 63.78
N GLU H 107 5.47 77.81 64.33
CA GLU H 107 5.17 78.12 65.72
C GLU H 107 4.59 79.53 65.80
N ILE H 108 4.35 80.03 67.02
CA ILE H 108 3.74 81.34 67.23
C ILE H 108 4.48 82.06 68.36
N LYS H 109 4.93 83.28 68.08
CA LYS H 109 5.57 84.15 69.08
C LYS H 109 6.61 83.43 69.92
N GLU I 1 -18.52 57.23 63.34
CA GLU I 1 -18.17 58.04 62.19
C GLU I 1 -17.26 57.25 61.24
N VAL I 2 -17.16 57.69 59.98
CA VAL I 2 -16.25 57.06 59.04
C VAL I 2 -14.83 57.11 59.58
N GLN I 3 -14.18 55.95 59.64
CA GLN I 3 -12.91 55.85 60.33
C GLN I 3 -12.21 54.57 59.89
N LEU I 4 -10.91 54.54 60.15
CA LEU I 4 -10.07 53.36 60.02
C LEU I 4 -9.22 53.21 61.27
N VAL I 5 -9.37 52.08 61.96
CA VAL I 5 -8.65 51.78 63.18
C VAL I 5 -7.70 50.64 62.87
N GLU I 6 -6.50 50.69 63.45
CA GLU I 6 -5.45 49.77 63.06
C GLU I 6 -5.01 48.94 64.25
N SER I 7 -4.38 47.81 63.93
CA SER I 7 -3.85 46.90 64.94
C SER I 7 -2.71 46.12 64.32
N GLY I 8 -2.00 45.39 65.18
CA GLY I 8 -0.82 44.66 64.78
C GLY I 8 0.47 45.33 65.18
N GLY I 9 0.42 46.61 65.55
CA GLY I 9 1.62 47.33 65.92
C GLY I 9 2.27 46.71 67.15
N GLY I 10 3.60 46.72 67.16
CA GLY I 10 4.35 46.15 68.28
C GLY I 10 5.83 46.13 68.01
N LEU I 11 6.48 45.11 68.55
CA LEU I 11 7.91 44.95 68.41
C LEU I 11 8.18 43.52 67.97
N VAL I 12 9.11 43.34 67.03
CA VAL I 12 9.48 42.04 66.50
C VAL I 12 10.94 42.05 66.08
N GLN I 13 11.59 40.88 66.17
CA GLN I 13 13.01 40.80 65.84
C GLN I 13 13.23 40.91 64.33
N PRO I 14 14.37 41.50 63.91
CA PRO I 14 14.63 41.68 62.47
C PRO I 14 14.56 40.40 61.64
N GLY I 15 14.29 40.57 60.34
CA GLY I 15 14.09 39.47 59.41
C GLY I 15 12.80 38.70 59.57
N GLY I 16 12.12 38.85 60.70
CA GLY I 16 10.87 38.18 60.96
C GLY I 16 9.72 38.79 60.17
N SER I 17 8.55 38.21 60.36
CA SER I 17 7.35 38.69 59.69
C SER I 17 6.42 39.28 60.74
N LEU I 18 5.36 39.91 60.27
CA LEU I 18 4.37 40.51 61.15
C LEU I 18 3.20 40.86 60.26
N ARG I 19 2.05 41.15 60.87
CA ARG I 19 0.90 41.51 60.05
C ARG I 19 0.08 42.60 60.73
N LEU I 20 -0.08 43.72 60.02
CA LEU I 20 -0.90 44.84 60.45
C LEU I 20 -2.26 44.72 59.80
N SER I 21 -3.28 45.07 60.54
CA SER I 21 -4.67 44.95 60.12
C SER I 21 -5.34 46.29 60.30
N CYS I 22 -6.30 46.56 59.42
CA CYS I 22 -6.95 47.85 59.35
C CYS I 22 -8.44 47.59 59.16
N ALA I 23 -9.22 48.07 60.09
CA ALA I 23 -10.68 47.93 60.06
C ALA I 23 -11.27 49.29 59.80
N ALA I 24 -12.40 49.30 59.10
CA ALA I 24 -12.99 50.55 58.68
C ALA I 24 -14.45 50.57 59.09
N SER I 25 -15.06 51.73 58.93
CA SER I 25 -16.44 51.90 59.37
C SER I 25 -17.06 53.04 58.58
N GLY I 26 -18.35 52.90 58.25
CA GLY I 26 -19.05 53.92 57.52
C GLY I 26 -18.52 54.09 56.12
N ILE I 27 -17.51 53.29 55.77
CA ILE I 27 -16.92 53.31 54.44
C ILE I 27 -16.54 51.89 54.04
N THR I 28 -16.68 51.61 52.76
CA THR I 28 -16.37 50.31 52.18
C THR I 28 -14.88 50.31 51.81
N VAL I 29 -14.31 49.12 51.70
CA VAL I 29 -12.92 48.97 51.29
C VAL I 29 -12.80 48.33 49.92
N SER I 30 -13.65 47.34 49.62
CA SER I 30 -13.60 46.66 48.33
C SER I 30 -13.56 47.65 47.18
N ARG I 31 -14.37 48.71 47.28
CA ARG I 31 -14.51 49.71 46.23
C ARG I 31 -13.74 50.99 46.53
N ASN I 32 -12.82 50.96 47.48
CA ASN I 32 -12.07 52.16 47.86
C ASN I 32 -10.59 51.96 47.61
N TYR I 33 -9.97 52.95 46.96
CA TYR I 33 -8.55 52.93 46.69
C TYR I 33 -7.82 52.93 48.03
N MET I 34 -7.20 51.81 48.39
CA MET I 34 -6.55 51.71 49.69
C MET I 34 -5.06 51.98 49.53
N SER I 35 -4.46 52.60 50.55
CA SER I 35 -3.05 52.96 50.47
C SER I 35 -2.42 52.89 51.85
N TRP I 36 -1.37 52.09 51.97
CA TRP I 36 -0.65 52.03 53.23
C TRP I 36 0.53 52.98 53.15
N VAL I 37 0.64 53.85 54.14
CA VAL I 37 1.69 54.85 54.25
C VAL I 37 2.46 54.58 55.53
N ARG I 38 3.69 55.07 55.60
CA ARG I 38 4.49 54.94 56.80
C ARG I 38 5.31 56.19 57.05
N GLN I 39 5.79 56.31 58.27
CA GLN I 39 6.56 57.48 58.71
C GLN I 39 7.65 56.98 59.63
N ALA I 40 8.89 57.23 59.27
CA ALA I 40 9.97 56.95 60.20
C ALA I 40 10.03 58.02 61.29
N PRO I 41 10.35 57.62 62.53
CA PRO I 41 10.42 58.59 63.64
C PRO I 41 11.34 59.76 63.34
N GLY I 42 10.80 60.98 63.22
CA GLY I 42 11.63 62.14 62.99
C GLY I 42 11.82 62.49 61.54
N LYS I 43 11.44 61.62 60.63
CA LYS I 43 11.64 61.78 59.20
C LYS I 43 10.33 62.19 58.54
N GLY I 44 10.37 62.28 57.22
CA GLY I 44 9.24 62.63 56.40
C GLY I 44 8.25 61.48 56.35
N LEU I 45 7.51 61.37 55.26
CA LEU I 45 6.53 60.30 55.11
C LEU I 45 6.89 59.50 53.86
N GLU I 46 6.33 58.28 53.75
CA GLU I 46 6.61 57.49 52.55
C GLU I 46 5.47 56.56 52.19
N TRP I 47 5.08 56.63 50.93
CA TRP I 47 4.09 55.71 50.40
C TRP I 47 4.63 54.29 50.40
N VAL I 48 3.93 53.38 51.07
CA VAL I 48 4.38 51.99 51.18
C VAL I 48 3.71 51.08 50.16
N SER I 49 2.39 51.16 50.04
CA SER I 49 1.67 50.24 49.17
C SER I 49 0.32 50.82 48.81
N VAL I 50 -0.32 50.19 47.82
CA VAL I 50 -1.63 50.60 47.35
C VAL I 50 -2.34 49.37 46.81
N MET I 51 -3.63 49.29 47.07
CA MET I 51 -4.48 48.29 46.46
C MET I 51 -5.64 49.03 45.80
N PHE I 52 -5.97 48.63 44.58
CA PHE I 52 -7.02 49.26 43.82
C PHE I 52 -8.37 48.63 44.14
N ALA I 53 -9.42 49.12 43.50
CA ALA I 53 -10.76 48.60 43.73
C ALA I 53 -11.03 47.35 42.92
N GLY I 54 -10.12 46.95 42.03
CA GLY I 54 -10.27 45.70 41.32
C GLY I 54 -9.32 44.67 41.88
N GLY I 55 -8.37 45.09 42.71
CA GLY I 55 -7.47 44.19 43.37
C GLY I 55 -6.02 44.30 42.96
N SER I 56 -5.73 44.85 41.78
CA SER I 56 -4.35 44.95 41.32
C SER I 56 -3.57 45.90 42.22
N THR I 57 -2.72 45.35 43.07
CA THR I 57 -1.97 46.13 44.04
C THR I 57 -0.56 46.45 43.55
N PHE I 58 0.09 47.32 44.30
CA PHE I 58 1.46 47.74 44.05
C PHE I 58 2.11 48.13 45.38
N TYR I 59 3.43 48.06 45.40
CA TYR I 59 4.23 48.31 46.58
C TYR I 59 5.42 49.17 46.20
N ALA I 60 5.97 49.90 47.16
CA ALA I 60 7.16 50.66 46.90
C ALA I 60 8.35 49.72 46.66
N ASP I 61 9.43 50.30 46.13
CA ASP I 61 10.61 49.51 45.80
C ASP I 61 11.35 49.09 47.06
N SER I 62 11.39 49.96 48.07
CA SER I 62 12.11 49.66 49.29
C SER I 62 11.58 48.39 49.95
N VAL I 63 10.30 48.08 49.74
CA VAL I 63 9.68 46.90 50.33
C VAL I 63 9.26 45.87 49.29
N LYS I 64 9.75 45.99 48.05
CA LYS I 64 9.33 45.01 47.05
C LYS I 64 9.88 43.65 47.47
N GLY I 65 9.06 42.62 47.30
CA GLY I 65 9.48 41.29 47.64
C GLY I 65 9.31 40.94 49.11
N ARG I 66 8.94 41.91 49.94
CA ARG I 66 8.81 41.68 51.37
C ARG I 66 7.41 41.90 51.93
N PHE I 67 6.61 42.80 51.37
CA PHE I 67 5.30 43.09 51.91
C PHE I 67 4.20 42.65 50.95
N THR I 68 3.06 42.30 51.51
CA THR I 68 1.94 41.79 50.71
C THR I 68 0.63 42.29 51.30
N ILE I 69 -0.13 43.03 50.49
CA ILE I 69 -1.40 43.64 50.91
C ILE I 69 -2.53 42.69 50.57
N SER I 70 -3.54 42.63 51.40
CA SER I 70 -4.68 41.78 51.11
C SER I 70 -5.88 42.38 51.81
N ARG I 71 -7.07 41.93 51.44
CA ARG I 71 -8.24 42.56 52.05
C ARG I 71 -9.39 41.58 52.08
N ASP I 72 -9.98 41.44 53.27
CA ASP I 72 -11.17 40.62 53.51
C ASP I 72 -12.39 41.46 53.15
N ASN I 73 -12.78 41.42 51.87
CA ASN I 73 -13.93 42.21 51.45
C ASN I 73 -15.17 41.82 52.22
N SER I 74 -15.29 40.52 52.55
CA SER I 74 -16.47 39.98 53.21
C SER I 74 -16.82 40.74 54.48
N LYS I 75 -15.81 41.20 55.22
CA LYS I 75 -16.05 41.94 56.46
C LYS I 75 -15.42 43.32 56.45
N ASN I 76 -15.15 43.87 55.28
CA ASN I 76 -14.81 45.29 55.12
C ASN I 76 -13.54 45.64 55.91
N THR I 77 -12.43 45.03 55.52
CA THR I 77 -11.17 45.27 56.22
C THR I 77 -10.00 45.06 55.27
N LEU I 78 -8.86 45.64 55.65
CA LEU I 78 -7.61 45.64 54.91
C LEU I 78 -6.52 45.02 55.79
N TYR I 79 -5.47 44.52 55.13
CA TYR I 79 -4.36 43.89 55.83
C TYR I 79 -3.07 44.17 55.07
N LEU I 80 -1.97 44.16 55.81
CA LEU I 80 -0.63 44.29 55.23
C LEU I 80 0.29 43.37 56.01
N GLN I 81 0.78 42.34 55.33
CA GLN I 81 1.75 41.41 55.85
C GLN I 81 3.14 41.93 55.53
N MET I 82 4.04 41.88 56.51
CA MET I 82 5.41 42.27 56.30
C MET I 82 6.31 41.08 56.57
N ASN I 83 7.44 41.06 55.86
CA ASN I 83 8.48 40.07 56.03
C ASN I 83 9.84 40.73 55.84
N SER I 84 10.89 39.99 56.22
CA SER I 84 12.27 40.43 56.05
C SER I 84 12.46 41.84 56.61
N LEU I 85 12.00 42.03 57.84
CA LEU I 85 12.14 43.33 58.47
C LEU I 85 13.62 43.64 58.72
N ARG I 86 14.09 44.72 58.09
CA ARG I 86 15.44 45.24 58.20
C ARG I 86 15.47 46.45 59.11
N ALA I 87 16.66 47.04 59.20
CA ALA I 87 16.88 48.12 60.15
C ALA I 87 16.01 49.35 59.90
N GLU I 88 15.56 49.56 58.66
CA GLU I 88 14.78 50.76 58.32
C GLU I 88 13.35 50.69 58.83
N ASP I 89 12.69 49.53 58.77
CA ASP I 89 11.23 49.47 58.90
C ASP I 89 10.71 49.89 60.28
N THR I 90 11.55 50.30 61.22
CA THR I 90 11.03 50.80 62.49
C THR I 90 10.34 52.12 62.22
N ALA I 91 9.01 52.13 62.25
CA ALA I 91 8.25 53.30 61.84
C ALA I 91 6.81 53.16 62.32
N VAL I 92 6.07 54.26 62.19
CA VAL I 92 4.65 54.27 62.49
C VAL I 92 3.90 54.10 61.18
N TYR I 93 2.96 53.15 61.14
CA TYR I 93 2.29 52.77 59.91
C TYR I 93 0.86 53.26 59.93
N TYR I 94 0.43 53.86 58.82
CA TYR I 94 -0.88 54.45 58.67
C TYR I 94 -1.65 53.79 57.53
N CYS I 95 -2.96 53.73 57.70
CA CYS I 95 -3.91 53.19 56.73
C CYS I 95 -4.71 54.34 56.12
N ALA I 96 -4.91 54.32 54.80
CA ALA I 96 -5.57 55.48 54.21
C ALA I 96 -6.43 55.09 53.02
N ARG I 97 -7.37 55.98 52.71
CA ARG I 97 -8.31 55.86 51.58
C ARG I 97 -8.05 57.09 50.72
N ASP I 98 -7.55 56.89 49.52
CA ASP I 98 -7.19 57.99 48.63
C ASP I 98 -8.09 58.07 47.40
N LEU I 99 -8.57 59.27 47.10
CA LEU I 99 -9.34 59.57 45.90
C LEU I 99 -8.49 60.18 44.81
N GLY I 100 -7.57 61.07 45.17
CA GLY I 100 -6.63 61.66 44.23
C GLY I 100 -7.02 63.07 43.83
N VAL I 101 -7.09 63.32 42.52
CA VAL I 101 -7.39 64.66 42.02
C VAL I 101 -8.75 65.14 42.52
N VAL I 102 -9.67 64.23 42.80
CA VAL I 102 -10.98 64.60 43.31
C VAL I 102 -10.97 64.40 44.81
N GLY I 103 -10.25 65.28 45.51
CA GLY I 103 -10.08 65.21 46.95
C GLY I 103 -8.87 64.40 47.34
N ALA I 104 -7.85 65.03 47.91
CA ALA I 104 -6.66 64.24 48.21
C ALA I 104 -6.89 63.48 49.51
N THR I 105 -5.96 62.57 49.83
CA THR I 105 -6.09 61.73 51.01
C THR I 105 -6.57 62.56 52.20
N ASP I 106 -7.60 62.07 52.89
CA ASP I 106 -8.17 62.77 54.02
C ASP I 106 -8.28 61.86 55.23
N TYR I 107 -9.03 60.77 55.05
CA TYR I 107 -9.30 59.82 56.12
C TYR I 107 -8.09 58.90 56.29
N TRP I 108 -7.55 58.87 57.50
CA TRP I 108 -6.32 58.18 57.85
C TRP I 108 -6.61 57.24 59.00
N GLY I 109 -5.63 56.43 59.36
CA GLY I 109 -5.86 55.48 60.41
C GLY I 109 -5.09 55.98 61.60
N GLN I 110 -5.45 55.60 62.83
CA GLN I 110 -4.70 56.07 63.98
C GLN I 110 -3.22 55.72 63.90
N GLY I 111 -2.86 54.72 63.10
CA GLY I 111 -1.48 54.31 62.99
C GLY I 111 -1.16 53.22 63.98
N THR I 112 0.03 52.64 63.83
CA THR I 112 0.52 51.55 64.67
C THR I 112 2.04 51.56 64.58
N LEU I 113 2.69 51.64 65.74
CA LEU I 113 4.14 51.66 65.77
C LEU I 113 4.66 50.24 65.56
N VAL I 114 5.72 50.10 64.77
CA VAL I 114 6.37 48.83 64.53
C VAL I 114 7.86 49.07 64.68
N THR I 115 8.43 48.65 65.81
CA THR I 115 9.88 48.68 65.99
C THR I 115 10.43 47.28 66.13
N VAL I 116 11.75 47.14 66.11
CA VAL I 116 12.38 45.83 66.18
C VAL I 116 13.15 45.69 67.49
N SER I 117 13.52 44.43 67.79
CA SER I 117 14.29 44.11 69.00
C SER I 117 15.55 44.94 69.13
N SER I 118 16.28 45.11 68.03
CA SER I 118 17.53 45.87 68.04
C SER I 118 17.84 46.42 66.64
C1 NAG J . 21.12 19.60 -54.23
C2 NAG J . 21.88 19.93 -55.51
C3 NAG J . 21.12 20.96 -56.33
C4 NAG J . 19.70 20.47 -56.58
C5 NAG J . 19.02 20.13 -55.26
C6 NAG J . 17.66 19.50 -55.44
C7 NAG J . 24.31 19.60 -55.50
C8 NAG J . 25.64 20.18 -55.18
N2 NAG J . 23.24 20.37 -55.25
O3 NAG J . 21.79 21.17 -57.57
O4 NAG J . 18.95 21.48 -57.25
O5 NAG J . 19.81 19.15 -54.56
O6 NAG J . 17.77 18.13 -55.81
O7 NAG J . 24.19 18.47 -55.98
C1 NAG K . 39.02 -5.88 -42.73
C2 NAG K . 38.79 -5.64 -41.23
C3 NAG K . 38.82 -6.96 -40.45
C4 NAG K . 37.83 -7.95 -41.06
C5 NAG K . 38.15 -8.13 -42.54
C6 NAG K . 37.16 -9.03 -43.24
C7 NAG K . 39.52 -4.00 -39.58
C8 NAG K . 40.62 -3.07 -39.14
N2 NAG K . 39.76 -4.70 -40.68
O3 NAG K . 38.47 -6.71 -39.10
O4 NAG K . 37.92 -9.20 -40.40
O5 NAG K . 38.08 -6.85 -43.21
O6 NAG K . 36.01 -9.23 -42.42
O7 NAG K . 38.47 -4.10 -38.96
C1 NAG L . 11.20 -5.07 -79.00
C2 NAG L . 12.69 -5.23 -78.75
C3 NAG L . 13.31 -3.89 -78.41
C4 NAG L . 12.98 -2.87 -79.48
C5 NAG L . 11.47 -2.81 -79.71
C6 NAG L . 11.09 -1.92 -80.86
C7 NAG L . 13.83 -7.22 -77.91
C8 NAG L . 14.01 -8.15 -76.77
N2 NAG L . 12.97 -6.21 -77.73
O3 NAG L . 14.72 -4.05 -78.31
O4 NAG L . 13.47 -1.59 -79.09
O5 NAG L . 10.98 -4.11 -80.02
O6 NAG L . 11.75 -2.32 -82.06
O7 NAG L . 14.43 -7.38 -78.97
C1 NAG M . -8.67 -13.13 -98.13
C2 NAG M . -8.83 -11.69 -98.63
C3 NAG M . -10.28 -11.44 -99.05
C4 NAG M . -10.71 -12.48 -100.07
C5 NAG M . -10.46 -13.89 -99.52
C6 NAG M . -10.73 -14.97 -100.54
C7 NAG M . -7.18 -10.64 -97.17
C8 NAG M . -6.92 -9.60 -96.13
N2 NAG M . -8.43 -10.74 -97.61
O3 NAG M . -10.40 -10.14 -99.61
O4 NAG M . -12.09 -12.32 -100.38
O5 NAG M . -9.08 -14.03 -99.15
O6 NAG M . -9.55 -15.69 -100.87
O7 NAG M . -6.28 -11.36 -97.60
C1 NAG N . 11.54 -18.66 -94.57
C2 NAG N . 12.18 -17.81 -93.46
C3 NAG N . 13.25 -18.61 -92.73
C4 NAG N . 12.70 -19.93 -92.25
C5 NAG N . 12.12 -20.70 -93.42
C6 NAG N . 11.50 -22.01 -93.02
C7 NAG N . 13.20 -15.60 -93.24
C8 NAG N . 13.73 -14.41 -93.95
N2 NAG N . 12.74 -16.59 -94.01
O3 NAG N . 13.68 -17.86 -91.61
O4 NAG N . 13.74 -20.72 -91.67
O5 NAG N . 11.08 -19.91 -94.02
O6 NAG N . 12.41 -22.77 -92.23
O7 NAG N . 13.19 -15.68 -92.02
C1 NAG O . 9.98 26.39 -38.89
C2 NAG O . 10.09 25.27 -39.94
C3 NAG O . 9.65 25.78 -41.31
C4 NAG O . 8.28 26.42 -41.24
C5 NAG O . 8.27 27.51 -40.17
C6 NAG O . 6.92 28.13 -39.97
C7 NAG O . 12.54 25.47 -40.15
C8 NAG O . 13.83 24.71 -40.22
N2 NAG O . 11.44 24.73 -40.02
O3 NAG O . 9.61 24.67 -42.21
O4 NAG O . 7.96 26.99 -42.50
O5 NAG O . 8.67 26.95 -38.90
O6 NAG O . 5.89 27.20 -40.27
O7 NAG O . 12.51 26.69 -40.23
C1 NAG P . 0.17 -2.22 -84.26
C2 NAG P . -0.93 -1.86 -85.26
C3 NAG P . -0.88 -0.37 -85.58
C4 NAG P . -0.94 0.44 -84.29
C5 NAG P . 0.14 -0.01 -83.32
C6 NAG P . -0.03 0.62 -81.97
C7 NAG P . -1.72 -3.64 -86.72
C8 NAG P . -1.51 -4.39 -88.00
N2 NAG P . -0.85 -2.67 -86.46
O3 NAG P . -1.99 -0.04 -86.41
O4 NAG P . -0.76 1.83 -84.58
O5 NAG P . 0.03 -1.42 -83.09
O6 NAG P . -1.13 0.04 -81.29
O7 NAG P . -2.65 -3.90 -85.96
C1 NAG Q . 31.34 -34.46 -56.67
C2 NAG Q . 31.80 -34.93 -58.03
C3 NAG Q . 33.29 -35.18 -58.03
C4 NAG Q . 34.04 -33.97 -57.50
C5 NAG Q . 33.48 -33.56 -56.16
C6 NAG Q . 34.14 -32.33 -55.59
C7 NAG Q . 31.12 -36.65 -59.63
C8 NAG Q . 30.36 -37.92 -59.83
N2 NAG Q . 31.10 -36.14 -58.40
O3 NAG Q . 33.70 -35.45 -59.36
O4 NAG Q . 35.42 -34.28 -57.32
O5 NAG Q . 32.07 -33.31 -56.27
O6 NAG Q . 35.45 -32.64 -55.12
O7 NAG Q . 31.73 -36.10 -60.54
C1 NAG R . 30.72 18.55 6.18
C2 NAG R . 30.72 18.57 7.71
C3 NAG R . 30.29 19.94 8.20
C4 NAG R . 31.14 21.04 7.58
C5 NAG R . 31.13 20.91 6.06
C6 NAG R . 32.08 21.87 5.39
C7 NAG R . 30.28 16.68 9.19
C8 NAG R . 29.28 15.67 9.65
N2 NAG R . 29.86 17.53 8.25
O3 NAG R . 30.43 19.97 9.62
O4 NAG R . 30.64 22.31 7.96
O5 NAG R . 31.54 19.59 5.68
O6 NAG R . 33.43 21.52 5.62
O7 NAG R . 31.42 16.72 9.64
C1 NAG S . 42.75 18.63 23.10
C2 NAG S . 41.51 19.25 22.45
C3 NAG S . 41.28 20.66 23.00
C4 NAG S . 41.24 20.64 24.53
C5 NAG S . 42.49 19.96 25.08
C6 NAG S . 42.47 19.81 26.58
C7 NAG S . 41.71 18.22 20.22
C8 NAG S . 41.89 18.49 18.75
N2 NAG S . 41.66 19.30 21.01
O3 NAG S . 40.05 21.15 22.51
O4 NAG S . 41.19 21.97 25.02
O5 NAG S . 42.61 18.64 24.52
O6 NAG S . 42.96 18.54 26.99
O7 NAG S . 41.62 17.08 20.67
C1 NAG T . 47.65 -16.54 -20.47
C2 NAG T . 48.36 -15.19 -20.43
C3 NAG T . 49.86 -15.36 -20.62
C4 NAG T . 50.40 -16.36 -19.60
C5 NAG T . 49.61 -17.66 -19.66
C6 NAG T . 49.99 -18.63 -18.58
C7 NAG T . 47.41 -13.03 -21.10
C8 NAG T . 46.89 -12.20 -22.23
N2 NAG T . 47.82 -14.27 -21.42
O3 NAG T . 50.49 -14.10 -20.45
O4 NAG T . 51.77 -16.62 -19.85
O5 NAG T . 48.20 -17.38 -19.49
O6 NAG T . 49.10 -18.53 -17.48
O7 NAG T . 47.47 -12.60 -19.96
C1 NAG U . -4.03 -0.57 -83.25
C2 NAG U . -5.53 -0.38 -83.42
C3 NAG U . -5.84 1.07 -83.73
C4 NAG U . -5.24 1.98 -82.67
C5 NAG U . -3.75 1.69 -82.53
C6 NAG U . -3.09 2.47 -81.41
C7 NAG U . -6.93 -2.21 -84.24
C8 NAG U . -7.35 -3.02 -85.43
N2 NAG U . -6.03 -1.25 -84.47
O3 NAG U . -7.25 1.25 -83.78
O4 NAG U . -5.44 3.34 -83.02
O5 NAG U . -3.55 0.30 -82.24
O6 NAG U . -3.96 3.46 -80.87
O7 NAG U . -7.39 -2.41 -83.12
C1 NAG V . -30.52 18.49 10.89
C2 NAG V . -29.36 18.10 11.81
C3 NAG V . -29.85 17.19 12.93
C4 NAG V . -31.02 17.81 13.67
C5 NAG V . -32.12 18.21 12.67
C6 NAG V . -33.27 18.93 13.32
C7 NAG V . -27.31 18.17 10.45
C8 NAG V . -26.29 17.35 9.73
N2 NAG V . -28.28 17.48 11.07
O3 NAG V . -28.78 16.92 13.82
O4 NAG V . -31.56 16.89 14.61
O5 NAG V . -31.58 19.08 11.67
O6 NAG V . -33.52 20.19 12.70
O7 NAG V . -27.26 19.39 10.48
C1 NAG W . -27.61 34.86 19.86
C2 NAG W . -28.37 34.13 20.97
C3 NAG W . -29.02 35.13 21.91
C4 NAG W . -27.99 36.13 22.43
C5 NAG W . -27.26 36.78 21.27
C6 NAG W . -26.16 37.71 21.71
C7 NAG W . -29.06 32.02 19.92
C8 NAG W . -30.20 31.22 19.39
N2 NAG W . -29.35 33.23 20.41
O3 NAG W . -29.62 34.44 23.00
O4 NAG W . -28.66 37.12 23.20
O5 NAG W . -26.67 35.78 20.44
O6 NAG W . -25.01 37.57 20.87
O7 NAG W . -27.90 31.59 19.90
C1 NAG X . -21.12 31.82 -33.50
C2 NAG X . -21.03 30.93 -34.73
C3 NAG X . -19.69 31.12 -35.42
C4 NAG X . -19.44 32.58 -35.72
C5 NAG X . -19.60 33.42 -34.45
C6 NAG X . -19.49 34.90 -34.70
C7 NAG X . -22.42 29.05 -33.98
C8 NAG X . -22.48 27.58 -33.72
N2 NAG X . -21.26 29.52 -34.41
O3 NAG X . -19.68 30.37 -36.63
O4 NAG X . -18.12 32.76 -36.21
O5 NAG X . -20.90 33.18 -33.88
O6 NAG X . -19.38 35.20 -36.08
O7 NAG X . -23.40 29.78 -33.80
C1 NAG Y . -49.29 -17.15 -31.82
C2 NAG Y . -48.96 -16.97 -33.30
C3 NAG Y . -49.75 -17.96 -34.15
C4 NAG Y . -49.52 -19.38 -33.65
C5 NAG Y . -49.82 -19.47 -32.15
C6 NAG Y . -49.49 -20.81 -31.56
C7 NAG Y . -48.29 -14.90 -34.40
C8 NAG Y . -48.69 -13.50 -34.78
N2 NAG Y . -49.20 -15.60 -33.73
O3 NAG Y . -49.37 -17.85 -35.50
O4 NAG Y . -50.33 -20.29 -34.37
O5 NAG Y . -49.03 -18.50 -31.44
O6 NAG Y . -48.47 -20.71 -30.57
O7 NAG Y . -47.20 -15.37 -34.72
C1 NAG Z . -30.78 11.74 -43.66
C2 NAG Z . -30.48 11.92 -42.16
C3 NAG Z . -29.24 12.78 -41.95
C4 NAG Z . -28.07 12.23 -42.75
C5 NAG Z . -28.46 12.13 -44.22
C6 NAG Z . -27.37 11.53 -45.09
C7 NAG Z . -31.78 12.48 -40.14
C8 NAG Z . -33.03 13.11 -39.62
N2 NAG Z . -31.63 12.49 -41.48
O3 NAG Z . -28.90 12.81 -40.57
O4 NAG Z . -26.94 13.09 -42.60
O5 NAG Z . -29.61 11.27 -44.35
O6 NAG Z . -27.73 11.61 -46.46
O7 NAG Z . -30.93 11.99 -39.40
C1 NAG AA . -33.76 -26.62 -65.17
C2 NAG AA . -34.60 -25.98 -66.27
C3 NAG AA . -36.06 -25.97 -65.87
C4 NAG AA . -36.52 -27.37 -65.49
C5 NAG AA . -35.61 -27.96 -64.44
C6 NAG AA . -35.92 -29.40 -64.14
C7 NAG AA . -34.13 -24.09 -67.78
C8 NAG AA . -33.62 -22.69 -67.87
N2 NAG AA . -34.14 -24.64 -66.55
O3 NAG AA . -36.85 -25.51 -66.97
O4 NAG AA . -37.84 -27.33 -64.95
O5 NAG AA . -34.24 -27.92 -64.90
O6 NAG AA . -36.49 -30.02 -65.29
O7 NAG AA . -34.52 -24.71 -68.75
C1 NAG BA . -27.39 -53.50 -79.07
C2 NAG BA . -28.80 -52.92 -78.97
C3 NAG BA . -29.77 -53.70 -79.83
C4 NAG BA . -29.25 -53.77 -81.26
C5 NAG BA . -27.83 -54.33 -81.28
C6 NAG BA . -27.21 -54.26 -82.65
C7 NAG BA . -30.26 -52.07 -77.21
C8 NAG BA . -30.63 -52.12 -75.77
N2 NAG BA . -29.26 -52.86 -77.59
O3 NAG BA . -31.04 -53.07 -79.80
O4 NAG BA . -30.09 -54.62 -82.05
O5 NAG BA . -27.00 -53.52 -80.43
O6 NAG BA . -28.03 -53.51 -83.55
O7 NAG BA . -30.84 -51.35 -78.01
C1 NAG CA . -31.49 -31.22 -83.52
C2 NAG CA . -32.82 -30.66 -83.99
C3 NAG CA . -33.01 -30.86 -85.48
C4 NAG CA . -31.82 -30.31 -86.25
C5 NAG CA . -30.55 -30.96 -85.71
C6 NAG CA . -29.29 -30.42 -86.33
C7 NAG CA . -34.29 -30.80 -82.06
C8 NAG CA . -35.44 -31.51 -81.41
N2 NAG CA . -33.92 -31.25 -83.25
O3 NAG CA . -34.18 -30.19 -85.92
O4 NAG CA . -31.97 -30.57 -87.63
O5 NAG CA . -30.45 -30.71 -84.31
O6 NAG CA . -28.82 -29.29 -85.59
O7 NAG CA . -33.72 -29.87 -81.51
C1 NAG DA . -39.54 -20.48 -14.20
C2 NAG DA . -40.30 -20.80 -15.49
C3 NAG DA . -41.52 -21.68 -15.21
C4 NAG DA . -41.11 -22.92 -14.43
C5 NAG DA . -40.37 -22.50 -13.17
C6 NAG DA . -39.86 -23.68 -12.35
C7 NAG DA . -41.52 -18.66 -15.60
C8 NAG DA . -41.87 -17.47 -16.46
N2 NAG DA . -40.73 -19.57 -16.16
O3 NAG DA . -42.11 -22.08 -16.44
O4 NAG DA . -42.27 -23.67 -14.08
O5 NAG DA . -39.23 -21.70 -13.52
O6 NAG DA . -40.76 -24.76 -12.40
O7 NAG DA . -41.94 -18.76 -14.46
C1 NAG EA . -34.61 -41.86 -64.89
C2 NAG EA . -34.27 -43.32 -65.16
C3 NAG EA . -35.22 -44.24 -64.41
C4 NAG EA . -35.21 -43.88 -62.93
C5 NAG EA . -35.51 -42.40 -62.73
C6 NAG EA . -35.31 -42.01 -61.29
C7 NAG EA . -33.31 -44.33 -67.18
C8 NAG EA . -33.46 -44.55 -68.65
N2 NAG EA . -34.28 -43.62 -66.59
O3 NAG EA . -34.78 -45.58 -64.58
O4 NAG EA . -36.23 -44.61 -62.26
O5 NAG EA . -34.57 -41.61 -63.48
O6 NAG EA . -34.17 -42.70 -60.79
O7 NAG EA . -32.34 -44.76 -66.56
C1 NAG FA . -13.47 6.13 -68.96
C2 NAG FA . -13.45 6.30 -70.47
C3 NAG FA . -13.62 7.75 -70.84
C4 NAG FA . -14.86 8.34 -70.19
C5 NAG FA . -14.81 8.09 -68.69
C6 NAG FA . -16.05 8.58 -67.98
C7 NAG FA . -11.95 5.70 -72.33
C8 NAG FA . -10.62 5.17 -72.71
N2 NAG FA . -12.20 5.79 -71.02
O3 NAG FA . -13.72 7.86 -72.25
O4 NAG FA . -14.94 9.74 -70.41
O5 NAG FA . -14.67 6.67 -68.43
O6 NAG FA . -16.41 9.87 -68.42
O7 NAG FA . -12.78 6.02 -73.16
C1 NAG GA . 11.17 -31.50 26.89
C2 NAG GA . 11.40 -30.49 28.02
C3 NAG GA . 12.80 -30.65 28.59
C4 NAG GA . 13.06 -32.09 29.00
C5 NAG GA . 12.76 -33.04 27.84
C6 NAG GA . 12.84 -34.50 28.23
C7 NAG GA . 10.00 -28.50 27.66
C8 NAG GA . 9.94 -27.10 27.13
N2 NAG GA . 11.18 -29.13 27.57
O3 NAG GA . 12.98 -29.77 29.69
O4 NAG GA . 14.42 -32.26 29.40
O5 NAG GA . 11.42 -32.83 27.38
O6 NAG GA . 13.30 -35.31 27.16
O7 NAG GA . 9.02 -29.05 28.16
C1 NAG HA . 0.08 -31.29 43.59
C2 NAG HA . 1.54 -31.17 44.02
C3 NAG HA . 1.95 -32.39 44.84
C4 NAG HA . 0.99 -32.59 46.01
C5 NAG HA . -0.44 -32.66 45.48
C6 NAG HA . -1.49 -32.75 46.57
C7 NAG HA . 3.39 -30.13 42.78
C8 NAG HA . 4.16 -30.11 41.50
N2 NAG HA . 2.39 -31.02 42.85
O3 NAG HA . 3.27 -32.20 45.35
O4 NAG HA . 1.33 -33.78 46.70
O5 NAG HA . -0.74 -31.48 44.73
O6 NAG HA . -0.97 -33.36 47.75
O7 NAG HA . 3.67 -29.39 43.72
C1 NAG IA . -26.86 -44.75 0.95
C2 NAG IA . -26.91 -44.72 -0.59
C3 NAG IA . -28.28 -44.21 -1.05
C4 NAG IA . -29.39 -45.02 -0.40
C5 NAG IA . -29.22 -45.03 1.11
C6 NAG IA . -30.21 -45.92 1.82
C7 NAG IA . -24.56 -44.25 -1.04
C8 NAG IA . -23.58 -43.33 -1.69
N2 NAG IA . -25.84 -43.91 -1.15
O3 NAG IA . -28.36 -44.30 -2.47
O4 NAG IA . -30.66 -44.45 -0.72
O5 NAG IA . -27.92 -45.53 1.45
O6 NAG IA . -31.19 -45.16 2.52
O7 NAG IA . -24.19 -45.26 -0.44
C1 NAG JA . -33.06 -46.30 -61.81
C2 NAG JA . -32.53 -47.58 -61.17
C3 NAG JA . -33.64 -48.31 -60.43
C4 NAG JA . -34.29 -47.36 -59.42
C5 NAG JA . -34.75 -46.11 -60.13
C6 NAG JA . -35.28 -45.07 -59.18
C7 NAG JA . -30.78 -48.15 -62.78
C8 NAG JA . -30.27 -49.17 -63.75
N2 NAG JA . -31.92 -48.46 -62.16
O3 NAG JA . -33.12 -49.44 -59.75
O4 NAG JA . -35.41 -48.01 -58.81
O5 NAG JA . -33.65 -45.49 -60.81
O6 NAG JA . -34.37 -43.99 -59.04
O7 NAG JA . -30.19 -47.10 -62.57
C1 NAG KA . 24.05 -47.17 -66.79
C2 NAG KA . 24.68 -46.03 -67.57
C3 NAG KA . 26.19 -46.18 -67.59
C4 NAG KA . 26.73 -46.31 -66.18
C5 NAG KA . 26.01 -47.43 -65.45
C6 NAG KA . 26.40 -47.56 -64.01
C7 NAG KA . 22.88 -46.14 -69.31
C8 NAG KA . 22.62 -46.02 -70.77
N2 NAG KA . 24.16 -45.97 -68.93
O3 NAG KA . 26.78 -45.06 -68.24
O4 NAG KA . 28.13 -46.56 -66.19
O5 NAG KA . 24.60 -47.22 -65.48
O6 NAG KA . 25.58 -48.51 -63.35
O7 NAG KA . 21.98 -46.37 -68.51
C1 NAG LA . 22.55 -54.37 -23.30
C2 NAG LA . 22.56 -55.87 -23.45
C3 NAG LA . 23.91 -56.34 -24.00
C4 NAG LA . 24.25 -55.58 -25.28
C5 NAG LA . 24.15 -54.08 -25.05
C6 NAG LA . 24.33 -53.29 -26.33
C7 NAG LA . 20.98 -56.62 -21.73
C8 NAG LA . 20.80 -57.37 -20.46
N2 NAG LA . 22.22 -56.56 -22.22
O3 NAG LA . 23.89 -57.74 -24.24
O4 NAG LA . 25.56 -55.90 -25.71
O5 NAG LA . 22.86 -53.75 -24.55
O6 NAG LA . 23.19 -52.49 -26.62
O7 NAG LA . 20.03 -56.09 -22.31
C1 NAG MA . -10.46 -52.66 -18.27
C2 NAG MA . -10.45 -51.59 -17.16
C3 NAG MA . -11.72 -50.77 -17.18
C4 NAG MA . -11.97 -50.20 -18.58
C5 NAG MA . -12.00 -51.33 -19.58
C6 NAG MA . -12.19 -50.87 -21.00
C7 NAG MA . -9.76 -51.52 -14.81
C8 NAG MA . -9.60 -52.30 -13.54
N2 NAG MA . -10.24 -52.19 -15.86
O3 NAG MA . -11.62 -49.70 -16.24
O4 NAG MA . -13.21 -49.49 -18.60
O5 NAG MA . -10.75 -52.04 -19.54
O6 NAG MA . -13.14 -51.68 -21.68
O7 NAG MA . -9.47 -50.33 -14.89
C1 NAG NA . 10.20 -54.80 -57.39
C2 NAG NA . 9.42 -56.10 -57.19
C3 NAG NA . 10.23 -57.07 -56.34
C4 NAG NA . 11.61 -57.27 -56.94
C5 NAG NA . 12.30 -55.93 -57.15
C6 NAG NA . 13.61 -56.05 -57.87
C7 NAG NA . 7.05 -56.61 -56.93
C8 NAG NA . 5.77 -56.23 -56.25
N2 NAG NA . 8.12 -55.87 -56.62
O3 NAG NA . 9.53 -58.31 -56.28
O4 NAG NA . 12.41 -58.05 -56.06
O5 NAG NA . 11.46 -55.09 -57.96
O6 NAG NA . 13.60 -57.14 -58.79
O7 NAG NA . 7.11 -57.53 -57.72
C1 NAG OA . 19.20 -49.12 -84.76
C2 NAG OA . 20.26 -50.09 -84.28
C3 NAG OA . 21.59 -49.81 -84.97
C4 NAG OA . 21.39 -49.81 -86.48
C5 NAG OA . 20.28 -48.85 -86.86
C6 NAG OA . 19.94 -48.92 -88.33
C7 NAG OA . 19.70 -50.81 -82.02
C8 NAG OA . 19.96 -50.65 -80.56
N2 NAG OA . 20.42 -50.03 -82.84
O3 NAG OA . 22.53 -50.80 -84.58
O4 NAG OA . 22.60 -49.44 -87.13
O5 NAG OA . 19.09 -49.19 -86.15
O6 NAG OA . 18.87 -49.83 -88.57
O7 NAG OA . 18.86 -51.59 -82.44
C1 NAG PA . 4.11 -60.49 -74.83
C2 NAG PA . 3.54 -61.80 -74.30
C3 NAG PA . 3.15 -62.73 -75.45
C4 NAG PA . 2.25 -62.02 -76.43
C5 NAG PA . 2.94 -60.76 -76.92
C6 NAG PA . 2.09 -59.94 -77.86
C7 NAG PA . 4.59 -62.16 -72.12
C8 NAG PA . 5.63 -62.93 -71.36
N2 NAG PA . 4.48 -62.45 -73.42
O3 NAG PA . 2.48 -63.86 -74.91
O4 NAG PA . 1.99 -62.88 -77.54
O5 NAG PA . 3.22 -59.92 -75.79
O6 NAG PA . 0.71 -60.04 -77.54
O7 NAG PA . 3.88 -61.32 -71.59
C1 NAG QA . 29.87 -38.39 -13.40
C2 NAG QA . 30.00 -37.93 -14.85
C3 NAG QA . 31.03 -38.77 -15.60
C4 NAG QA . 32.36 -38.78 -14.84
C5 NAG QA . 32.14 -39.23 -13.41
C6 NAG QA . 33.39 -39.16 -12.57
C7 NAG QA . 28.02 -39.08 -15.77
C8 NAG QA . 26.73 -38.90 -16.50
N2 NAG QA . 28.72 -37.97 -15.54
O3 NAG QA . 31.18 -38.25 -16.91
O4 NAG QA . 33.28 -39.66 -15.46
O5 NAG QA . 31.16 -38.38 -12.78
O6 NAG QA . 34.52 -38.82 -13.37
O7 NAG QA . 28.41 -40.18 -15.40
C1 NAG RA . 21.04 -51.34 -65.52
C2 NAG RA . 21.80 -50.63 -66.63
C3 NAG RA . 23.30 -50.72 -66.38
C4 NAG RA . 23.63 -50.21 -64.98
C5 NAG RA . 22.80 -50.93 -63.94
C6 NAG RA . 22.97 -50.38 -62.54
C7 NAG RA . 21.55 -50.38 -69.05
C8 NAG RA . 21.16 -51.05 -70.33
N2 NAG RA . 21.45 -51.13 -67.95
O3 NAG RA . 24.02 -50.03 -67.38
O4 NAG RA . 25.02 -50.38 -64.71
O5 NAG RA . 21.40 -50.80 -64.26
O6 NAG RA . 22.71 -48.99 -62.48
O7 NAG RA . 21.94 -49.22 -69.02
C1 NAG SA . -27.15 -48.77 -44.62
C2 NAG SA . -28.05 -49.44 -45.65
C3 NAG SA . -29.34 -49.88 -45.01
C4 NAG SA . -29.08 -50.74 -43.78
C5 NAG SA . -28.14 -50.01 -42.84
C6 NAG SA . -27.75 -50.86 -41.65
C7 NAG SA . -28.84 -49.01 -47.91
C8 NAG SA . -29.08 -47.98 -48.97
N2 NAG SA . -28.31 -48.56 -46.77
O3 NAG SA . -30.09 -50.63 -45.96
O4 NAG SA . -30.27 -51.05 -43.08
O5 NAG SA . -26.93 -49.65 -43.52
O6 NAG SA . -28.70 -51.91 -41.46
O7 NAG SA . -29.11 -50.19 -48.08
#